data_2L9Y
#
_entry.id   2L9Y
#
_entity_poly.entity_id   1
_entity_poly.type   'polypeptide(L)'
_entity_poly.pdbx_seq_one_letter_code
;GNYAGNFSGSSRDICLDGARLRAECRRGDGGYSTSVIDLNRYLSNDNGHFRWVSGGGGGGGTATVTVQQGDTLRDIGRRF
DCDFHEIARRNNIQNEDLIYPGQVLQVPTKGGSGGGAGNFWDSARDVRLVDGGKVLEAELRYSGGWNRSRIYLDEHIGNR
NGELIHC
;
_entity_poly.pdbx_strand_id   A
#
# COMPACT_ATOMS: atom_id res chain seq x y z
N GLY A 1 15.21 -9.49 12.52
CA GLY A 1 14.28 -10.32 11.72
C GLY A 1 13.43 -9.49 10.80
N ASN A 2 12.12 -9.70 10.82
CA ASN A 2 11.21 -8.94 9.98
C ASN A 2 10.77 -7.67 10.70
N TYR A 3 9.87 -6.90 10.12
CA TYR A 3 9.44 -5.66 10.76
C TYR A 3 8.15 -5.86 11.54
N ALA A 4 7.03 -5.68 10.88
CA ALA A 4 5.74 -5.84 11.52
C ALA A 4 4.91 -6.92 10.84
N GLY A 5 5.13 -7.09 9.52
CA GLY A 5 4.36 -8.08 8.81
C GLY A 5 4.75 -9.50 9.16
N ASN A 6 5.97 -9.88 8.79
CA ASN A 6 6.48 -11.23 9.04
C ASN A 6 5.73 -12.26 8.18
N PHE A 7 4.96 -11.78 7.20
CA PHE A 7 4.19 -12.68 6.35
C PHE A 7 5.12 -13.66 5.62
N SER A 8 6.31 -13.20 5.24
CA SER A 8 7.27 -14.05 4.55
C SER A 8 7.69 -15.22 5.44
N GLY A 9 7.48 -15.05 6.73
CA GLY A 9 7.84 -16.09 7.69
C GLY A 9 6.90 -17.29 7.67
N SER A 10 5.69 -17.12 7.17
CA SER A 10 4.73 -18.22 7.12
C SER A 10 4.06 -18.33 5.76
N SER A 11 4.14 -17.28 4.97
CA SER A 11 3.53 -17.29 3.64
C SER A 11 4.57 -17.68 2.61
N ARG A 12 4.19 -18.58 1.72
CA ARG A 12 5.10 -19.01 0.69
C ARG A 12 4.61 -18.50 -0.65
N ASP A 13 5.35 -18.82 -1.69
CA ASP A 13 5.04 -18.42 -3.07
C ASP A 13 4.56 -16.97 -3.14
N ILE A 14 5.30 -16.07 -2.49
CA ILE A 14 4.95 -14.69 -2.48
C ILE A 14 5.42 -14.02 -3.78
N CYS A 15 4.47 -13.77 -4.68
CA CYS A 15 4.75 -13.13 -5.95
C CYS A 15 3.56 -12.26 -6.35
N LEU A 16 3.82 -10.99 -6.65
CA LEU A 16 2.76 -10.07 -7.02
C LEU A 16 2.58 -9.95 -8.52
N ASP A 17 1.38 -9.56 -8.89
CA ASP A 17 1.03 -9.34 -10.27
C ASP A 17 1.22 -7.86 -10.55
N GLY A 18 2.48 -7.47 -10.69
CA GLY A 18 2.82 -6.09 -10.97
C GLY A 18 2.82 -5.25 -9.70
N ALA A 19 1.71 -5.30 -8.98
CA ALA A 19 1.57 -4.55 -7.76
C ALA A 19 0.64 -5.28 -6.80
N ARG A 20 -0.03 -6.32 -7.29
CA ARG A 20 -0.94 -7.09 -6.44
C ARG A 20 -0.22 -8.27 -5.82
N LEU A 21 0.24 -8.07 -4.59
CA LEU A 21 0.98 -9.06 -3.82
C LEU A 21 0.16 -10.32 -3.60
N ARG A 22 0.75 -11.46 -3.92
CA ARG A 22 0.06 -12.74 -3.76
C ARG A 22 0.96 -13.75 -3.07
N ALA A 23 0.53 -14.23 -1.92
CA ALA A 23 1.29 -15.20 -1.15
C ALA A 23 0.41 -16.24 -0.49
N GLU A 24 0.98 -17.41 -0.35
CA GLU A 24 0.34 -18.55 0.28
C GLU A 24 0.50 -18.43 1.79
N CYS A 25 -0.26 -17.54 2.40
CA CYS A 25 -0.22 -17.31 3.83
C CYS A 25 -0.62 -18.55 4.60
N ARG A 26 0.26 -18.99 5.50
CA ARG A 26 -0.01 -20.16 6.33
C ARG A 26 -0.97 -19.81 7.46
N ARG A 27 -2.12 -20.44 7.47
CA ARG A 27 -3.11 -20.20 8.52
C ARG A 27 -2.76 -21.05 9.73
N GLY A 28 -3.36 -20.70 10.87
CA GLY A 28 -3.13 -21.41 12.12
C GLY A 28 -3.41 -22.90 12.03
N ASP A 29 -4.14 -23.29 10.99
CA ASP A 29 -4.47 -24.69 10.77
C ASP A 29 -3.23 -25.45 10.32
N GLY A 30 -2.18 -24.69 10.01
CA GLY A 30 -0.95 -25.28 9.53
C GLY A 30 -0.99 -25.44 8.04
N GLY A 31 -1.97 -24.79 7.42
CA GLY A 31 -2.14 -24.89 5.98
C GLY A 31 -1.89 -23.60 5.26
N TYR A 32 -1.65 -23.67 3.95
CA TYR A 32 -1.41 -22.50 3.14
C TYR A 32 -2.64 -22.08 2.37
N SER A 33 -2.89 -20.79 2.31
CA SER A 33 -4.01 -20.25 1.59
C SER A 33 -3.55 -19.08 0.71
N THR A 34 -3.96 -19.09 -0.55
CA THR A 34 -3.56 -18.04 -1.48
C THR A 34 -4.20 -16.71 -1.12
N SER A 35 -3.39 -15.79 -0.65
CA SER A 35 -3.85 -14.46 -0.29
C SER A 35 -3.23 -13.42 -1.22
N VAL A 36 -3.99 -12.40 -1.57
CA VAL A 36 -3.49 -11.36 -2.47
C VAL A 36 -3.95 -9.97 -2.02
N ILE A 37 -3.02 -9.01 -2.04
CA ILE A 37 -3.30 -7.65 -1.60
C ILE A 37 -2.73 -6.62 -2.60
N ASP A 38 -3.36 -5.46 -2.69
CA ASP A 38 -2.91 -4.41 -3.61
C ASP A 38 -1.82 -3.55 -3.01
N LEU A 39 -0.57 -3.84 -3.33
CA LEU A 39 0.56 -3.07 -2.83
C LEU A 39 0.72 -1.78 -3.63
N ASN A 40 -0.03 -1.68 -4.71
CA ASN A 40 -0.02 -0.50 -5.57
C ASN A 40 -0.55 0.72 -4.83
N ARG A 41 -1.22 0.47 -3.72
CA ARG A 41 -1.78 1.53 -2.90
C ARG A 41 -1.08 1.59 -1.55
N TYR A 42 0.11 1.02 -1.50
CA TYR A 42 0.91 1.02 -0.27
C TYR A 42 2.38 1.33 -0.55
N LEU A 43 2.85 0.93 -1.72
CA LEU A 43 4.23 1.15 -2.11
C LEU A 43 4.30 2.29 -3.11
N SER A 44 5.23 3.18 -2.86
CA SER A 44 5.43 4.33 -3.70
C SER A 44 6.85 4.36 -4.23
N ASN A 45 7.02 4.86 -5.43
CA ASN A 45 8.34 4.98 -6.02
C ASN A 45 8.86 6.39 -5.74
N ASP A 46 9.58 6.53 -4.65
CA ASP A 46 10.10 7.82 -4.26
C ASP A 46 11.51 8.00 -4.77
N ASN A 47 11.61 8.70 -5.91
CA ASN A 47 12.88 8.99 -6.55
C ASN A 47 13.70 7.71 -6.78
N GLY A 48 13.03 6.70 -7.31
CA GLY A 48 13.71 5.45 -7.60
C GLY A 48 13.98 4.62 -6.37
N HIS A 49 13.14 4.77 -5.35
CA HIS A 49 13.26 4.03 -4.11
C HIS A 49 11.89 3.65 -3.59
N PHE A 50 11.67 2.35 -3.40
CA PHE A 50 10.41 1.86 -2.88
C PHE A 50 10.16 2.40 -1.49
N ARG A 51 9.02 3.03 -1.29
CA ARG A 51 8.69 3.62 0.00
C ARG A 51 7.22 3.48 0.31
N TRP A 52 6.90 3.14 1.56
CA TRP A 52 5.52 2.98 1.97
C TRP A 52 4.84 4.34 2.10
N VAL A 53 3.91 4.60 1.20
CA VAL A 53 3.15 5.86 1.16
C VAL A 53 4.06 7.05 0.83
N SER A 54 4.84 7.49 1.82
CA SER A 54 5.75 8.61 1.64
C SER A 54 6.87 8.51 2.67
N GLY A 55 7.15 7.29 3.11
CA GLY A 55 8.19 7.08 4.09
C GLY A 55 7.65 7.06 5.51
N GLY A 56 7.27 8.24 6.00
CA GLY A 56 6.73 8.34 7.34
C GLY A 56 5.30 8.84 7.34
N GLY A 57 5.08 9.97 6.68
CA GLY A 57 3.76 10.55 6.61
C GLY A 57 3.72 11.74 5.67
N GLY A 58 3.16 12.84 6.14
CA GLY A 58 3.08 14.04 5.33
C GLY A 58 1.67 14.30 4.85
N GLY A 59 1.40 15.53 4.43
CA GLY A 59 0.09 15.89 3.95
C GLY A 59 0.08 17.18 3.17
N GLY A 60 -1.07 17.83 3.11
CA GLY A 60 -1.19 19.07 2.40
C GLY A 60 -2.63 19.43 2.13
N GLY A 61 -3.08 20.54 2.66
CA GLY A 61 -4.44 20.98 2.47
C GLY A 61 -5.21 21.04 3.77
N THR A 62 -6.48 20.69 3.74
CA THR A 62 -7.30 20.71 4.93
C THR A 62 -8.25 19.51 4.96
N ALA A 63 -8.04 18.63 5.93
CA ALA A 63 -8.84 17.44 6.12
C ALA A 63 -9.39 17.43 7.54
N THR A 64 -10.20 16.44 7.87
CA THR A 64 -10.79 16.37 9.20
C THR A 64 -10.59 15.00 9.85
N VAL A 65 -9.91 14.99 11.00
CA VAL A 65 -9.68 13.75 11.74
C VAL A 65 -10.55 13.70 13.01
N THR A 66 -10.97 12.51 13.39
CA THR A 66 -11.79 12.33 14.59
C THR A 66 -10.89 11.97 15.78
N VAL A 67 -11.01 12.76 16.84
CA VAL A 67 -10.25 12.57 18.04
C VAL A 67 -10.76 11.37 18.81
N GLN A 68 -9.83 10.52 19.25
CA GLN A 68 -10.14 9.33 20.00
C GLN A 68 -9.93 9.55 21.50
N GLN A 69 -10.37 8.58 22.28
CA GLN A 69 -10.29 8.64 23.74
C GLN A 69 -8.85 8.73 24.24
N GLY A 70 -8.53 9.82 24.94
CA GLY A 70 -7.20 9.99 25.49
C GLY A 70 -6.24 10.68 24.55
N ASP A 71 -6.76 11.39 23.55
CA ASP A 71 -5.93 12.09 22.60
C ASP A 71 -6.04 13.59 22.78
N THR A 72 -4.94 14.29 22.51
CA THR A 72 -4.90 15.75 22.62
C THR A 72 -4.39 16.33 21.30
N LEU A 73 -4.41 17.67 21.16
CA LEU A 73 -3.92 18.29 19.93
C LEU A 73 -2.51 17.79 19.62
N ARG A 74 -1.71 17.73 20.68
CA ARG A 74 -0.32 17.30 20.59
C ARG A 74 -0.21 15.86 20.10
N ASP A 75 -1.12 15.00 20.54
CA ASP A 75 -1.10 13.60 20.13
C ASP A 75 -1.54 13.47 18.69
N ILE A 76 -2.57 14.24 18.32
CA ILE A 76 -3.08 14.23 16.96
C ILE A 76 -1.98 14.71 16.01
N GLY A 77 -1.35 15.83 16.37
CA GLY A 77 -0.28 16.38 15.58
C GLY A 77 0.83 15.36 15.35
N ARG A 78 1.30 14.74 16.43
CA ARG A 78 2.37 13.76 16.35
C ARG A 78 1.95 12.54 15.52
N ARG A 79 0.68 12.14 15.65
CA ARG A 79 0.17 10.98 14.94
C ARG A 79 0.04 11.21 13.43
N PHE A 80 -0.45 12.37 13.03
CA PHE A 80 -0.64 12.65 11.61
C PHE A 80 0.41 13.61 11.05
N ASP A 81 1.52 13.73 11.77
CA ASP A 81 2.64 14.58 11.38
C ASP A 81 2.19 16.01 11.07
N CYS A 82 1.25 16.50 11.88
CA CYS A 82 0.71 17.84 11.74
C CYS A 82 1.06 18.64 12.99
N ASP A 83 0.81 19.94 12.98
CA ASP A 83 1.11 20.75 14.15
C ASP A 83 -0.14 20.92 14.99
N PHE A 84 -0.02 20.56 16.26
CA PHE A 84 -1.10 20.65 17.23
C PHE A 84 -1.69 22.06 17.27
N HIS A 85 -0.85 23.05 16.96
CA HIS A 85 -1.25 24.45 16.93
C HIS A 85 -2.21 24.70 15.77
N GLU A 86 -1.88 24.13 14.62
CA GLU A 86 -2.69 24.29 13.43
C GLU A 86 -4.04 23.63 13.65
N ILE A 87 -3.99 22.42 14.20
CA ILE A 87 -5.19 21.65 14.51
C ILE A 87 -6.10 22.50 15.38
N ALA A 88 -5.50 23.10 16.41
CA ALA A 88 -6.21 23.96 17.32
C ALA A 88 -6.77 25.19 16.59
N ARG A 89 -5.92 25.86 15.82
CA ARG A 89 -6.31 27.06 15.07
C ARG A 89 -7.50 26.79 14.15
N ARG A 90 -7.51 25.62 13.53
CA ARG A 90 -8.58 25.25 12.60
C ARG A 90 -9.89 24.99 13.35
N ASN A 91 -9.79 24.51 14.58
CA ASN A 91 -10.97 24.23 15.39
C ASN A 91 -11.32 25.42 16.31
N ASN A 92 -10.45 26.43 16.28
CA ASN A 92 -10.62 27.64 17.09
C ASN A 92 -10.26 27.37 18.55
N ILE A 93 -9.54 26.27 18.77
CA ILE A 93 -9.10 25.90 20.10
C ILE A 93 -7.62 26.19 20.24
N GLN A 94 -7.04 25.89 21.39
CA GLN A 94 -5.61 26.10 21.61
C GLN A 94 -4.89 24.76 21.57
N ASN A 95 -3.58 24.77 21.36
CA ASN A 95 -2.83 23.53 21.33
C ASN A 95 -2.98 22.80 22.68
N GLU A 96 -2.55 23.48 23.75
CA GLU A 96 -2.61 22.95 25.09
C GLU A 96 -4.05 23.00 25.64
N ASP A 97 -5.00 23.26 24.74
CA ASP A 97 -6.41 23.33 25.11
C ASP A 97 -6.87 21.98 25.61
N LEU A 98 -6.32 20.93 24.98
CA LEU A 98 -6.71 19.55 25.30
C LEU A 98 -8.10 19.28 24.76
N ILE A 99 -8.17 18.36 23.83
CA ILE A 99 -9.42 17.99 23.17
C ILE A 99 -10.08 16.78 23.83
N TYR A 100 -11.23 16.40 23.30
CA TYR A 100 -11.99 15.28 23.84
C TYR A 100 -12.26 14.23 22.76
N PRO A 101 -12.53 12.98 23.17
CA PRO A 101 -12.79 11.86 22.25
C PRO A 101 -14.14 11.96 21.58
N GLY A 102 -14.15 11.78 20.27
CA GLY A 102 -15.38 11.85 19.52
C GLY A 102 -15.52 13.21 18.88
N GLN A 103 -14.41 13.91 18.79
CA GLN A 103 -14.39 15.24 18.21
C GLN A 103 -13.77 15.20 16.83
N VAL A 104 -14.06 16.18 16.00
CA VAL A 104 -13.49 16.23 14.67
C VAL A 104 -12.64 17.50 14.51
N LEU A 105 -11.37 17.30 14.26
CA LEU A 105 -10.44 18.42 14.09
C LEU A 105 -9.94 18.50 12.66
N GLN A 106 -9.61 19.71 12.23
CA GLN A 106 -9.11 19.92 10.88
C GLN A 106 -7.60 19.83 10.86
N VAL A 107 -7.14 18.77 10.21
CA VAL A 107 -5.73 18.52 10.07
C VAL A 107 -5.35 18.48 8.59
N PRO A 108 -4.11 18.85 8.26
CA PRO A 108 -3.63 18.93 6.87
C PRO A 108 -3.59 17.61 6.12
N THR A 109 -3.67 16.50 6.83
CA THR A 109 -3.65 15.19 6.20
C THR A 109 -4.39 14.15 7.03
N LYS A 110 -4.92 13.13 6.36
CA LYS A 110 -5.63 12.06 7.02
C LYS A 110 -4.69 10.86 7.23
N GLY A 111 -5.22 9.77 7.76
CA GLY A 111 -4.41 8.59 7.97
C GLY A 111 -4.36 7.72 6.74
N GLY A 112 -5.52 7.51 6.14
CA GLY A 112 -5.61 6.71 4.95
C GLY A 112 -5.99 5.28 5.26
N SER A 113 -6.11 4.46 4.22
CA SER A 113 -6.47 3.06 4.39
C SER A 113 -5.91 2.24 3.24
N GLY A 114 -6.10 2.72 2.02
CA GLY A 114 -5.59 2.01 0.86
C GLY A 114 -6.18 2.53 -0.43
N GLY A 115 -6.15 3.84 -0.61
CA GLY A 115 -6.70 4.44 -1.81
C GLY A 115 -5.88 5.62 -2.27
N GLY A 116 -4.91 5.35 -3.14
CA GLY A 116 -4.05 6.41 -3.65
C GLY A 116 -3.01 6.80 -2.63
N ALA A 117 -2.20 5.84 -2.26
CA ALA A 117 -1.16 6.07 -1.27
C ALA A 117 0.22 5.73 -1.80
N GLY A 118 0.27 4.79 -2.74
CA GLY A 118 1.55 4.39 -3.29
C GLY A 118 1.77 4.85 -4.71
N ASN A 119 1.26 4.06 -5.65
CA ASN A 119 1.35 4.34 -7.09
C ASN A 119 2.74 4.06 -7.64
N PHE A 120 3.50 3.19 -6.98
CA PHE A 120 4.84 2.85 -7.44
C PHE A 120 4.76 2.27 -8.85
N TRP A 121 3.74 1.44 -9.06
CA TRP A 121 3.51 0.75 -10.33
C TRP A 121 3.39 1.71 -11.51
N ASP A 122 2.81 2.88 -11.25
CA ASP A 122 2.64 3.88 -12.29
C ASP A 122 3.97 4.26 -12.93
N SER A 123 5.05 4.09 -12.18
CA SER A 123 6.37 4.39 -12.68
C SER A 123 7.32 3.23 -12.39
N ALA A 124 6.78 2.02 -12.23
CA ALA A 124 7.61 0.85 -11.98
C ALA A 124 7.51 -0.14 -13.12
N ARG A 125 8.64 -0.73 -13.47
CA ARG A 125 8.70 -1.71 -14.54
C ARG A 125 9.40 -2.97 -14.06
N ASP A 126 8.96 -4.11 -14.59
CA ASP A 126 9.50 -5.42 -14.25
C ASP A 126 9.53 -5.61 -12.73
N VAL A 127 8.35 -5.52 -12.13
CA VAL A 127 8.21 -5.68 -10.70
C VAL A 127 8.14 -7.16 -10.36
N ARG A 128 9.03 -7.60 -9.47
CA ARG A 128 9.08 -8.99 -9.06
C ARG A 128 9.47 -9.13 -7.60
N LEU A 129 8.89 -10.11 -6.93
CA LEU A 129 9.20 -10.36 -5.53
C LEU A 129 10.41 -11.26 -5.41
N VAL A 130 11.27 -10.93 -4.47
CA VAL A 130 12.48 -11.70 -4.25
C VAL A 130 12.66 -12.02 -2.77
N ASP A 131 13.43 -13.07 -2.50
CA ASP A 131 13.75 -13.51 -1.14
C ASP A 131 12.52 -14.00 -0.39
N GLY A 132 11.47 -14.31 -1.12
CA GLY A 132 10.28 -14.84 -0.48
C GLY A 132 9.29 -13.77 -0.09
N GLY A 133 9.24 -12.67 -0.83
CA GLY A 133 8.25 -11.64 -0.52
C GLY A 133 8.73 -10.63 0.53
N LYS A 134 9.84 -10.95 1.15
CA LYS A 134 10.41 -10.07 2.14
C LYS A 134 11.05 -8.89 1.42
N VAL A 135 11.27 -9.05 0.12
CA VAL A 135 11.83 -8.00 -0.70
C VAL A 135 11.10 -7.94 -2.04
N LEU A 136 10.90 -6.73 -2.54
CA LEU A 136 10.21 -6.50 -3.81
C LEU A 136 11.11 -5.64 -4.69
N GLU A 137 11.50 -6.17 -5.83
CA GLU A 137 12.41 -5.47 -6.71
C GLU A 137 11.73 -5.03 -8.01
N ALA A 138 12.03 -3.81 -8.43
CA ALA A 138 11.46 -3.26 -9.66
C ALA A 138 12.26 -2.07 -10.15
N GLU A 139 11.99 -1.66 -11.38
CA GLU A 139 12.66 -0.50 -11.97
C GLU A 139 11.77 0.70 -11.73
N LEU A 140 12.18 1.56 -10.82
CA LEU A 140 11.40 2.74 -10.48
C LEU A 140 11.90 3.97 -11.23
N ARG A 141 10.96 4.67 -11.84
CA ARG A 141 11.23 5.88 -12.59
C ARG A 141 11.53 7.02 -11.63
N TYR A 142 12.49 7.86 -12.00
CA TYR A 142 12.86 8.98 -11.15
C TYR A 142 13.58 10.06 -11.95
N SER A 143 14.15 11.04 -11.26
CA SER A 143 14.84 12.14 -11.90
C SER A 143 15.96 11.65 -12.83
N GLY A 144 16.54 10.51 -12.50
CA GLY A 144 17.63 9.97 -13.30
C GLY A 144 17.19 8.86 -14.23
N GLY A 145 15.93 8.88 -14.64
CA GLY A 145 15.43 7.86 -15.54
C GLY A 145 14.80 6.70 -14.81
N TRP A 146 15.44 5.54 -14.86
CA TRP A 146 14.93 4.34 -14.20
C TRP A 146 16.01 3.71 -13.33
N ASN A 147 15.66 3.36 -12.10
CA ASN A 147 16.61 2.76 -11.17
C ASN A 147 16.00 1.54 -10.51
N ARG A 148 16.80 0.51 -10.32
CA ARG A 148 16.34 -0.70 -9.68
C ARG A 148 16.31 -0.51 -8.17
N SER A 149 15.11 -0.55 -7.61
CA SER A 149 14.92 -0.39 -6.19
C SER A 149 14.14 -1.56 -5.64
N ARG A 150 14.10 -1.67 -4.32
CA ARG A 150 13.38 -2.74 -3.67
C ARG A 150 12.78 -2.31 -2.34
N ILE A 151 11.84 -3.09 -1.86
CA ILE A 151 11.15 -2.82 -0.61
C ILE A 151 10.81 -4.11 0.11
N TYR A 152 10.73 -4.06 1.41
CA TYR A 152 10.40 -5.23 2.19
C TYR A 152 8.90 -5.30 2.43
N LEU A 153 8.21 -6.20 1.75
CA LEU A 153 6.78 -6.33 1.97
C LEU A 153 6.54 -6.86 3.37
N ASP A 154 7.45 -7.72 3.81
CA ASP A 154 7.37 -8.31 5.17
C ASP A 154 7.35 -7.22 6.25
N GLU A 155 7.65 -5.97 5.88
CA GLU A 155 7.66 -4.87 6.85
C GLU A 155 6.30 -4.65 7.46
N HIS A 156 5.33 -4.44 6.61
CA HIS A 156 3.98 -4.17 7.11
C HIS A 156 3.01 -5.22 6.66
N ILE A 157 3.41 -6.05 5.74
CA ILE A 157 2.52 -7.09 5.25
C ILE A 157 2.65 -8.33 6.12
N GLY A 158 1.62 -8.61 6.89
CA GLY A 158 1.62 -9.76 7.76
C GLY A 158 0.56 -10.77 7.38
N ASN A 159 0.81 -12.02 7.74
CA ASN A 159 -0.13 -13.10 7.44
C ASN A 159 -1.05 -13.32 8.65
N ARG A 160 -2.32 -13.03 8.45
CA ARG A 160 -3.30 -13.20 9.49
C ARG A 160 -4.25 -14.34 9.14
N ASN A 161 -3.85 -15.55 9.51
CA ASN A 161 -4.61 -16.77 9.26
C ASN A 161 -4.93 -16.91 7.77
N GLY A 162 -3.90 -16.90 6.95
CA GLY A 162 -4.05 -17.07 5.51
C GLY A 162 -4.49 -15.80 4.80
N GLU A 163 -4.52 -14.69 5.51
CA GLU A 163 -4.94 -13.43 4.94
C GLU A 163 -3.86 -12.36 5.08
N LEU A 164 -3.47 -11.76 3.97
CA LEU A 164 -2.45 -10.73 3.95
C LEU A 164 -3.00 -9.41 4.50
N ILE A 165 -2.50 -9.01 5.66
CA ILE A 165 -2.96 -7.80 6.33
C ILE A 165 -1.81 -6.80 6.49
N HIS A 166 -2.10 -5.52 6.28
CA HIS A 166 -1.10 -4.48 6.41
C HIS A 166 -1.08 -3.93 7.83
N CYS A 167 0.10 -3.77 8.40
CA CYS A 167 0.24 -3.23 9.73
C CYS A 167 1.33 -2.16 9.76
N GLY A 1 11.63 -12.65 10.25
CA GLY A 1 10.89 -11.56 9.58
C GLY A 1 11.68 -10.26 9.61
N ASN A 2 11.19 -9.26 8.91
CA ASN A 2 11.86 -7.97 8.85
C ASN A 2 11.43 -7.07 10.00
N TYR A 3 10.19 -6.61 9.95
CA TYR A 3 9.67 -5.72 10.97
C TYR A 3 8.36 -6.23 11.57
N ALA A 4 7.25 -5.78 11.04
CA ALA A 4 5.94 -6.14 11.55
C ALA A 4 5.22 -7.15 10.68
N GLY A 5 5.51 -7.19 9.37
CA GLY A 5 4.84 -8.13 8.52
C GLY A 5 5.12 -9.56 8.89
N ASN A 6 6.34 -10.00 8.59
CA ASN A 6 6.74 -11.37 8.87
C ASN A 6 5.93 -12.36 8.06
N PHE A 7 5.22 -11.86 7.04
CA PHE A 7 4.41 -12.73 6.19
C PHE A 7 5.26 -13.72 5.44
N SER A 8 6.49 -13.33 5.08
CA SER A 8 7.38 -14.20 4.34
C SER A 8 7.86 -15.33 5.24
N GLY A 9 7.58 -15.19 6.54
CA GLY A 9 7.96 -16.20 7.50
C GLY A 9 6.99 -17.36 7.54
N SER A 10 5.79 -17.15 7.01
CA SER A 10 4.77 -18.19 7.01
C SER A 10 4.04 -18.28 5.66
N SER A 11 4.24 -17.29 4.80
CA SER A 11 3.61 -17.29 3.50
C SER A 11 4.62 -17.66 2.44
N ARG A 12 4.25 -18.56 1.57
CA ARG A 12 5.13 -18.97 0.51
C ARG A 12 4.58 -18.43 -0.81
N ASP A 13 5.24 -18.77 -1.89
CA ASP A 13 4.85 -18.36 -3.23
C ASP A 13 4.48 -16.89 -3.29
N ILE A 14 5.25 -16.04 -2.62
CA ILE A 14 4.96 -14.63 -2.60
C ILE A 14 5.45 -13.96 -3.88
N CYS A 15 4.52 -13.70 -4.78
CA CYS A 15 4.80 -13.03 -6.04
C CYS A 15 3.57 -12.22 -6.45
N LEU A 16 3.78 -10.94 -6.73
CA LEU A 16 2.68 -10.08 -7.11
C LEU A 16 2.47 -10.01 -8.61
N ASP A 17 1.27 -9.62 -8.98
CA ASP A 17 0.90 -9.44 -10.37
C ASP A 17 1.05 -7.97 -10.68
N GLY A 18 2.30 -7.54 -10.80
CA GLY A 18 2.60 -6.15 -11.09
C GLY A 18 2.59 -5.32 -9.83
N ALA A 19 1.48 -5.38 -9.12
CA ALA A 19 1.31 -4.65 -7.88
C ALA A 19 0.39 -5.42 -6.95
N ARG A 20 -0.27 -6.45 -7.48
CA ARG A 20 -1.18 -7.26 -6.69
C ARG A 20 -0.42 -8.37 -5.98
N LEU A 21 0.02 -8.10 -4.76
CA LEU A 21 0.79 -9.06 -3.96
C LEU A 21 0.05 -10.34 -3.73
N ARG A 22 0.68 -11.46 -4.08
CA ARG A 22 0.03 -12.75 -3.92
C ARG A 22 0.98 -13.75 -3.28
N ALA A 23 0.56 -14.29 -2.16
CA ALA A 23 1.34 -15.26 -1.42
C ALA A 23 0.46 -16.38 -0.91
N GLU A 24 1.07 -17.35 -0.29
CA GLU A 24 0.38 -18.49 0.27
C GLU A 24 0.57 -18.47 1.79
N CYS A 25 -0.22 -17.64 2.43
CA CYS A 25 -0.17 -17.44 3.86
C CYS A 25 -0.55 -18.71 4.63
N ARG A 26 0.33 -19.10 5.54
CA ARG A 26 0.09 -20.26 6.37
C ARG A 26 -0.93 -19.94 7.46
N ARG A 27 -2.08 -20.58 7.39
CA ARG A 27 -3.11 -20.40 8.39
C ARG A 27 -2.76 -21.28 9.58
N GLY A 28 -3.26 -20.87 10.75
CA GLY A 28 -3.00 -21.55 12.01
C GLY A 28 -3.22 -23.05 11.99
N ASP A 29 -4.01 -23.55 11.05
CA ASP A 29 -4.27 -24.98 10.94
C ASP A 29 -3.05 -25.70 10.40
N GLY A 30 -2.13 -24.94 9.86
CA GLY A 30 -0.92 -25.49 9.30
C GLY A 30 -1.05 -25.59 7.80
N GLY A 31 -2.12 -25.02 7.28
CA GLY A 31 -2.36 -25.05 5.85
C GLY A 31 -2.02 -23.74 5.17
N TYR A 32 -1.56 -23.82 3.93
CA TYR A 32 -1.21 -22.62 3.19
C TYR A 32 -2.36 -22.20 2.29
N SER A 33 -2.79 -20.96 2.45
CA SER A 33 -3.89 -20.43 1.66
C SER A 33 -3.41 -19.27 0.81
N THR A 34 -3.66 -19.35 -0.49
CA THR A 34 -3.26 -18.30 -1.41
C THR A 34 -4.04 -17.02 -1.13
N SER A 35 -3.32 -15.94 -0.92
CA SER A 35 -3.91 -14.65 -0.64
C SER A 35 -3.31 -13.59 -1.56
N VAL A 36 -4.06 -12.53 -1.84
CA VAL A 36 -3.58 -11.46 -2.70
C VAL A 36 -4.08 -10.09 -2.23
N ILE A 37 -3.17 -9.12 -2.18
CA ILE A 37 -3.48 -7.77 -1.72
C ILE A 37 -2.87 -6.74 -2.67
N ASP A 38 -3.45 -5.55 -2.75
CA ASP A 38 -2.91 -4.50 -3.62
C ASP A 38 -1.78 -3.76 -2.95
N LEU A 39 -0.57 -3.94 -3.47
CA LEU A 39 0.57 -3.26 -2.93
C LEU A 39 0.74 -1.92 -3.62
N ASN A 40 -0.14 -1.65 -4.59
CA ASN A 40 -0.09 -0.38 -5.31
C ASN A 40 -0.63 0.71 -4.41
N ARG A 41 -1.29 0.30 -3.34
CA ARG A 41 -1.84 1.23 -2.37
C ARG A 41 -1.02 1.20 -1.08
N TYR A 42 0.18 0.66 -1.20
CA TYR A 42 1.09 0.58 -0.06
C TYR A 42 2.50 1.02 -0.45
N LEU A 43 2.90 0.74 -1.68
CA LEU A 43 4.21 1.09 -2.18
C LEU A 43 4.16 2.27 -3.14
N SER A 44 5.10 3.18 -2.98
CA SER A 44 5.20 4.35 -3.82
C SER A 44 6.61 4.52 -4.36
N ASN A 45 6.72 4.92 -5.61
CA ASN A 45 8.00 5.16 -6.23
C ASN A 45 8.55 6.54 -5.83
N ASP A 46 9.37 6.57 -4.79
CA ASP A 46 9.94 7.82 -4.32
C ASP A 46 11.29 8.08 -4.96
N ASN A 47 11.26 8.79 -6.08
CA ASN A 47 12.46 9.16 -6.84
C ASN A 47 13.33 7.93 -7.13
N GLY A 48 12.69 6.85 -7.56
CA GLY A 48 13.41 5.64 -7.88
C GLY A 48 13.76 4.82 -6.66
N HIS A 49 12.88 4.84 -5.68
CA HIS A 49 13.08 4.09 -4.44
C HIS A 49 11.73 3.81 -3.81
N PHE A 50 11.43 2.54 -3.61
CA PHE A 50 10.16 2.14 -3.00
C PHE A 50 9.96 2.74 -1.63
N ARG A 51 8.71 3.08 -1.33
CA ARG A 51 8.35 3.66 -0.04
C ARG A 51 6.96 3.22 0.40
N TRP A 52 6.86 2.83 1.66
CA TRP A 52 5.60 2.42 2.27
C TRP A 52 4.73 3.62 2.61
N VAL A 53 3.61 3.72 1.93
CA VAL A 53 2.66 4.80 2.18
C VAL A 53 1.28 4.18 2.37
N SER A 54 1.00 3.76 3.60
CA SER A 54 -0.27 3.14 3.94
C SER A 54 -1.36 4.18 4.16
N GLY A 55 -1.63 4.96 3.13
CA GLY A 55 -2.64 6.00 3.22
C GLY A 55 -2.24 7.08 4.21
N GLY A 56 -0.95 7.41 4.22
CA GLY A 56 -0.45 8.43 5.11
C GLY A 56 -1.08 9.78 4.87
N GLY A 57 -1.33 10.52 5.94
CA GLY A 57 -1.93 11.84 5.81
C GLY A 57 -3.42 11.74 5.56
N GLY A 58 -4.14 11.17 6.51
CA GLY A 58 -5.57 11.03 6.37
C GLY A 58 -6.31 11.59 7.56
N GLY A 59 -6.65 12.87 7.48
CA GLY A 59 -7.36 13.51 8.57
C GLY A 59 -6.43 14.11 9.60
N GLY A 60 -5.15 14.16 9.29
CA GLY A 60 -4.18 14.72 10.21
C GLY A 60 -2.78 14.21 9.96
N GLY A 61 -1.82 14.84 10.63
CA GLY A 61 -0.43 14.44 10.48
C GLY A 61 0.27 15.25 9.40
N THR A 62 1.16 14.59 8.67
CA THR A 62 1.89 15.24 7.60
C THR A 62 1.89 14.35 6.36
N ALA A 63 1.47 14.91 5.24
CA ALA A 63 1.41 14.19 3.98
C ALA A 63 2.04 15.02 2.87
N THR A 64 2.09 14.47 1.67
CA THR A 64 2.71 15.17 0.55
C THR A 64 1.82 15.16 -0.69
N VAL A 65 1.43 16.34 -1.16
CA VAL A 65 0.61 16.45 -2.36
C VAL A 65 1.41 17.03 -3.53
N THR A 66 1.19 16.50 -4.72
CA THR A 66 1.90 16.97 -5.92
C THR A 66 1.14 18.13 -6.56
N VAL A 67 1.87 19.18 -6.85
CA VAL A 67 1.31 20.35 -7.47
C VAL A 67 1.16 20.14 -8.97
N GLN A 68 0.02 20.52 -9.51
CA GLN A 68 -0.26 20.38 -10.93
C GLN A 68 -0.26 21.75 -11.60
N GLN A 69 -0.30 21.75 -12.92
CA GLN A 69 -0.29 22.98 -13.70
C GLN A 69 -1.55 23.80 -13.43
N GLY A 70 -1.36 25.02 -12.93
CA GLY A 70 -2.48 25.88 -12.64
C GLY A 70 -2.78 25.98 -11.17
N ASP A 71 -2.11 25.17 -10.36
CA ASP A 71 -2.33 25.17 -8.91
C ASP A 71 -1.34 26.08 -8.18
N THR A 72 -1.81 26.66 -7.08
CA THR A 72 -0.99 27.53 -6.23
C THR A 72 -1.20 27.12 -4.77
N LEU A 73 -0.41 27.65 -3.83
CA LEU A 73 -0.60 27.29 -2.42
C LEU A 73 -2.05 27.49 -2.04
N ARG A 74 -2.57 28.65 -2.45
CA ARG A 74 -3.95 29.04 -2.17
C ARG A 74 -4.94 28.02 -2.70
N ASP A 75 -4.64 27.46 -3.88
CA ASP A 75 -5.52 26.48 -4.49
C ASP A 75 -5.39 25.14 -3.79
N ILE A 76 -4.15 24.74 -3.51
CA ILE A 76 -3.88 23.47 -2.84
C ILE A 76 -4.57 23.45 -1.47
N GLY A 77 -4.41 24.54 -0.73
CA GLY A 77 -5.00 24.65 0.59
C GLY A 77 -6.51 24.49 0.55
N ARG A 78 -7.17 25.26 -0.31
CA ARG A 78 -8.62 25.20 -0.43
C ARG A 78 -9.09 23.85 -0.99
N ARG A 79 -8.26 23.25 -1.83
CA ARG A 79 -8.57 21.98 -2.46
C ARG A 79 -8.57 20.82 -1.48
N PHE A 80 -7.54 20.72 -0.65
CA PHE A 80 -7.44 19.60 0.30
C PHE A 80 -7.80 19.99 1.73
N ASP A 81 -8.39 21.16 1.89
CA ASP A 81 -8.82 21.66 3.20
C ASP A 81 -7.61 21.80 4.13
N CYS A 82 -6.65 22.59 3.70
CA CYS A 82 -5.43 22.85 4.46
C CYS A 82 -5.05 24.32 4.34
N ASP A 83 -4.15 24.76 5.21
CA ASP A 83 -3.69 26.15 5.19
C ASP A 83 -2.60 26.32 4.16
N PHE A 84 -2.88 27.10 3.13
CA PHE A 84 -1.93 27.38 2.06
C PHE A 84 -0.62 27.92 2.62
N HIS A 85 -0.72 28.63 3.72
CA HIS A 85 0.43 29.20 4.41
C HIS A 85 1.22 28.09 5.09
N GLU A 86 0.49 27.10 5.59
CA GLU A 86 1.10 25.95 6.26
C GLU A 86 1.84 25.12 5.24
N ILE A 87 1.17 24.87 4.12
CA ILE A 87 1.74 24.11 3.02
C ILE A 87 3.07 24.72 2.64
N ALA A 88 3.05 26.03 2.49
CA ALA A 88 4.23 26.79 2.17
C ALA A 88 5.29 26.66 3.25
N ARG A 89 4.91 26.91 4.50
CA ARG A 89 5.83 26.84 5.63
C ARG A 89 6.51 25.47 5.72
N ARG A 90 5.74 24.43 5.47
CA ARG A 90 6.26 23.06 5.52
C ARG A 90 7.22 22.79 4.36
N ASN A 91 6.97 23.44 3.24
CA ASN A 91 7.82 23.27 2.06
C ASN A 91 8.96 24.30 2.06
N ASN A 92 8.92 25.22 3.02
CA ASN A 92 9.92 26.28 3.19
C ASN A 92 9.67 27.42 2.20
N ILE A 93 8.46 27.46 1.66
CA ILE A 93 8.05 28.51 0.74
C ILE A 93 7.02 29.41 1.41
N GLN A 94 6.44 30.34 0.65
CA GLN A 94 5.42 31.22 1.18
C GLN A 94 4.10 30.96 0.48
N ASN A 95 2.99 31.26 1.13
CA ASN A 95 1.68 31.03 0.53
C ASN A 95 1.60 31.76 -0.81
N GLU A 96 1.86 33.07 -0.75
CA GLU A 96 1.81 33.94 -1.92
C GLU A 96 3.08 33.79 -2.76
N ASP A 97 3.86 32.75 -2.48
CA ASP A 97 5.09 32.50 -3.22
C ASP A 97 4.75 32.03 -4.61
N LEU A 98 3.60 31.36 -4.72
CA LEU A 98 3.15 30.79 -6.00
C LEU A 98 4.03 29.60 -6.39
N ILE A 99 3.42 28.44 -6.42
CA ILE A 99 4.11 27.20 -6.76
C ILE A 99 3.94 26.85 -8.24
N TYR A 100 4.59 25.78 -8.67
CA TYR A 100 4.57 25.35 -10.06
C TYR A 100 4.24 23.86 -10.16
N PRO A 101 3.78 23.42 -11.34
CA PRO A 101 3.39 22.02 -11.59
C PRO A 101 4.55 21.05 -11.54
N GLY A 102 4.33 19.92 -10.85
CA GLY A 102 5.33 18.91 -10.75
C GLY A 102 6.12 19.03 -9.48
N GLN A 103 5.51 19.67 -8.49
CA GLN A 103 6.16 19.85 -7.20
C GLN A 103 5.46 19.03 -6.15
N VAL A 104 6.09 18.84 -5.01
CA VAL A 104 5.49 18.09 -3.93
C VAL A 104 5.49 18.94 -2.67
N LEU A 105 4.31 19.27 -2.20
CA LEU A 105 4.16 20.09 -1.01
C LEU A 105 3.66 19.26 0.16
N GLN A 106 4.02 19.65 1.37
CA GLN A 106 3.59 18.94 2.54
C GLN A 106 2.28 19.51 3.07
N VAL A 107 1.27 18.68 3.02
CA VAL A 107 -0.04 19.04 3.48
C VAL A 107 -0.47 18.10 4.60
N PRO A 108 -1.30 18.59 5.52
CA PRO A 108 -1.76 17.81 6.67
C PRO A 108 -2.66 16.62 6.30
N THR A 109 -3.22 16.64 5.11
CA THR A 109 -4.07 15.55 4.68
C THR A 109 -4.08 15.40 3.17
N LYS A 110 -4.22 14.16 2.73
CA LYS A 110 -4.25 13.82 1.31
C LYS A 110 -5.69 13.64 0.85
N GLY A 111 -5.85 13.12 -0.36
CA GLY A 111 -7.18 12.87 -0.86
C GLY A 111 -7.89 11.83 -0.02
N GLY A 112 -7.19 10.73 0.23
CA GLY A 112 -7.73 9.65 1.05
C GLY A 112 -8.93 8.97 0.44
N SER A 113 -8.92 8.84 -0.88
CA SER A 113 -10.02 8.19 -1.57
C SER A 113 -9.98 6.68 -1.34
N GLY A 114 -8.78 6.13 -1.29
CA GLY A 114 -8.61 4.72 -1.07
C GLY A 114 -7.74 4.08 -2.13
N GLY A 115 -8.25 4.04 -3.35
CA GLY A 115 -7.50 3.46 -4.45
C GLY A 115 -6.44 4.39 -5.01
N GLY A 116 -5.41 4.65 -4.21
CA GLY A 116 -4.35 5.52 -4.65
C GLY A 116 -3.56 6.07 -3.48
N ALA A 117 -2.77 5.21 -2.84
CA ALA A 117 -1.95 5.61 -1.73
C ALA A 117 -0.49 5.49 -2.09
N GLY A 118 -0.18 4.49 -2.90
CA GLY A 118 1.18 4.26 -3.32
C GLY A 118 1.42 4.73 -4.74
N ASN A 119 0.94 3.94 -5.70
CA ASN A 119 1.04 4.23 -7.12
C ASN A 119 2.44 3.98 -7.67
N PHE A 120 3.18 3.08 -7.03
CA PHE A 120 4.52 2.76 -7.51
C PHE A 120 4.46 2.14 -8.90
N TRP A 121 3.44 1.29 -9.11
CA TRP A 121 3.24 0.59 -10.37
C TRP A 121 3.01 1.53 -11.53
N ASP A 122 2.39 2.68 -11.25
CA ASP A 122 2.11 3.67 -12.29
C ASP A 122 3.38 4.12 -12.99
N SER A 123 4.52 3.85 -12.36
CA SER A 123 5.79 4.19 -12.94
C SER A 123 6.84 3.15 -12.57
N ALA A 124 6.38 1.90 -12.39
CA ALA A 124 7.29 0.81 -12.08
C ALA A 124 7.40 -0.15 -13.25
N ARG A 125 8.62 -0.58 -13.55
CA ARG A 125 8.86 -1.49 -14.67
C ARG A 125 9.61 -2.72 -14.17
N ASP A 126 9.20 -3.91 -14.62
CA ASP A 126 9.81 -5.18 -14.23
C ASP A 126 9.74 -5.38 -12.73
N VAL A 127 8.52 -5.36 -12.21
CA VAL A 127 8.27 -5.55 -10.79
C VAL A 127 8.20 -7.02 -10.46
N ARG A 128 9.01 -7.46 -9.52
CA ARG A 128 9.03 -8.85 -9.12
C ARG A 128 9.39 -9.00 -7.65
N LEU A 129 8.77 -9.97 -6.99
CA LEU A 129 9.06 -10.23 -5.59
C LEU A 129 10.25 -11.14 -5.48
N VAL A 130 11.19 -10.78 -4.63
CA VAL A 130 12.39 -11.56 -4.45
C VAL A 130 12.59 -11.92 -2.98
N ASP A 131 13.38 -12.96 -2.75
CA ASP A 131 13.69 -13.45 -1.40
C ASP A 131 12.47 -14.07 -0.74
N GLY A 132 11.42 -14.27 -1.53
CA GLY A 132 10.23 -14.85 -1.02
C GLY A 132 9.23 -13.84 -0.51
N GLY A 133 9.21 -12.65 -1.11
CA GLY A 133 8.22 -11.65 -0.71
C GLY A 133 8.74 -10.67 0.35
N LYS A 134 9.84 -11.03 0.98
CA LYS A 134 10.42 -10.16 1.98
C LYS A 134 11.05 -8.97 1.30
N VAL A 135 11.26 -9.09 -0.01
CA VAL A 135 11.81 -8.03 -0.82
C VAL A 135 11.07 -7.95 -2.17
N LEU A 136 10.94 -6.76 -2.70
CA LEU A 136 10.29 -6.49 -3.97
C LEU A 136 11.23 -5.66 -4.82
N GLU A 137 11.55 -6.15 -5.99
CA GLU A 137 12.48 -5.47 -6.87
C GLU A 137 11.77 -4.96 -8.12
N ALA A 138 12.00 -3.70 -8.44
CA ALA A 138 11.38 -3.08 -9.62
C ALA A 138 12.10 -1.80 -10.00
N GLU A 139 11.89 -1.37 -11.23
CA GLU A 139 12.49 -0.14 -11.72
C GLU A 139 11.48 0.99 -11.61
N LEU A 140 11.72 1.86 -10.65
CA LEU A 140 10.85 3.00 -10.41
C LEU A 140 11.30 4.20 -11.21
N ARG A 141 10.38 4.76 -11.97
CA ARG A 141 10.64 5.93 -12.77
C ARG A 141 10.82 7.13 -11.87
N TYR A 142 11.77 7.99 -12.21
CA TYR A 142 12.04 9.14 -11.41
C TYR A 142 12.60 10.28 -12.26
N SER A 143 13.17 11.28 -11.62
CA SER A 143 13.73 12.44 -12.31
C SER A 143 14.85 12.04 -13.29
N GLY A 144 15.50 10.91 -13.03
CA GLY A 144 16.58 10.47 -13.89
C GLY A 144 16.23 9.28 -14.75
N GLY A 145 14.95 9.13 -15.08
CA GLY A 145 14.54 8.03 -15.91
C GLY A 145 14.00 6.86 -15.11
N TRP A 146 14.70 5.74 -15.13
CA TRP A 146 14.29 4.54 -14.40
C TRP A 146 15.40 4.05 -13.48
N ASN A 147 15.08 3.83 -12.22
CA ASN A 147 16.07 3.36 -11.26
C ASN A 147 15.63 2.06 -10.61
N ARG A 148 16.54 1.10 -10.55
CA ARG A 148 16.27 -0.18 -9.93
C ARG A 148 16.26 -0.05 -8.42
N SER A 149 15.09 -0.24 -7.84
CA SER A 149 14.92 -0.14 -6.40
C SER A 149 14.22 -1.37 -5.88
N ARG A 150 14.25 -1.55 -4.57
CA ARG A 150 13.61 -2.68 -3.95
C ARG A 150 13.10 -2.33 -2.55
N ILE A 151 12.00 -2.98 -2.15
CA ILE A 151 11.40 -2.74 -0.85
C ILE A 151 11.13 -4.06 -0.14
N TYR A 152 10.94 -4.01 1.16
CA TYR A 152 10.68 -5.22 1.93
C TYR A 152 9.21 -5.32 2.31
N LEU A 153 8.44 -6.19 1.66
CA LEU A 153 7.03 -6.31 2.02
C LEU A 153 6.88 -6.94 3.38
N ASP A 154 7.81 -7.81 3.74
CA ASP A 154 7.80 -8.45 5.05
C ASP A 154 7.86 -7.43 6.20
N GLU A 155 8.07 -6.15 5.87
CA GLU A 155 8.15 -5.11 6.88
C GLU A 155 6.80 -4.79 7.47
N HIS A 156 5.84 -4.51 6.61
CA HIS A 156 4.51 -4.14 7.08
C HIS A 156 3.43 -5.06 6.56
N ILE A 157 3.81 -6.08 5.82
CA ILE A 157 2.84 -7.01 5.30
C ILE A 157 2.90 -8.33 6.06
N GLY A 158 1.88 -8.63 6.84
CA GLY A 158 1.87 -9.87 7.59
C GLY A 158 0.80 -10.83 7.13
N ASN A 159 0.90 -12.06 7.62
CA ASN A 159 -0.07 -13.11 7.30
C ASN A 159 -1.04 -13.26 8.47
N ARG A 160 -2.31 -13.04 8.20
CA ARG A 160 -3.33 -13.12 9.21
C ARG A 160 -4.30 -14.26 8.92
N ASN A 161 -3.95 -15.45 9.42
CA ASN A 161 -4.77 -16.65 9.27
C ASN A 161 -5.00 -17.03 7.81
N GLY A 162 -4.01 -16.80 6.96
CA GLY A 162 -4.14 -17.17 5.56
C GLY A 162 -4.40 -16.00 4.63
N GLU A 163 -4.56 -14.81 5.17
CA GLU A 163 -4.80 -13.64 4.33
C GLU A 163 -3.73 -12.57 4.56
N LEU A 164 -3.31 -11.95 3.48
CA LEU A 164 -2.29 -10.91 3.51
C LEU A 164 -2.86 -9.60 4.02
N ILE A 165 -2.37 -9.16 5.16
CA ILE A 165 -2.82 -7.91 5.78
C ILE A 165 -1.63 -7.18 6.40
N HIS A 166 -1.67 -5.86 6.36
CA HIS A 166 -0.61 -5.06 6.95
C HIS A 166 -0.44 -5.44 8.42
N CYS A 167 0.78 -5.82 8.78
CA CYS A 167 1.10 -6.24 10.15
C CYS A 167 0.31 -7.50 10.54
N GLY A 1 16.11 -7.79 10.22
CA GLY A 1 15.14 -8.88 9.97
C GLY A 1 13.81 -8.35 9.49
N ASN A 2 12.73 -8.84 10.05
CA ASN A 2 11.40 -8.39 9.66
C ASN A 2 11.00 -7.20 10.52
N TYR A 3 9.81 -6.66 10.28
CA TYR A 3 9.35 -5.52 11.05
C TYR A 3 8.03 -5.83 11.75
N ALA A 4 6.92 -5.56 11.07
CA ALA A 4 5.61 -5.78 11.63
C ALA A 4 4.81 -6.82 10.86
N GLY A 5 5.09 -6.99 9.57
CA GLY A 5 4.34 -7.96 8.81
C GLY A 5 4.77 -9.38 9.10
N ASN A 6 5.99 -9.70 8.69
CA ASN A 6 6.56 -11.03 8.89
C ASN A 6 5.77 -12.08 8.13
N PHE A 7 4.92 -11.64 7.19
CA PHE A 7 4.10 -12.56 6.41
C PHE A 7 4.94 -13.61 5.69
N SER A 8 6.10 -13.21 5.19
CA SER A 8 6.97 -14.13 4.46
C SER A 8 7.40 -15.31 5.33
N GLY A 9 7.35 -15.13 6.64
CA GLY A 9 7.73 -16.18 7.56
C GLY A 9 6.73 -17.33 7.59
N SER A 10 5.49 -17.06 7.16
CA SER A 10 4.46 -18.08 7.14
C SER A 10 3.83 -18.22 5.75
N SER A 11 3.91 -17.16 4.98
CA SER A 11 3.34 -17.13 3.66
C SER A 11 4.41 -17.48 2.64
N ARG A 12 4.08 -18.40 1.75
CA ARG A 12 5.02 -18.80 0.72
C ARG A 12 4.49 -18.36 -0.63
N ASP A 13 5.24 -18.66 -1.66
CA ASP A 13 4.88 -18.32 -3.04
C ASP A 13 4.45 -16.85 -3.14
N ILE A 14 5.22 -15.98 -2.51
CA ILE A 14 4.90 -14.57 -2.51
C ILE A 14 5.38 -13.93 -3.82
N CYS A 15 4.43 -13.67 -4.70
CA CYS A 15 4.67 -13.03 -5.98
C CYS A 15 3.46 -12.19 -6.35
N LEU A 16 3.68 -10.92 -6.66
CA LEU A 16 2.58 -10.03 -6.98
C LEU A 16 2.26 -9.98 -8.46
N ASP A 17 1.04 -9.57 -8.73
CA ASP A 17 0.54 -9.41 -10.08
C ASP A 17 0.69 -7.95 -10.45
N GLY A 18 1.92 -7.56 -10.74
CA GLY A 18 2.20 -6.19 -11.13
C GLY A 18 2.36 -5.28 -9.94
N ALA A 19 1.32 -5.21 -9.12
CA ALA A 19 1.33 -4.39 -7.94
C ALA A 19 0.47 -5.03 -6.87
N ARG A 20 -0.22 -6.10 -7.22
CA ARG A 20 -1.07 -6.79 -6.27
C ARG A 20 -0.35 -8.00 -5.69
N LEU A 21 0.21 -7.79 -4.50
CA LEU A 21 0.96 -8.80 -3.76
C LEU A 21 0.16 -10.07 -3.56
N ARG A 22 0.75 -11.21 -3.89
CA ARG A 22 0.07 -12.48 -3.75
C ARG A 22 0.97 -13.48 -3.06
N ALA A 23 0.49 -14.05 -1.96
CA ALA A 23 1.25 -15.01 -1.19
C ALA A 23 0.35 -16.05 -0.55
N GLU A 24 0.87 -17.25 -0.50
CA GLU A 24 0.21 -18.39 0.10
C GLU A 24 0.38 -18.31 1.62
N CYS A 25 -0.38 -17.42 2.23
CA CYS A 25 -0.34 -17.20 3.66
C CYS A 25 -0.75 -18.45 4.43
N ARG A 26 0.11 -18.88 5.32
CA ARG A 26 -0.15 -20.06 6.13
C ARG A 26 -1.27 -19.80 7.14
N ARG A 27 -2.33 -20.57 7.02
CA ARG A 27 -3.47 -20.46 7.90
C ARG A 27 -3.24 -21.39 9.08
N GLY A 28 -3.86 -21.05 10.20
CA GLY A 28 -3.71 -21.79 11.46
C GLY A 28 -4.03 -23.26 11.37
N ASP A 29 -4.65 -23.68 10.28
CA ASP A 29 -4.99 -25.08 10.09
C ASP A 29 -3.81 -25.85 9.52
N GLY A 30 -2.73 -25.12 9.26
CA GLY A 30 -1.54 -25.73 8.71
C GLY A 30 -1.59 -25.74 7.21
N GLY A 31 -2.56 -25.03 6.67
CA GLY A 31 -2.73 -24.97 5.23
C GLY A 31 -2.43 -23.60 4.67
N TYR A 32 -1.87 -23.56 3.48
CA TYR A 32 -1.53 -22.29 2.84
C TYR A 32 -2.69 -21.78 2.03
N SER A 33 -3.00 -20.51 2.18
CA SER A 33 -4.09 -19.89 1.45
C SER A 33 -3.56 -18.82 0.51
N THR A 34 -3.87 -18.93 -0.77
CA THR A 34 -3.42 -17.95 -1.74
C THR A 34 -4.11 -16.62 -1.49
N SER A 35 -3.37 -15.67 -0.97
CA SER A 35 -3.90 -14.36 -0.67
C SER A 35 -3.27 -13.33 -1.57
N VAL A 36 -3.99 -12.24 -1.84
CA VAL A 36 -3.48 -11.19 -2.69
C VAL A 36 -3.97 -9.83 -2.20
N ILE A 37 -3.03 -8.89 -2.08
CA ILE A 37 -3.33 -7.55 -1.58
C ILE A 37 -2.74 -6.49 -2.51
N ASP A 38 -3.44 -5.39 -2.69
CA ASP A 38 -2.98 -4.31 -3.56
C ASP A 38 -1.85 -3.53 -2.93
N LEU A 39 -0.61 -3.80 -3.36
CA LEU A 39 0.55 -3.12 -2.84
C LEU A 39 0.73 -1.79 -3.55
N ASN A 40 -0.04 -1.60 -4.62
CA ASN A 40 0.00 -0.36 -5.38
C ASN A 40 -0.43 0.82 -4.51
N ARG A 41 -1.09 0.51 -3.41
CA ARG A 41 -1.53 1.53 -2.47
C ARG A 41 -0.78 1.40 -1.16
N TYR A 42 0.36 0.76 -1.23
CA TYR A 42 1.20 0.56 -0.06
C TYR A 42 2.66 0.93 -0.37
N LEU A 43 3.06 0.70 -1.60
CA LEU A 43 4.42 0.99 -2.03
C LEU A 43 4.44 2.22 -2.93
N SER A 44 5.39 3.10 -2.68
CA SER A 44 5.54 4.32 -3.44
C SER A 44 6.95 4.45 -4.00
N ASN A 45 7.05 4.89 -5.24
CA ASN A 45 8.31 5.12 -5.90
C ASN A 45 8.82 6.53 -5.61
N ASP A 46 9.78 6.64 -4.71
CA ASP A 46 10.34 7.95 -4.37
C ASP A 46 11.73 8.11 -4.94
N ASN A 47 11.79 8.68 -6.14
CA ASN A 47 13.04 8.94 -6.86
C ASN A 47 13.86 7.67 -7.06
N GLY A 48 13.19 6.58 -7.43
CA GLY A 48 13.89 5.32 -7.68
C GLY A 48 14.17 4.51 -6.42
N HIS A 49 13.32 4.70 -5.41
CA HIS A 49 13.44 3.99 -4.14
C HIS A 49 12.04 3.71 -3.62
N PHE A 50 11.83 2.53 -3.07
CA PHE A 50 10.52 2.17 -2.57
C PHE A 50 10.27 2.75 -1.18
N ARG A 51 9.02 3.13 -0.95
CA ARG A 51 8.61 3.70 0.32
C ARG A 51 7.17 3.30 0.63
N TRP A 52 6.93 2.86 1.86
CA TRP A 52 5.61 2.48 2.30
C TRP A 52 4.72 3.70 2.53
N VAL A 53 3.50 3.62 2.00
CA VAL A 53 2.46 4.66 2.12
C VAL A 53 3.02 6.08 2.23
N SER A 54 3.73 6.51 1.19
CA SER A 54 4.30 7.84 1.18
C SER A 54 3.54 8.76 0.24
N GLY A 55 2.29 8.37 -0.06
CA GLY A 55 1.46 9.16 -0.95
C GLY A 55 0.99 10.44 -0.30
N GLY A 56 0.70 10.38 1.00
CA GLY A 56 0.24 11.56 1.71
C GLY A 56 -1.06 11.32 2.43
N GLY A 57 -1.50 12.31 3.19
CA GLY A 57 -2.75 12.21 3.93
C GLY A 57 -3.57 13.48 3.81
N GLY A 58 -3.49 14.32 4.83
CA GLY A 58 -4.23 15.56 4.82
C GLY A 58 -5.52 15.48 5.60
N GLY A 59 -5.74 16.46 6.47
CA GLY A 59 -6.96 16.48 7.27
C GLY A 59 -7.12 17.80 8.00
N GLY A 60 -8.09 17.86 8.90
CA GLY A 60 -8.32 19.08 9.65
C GLY A 60 -9.08 18.83 10.93
N GLY A 61 -8.58 17.90 11.74
CA GLY A 61 -9.22 17.59 12.99
C GLY A 61 -8.27 16.99 13.99
N THR A 62 -8.71 15.96 14.69
CA THR A 62 -7.87 15.29 15.68
C THR A 62 -8.09 13.78 15.64
N ALA A 63 -7.02 13.07 15.32
CA ALA A 63 -7.04 11.62 15.24
C ALA A 63 -5.82 11.05 15.94
N THR A 64 -5.72 9.74 16.03
CA THR A 64 -4.58 9.11 16.68
C THR A 64 -3.97 8.03 15.80
N VAL A 65 -2.68 8.17 15.51
CA VAL A 65 -1.99 7.21 14.68
C VAL A 65 -1.01 6.36 15.50
N THR A 66 -0.95 5.07 15.18
CA THR A 66 -0.04 4.16 15.87
C THR A 66 1.29 4.09 15.12
N VAL A 67 2.35 4.36 15.85
CA VAL A 67 3.69 4.35 15.29
C VAL A 67 4.25 2.94 15.29
N GLN A 68 4.79 2.52 14.15
CA GLN A 68 5.36 1.21 14.00
C GLN A 68 6.89 1.29 13.98
N GLN A 69 7.53 0.14 14.06
CA GLN A 69 8.99 0.04 14.08
C GLN A 69 9.64 0.73 12.88
N GLY A 70 10.43 1.77 13.16
CA GLY A 70 11.12 2.47 12.09
C GLY A 70 10.52 3.82 11.79
N ASP A 71 9.53 4.23 12.57
CA ASP A 71 8.88 5.52 12.34
C ASP A 71 9.20 6.53 13.43
N THR A 72 9.45 7.77 13.01
CA THR A 72 9.74 8.85 13.94
C THR A 72 8.72 9.97 13.71
N LEU A 73 8.72 11.03 14.54
CA LEU A 73 7.76 12.12 14.35
C LEU A 73 7.81 12.62 12.92
N ARG A 74 9.02 12.75 12.39
CA ARG A 74 9.23 13.26 11.03
C ARG A 74 8.60 12.35 9.99
N ASP A 75 8.64 11.04 10.24
CA ASP A 75 8.07 10.08 9.30
C ASP A 75 6.57 10.13 9.37
N ILE A 76 6.04 10.25 10.57
CA ILE A 76 4.60 10.31 10.77
C ILE A 76 4.06 11.57 10.08
N GLY A 77 4.69 12.69 10.36
CA GLY A 77 4.28 13.95 9.77
C GLY A 77 4.33 13.94 8.25
N ARG A 78 5.46 13.57 7.69
CA ARG A 78 5.63 13.55 6.24
C ARG A 78 4.70 12.54 5.56
N ARG A 79 4.32 11.51 6.30
CA ARG A 79 3.46 10.46 5.77
C ARG A 79 1.97 10.84 5.78
N PHE A 80 1.47 11.33 6.91
CA PHE A 80 0.06 11.67 7.02
C PHE A 80 -0.23 13.15 6.73
N ASP A 81 0.75 13.84 6.15
CA ASP A 81 0.62 15.26 5.79
C ASP A 81 0.34 16.11 7.04
N CYS A 82 1.08 15.82 8.10
CA CYS A 82 0.95 16.54 9.34
C CYS A 82 2.32 17.05 9.75
N ASP A 83 2.37 18.02 10.65
CA ASP A 83 3.66 18.54 11.10
C ASP A 83 4.10 17.77 12.35
N PHE A 84 5.26 17.11 12.22
CA PHE A 84 5.85 16.31 13.27
C PHE A 84 5.89 17.05 14.61
N HIS A 85 6.04 18.36 14.52
CA HIS A 85 6.08 19.24 15.67
C HIS A 85 4.76 19.16 16.46
N GLU A 86 3.65 19.25 15.74
CA GLU A 86 2.33 19.18 16.37
C GLU A 86 2.12 17.83 17.01
N ILE A 87 2.46 16.79 16.25
CA ILE A 87 2.35 15.41 16.72
C ILE A 87 3.01 15.27 18.09
N ALA A 88 4.21 15.83 18.19
CA ALA A 88 4.94 15.83 19.42
C ALA A 88 4.21 16.61 20.53
N ARG A 89 3.79 17.84 20.22
CA ARG A 89 3.11 18.69 21.21
C ARG A 89 1.84 18.03 21.75
N ARG A 90 1.15 17.29 20.89
CA ARG A 90 -0.09 16.65 21.28
C ARG A 90 0.16 15.43 22.16
N ASN A 91 1.31 14.80 21.98
CA ASN A 91 1.67 13.63 22.77
C ASN A 91 2.54 14.04 23.96
N ASN A 92 2.90 15.32 24.00
CA ASN A 92 3.74 15.89 25.07
C ASN A 92 5.21 15.55 24.85
N ILE A 93 5.53 15.11 23.64
CA ILE A 93 6.90 14.77 23.27
C ILE A 93 7.48 15.88 22.41
N GLN A 94 8.64 15.64 21.80
CA GLN A 94 9.27 16.63 20.94
C GLN A 94 9.42 16.06 19.53
N ASN A 95 9.46 16.93 18.53
CA ASN A 95 9.62 16.48 17.16
C ASN A 95 10.90 15.65 17.02
N GLU A 96 12.02 16.27 17.38
CA GLU A 96 13.33 15.63 17.30
C GLU A 96 13.56 14.67 18.46
N ASP A 97 12.50 14.37 19.21
CA ASP A 97 12.59 13.46 20.33
C ASP A 97 12.78 12.04 19.83
N LEU A 98 12.14 11.75 18.69
CA LEU A 98 12.18 10.41 18.11
C LEU A 98 11.30 9.47 18.96
N ILE A 99 10.29 8.93 18.31
CA ILE A 99 9.33 8.03 18.93
C ILE A 99 9.70 6.56 18.75
N TYR A 100 8.89 5.70 19.35
CA TYR A 100 9.12 4.26 19.30
C TYR A 100 7.89 3.53 18.76
N PRO A 101 8.08 2.29 18.30
CA PRO A 101 7.01 1.47 17.74
C PRO A 101 6.02 0.99 18.80
N GLY A 102 4.74 1.15 18.50
CA GLY A 102 3.70 0.74 19.41
C GLY A 102 3.13 1.91 20.17
N GLN A 103 3.51 3.09 19.74
CA GLN A 103 3.03 4.31 20.38
C GLN A 103 1.92 4.92 19.56
N VAL A 104 0.97 5.56 20.21
CA VAL A 104 -0.13 6.18 19.49
C VAL A 104 -0.05 7.68 19.67
N LEU A 105 0.26 8.37 18.58
CA LEU A 105 0.41 9.81 18.60
C LEU A 105 -0.83 10.50 18.05
N GLN A 106 -1.07 11.71 18.52
CA GLN A 106 -2.21 12.47 18.07
C GLN A 106 -1.87 13.31 16.87
N VAL A 107 -2.47 12.95 15.75
CA VAL A 107 -2.27 13.63 14.50
C VAL A 107 -3.60 14.20 14.00
N PRO A 108 -3.54 15.30 13.25
CA PRO A 108 -4.73 15.98 12.73
C PRO A 108 -5.56 15.15 11.75
N THR A 109 -4.97 14.09 11.23
CA THR A 109 -5.68 13.23 10.28
C THR A 109 -5.07 11.84 10.25
N LYS A 110 -5.86 10.87 9.82
CA LYS A 110 -5.41 9.49 9.71
C LYS A 110 -5.03 9.16 8.29
N GLY A 111 -4.79 7.88 8.03
CA GLY A 111 -4.44 7.45 6.70
C GLY A 111 -5.62 6.81 6.01
N GLY A 112 -5.34 5.90 5.09
CA GLY A 112 -6.39 5.21 4.37
C GLY A 112 -7.04 6.10 3.32
N SER A 113 -6.39 6.28 2.20
CA SER A 113 -6.92 7.10 1.13
C SER A 113 -7.83 6.27 0.22
N GLY A 114 -7.56 4.97 0.16
CA GLY A 114 -8.35 4.08 -0.67
C GLY A 114 -7.49 3.32 -1.65
N GLY A 115 -6.91 4.04 -2.59
CA GLY A 115 -6.06 3.42 -3.59
C GLY A 115 -5.02 4.37 -4.12
N GLY A 116 -4.57 5.28 -3.25
CA GLY A 116 -3.57 6.24 -3.66
C GLY A 116 -2.65 6.59 -2.52
N ALA A 117 -2.09 5.56 -1.92
CA ALA A 117 -1.16 5.74 -0.82
C ALA A 117 0.24 5.37 -1.26
N GLY A 118 0.32 4.65 -2.36
CA GLY A 118 1.58 4.23 -2.89
C GLY A 118 1.83 4.79 -4.28
N ASN A 119 1.27 4.10 -5.27
CA ASN A 119 1.37 4.49 -6.67
C ASN A 119 2.75 4.22 -7.25
N PHE A 120 3.46 3.25 -6.69
CA PHE A 120 4.78 2.91 -7.21
C PHE A 120 4.63 2.37 -8.64
N TRP A 121 3.60 1.55 -8.83
CA TRP A 121 3.32 0.91 -10.12
C TRP A 121 3.10 1.92 -11.23
N ASP A 122 2.58 3.10 -10.87
CA ASP A 122 2.33 4.16 -11.85
C ASP A 122 3.59 4.48 -12.64
N SER A 123 4.73 4.25 -12.02
CA SER A 123 6.01 4.49 -12.67
C SER A 123 6.97 3.35 -12.36
N ALA A 124 6.45 2.14 -12.17
CA ALA A 124 7.29 0.98 -11.90
C ALA A 124 7.28 0.00 -13.06
N ARG A 125 8.41 -0.65 -13.26
CA ARG A 125 8.55 -1.64 -14.33
C ARG A 125 9.18 -2.91 -13.80
N ASP A 126 8.79 -4.04 -14.39
CA ASP A 126 9.33 -5.36 -14.02
C ASP A 126 9.26 -5.60 -12.52
N VAL A 127 8.10 -5.38 -11.94
CA VAL A 127 7.91 -5.59 -10.51
C VAL A 127 7.84 -7.08 -10.23
N ARG A 128 8.69 -7.54 -9.33
CA ARG A 128 8.75 -8.95 -8.97
C ARG A 128 9.18 -9.10 -7.53
N LEU A 129 8.77 -10.19 -6.91
CA LEU A 129 9.13 -10.45 -5.53
C LEU A 129 10.33 -11.36 -5.45
N VAL A 130 11.21 -11.05 -4.52
CA VAL A 130 12.42 -11.83 -4.33
C VAL A 130 12.64 -12.14 -2.86
N ASP A 131 13.39 -13.22 -2.61
CA ASP A 131 13.74 -13.66 -1.26
C ASP A 131 12.53 -14.21 -0.52
N GLY A 132 11.42 -14.32 -1.20
CA GLY A 132 10.22 -14.84 -0.59
C GLY A 132 9.26 -13.76 -0.15
N GLY A 133 9.17 -12.67 -0.91
CA GLY A 133 8.19 -11.61 -0.57
C GLY A 133 8.71 -10.65 0.51
N LYS A 134 9.83 -11.01 1.10
CA LYS A 134 10.43 -10.15 2.10
C LYS A 134 11.08 -8.98 1.38
N VAL A 135 11.26 -9.12 0.08
CA VAL A 135 11.82 -8.07 -0.75
C VAL A 135 11.10 -8.01 -2.10
N LEU A 136 10.87 -6.80 -2.57
CA LEU A 136 10.22 -6.57 -3.85
C LEU A 136 11.18 -5.82 -4.73
N GLU A 137 11.44 -6.35 -5.89
CA GLU A 137 12.36 -5.73 -6.83
C GLU A 137 11.60 -5.18 -8.01
N ALA A 138 11.77 -3.89 -8.27
CA ALA A 138 11.10 -3.25 -9.38
C ALA A 138 11.84 -1.99 -9.81
N GLU A 139 11.67 -1.58 -11.06
CA GLU A 139 12.34 -0.40 -11.57
C GLU A 139 11.43 0.81 -11.46
N LEU A 140 11.78 1.69 -10.53
CA LEU A 140 11.03 2.90 -10.28
C LEU A 140 11.54 4.05 -11.13
N ARG A 141 10.64 4.69 -11.83
CA ARG A 141 10.96 5.83 -12.66
C ARG A 141 11.33 7.00 -11.79
N TYR A 142 12.33 7.76 -12.21
CA TYR A 142 12.77 8.90 -11.44
C TYR A 142 13.48 9.92 -12.32
N SER A 143 14.07 10.93 -11.69
CA SER A 143 14.77 11.98 -12.39
C SER A 143 15.87 11.43 -13.31
N GLY A 144 16.44 10.30 -12.92
CA GLY A 144 17.50 9.71 -13.71
C GLY A 144 17.02 8.60 -14.63
N GLY A 145 15.73 8.60 -14.94
CA GLY A 145 15.18 7.59 -15.81
C GLY A 145 14.51 6.46 -15.05
N TRP A 146 15.13 5.29 -15.07
CA TRP A 146 14.59 4.12 -14.38
C TRP A 146 15.66 3.47 -13.50
N ASN A 147 15.30 3.16 -12.27
CA ASN A 147 16.23 2.53 -11.33
C ASN A 147 15.56 1.37 -10.61
N ARG A 148 16.18 0.20 -10.65
CA ARG A 148 15.61 -0.98 -10.02
C ARG A 148 15.88 -0.96 -8.51
N SER A 149 14.85 -0.60 -7.77
CA SER A 149 14.92 -0.51 -6.33
C SER A 149 14.20 -1.69 -5.72
N ARG A 150 14.26 -1.82 -4.41
CA ARG A 150 13.60 -2.92 -3.74
C ARG A 150 13.11 -2.54 -2.34
N ILE A 151 12.00 -3.15 -1.94
CA ILE A 151 11.38 -2.87 -0.64
C ILE A 151 11.07 -4.17 0.10
N TYR A 152 10.90 -4.11 1.41
CA TYR A 152 10.61 -5.28 2.21
C TYR A 152 9.12 -5.36 2.52
N LEU A 153 8.39 -6.26 1.87
CA LEU A 153 6.96 -6.39 2.13
C LEU A 153 6.74 -6.95 3.53
N ASP A 154 7.61 -7.84 3.94
CA ASP A 154 7.52 -8.45 5.28
C ASP A 154 7.58 -7.37 6.39
N GLU A 155 7.86 -6.13 6.02
CA GLU A 155 7.92 -5.03 6.98
C GLU A 155 6.56 -4.68 7.52
N HIS A 156 5.64 -4.39 6.64
CA HIS A 156 4.31 -4.00 7.08
C HIS A 156 3.22 -4.90 6.53
N ILE A 157 3.61 -5.96 5.87
CA ILE A 157 2.62 -6.90 5.34
C ILE A 157 2.62 -8.20 6.14
N GLY A 158 1.54 -8.46 6.85
CA GLY A 158 1.44 -9.69 7.62
C GLY A 158 0.38 -10.65 7.09
N ASN A 159 0.33 -11.84 7.66
CA ASN A 159 -0.63 -12.86 7.25
C ASN A 159 -1.65 -13.08 8.36
N ARG A 160 -2.93 -13.01 8.02
CA ARG A 160 -4.00 -13.20 8.99
C ARG A 160 -4.88 -14.36 8.58
N ASN A 161 -4.53 -15.56 9.05
CA ASN A 161 -5.28 -16.78 8.76
C ASN A 161 -5.42 -17.01 7.25
N GLY A 162 -4.35 -16.79 6.53
CA GLY A 162 -4.36 -17.00 5.09
C GLY A 162 -4.71 -15.74 4.31
N GLU A 163 -4.78 -14.60 4.99
CA GLU A 163 -5.12 -13.35 4.32
C GLU A 163 -4.06 -12.27 4.55
N LEU A 164 -3.59 -11.71 3.45
CA LEU A 164 -2.58 -10.65 3.49
C LEU A 164 -3.15 -9.35 4.04
N ILE A 165 -2.70 -8.99 5.23
CA ILE A 165 -3.15 -7.77 5.89
C ILE A 165 -1.94 -7.05 6.47
N HIS A 166 -1.93 -5.72 6.39
CA HIS A 166 -0.83 -4.94 6.92
C HIS A 166 -0.60 -5.27 8.39
N CYS A 167 0.64 -5.68 8.71
CA CYS A 167 1.01 -6.06 10.06
C CYS A 167 0.11 -7.17 10.59
N GLY A 1 10.19 -12.05 9.25
CA GLY A 1 10.65 -11.37 10.48
C GLY A 1 11.48 -10.13 10.18
N ASN A 2 10.94 -9.25 9.36
CA ASN A 2 11.64 -8.02 9.00
C ASN A 2 11.30 -6.91 9.98
N TYR A 3 10.02 -6.57 10.06
CA TYR A 3 9.57 -5.52 10.97
C TYR A 3 8.27 -5.88 11.66
N ALA A 4 7.15 -5.63 10.97
CA ALA A 4 5.84 -5.91 11.52
C ALA A 4 5.07 -6.92 10.70
N GLY A 5 5.36 -7.01 9.41
CA GLY A 5 4.63 -7.94 8.57
C GLY A 5 4.85 -9.37 8.97
N ASN A 6 6.06 -9.87 8.73
CA ASN A 6 6.41 -11.25 9.06
C ASN A 6 5.61 -12.23 8.23
N PHE A 7 4.89 -11.73 7.22
CA PHE A 7 4.08 -12.59 6.37
C PHE A 7 4.92 -13.63 5.65
N SER A 8 6.15 -13.27 5.27
CA SER A 8 7.02 -14.19 4.56
C SER A 8 7.44 -15.35 5.45
N GLY A 9 7.25 -15.16 6.75
CA GLY A 9 7.59 -16.19 7.71
C GLY A 9 6.61 -17.36 7.69
N SER A 10 5.40 -17.12 7.18
CA SER A 10 4.39 -18.16 7.12
C SER A 10 3.76 -18.26 5.73
N SER A 11 3.90 -17.21 4.93
CA SER A 11 3.34 -17.19 3.60
C SER A 11 4.38 -17.63 2.60
N ARG A 12 3.99 -18.50 1.69
CA ARG A 12 4.89 -18.98 0.68
C ARG A 12 4.42 -18.45 -0.67
N ASP A 13 5.13 -18.82 -1.72
CA ASP A 13 4.83 -18.40 -3.09
C ASP A 13 4.43 -16.93 -3.17
N ILE A 14 5.20 -16.07 -2.53
CA ILE A 14 4.91 -14.66 -2.54
C ILE A 14 5.39 -14.04 -3.84
N CYS A 15 4.46 -13.76 -4.72
CA CYS A 15 4.74 -13.14 -6.02
C CYS A 15 3.55 -12.27 -6.41
N LEU A 16 3.81 -11.01 -6.71
CA LEU A 16 2.75 -10.09 -7.08
C LEU A 16 2.51 -10.02 -8.57
N ASP A 17 1.29 -9.64 -8.91
CA ASP A 17 0.89 -9.46 -10.29
C ASP A 17 1.06 -7.98 -10.63
N GLY A 18 2.32 -7.59 -10.80
CA GLY A 18 2.64 -6.22 -11.13
C GLY A 18 2.65 -5.33 -9.91
N ALA A 19 1.52 -5.29 -9.22
CA ALA A 19 1.39 -4.48 -8.03
C ALA A 19 0.48 -5.17 -7.02
N ARG A 20 -0.15 -6.26 -7.45
CA ARG A 20 -1.03 -7.01 -6.56
C ARG A 20 -0.28 -8.17 -5.92
N LEU A 21 0.22 -7.92 -4.71
CA LEU A 21 0.98 -8.91 -3.95
C LEU A 21 0.19 -10.17 -3.68
N ARG A 22 0.76 -11.30 -4.02
CA ARG A 22 0.07 -12.57 -3.81
C ARG A 22 0.98 -13.55 -3.10
N ALA A 23 0.48 -14.15 -2.05
CA ALA A 23 1.23 -15.12 -1.27
C ALA A 23 0.32 -16.14 -0.63
N GLU A 24 0.84 -17.33 -0.51
CA GLU A 24 0.15 -18.44 0.11
C GLU A 24 0.34 -18.36 1.62
N CYS A 25 -0.45 -17.52 2.26
CA CYS A 25 -0.38 -17.32 3.70
C CYS A 25 -0.81 -18.56 4.46
N ARG A 26 0.04 -19.00 5.38
CA ARG A 26 -0.26 -20.17 6.20
C ARG A 26 -1.30 -19.85 7.26
N ARG A 27 -2.45 -20.50 7.16
CA ARG A 27 -3.52 -20.29 8.12
C ARG A 27 -3.37 -21.26 9.28
N GLY A 28 -4.00 -20.89 10.39
CA GLY A 28 -3.95 -21.68 11.63
C GLY A 28 -4.33 -23.13 11.46
N ASP A 29 -4.98 -23.46 10.35
CA ASP A 29 -5.35 -24.85 10.08
C ASP A 29 -4.11 -25.66 9.72
N GLY A 30 -3.01 -24.94 9.48
CA GLY A 30 -1.77 -25.58 9.11
C GLY A 30 -1.64 -25.66 7.62
N GLY A 31 -2.55 -24.98 6.93
CA GLY A 31 -2.53 -25.02 5.48
C GLY A 31 -2.20 -23.67 4.87
N TYR A 32 -1.85 -23.68 3.58
CA TYR A 32 -1.51 -22.45 2.88
C TYR A 32 -2.69 -21.99 2.04
N SER A 33 -3.00 -20.71 2.12
CA SER A 33 -4.09 -20.14 1.35
C SER A 33 -3.60 -18.99 0.48
N THR A 34 -3.92 -19.04 -0.81
CA THR A 34 -3.50 -18.00 -1.73
C THR A 34 -4.18 -16.67 -1.41
N SER A 35 -3.40 -15.69 -1.01
CA SER A 35 -3.91 -14.38 -0.67
C SER A 35 -3.28 -13.32 -1.58
N VAL A 36 -4.01 -12.26 -1.86
CA VAL A 36 -3.50 -11.19 -2.70
C VAL A 36 -3.94 -9.81 -2.20
N ILE A 37 -3.01 -8.87 -2.19
CA ILE A 37 -3.26 -7.53 -1.70
C ILE A 37 -2.70 -6.48 -2.66
N ASP A 38 -3.41 -5.36 -2.80
CA ASP A 38 -2.98 -4.29 -3.70
C ASP A 38 -1.86 -3.47 -3.10
N LEU A 39 -0.63 -3.76 -3.49
CA LEU A 39 0.51 -3.01 -3.01
C LEU A 39 0.58 -1.66 -3.71
N ASN A 40 -0.28 -1.47 -4.69
CA ASN A 40 -0.35 -0.23 -5.45
C ASN A 40 -0.75 0.91 -4.51
N ARG A 41 -1.38 0.55 -3.40
CA ARG A 41 -1.81 1.53 -2.42
C ARG A 41 -1.01 1.41 -1.14
N TYR A 42 0.14 0.78 -1.25
CA TYR A 42 1.02 0.60 -0.10
C TYR A 42 2.45 0.99 -0.46
N LEU A 43 2.82 0.77 -1.70
CA LEU A 43 4.15 1.09 -2.18
C LEU A 43 4.12 2.27 -3.13
N SER A 44 5.08 3.15 -2.99
CA SER A 44 5.20 4.33 -3.83
C SER A 44 6.63 4.47 -4.31
N ASN A 45 6.81 4.94 -5.54
CA ASN A 45 8.15 5.13 -6.08
C ASN A 45 8.67 6.52 -5.73
N ASP A 46 9.61 6.57 -4.79
CA ASP A 46 10.17 7.85 -4.36
C ASP A 46 11.55 8.06 -4.97
N ASN A 47 11.58 8.72 -6.12
CA ASN A 47 12.81 9.02 -6.84
C ASN A 47 13.70 7.77 -7.00
N GLY A 48 13.08 6.66 -7.36
CA GLY A 48 13.83 5.44 -7.58
C GLY A 48 14.04 4.64 -6.31
N HIS A 49 13.11 4.75 -5.38
CA HIS A 49 13.19 4.00 -4.13
C HIS A 49 11.78 3.76 -3.59
N PHE A 50 11.46 2.50 -3.35
CA PHE A 50 10.13 2.14 -2.83
C PHE A 50 9.89 2.74 -1.46
N ARG A 51 8.64 3.13 -1.23
CA ARG A 51 8.23 3.71 0.04
C ARG A 51 6.80 3.30 0.40
N TRP A 52 6.62 2.90 1.66
CA TRP A 52 5.32 2.53 2.19
C TRP A 52 4.47 3.77 2.44
N VAL A 53 3.18 3.68 2.16
CA VAL A 53 2.27 4.79 2.37
C VAL A 53 2.17 5.13 3.87
N SER A 54 2.62 6.32 4.22
CA SER A 54 2.59 6.76 5.60
C SER A 54 1.33 7.58 5.89
N GLY A 55 0.62 7.94 4.83
CA GLY A 55 -0.59 8.72 4.99
C GLY A 55 -1.85 7.90 4.80
N GLY A 56 -1.67 6.64 4.43
CA GLY A 56 -2.81 5.78 4.21
C GLY A 56 -3.38 5.93 2.82
N GLY A 57 -4.69 5.96 2.72
CA GLY A 57 -5.34 6.10 1.42
C GLY A 57 -5.53 7.56 1.04
N GLY A 58 -6.66 7.86 0.42
CA GLY A 58 -6.93 9.22 0.00
C GLY A 58 -8.39 9.59 0.18
N GLY A 59 -8.80 10.68 -0.46
CA GLY A 59 -10.18 11.13 -0.36
C GLY A 59 -10.98 10.77 -1.58
N GLY A 60 -10.29 10.39 -2.65
CA GLY A 60 -10.98 10.02 -3.87
C GLY A 60 -10.69 10.98 -5.00
N GLY A 61 -11.70 11.75 -5.39
CA GLY A 61 -11.54 12.70 -6.47
C GLY A 61 -11.29 12.02 -7.80
N THR A 62 -10.08 12.19 -8.30
CA THR A 62 -9.69 11.59 -9.56
C THR A 62 -8.52 10.63 -9.36
N ALA A 63 -8.78 9.36 -9.59
CA ALA A 63 -7.77 8.31 -9.47
C ALA A 63 -7.35 7.84 -10.86
N THR A 64 -6.37 6.94 -10.92
CA THR A 64 -5.89 6.44 -12.20
C THR A 64 -5.92 4.92 -12.27
N VAL A 65 -6.74 4.39 -13.18
CA VAL A 65 -6.86 2.95 -13.36
C VAL A 65 -6.17 2.49 -14.65
N THR A 66 -5.62 1.28 -14.65
CA THR A 66 -4.94 0.74 -15.82
C THR A 66 -5.92 -0.09 -16.66
N VAL A 67 -5.93 0.20 -17.95
CA VAL A 67 -6.80 -0.48 -18.88
C VAL A 67 -6.16 -1.78 -19.33
N GLN A 68 -6.99 -2.82 -19.42
CA GLN A 68 -6.55 -4.15 -19.84
C GLN A 68 -7.09 -4.44 -21.24
N GLN A 69 -6.62 -5.54 -21.82
CA GLN A 69 -7.03 -5.91 -23.18
C GLN A 69 -8.49 -6.35 -23.22
N GLY A 70 -9.25 -5.73 -24.10
CA GLY A 70 -10.65 -6.05 -24.25
C GLY A 70 -11.57 -5.17 -23.43
N ASP A 71 -11.00 -4.11 -22.85
CA ASP A 71 -11.78 -3.18 -22.04
C ASP A 71 -11.72 -1.77 -22.62
N THR A 72 -12.89 -1.21 -22.92
CA THR A 72 -12.99 0.14 -23.45
C THR A 72 -13.48 1.08 -22.35
N LEU A 73 -13.69 2.36 -22.67
CA LEU A 73 -14.18 3.31 -21.67
C LEU A 73 -15.42 2.74 -20.99
N ARG A 74 -16.26 2.12 -21.81
CA ARG A 74 -17.51 1.52 -21.36
C ARG A 74 -17.25 0.44 -20.32
N ASP A 75 -16.24 -0.36 -20.59
CA ASP A 75 -15.88 -1.47 -19.72
C ASP A 75 -15.29 -0.94 -18.43
N ILE A 76 -14.41 0.04 -18.55
CA ILE A 76 -13.77 0.63 -17.39
C ILE A 76 -14.82 1.29 -16.52
N GLY A 77 -15.73 2.04 -17.15
CA GLY A 77 -16.79 2.70 -16.44
C GLY A 77 -17.65 1.74 -15.65
N ARG A 78 -18.21 0.75 -16.34
CA ARG A 78 -19.08 -0.23 -15.69
C ARG A 78 -18.33 -1.07 -14.66
N ARG A 79 -17.04 -1.23 -14.85
CA ARG A 79 -16.22 -2.03 -13.93
C ARG A 79 -16.00 -1.32 -12.59
N PHE A 80 -15.79 -0.01 -12.63
CA PHE A 80 -15.54 0.76 -11.42
C PHE A 80 -16.70 1.71 -11.08
N ASP A 81 -17.87 1.41 -11.65
CA ASP A 81 -19.09 2.20 -11.42
C ASP A 81 -18.87 3.68 -11.75
N CYS A 82 -18.09 3.94 -12.77
CA CYS A 82 -17.80 5.29 -13.23
C CYS A 82 -18.42 5.47 -14.62
N ASP A 83 -18.43 6.69 -15.14
CA ASP A 83 -18.99 6.90 -16.45
C ASP A 83 -17.90 6.94 -17.49
N PHE A 84 -18.07 6.11 -18.52
CA PHE A 84 -17.13 6.00 -19.63
C PHE A 84 -16.82 7.37 -20.24
N HIS A 85 -17.81 8.25 -20.17
CA HIS A 85 -17.69 9.61 -20.70
C HIS A 85 -16.80 10.44 -19.79
N GLU A 86 -16.92 10.22 -18.48
CA GLU A 86 -16.12 10.93 -17.51
C GLU A 86 -14.68 10.50 -17.64
N ILE A 87 -14.47 9.19 -17.74
CA ILE A 87 -13.14 8.62 -17.91
C ILE A 87 -12.48 9.26 -19.11
N ALA A 88 -13.24 9.32 -20.20
CA ALA A 88 -12.77 9.94 -21.41
C ALA A 88 -12.50 11.43 -21.19
N ARG A 89 -13.44 12.11 -20.56
CA ARG A 89 -13.33 13.54 -20.28
C ARG A 89 -12.07 13.85 -19.47
N ARG A 90 -11.81 13.01 -18.48
CA ARG A 90 -10.65 13.17 -17.60
C ARG A 90 -9.34 12.90 -18.32
N ASN A 91 -9.37 11.93 -19.23
CA ASN A 91 -8.16 11.57 -19.98
C ASN A 91 -8.04 12.39 -21.26
N ASN A 92 -9.06 13.20 -21.54
CA ASN A 92 -9.11 14.07 -22.71
C ASN A 92 -9.40 13.27 -23.98
N ILE A 93 -9.98 12.09 -23.79
CA ILE A 93 -10.36 11.22 -24.89
C ILE A 93 -11.88 11.20 -25.00
N GLN A 94 -12.42 10.37 -25.87
CA GLN A 94 -13.86 10.26 -26.01
C GLN A 94 -14.35 8.92 -25.48
N ASN A 95 -15.62 8.82 -25.11
CA ASN A 95 -16.15 7.56 -24.63
C ASN A 95 -15.96 6.49 -25.74
N GLU A 96 -16.48 6.80 -26.92
CA GLU A 96 -16.39 5.91 -28.07
C GLU A 96 -15.02 6.02 -28.73
N ASP A 97 -14.08 6.68 -28.04
CA ASP A 97 -12.72 6.84 -28.55
C ASP A 97 -12.07 5.48 -28.66
N LEU A 98 -12.46 4.59 -27.74
CA LEU A 98 -11.92 3.24 -27.69
C LEU A 98 -10.47 3.28 -27.21
N ILE A 99 -10.24 2.75 -26.03
CA ILE A 99 -8.93 2.71 -25.40
C ILE A 99 -8.23 1.39 -25.68
N TYR A 100 -6.98 1.28 -25.24
CA TYR A 100 -6.19 0.08 -25.45
C TYR A 100 -5.57 -0.40 -24.14
N PRO A 101 -5.20 -1.69 -24.09
CA PRO A 101 -4.63 -2.32 -22.90
C PRO A 101 -3.24 -1.80 -22.52
N GLY A 102 -3.04 -1.62 -21.23
CA GLY A 102 -1.77 -1.16 -20.72
C GLY A 102 -1.75 0.33 -20.54
N GLN A 103 -2.91 0.94 -20.64
CA GLN A 103 -3.01 2.39 -20.50
C GLN A 103 -3.53 2.74 -19.13
N VAL A 104 -3.41 4.00 -18.76
CA VAL A 104 -3.90 4.46 -17.47
C VAL A 104 -4.89 5.59 -17.66
N LEU A 105 -6.13 5.34 -17.29
CA LEU A 105 -7.20 6.31 -17.42
C LEU A 105 -7.59 6.86 -16.06
N GLN A 106 -8.09 8.08 -16.06
CA GLN A 106 -8.49 8.73 -14.83
C GLN A 106 -9.95 8.45 -14.51
N VAL A 107 -10.14 7.77 -13.39
CA VAL A 107 -11.46 7.40 -12.92
C VAL A 107 -11.65 7.88 -11.48
N PRO A 108 -12.89 8.16 -11.09
CA PRO A 108 -13.23 8.69 -9.75
C PRO A 108 -12.91 7.74 -8.59
N THR A 109 -12.73 6.46 -8.88
CA THR A 109 -12.43 5.49 -7.83
C THR A 109 -11.53 4.37 -8.34
N LYS A 110 -10.76 3.77 -7.45
CA LYS A 110 -9.87 2.68 -7.81
C LYS A 110 -10.45 1.33 -7.41
N GLY A 111 -9.64 0.28 -7.50
CA GLY A 111 -10.09 -1.05 -7.14
C GLY A 111 -10.46 -1.14 -5.67
N GLY A 112 -11.72 -1.45 -5.43
CA GLY A 112 -12.21 -1.57 -4.07
C GLY A 112 -12.55 -0.22 -3.48
N SER A 113 -11.55 0.49 -3.02
CA SER A 113 -11.75 1.80 -2.43
C SER A 113 -10.60 2.72 -2.81
N GLY A 114 -9.54 2.70 -2.00
CA GLY A 114 -8.39 3.56 -2.27
C GLY A 114 -7.21 2.77 -2.81
N GLY A 115 -7.48 1.94 -3.81
CA GLY A 115 -6.43 1.13 -4.41
C GLY A 115 -5.56 1.92 -5.37
N GLY A 116 -4.89 2.94 -4.85
CA GLY A 116 -4.04 3.77 -5.66
C GLY A 116 -3.49 4.93 -4.88
N ALA A 117 -2.82 4.60 -3.80
CA ALA A 117 -2.23 5.61 -2.92
C ALA A 117 -0.74 5.75 -3.21
N GLY A 118 -0.10 4.63 -3.47
CA GLY A 118 1.32 4.63 -3.76
C GLY A 118 1.61 4.90 -5.22
N ASN A 119 1.11 4.02 -6.08
CA ASN A 119 1.28 4.17 -7.53
C ASN A 119 2.70 3.88 -7.97
N PHE A 120 3.43 3.08 -7.20
CA PHE A 120 4.79 2.74 -7.57
C PHE A 120 4.81 2.12 -8.96
N TRP A 121 3.80 1.30 -9.23
CA TRP A 121 3.63 0.57 -10.49
C TRP A 121 3.56 1.50 -11.70
N ASP A 122 2.98 2.68 -11.50
CA ASP A 122 2.82 3.66 -12.57
C ASP A 122 4.15 3.91 -13.25
N SER A 123 5.18 3.95 -12.45
CA SER A 123 6.51 4.19 -12.95
C SER A 123 7.44 3.04 -12.56
N ALA A 124 6.87 1.86 -12.36
CA ALA A 124 7.67 0.69 -12.02
C ALA A 124 7.61 -0.36 -13.11
N ARG A 125 8.77 -0.90 -13.47
CA ARG A 125 8.86 -1.93 -14.48
C ARG A 125 9.70 -3.08 -13.97
N ASP A 126 9.53 -4.27 -14.57
CA ASP A 126 10.28 -5.46 -14.17
C ASP A 126 10.12 -5.71 -12.66
N VAL A 127 8.87 -5.61 -12.21
CA VAL A 127 8.55 -5.81 -10.81
C VAL A 127 8.49 -7.29 -10.46
N ARG A 128 9.30 -7.70 -9.51
CA ARG A 128 9.32 -9.10 -9.09
C ARG A 128 9.62 -9.21 -7.60
N LEU A 129 9.06 -10.21 -6.96
CA LEU A 129 9.29 -10.41 -5.53
C LEU A 129 10.53 -11.25 -5.33
N VAL A 130 11.44 -10.74 -4.51
CA VAL A 130 12.68 -11.43 -4.24
C VAL A 130 12.78 -11.82 -2.77
N ASP A 131 13.60 -12.83 -2.52
CA ASP A 131 13.85 -13.36 -1.17
C ASP A 131 12.62 -14.06 -0.62
N GLY A 132 11.58 -14.14 -1.43
CA GLY A 132 10.38 -14.81 -0.99
C GLY A 132 9.31 -13.86 -0.49
N GLY A 133 9.30 -12.64 -1.01
CA GLY A 133 8.25 -11.69 -0.60
C GLY A 133 8.72 -10.71 0.49
N LYS A 134 9.76 -11.10 1.20
CA LYS A 134 10.29 -10.22 2.21
C LYS A 134 10.92 -9.01 1.54
N VAL A 135 11.15 -9.13 0.23
CA VAL A 135 11.70 -8.04 -0.57
C VAL A 135 11.00 -7.99 -1.94
N LEU A 136 10.85 -6.80 -2.48
CA LEU A 136 10.23 -6.56 -3.77
C LEU A 136 11.16 -5.68 -4.59
N GLU A 137 11.58 -6.14 -5.75
CA GLU A 137 12.50 -5.39 -6.57
C GLU A 137 11.88 -5.00 -7.91
N ALA A 138 12.12 -3.77 -8.32
CA ALA A 138 11.59 -3.24 -9.56
C ALA A 138 12.38 -2.03 -10.05
N GLU A 139 12.10 -1.63 -11.27
CA GLU A 139 12.72 -0.48 -11.89
C GLU A 139 11.81 0.73 -11.69
N LEU A 140 12.18 1.62 -10.79
CA LEU A 140 11.38 2.79 -10.51
C LEU A 140 11.88 4.01 -11.28
N ARG A 141 10.97 4.61 -12.02
CA ARG A 141 11.23 5.80 -12.80
C ARG A 141 11.42 6.99 -11.88
N TYR A 142 12.35 7.86 -12.23
CA TYR A 142 12.62 9.02 -11.43
C TYR A 142 13.17 10.16 -12.28
N SER A 143 13.57 11.24 -11.63
CA SER A 143 14.10 12.41 -12.33
C SER A 143 15.30 12.07 -13.23
N GLY A 144 16.00 11.00 -12.92
CA GLY A 144 17.17 10.63 -13.71
C GLY A 144 16.95 9.40 -14.57
N GLY A 145 15.71 9.15 -14.96
CA GLY A 145 15.42 8.00 -15.79
C GLY A 145 14.82 6.86 -15.00
N TRP A 146 15.50 5.73 -14.97
CA TRP A 146 15.02 4.57 -14.24
C TRP A 146 16.10 4.06 -13.27
N ASN A 147 15.66 3.61 -12.10
CA ASN A 147 16.57 3.10 -11.09
C ASN A 147 15.99 1.86 -10.45
N ARG A 148 16.81 0.85 -10.24
CA ARG A 148 16.34 -0.39 -9.65
C ARG A 148 16.33 -0.29 -8.13
N SER A 149 15.14 -0.33 -7.56
CA SER A 149 14.97 -0.23 -6.12
C SER A 149 14.23 -1.45 -5.61
N ARG A 150 14.23 -1.64 -4.30
CA ARG A 150 13.54 -2.76 -3.69
C ARG A 150 13.00 -2.40 -2.31
N ILE A 151 11.84 -2.97 -1.99
CA ILE A 151 11.18 -2.72 -0.70
C ILE A 151 10.91 -4.04 0.00
N TYR A 152 10.89 -4.02 1.32
CA TYR A 152 10.65 -5.23 2.08
C TYR A 152 9.18 -5.35 2.45
N LEU A 153 8.44 -6.23 1.75
CA LEU A 153 7.03 -6.39 2.06
C LEU A 153 6.86 -6.95 3.45
N ASP A 154 7.76 -7.85 3.84
CA ASP A 154 7.72 -8.45 5.18
C ASP A 154 7.78 -7.38 6.30
N GLU A 155 8.02 -6.12 5.92
CA GLU A 155 8.09 -5.03 6.89
C GLU A 155 6.74 -4.69 7.47
N HIS A 156 5.79 -4.42 6.61
CA HIS A 156 4.46 -4.05 7.09
C HIS A 156 3.37 -4.91 6.52
N ILE A 157 3.75 -5.93 5.77
CA ILE A 157 2.78 -6.84 5.22
C ILE A 157 2.76 -8.12 6.04
N GLY A 158 1.71 -8.30 6.83
CA GLY A 158 1.60 -9.47 7.65
C GLY A 158 0.49 -10.39 7.17
N ASN A 159 0.53 -11.63 7.61
CA ASN A 159 -0.48 -12.59 7.22
C ASN A 159 -1.46 -12.81 8.38
N ARG A 160 -2.74 -12.85 8.05
CA ARG A 160 -3.76 -13.07 9.04
C ARG A 160 -4.54 -14.35 8.71
N ASN A 161 -4.02 -15.48 9.19
CA ASN A 161 -4.62 -16.79 8.96
C ASN A 161 -4.98 -17.03 7.50
N GLY A 162 -4.04 -16.79 6.60
CA GLY A 162 -4.28 -17.02 5.19
C GLY A 162 -4.62 -15.77 4.41
N GLU A 163 -4.52 -14.62 5.06
CA GLU A 163 -4.81 -13.35 4.39
C GLU A 163 -3.63 -12.40 4.48
N LEU A 164 -3.54 -11.50 3.51
CA LEU A 164 -2.48 -10.51 3.46
C LEU A 164 -2.98 -9.15 3.91
N ILE A 165 -2.37 -8.60 4.95
CA ILE A 165 -2.77 -7.31 5.48
C ILE A 165 -1.56 -6.55 6.05
N HIS A 166 -1.81 -5.36 6.57
CA HIS A 166 -0.76 -4.54 7.15
C HIS A 166 -0.45 -5.08 8.54
N CYS A 167 0.71 -5.72 8.69
CA CYS A 167 1.12 -6.32 9.96
C CYS A 167 0.07 -7.31 10.50
N GLY A 1 10.62 -12.26 8.47
CA GLY A 1 11.04 -11.72 9.79
C GLY A 1 11.79 -10.42 9.67
N ASN A 2 11.21 -9.47 8.95
CA ASN A 2 11.83 -8.17 8.76
C ASN A 2 11.40 -7.18 9.83
N TYR A 3 10.14 -6.76 9.79
CA TYR A 3 9.65 -5.79 10.75
C TYR A 3 8.31 -6.20 11.37
N ALA A 4 7.23 -5.62 10.88
CA ALA A 4 5.90 -5.88 11.40
C ALA A 4 5.15 -6.94 10.60
N GLY A 5 5.40 -7.00 9.29
CA GLY A 5 4.71 -7.96 8.48
C GLY A 5 5.01 -9.39 8.86
N ASN A 6 6.21 -9.86 8.49
CA ASN A 6 6.64 -11.22 8.77
C ASN A 6 5.79 -12.23 8.00
N PHE A 7 5.06 -11.74 6.98
CA PHE A 7 4.22 -12.61 6.19
C PHE A 7 5.04 -13.68 5.47
N SER A 8 6.25 -13.34 5.04
CA SER A 8 7.11 -14.29 4.33
C SER A 8 7.48 -15.46 5.23
N GLY A 9 7.38 -15.22 6.54
CA GLY A 9 7.70 -16.25 7.51
C GLY A 9 6.68 -17.39 7.55
N SER A 10 5.44 -17.09 7.14
CA SER A 10 4.40 -18.10 7.14
C SER A 10 3.76 -18.23 5.77
N SER A 11 4.05 -17.29 4.88
CA SER A 11 3.50 -17.31 3.54
C SER A 11 4.58 -17.69 2.55
N ARG A 12 4.25 -18.60 1.67
CA ARG A 12 5.19 -19.03 0.67
C ARG A 12 4.68 -18.56 -0.69
N ASP A 13 5.43 -18.89 -1.72
CA ASP A 13 5.09 -18.53 -3.09
C ASP A 13 4.62 -17.08 -3.20
N ILE A 14 5.37 -16.17 -2.57
CA ILE A 14 5.03 -14.77 -2.59
C ILE A 14 5.50 -14.14 -3.90
N CYS A 15 4.56 -13.84 -4.78
CA CYS A 15 4.83 -13.23 -6.07
C CYS A 15 3.67 -12.32 -6.48
N LEU A 16 3.97 -11.07 -6.80
CA LEU A 16 2.94 -10.13 -7.23
C LEU A 16 2.92 -9.93 -8.71
N ASP A 17 1.80 -9.46 -9.20
CA ASP A 17 1.63 -9.16 -10.60
C ASP A 17 1.70 -7.65 -10.74
N GLY A 18 2.92 -7.14 -10.68
CA GLY A 18 3.15 -5.71 -10.81
C GLY A 18 2.97 -5.00 -9.49
N ALA A 19 1.81 -5.20 -8.89
CA ALA A 19 1.49 -4.59 -7.62
C ALA A 19 0.54 -5.49 -6.83
N ARG A 20 -0.03 -6.48 -7.52
CA ARG A 20 -0.97 -7.41 -6.89
C ARG A 20 -0.20 -8.53 -6.16
N LEU A 21 0.20 -8.26 -4.91
CA LEU A 21 0.94 -9.22 -4.10
C LEU A 21 0.17 -10.48 -3.81
N ARG A 22 0.79 -11.60 -4.08
CA ARG A 22 0.14 -12.89 -3.89
C ARG A 22 1.06 -13.86 -3.17
N ALA A 23 0.61 -14.36 -2.03
CA ALA A 23 1.39 -15.30 -1.24
C ALA A 23 0.52 -16.34 -0.60
N GLU A 24 1.07 -17.52 -0.47
CA GLU A 24 0.42 -18.66 0.15
C GLU A 24 0.55 -18.56 1.67
N CYS A 25 -0.25 -17.69 2.25
CA CYS A 25 -0.25 -17.47 3.68
C CYS A 25 -0.71 -18.70 4.46
N ARG A 26 0.13 -19.15 5.38
CA ARG A 26 -0.19 -20.30 6.21
C ARG A 26 -1.39 -19.98 7.09
N ARG A 27 -2.32 -20.91 7.17
CA ARG A 27 -3.50 -20.73 7.97
C ARG A 27 -3.51 -21.74 9.11
N GLY A 28 -4.17 -21.35 10.19
CA GLY A 28 -4.25 -22.17 11.40
C GLY A 28 -4.87 -23.53 11.17
N ASP A 29 -5.43 -23.73 9.99
CA ASP A 29 -6.03 -25.00 9.63
C ASP A 29 -4.95 -25.99 9.23
N GLY A 30 -3.70 -25.54 9.29
CA GLY A 30 -2.58 -26.39 8.96
C GLY A 30 -2.30 -26.39 7.49
N GLY A 31 -2.91 -25.47 6.77
CA GLY A 31 -2.71 -25.40 5.33
C GLY A 31 -2.36 -24.01 4.85
N TYR A 32 -1.78 -23.92 3.67
CA TYR A 32 -1.40 -22.65 3.09
C TYR A 32 -2.50 -22.17 2.15
N SER A 33 -3.00 -20.97 2.38
CA SER A 33 -4.05 -20.41 1.56
C SER A 33 -3.52 -19.29 0.67
N THR A 34 -3.94 -19.26 -0.59
CA THR A 34 -3.49 -18.24 -1.51
C THR A 34 -4.13 -16.90 -1.16
N SER A 35 -3.31 -15.98 -0.72
CA SER A 35 -3.77 -14.66 -0.36
C SER A 35 -3.16 -13.64 -1.31
N VAL A 36 -3.90 -12.58 -1.61
CA VAL A 36 -3.42 -11.56 -2.52
C VAL A 36 -3.87 -10.16 -2.09
N ILE A 37 -2.92 -9.22 -2.10
CA ILE A 37 -3.18 -7.85 -1.66
C ILE A 37 -2.58 -6.84 -2.64
N ASP A 38 -3.13 -5.63 -2.69
CA ASP A 38 -2.62 -4.61 -3.60
C ASP A 38 -1.53 -3.79 -2.91
N LEU A 39 -0.31 -3.92 -3.38
CA LEU A 39 0.80 -3.17 -2.82
C LEU A 39 0.90 -1.81 -3.50
N ASN A 40 0.06 -1.60 -4.51
CA ASN A 40 0.05 -0.32 -5.22
C ASN A 40 -0.56 0.75 -4.31
N ARG A 41 -1.22 0.28 -3.27
CA ARG A 41 -1.84 1.16 -2.30
C ARG A 41 -1.04 1.19 -1.00
N TYR A 42 0.18 0.67 -1.05
CA TYR A 42 1.05 0.63 0.12
C TYR A 42 2.48 1.09 -0.24
N LEU A 43 2.87 0.86 -1.48
CA LEU A 43 4.19 1.22 -1.95
C LEU A 43 4.13 2.38 -2.91
N SER A 44 5.09 3.27 -2.80
CA SER A 44 5.18 4.44 -3.65
C SER A 44 6.58 4.54 -4.25
N ASN A 45 6.68 5.01 -5.49
CA ASN A 45 7.98 5.17 -6.11
C ASN A 45 8.51 6.57 -5.80
N ASP A 46 9.46 6.64 -4.89
CA ASP A 46 10.05 7.91 -4.48
C ASP A 46 11.44 8.08 -5.05
N ASN A 47 11.50 8.74 -6.19
CA ASN A 47 12.76 9.05 -6.89
C ASN A 47 13.64 7.81 -7.04
N GLY A 48 13.03 6.69 -7.40
CA GLY A 48 13.80 5.48 -7.61
C GLY A 48 14.01 4.69 -6.33
N HIS A 49 13.06 4.80 -5.42
CA HIS A 49 13.11 4.07 -4.16
C HIS A 49 11.71 3.86 -3.63
N PHE A 50 11.37 2.61 -3.32
CA PHE A 50 10.05 2.28 -2.80
C PHE A 50 9.80 2.96 -1.45
N ARG A 51 8.55 3.27 -1.18
CA ARG A 51 8.17 3.92 0.07
C ARG A 51 6.81 3.44 0.56
N TRP A 52 6.77 3.05 1.83
CA TRP A 52 5.55 2.60 2.48
C TRP A 52 4.66 3.78 2.82
N VAL A 53 3.38 3.66 2.51
CA VAL A 53 2.40 4.70 2.82
C VAL A 53 1.28 4.13 3.68
N SER A 54 1.66 3.50 4.79
CA SER A 54 0.69 2.88 5.70
C SER A 54 -0.03 3.94 6.54
N GLY A 55 0.20 5.20 6.22
CA GLY A 55 -0.44 6.28 6.95
C GLY A 55 -1.09 7.29 6.02
N GLY A 56 -1.45 6.82 4.83
CA GLY A 56 -2.08 7.69 3.85
C GLY A 56 -3.58 7.82 4.07
N GLY A 57 -3.96 8.25 5.26
CA GLY A 57 -5.36 8.40 5.59
C GLY A 57 -5.72 7.70 6.87
N GLY A 58 -6.63 6.75 6.79
CA GLY A 58 -7.06 6.00 7.95
C GLY A 58 -7.90 4.80 7.57
N GLY A 59 -8.37 4.06 8.57
CA GLY A 59 -9.19 2.91 8.29
C GLY A 59 -10.19 2.64 9.39
N GLY A 60 -10.92 3.67 9.79
CA GLY A 60 -11.90 3.54 10.84
C GLY A 60 -11.36 3.99 12.19
N GLY A 61 -12.26 4.15 13.16
CA GLY A 61 -11.85 4.56 14.47
C GLY A 61 -12.12 6.04 14.71
N THR A 62 -11.20 6.72 15.38
CA THR A 62 -11.35 8.13 15.66
C THR A 62 -10.14 8.91 15.17
N ALA A 63 -10.38 9.83 14.26
CA ALA A 63 -9.32 10.66 13.69
C ALA A 63 -9.66 12.14 13.88
N THR A 64 -8.76 13.01 13.48
CA THR A 64 -8.98 14.44 13.64
C THR A 64 -8.79 15.19 12.33
N VAL A 65 -9.85 15.75 11.79
CA VAL A 65 -9.76 16.48 10.53
C VAL A 65 -9.76 18.00 10.79
N THR A 66 -8.94 18.71 10.05
CA THR A 66 -8.87 20.17 10.16
C THR A 66 -9.89 20.80 9.24
N VAL A 67 -10.73 21.65 9.79
CA VAL A 67 -11.75 22.33 9.04
C VAL A 67 -11.14 23.44 8.22
N GLN A 68 -11.49 23.46 6.94
CA GLN A 68 -11.00 24.46 6.00
C GLN A 68 -12.08 25.50 5.73
N GLN A 69 -11.69 26.58 5.07
CA GLN A 69 -12.61 27.66 4.73
C GLN A 69 -13.72 27.16 3.82
N GLY A 70 -14.96 27.31 4.27
CA GLY A 70 -16.10 26.90 3.46
C GLY A 70 -16.58 25.51 3.81
N ASP A 71 -16.18 25.00 4.97
CA ASP A 71 -16.61 23.68 5.39
C ASP A 71 -17.34 23.74 6.73
N THR A 72 -18.52 23.13 6.78
CA THR A 72 -19.30 23.07 8.01
C THR A 72 -19.39 21.61 8.43
N LEU A 73 -20.04 21.31 9.57
CA LEU A 73 -20.18 19.92 10.01
C LEU A 73 -20.74 19.09 8.87
N ARG A 74 -21.74 19.68 8.21
CA ARG A 74 -22.43 19.03 7.10
C ARG A 74 -21.46 18.71 5.96
N ASP A 75 -20.55 19.62 5.68
CA ASP A 75 -19.60 19.43 4.60
C ASP A 75 -18.58 18.37 4.99
N ILE A 76 -18.08 18.46 6.21
CA ILE A 76 -17.10 17.50 6.71
C ILE A 76 -17.67 16.10 6.65
N GLY A 77 -18.91 15.96 7.11
CA GLY A 77 -19.58 14.67 7.11
C GLY A 77 -19.67 14.04 5.72
N ARG A 78 -20.13 14.81 4.74
CA ARG A 78 -20.28 14.29 3.38
C ARG A 78 -18.92 14.15 2.69
N ARG A 79 -17.96 14.96 3.11
CA ARG A 79 -16.63 14.96 2.52
C ARG A 79 -15.79 13.77 2.98
N PHE A 80 -15.90 13.40 4.25
CA PHE A 80 -15.11 12.30 4.79
C PHE A 80 -15.94 11.08 5.17
N ASP A 81 -17.15 10.99 4.61
CA ASP A 81 -18.08 9.87 4.86
C ASP A 81 -18.32 9.66 6.35
N CYS A 82 -18.74 10.71 7.01
CA CYS A 82 -19.03 10.70 8.42
C CYS A 82 -20.34 11.45 8.68
N ASP A 83 -20.83 11.41 9.90
CA ASP A 83 -22.07 12.10 10.20
C ASP A 83 -21.76 13.43 10.85
N PHE A 84 -22.27 14.50 10.23
CA PHE A 84 -22.08 15.87 10.71
C PHE A 84 -22.50 16.03 12.17
N HIS A 85 -23.43 15.20 12.61
CA HIS A 85 -23.90 15.24 13.98
C HIS A 85 -22.90 14.59 14.91
N GLU A 86 -22.23 13.56 14.40
CA GLU A 86 -21.20 12.85 15.14
C GLU A 86 -20.00 13.75 15.31
N ILE A 87 -19.59 14.36 14.19
CA ILE A 87 -18.46 15.28 14.18
C ILE A 87 -18.70 16.35 15.23
N ALA A 88 -19.94 16.85 15.25
CA ALA A 88 -20.34 17.85 16.20
C ALA A 88 -20.25 17.32 17.63
N ARG A 89 -20.85 16.16 17.89
CA ARG A 89 -20.84 15.58 19.24
C ARG A 89 -19.41 15.27 19.72
N ARG A 90 -18.54 14.93 18.78
CA ARG A 90 -17.16 14.62 19.09
C ARG A 90 -16.44 15.86 19.62
N ASN A 91 -16.77 17.00 19.04
CA ASN A 91 -16.17 18.28 19.43
C ASN A 91 -17.03 18.98 20.48
N ASN A 92 -18.18 18.38 20.78
CA ASN A 92 -19.13 18.92 21.77
C ASN A 92 -19.95 20.06 21.18
N ILE A 93 -19.94 20.15 19.86
CA ILE A 93 -20.71 21.16 19.15
C ILE A 93 -21.96 20.51 18.58
N GLN A 94 -22.73 21.27 17.83
CA GLN A 94 -23.93 20.74 17.22
C GLN A 94 -23.77 20.68 15.72
N ASN A 95 -24.58 19.88 15.04
CA ASN A 95 -24.50 19.77 13.59
C ASN A 95 -24.65 21.16 12.96
N GLU A 96 -25.78 21.79 13.26
CA GLU A 96 -26.12 23.11 12.76
C GLU A 96 -25.34 24.20 13.50
N ASP A 97 -24.35 23.81 14.26
CA ASP A 97 -23.52 24.76 15.00
C ASP A 97 -22.74 25.59 14.01
N LEU A 98 -22.33 24.93 12.93
CA LEU A 98 -21.53 25.57 11.89
C LEU A 98 -20.13 25.88 12.42
N ILE A 99 -19.15 25.23 11.82
CA ILE A 99 -17.76 25.36 12.22
C ILE A 99 -17.03 26.41 11.39
N TYR A 100 -15.77 26.64 11.72
CA TYR A 100 -14.96 27.64 11.03
C TYR A 100 -13.63 27.05 10.58
N PRO A 101 -12.99 27.66 9.57
CA PRO A 101 -11.71 27.20 9.04
C PRO A 101 -10.58 27.33 10.05
N GLY A 102 -9.77 26.28 10.13
CA GLY A 102 -8.64 26.27 11.04
C GLY A 102 -8.99 25.57 12.32
N GLN A 103 -10.02 24.73 12.27
CA GLN A 103 -10.44 23.98 13.45
C GLN A 103 -10.12 22.51 13.27
N VAL A 104 -10.17 21.76 14.33
CA VAL A 104 -9.90 20.33 14.27
C VAL A 104 -11.08 19.57 14.87
N LEU A 105 -11.74 18.80 14.04
CA LEU A 105 -12.90 18.03 14.47
C LEU A 105 -12.58 16.55 14.47
N GLN A 106 -13.25 15.81 15.34
CA GLN A 106 -13.03 14.38 15.42
C GLN A 106 -13.98 13.64 14.50
N VAL A 107 -13.39 13.01 13.51
CA VAL A 107 -14.11 12.25 12.52
C VAL A 107 -13.57 10.82 12.48
N PRO A 108 -14.41 9.86 12.11
CA PRO A 108 -14.04 8.44 12.08
C PRO A 108 -12.92 8.08 11.11
N THR A 109 -12.69 8.92 10.13
CA THR A 109 -11.62 8.66 9.16
C THR A 109 -11.10 9.94 8.54
N LYS A 110 -9.88 9.89 8.05
CA LYS A 110 -9.23 11.04 7.44
C LYS A 110 -9.39 11.00 5.92
N GLY A 111 -8.62 11.81 5.21
CA GLY A 111 -8.70 11.84 3.76
C GLY A 111 -8.01 10.65 3.12
N GLY A 112 -8.52 9.46 3.38
CA GLY A 112 -7.95 8.26 2.82
C GLY A 112 -8.98 7.16 2.68
N SER A 113 -8.99 6.49 1.54
CA SER A 113 -9.93 5.42 1.30
C SER A 113 -9.23 4.20 0.69
N GLY A 114 -7.91 4.22 0.75
CA GLY A 114 -7.11 3.13 0.22
C GLY A 114 -7.20 3.02 -1.29
N GLY A 115 -7.16 4.16 -1.96
CA GLY A 115 -7.24 4.19 -3.40
C GLY A 115 -6.08 4.91 -4.02
N GLY A 116 -5.04 4.15 -4.39
CA GLY A 116 -3.87 4.76 -4.98
C GLY A 116 -3.09 5.57 -3.98
N ALA A 117 -2.77 4.93 -2.88
CA ALA A 117 -2.04 5.57 -1.80
C ALA A 117 -0.56 5.62 -2.14
N GLY A 118 -0.11 4.63 -2.90
CA GLY A 118 1.27 4.57 -3.27
C GLY A 118 1.51 4.93 -4.72
N ASN A 119 1.04 4.06 -5.62
CA ASN A 119 1.16 4.27 -7.06
C ASN A 119 2.58 4.02 -7.54
N PHE A 120 3.31 3.14 -6.86
CA PHE A 120 4.67 2.82 -7.26
C PHE A 120 4.68 2.19 -8.66
N TRP A 121 3.68 1.34 -8.91
CA TRP A 121 3.54 0.62 -10.18
C TRP A 121 3.36 1.56 -11.35
N ASP A 122 2.70 2.69 -11.09
CA ASP A 122 2.43 3.68 -12.11
C ASP A 122 3.72 4.07 -12.83
N SER A 123 4.80 4.16 -12.07
CA SER A 123 6.08 4.50 -12.63
C SER A 123 7.10 3.42 -12.33
N ALA A 124 6.63 2.20 -12.14
CA ALA A 124 7.52 1.07 -11.89
C ALA A 124 7.58 0.17 -13.11
N ARG A 125 8.75 -0.40 -13.36
CA ARG A 125 8.93 -1.29 -14.49
C ARG A 125 9.59 -2.58 -14.02
N ASP A 126 9.11 -3.71 -14.54
CA ASP A 126 9.63 -5.03 -14.19
C ASP A 126 9.60 -5.24 -12.68
N VAL A 127 8.40 -5.32 -12.14
CA VAL A 127 8.23 -5.51 -10.71
C VAL A 127 8.14 -7.00 -10.39
N ARG A 128 9.00 -7.46 -9.51
CA ARG A 128 9.03 -8.86 -9.14
C ARG A 128 9.46 -9.03 -7.70
N LEU A 129 8.93 -10.06 -7.04
CA LEU A 129 9.27 -10.31 -5.65
C LEU A 129 10.52 -11.16 -5.55
N VAL A 130 11.41 -10.77 -4.67
CA VAL A 130 12.66 -11.49 -4.47
C VAL A 130 12.84 -11.82 -2.99
N ASP A 131 13.64 -12.84 -2.74
CA ASP A 131 13.97 -13.28 -1.39
C ASP A 131 12.79 -13.99 -0.76
N GLY A 132 11.71 -14.11 -1.52
CA GLY A 132 10.53 -14.79 -1.03
C GLY A 132 9.45 -13.84 -0.54
N GLY A 133 9.40 -12.62 -1.07
CA GLY A 133 8.34 -11.68 -0.66
C GLY A 133 8.82 -10.69 0.40
N LYS A 134 9.87 -11.08 1.11
CA LYS A 134 10.45 -10.21 2.10
C LYS A 134 11.02 -8.98 1.40
N VAL A 135 11.27 -9.11 0.11
CA VAL A 135 11.79 -8.00 -0.69
C VAL A 135 11.05 -7.94 -2.05
N LEU A 136 10.87 -6.72 -2.54
CA LEU A 136 10.21 -6.46 -3.80
C LEU A 136 11.14 -5.63 -4.67
N GLU A 137 11.49 -6.14 -5.83
CA GLU A 137 12.42 -5.46 -6.73
C GLU A 137 11.72 -4.97 -8.00
N ALA A 138 12.02 -3.72 -8.37
CA ALA A 138 11.45 -3.10 -9.57
C ALA A 138 12.26 -1.88 -9.97
N GLU A 139 12.09 -1.46 -11.20
CA GLU A 139 12.76 -0.27 -11.71
C GLU A 139 11.80 0.90 -11.56
N LEU A 140 12.11 1.80 -10.65
CA LEU A 140 11.25 2.95 -10.42
C LEU A 140 11.75 4.17 -11.20
N ARG A 141 10.80 4.88 -11.79
CA ARG A 141 11.08 6.07 -12.56
C ARG A 141 11.45 7.22 -11.65
N TYR A 142 12.40 8.02 -12.08
CA TYR A 142 12.84 9.15 -11.30
C TYR A 142 13.57 10.18 -12.16
N SER A 143 14.17 11.17 -11.52
CA SER A 143 14.89 12.23 -12.20
C SER A 143 15.97 11.67 -13.15
N GLY A 144 16.55 10.53 -12.78
CA GLY A 144 17.59 9.95 -13.60
C GLY A 144 17.09 8.85 -14.52
N GLY A 145 15.79 8.78 -14.72
CA GLY A 145 15.23 7.76 -15.59
C GLY A 145 14.62 6.61 -14.82
N TRP A 146 15.27 5.45 -14.88
CA TRP A 146 14.78 4.27 -14.20
C TRP A 146 15.92 3.59 -13.43
N ASN A 147 15.70 3.30 -12.16
CA ASN A 147 16.73 2.66 -11.35
C ASN A 147 16.16 1.46 -10.60
N ARG A 148 16.98 0.43 -10.44
CA ARG A 148 16.57 -0.79 -9.76
C ARG A 148 16.49 -0.55 -8.25
N SER A 149 15.27 -0.52 -7.73
CA SER A 149 15.05 -0.32 -6.31
C SER A 149 14.27 -1.48 -5.74
N ARG A 150 14.25 -1.59 -4.41
CA ARG A 150 13.52 -2.67 -3.77
C ARG A 150 12.92 -2.21 -2.44
N ILE A 151 11.89 -2.94 -1.99
CA ILE A 151 11.24 -2.66 -0.73
C ILE A 151 10.93 -3.98 -0.03
N TYR A 152 10.96 -3.99 1.27
CA TYR A 152 10.70 -5.21 2.02
C TYR A 152 9.22 -5.33 2.36
N LEU A 153 8.48 -6.17 1.63
CA LEU A 153 7.06 -6.34 1.93
C LEU A 153 6.89 -6.92 3.31
N ASP A 154 7.83 -7.78 3.69
CA ASP A 154 7.81 -8.40 5.03
C ASP A 154 7.85 -7.34 6.16
N GLU A 155 8.07 -6.08 5.82
CA GLU A 155 8.13 -5.01 6.81
C GLU A 155 6.76 -4.65 7.33
N HIS A 156 5.84 -4.41 6.43
CA HIS A 156 4.50 -3.99 6.83
C HIS A 156 3.42 -4.94 6.36
N ILE A 157 3.81 -6.00 5.67
CA ILE A 157 2.83 -6.96 5.18
C ILE A 157 2.85 -8.24 6.01
N GLY A 158 1.80 -8.47 6.77
CA GLY A 158 1.73 -9.68 7.59
C GLY A 158 0.62 -10.61 7.17
N ASN A 159 0.75 -11.88 7.57
CA ASN A 159 -0.25 -12.90 7.25
C ASN A 159 -1.12 -13.17 8.48
N ARG A 160 -2.42 -13.11 8.28
CA ARG A 160 -3.36 -13.37 9.36
C ARG A 160 -4.33 -14.48 8.97
N ASN A 161 -3.97 -15.72 9.31
CA ASN A 161 -4.78 -16.89 9.04
C ASN A 161 -5.07 -17.07 7.54
N GLY A 162 -4.05 -16.86 6.73
CA GLY A 162 -4.21 -17.03 5.29
C GLY A 162 -4.61 -15.74 4.59
N GLU A 163 -4.44 -14.62 5.27
CA GLU A 163 -4.77 -13.33 4.69
C GLU A 163 -3.57 -12.38 4.73
N LEU A 164 -3.44 -11.57 3.68
CA LEU A 164 -2.35 -10.62 3.58
C LEU A 164 -2.82 -9.21 3.91
N ILE A 165 -2.36 -8.69 5.04
CA ILE A 165 -2.74 -7.34 5.46
C ILE A 165 -1.54 -6.61 6.02
N HIS A 166 -1.75 -5.37 6.41
CA HIS A 166 -0.70 -4.56 6.99
C HIS A 166 -0.39 -5.04 8.40
N CYS A 167 0.82 -5.59 8.59
CA CYS A 167 1.25 -6.10 9.89
C CYS A 167 0.29 -7.17 10.42
N GLY A 1 15.26 -7.75 7.11
CA GLY A 1 14.21 -8.70 6.63
C GLY A 1 12.85 -8.35 7.16
N ASN A 2 12.42 -9.06 8.20
CA ASN A 2 11.11 -8.81 8.79
C ASN A 2 11.19 -7.75 9.87
N TYR A 3 10.08 -7.06 10.05
CA TYR A 3 9.97 -6.01 11.04
C TYR A 3 8.68 -6.19 11.83
N ALA A 4 7.58 -6.12 11.11
CA ALA A 4 6.26 -6.27 11.69
C ALA A 4 5.43 -7.25 10.87
N GLY A 5 5.74 -7.39 9.57
CA GLY A 5 4.99 -8.28 8.76
C GLY A 5 5.26 -9.73 9.08
N ASN A 6 6.46 -10.19 8.74
CA ASN A 6 6.86 -11.57 8.99
C ASN A 6 6.03 -12.53 8.13
N PHE A 7 5.27 -11.99 7.18
CA PHE A 7 4.43 -12.82 6.32
C PHE A 7 5.26 -13.85 5.56
N SER A 8 6.48 -13.52 5.17
CA SER A 8 7.31 -14.47 4.42
C SER A 8 7.60 -15.70 5.26
N GLY A 9 7.49 -15.55 6.57
CA GLY A 9 7.74 -16.65 7.49
C GLY A 9 6.65 -17.70 7.47
N SER A 10 5.45 -17.33 7.03
CA SER A 10 4.33 -18.26 7.00
C SER A 10 3.69 -18.30 5.61
N SER A 11 3.93 -17.29 4.81
CA SER A 11 3.37 -17.22 3.47
C SER A 11 4.41 -17.63 2.45
N ARG A 12 4.03 -18.53 1.57
CA ARG A 12 4.93 -18.99 0.53
C ARG A 12 4.44 -18.46 -0.81
N ASP A 13 5.12 -18.82 -1.87
CA ASP A 13 4.78 -18.39 -3.23
C ASP A 13 4.39 -16.92 -3.29
N ILE A 14 5.20 -16.04 -2.68
CA ILE A 14 4.92 -14.64 -2.67
C ILE A 14 5.38 -14.01 -3.97
N CYS A 15 4.43 -13.73 -4.85
CA CYS A 15 4.67 -13.10 -6.14
C CYS A 15 3.50 -12.19 -6.48
N LEU A 16 3.77 -10.93 -6.76
CA LEU A 16 2.71 -9.98 -7.08
C LEU A 16 2.45 -9.86 -8.56
N ASP A 17 1.21 -9.50 -8.85
CA ASP A 17 0.78 -9.27 -10.21
C ASP A 17 0.93 -7.80 -10.51
N GLY A 18 2.18 -7.39 -10.70
CA GLY A 18 2.48 -6.00 -10.99
C GLY A 18 2.50 -5.14 -9.74
N ALA A 19 1.40 -5.18 -9.02
CA ALA A 19 1.26 -4.42 -7.79
C ALA A 19 0.40 -5.19 -6.79
N ARG A 20 -0.26 -6.25 -7.26
CA ARG A 20 -1.09 -7.06 -6.39
C ARG A 20 -0.27 -8.18 -5.76
N LEU A 21 0.22 -7.93 -4.55
CA LEU A 21 1.01 -8.89 -3.80
C LEU A 21 0.24 -10.16 -3.54
N ARG A 22 0.78 -11.28 -3.99
CA ARG A 22 0.10 -12.55 -3.82
C ARG A 22 1.00 -13.55 -3.13
N ALA A 23 0.51 -14.12 -2.04
CA ALA A 23 1.27 -15.10 -1.28
C ALA A 23 0.36 -16.12 -0.64
N GLU A 24 0.86 -17.33 -0.56
CA GLU A 24 0.17 -18.44 0.06
C GLU A 24 0.34 -18.37 1.57
N CYS A 25 -0.39 -17.47 2.19
CA CYS A 25 -0.34 -17.29 3.62
C CYS A 25 -0.84 -18.52 4.36
N ARG A 26 -0.05 -18.97 5.32
CA ARG A 26 -0.39 -20.13 6.12
C ARG A 26 -1.52 -19.83 7.09
N ARG A 27 -2.61 -20.55 6.94
CA ARG A 27 -3.76 -20.39 7.82
C ARG A 27 -3.58 -21.30 9.03
N GLY A 28 -4.26 -20.94 10.13
CA GLY A 28 -4.17 -21.64 11.39
C GLY A 28 -4.40 -23.14 11.29
N ASP A 29 -5.03 -23.58 10.22
CA ASP A 29 -5.28 -25.01 10.00
C ASP A 29 -3.98 -25.72 9.64
N GLY A 30 -2.96 -24.93 9.39
CA GLY A 30 -1.66 -25.46 9.03
C GLY A 30 -1.52 -25.55 7.54
N GLY A 31 -2.50 -25.01 6.83
CA GLY A 31 -2.48 -25.06 5.39
C GLY A 31 -2.16 -23.72 4.77
N TYR A 32 -1.81 -23.71 3.49
CA TYR A 32 -1.50 -22.48 2.79
C TYR A 32 -2.67 -22.03 1.93
N SER A 33 -3.04 -20.77 2.07
CA SER A 33 -4.13 -20.19 1.29
C SER A 33 -3.60 -19.04 0.44
N THR A 34 -3.98 -19.03 -0.84
CA THR A 34 -3.53 -17.98 -1.73
C THR A 34 -4.19 -16.65 -1.41
N SER A 35 -3.40 -15.73 -0.90
CA SER A 35 -3.88 -14.41 -0.55
C SER A 35 -3.24 -13.37 -1.47
N VAL A 36 -3.95 -12.28 -1.71
CA VAL A 36 -3.43 -11.21 -2.57
C VAL A 36 -3.89 -9.85 -2.06
N ILE A 37 -2.96 -8.89 -2.06
CA ILE A 37 -3.24 -7.54 -1.56
C ILE A 37 -2.71 -6.48 -2.53
N ASP A 38 -3.44 -5.37 -2.64
CA ASP A 38 -3.04 -4.27 -3.51
C ASP A 38 -1.90 -3.48 -2.90
N LEU A 39 -0.67 -3.83 -3.24
CA LEU A 39 0.51 -3.14 -2.73
C LEU A 39 0.64 -1.77 -3.37
N ASN A 40 -0.16 -1.53 -4.40
CA ASN A 40 -0.17 -0.26 -5.10
C ASN A 40 -0.74 0.83 -4.18
N ARG A 41 -1.25 0.40 -3.04
CA ARG A 41 -1.81 1.29 -2.05
C ARG A 41 -0.90 1.39 -0.82
N TYR A 42 0.21 0.66 -0.86
CA TYR A 42 1.14 0.68 0.28
C TYR A 42 2.55 1.04 -0.16
N LEU A 43 2.85 0.83 -1.43
CA LEU A 43 4.17 1.14 -1.97
C LEU A 43 4.10 2.31 -2.93
N SER A 44 5.07 3.19 -2.82
CA SER A 44 5.16 4.36 -3.67
C SER A 44 6.56 4.48 -4.24
N ASN A 45 6.68 4.98 -5.46
CA ASN A 45 7.98 5.17 -6.06
C ASN A 45 8.42 6.61 -5.82
N ASP A 46 9.37 6.78 -4.91
CA ASP A 46 9.87 8.11 -4.57
C ASP A 46 11.22 8.37 -5.24
N ASN A 47 11.16 8.92 -6.45
CA ASN A 47 12.36 9.26 -7.21
C ASN A 47 13.30 8.06 -7.34
N GLY A 48 12.71 6.89 -7.61
CA GLY A 48 13.51 5.68 -7.76
C GLY A 48 13.81 5.01 -6.44
N HIS A 49 12.83 5.01 -5.55
CA HIS A 49 12.95 4.39 -4.23
C HIS A 49 11.58 3.93 -3.77
N PHE A 50 11.48 2.74 -3.20
CA PHE A 50 10.19 2.25 -2.73
C PHE A 50 9.86 2.86 -1.38
N ARG A 51 8.58 3.18 -1.17
CA ARG A 51 8.15 3.79 0.08
C ARG A 51 6.80 3.27 0.56
N TRP A 52 6.75 2.91 1.84
CA TRP A 52 5.54 2.44 2.50
C TRP A 52 4.58 3.59 2.81
N VAL A 53 3.31 3.36 2.56
CA VAL A 53 2.27 4.35 2.86
C VAL A 53 1.42 3.86 4.02
N SER A 54 1.85 4.18 5.23
CA SER A 54 1.14 3.75 6.42
C SER A 54 0.59 4.97 7.17
N GLY A 55 0.28 6.01 6.41
CA GLY A 55 -0.24 7.23 6.98
C GLY A 55 -1.08 7.99 5.98
N GLY A 56 -1.98 7.27 5.32
CA GLY A 56 -2.84 7.88 4.33
C GLY A 56 -4.30 7.55 4.57
N GLY A 57 -5.16 8.52 4.29
CA GLY A 57 -6.59 8.31 4.46
C GLY A 57 -7.33 8.47 3.17
N GLY A 58 -8.62 8.77 3.26
CA GLY A 58 -9.42 8.96 2.06
C GLY A 58 -9.38 10.38 1.57
N GLY A 59 -10.54 11.03 1.55
CA GLY A 59 -10.61 12.40 1.09
C GLY A 59 -12.04 12.89 1.01
N GLY A 60 -12.33 13.69 -0.01
CA GLY A 60 -13.67 14.22 -0.19
C GLY A 60 -14.20 14.00 -1.58
N GLY A 61 -14.76 12.83 -1.82
CA GLY A 61 -15.30 12.50 -3.13
C GLY A 61 -16.52 11.62 -3.01
N THR A 62 -16.51 10.49 -3.69
CA THR A 62 -17.62 9.56 -3.64
C THR A 62 -17.11 8.12 -3.61
N ALA A 63 -17.43 7.43 -2.53
CA ALA A 63 -17.02 6.05 -2.32
C ALA A 63 -18.22 5.23 -1.85
N THR A 64 -18.02 3.93 -1.65
CA THR A 64 -19.10 3.05 -1.22
C THR A 64 -18.68 2.23 -0.01
N VAL A 65 -19.35 2.44 1.11
CA VAL A 65 -19.04 1.72 2.34
C VAL A 65 -20.07 0.60 2.60
N THR A 66 -19.59 -0.49 3.17
CA THR A 66 -20.45 -1.62 3.50
C THR A 66 -20.95 -1.50 4.93
N VAL A 67 -22.25 -1.67 5.10
CA VAL A 67 -22.88 -1.58 6.39
C VAL A 67 -22.77 -2.90 7.14
N GLN A 68 -22.42 -2.80 8.43
CA GLN A 68 -22.28 -3.95 9.30
C GLN A 68 -23.50 -4.11 10.21
N GLN A 69 -23.55 -5.24 10.90
CA GLN A 69 -24.66 -5.57 11.79
C GLN A 69 -24.76 -4.61 12.97
N GLY A 70 -25.87 -3.87 13.03
CA GLY A 70 -26.09 -2.94 14.13
C GLY A 70 -25.77 -1.51 13.76
N ASP A 71 -25.03 -1.33 12.68
CA ASP A 71 -24.66 0.01 12.24
C ASP A 71 -25.77 0.66 11.44
N THR A 72 -26.04 1.93 11.75
CA THR A 72 -27.07 2.70 11.07
C THR A 72 -26.42 3.82 10.27
N LEU A 73 -27.22 4.61 9.56
CA LEU A 73 -26.68 5.73 8.78
C LEU A 73 -25.81 6.61 9.66
N ARG A 74 -26.29 6.84 10.88
CA ARG A 74 -25.60 7.70 11.83
C ARG A 74 -24.27 7.09 12.25
N ASP A 75 -24.22 5.77 12.38
CA ASP A 75 -23.00 5.09 12.77
C ASP A 75 -21.99 5.19 11.65
N ILE A 76 -22.47 5.06 10.43
CA ILE A 76 -21.62 5.17 9.26
C ILE A 76 -21.08 6.58 9.14
N GLY A 77 -21.98 7.56 9.23
CA GLY A 77 -21.60 8.95 9.15
C GLY A 77 -20.59 9.34 10.22
N ARG A 78 -20.85 8.92 11.44
CA ARG A 78 -19.98 9.21 12.57
C ARG A 78 -18.61 8.55 12.42
N ARG A 79 -18.60 7.35 11.86
CA ARG A 79 -17.37 6.58 11.71
C ARG A 79 -16.50 7.04 10.53
N PHE A 80 -17.12 7.50 9.45
CA PHE A 80 -16.36 7.90 8.27
C PHE A 80 -16.37 9.41 8.02
N ASP A 81 -16.67 10.18 9.05
CA ASP A 81 -16.68 11.65 8.96
C ASP A 81 -17.59 12.12 7.82
N CYS A 82 -18.78 11.54 7.76
CA CYS A 82 -19.76 11.88 6.74
C CYS A 82 -21.10 12.15 7.41
N ASP A 83 -22.06 12.66 6.65
CA ASP A 83 -23.37 12.94 7.21
C ASP A 83 -24.32 11.82 6.84
N PHE A 84 -24.89 11.20 7.87
CA PHE A 84 -25.84 10.10 7.72
C PHE A 84 -26.97 10.46 6.74
N HIS A 85 -27.27 11.74 6.69
CA HIS A 85 -28.30 12.28 5.82
C HIS A 85 -27.93 12.07 4.35
N GLU A 86 -26.68 12.43 4.03
CA GLU A 86 -26.18 12.30 2.67
C GLU A 86 -26.05 10.85 2.29
N ILE A 87 -25.52 10.04 3.20
CA ILE A 87 -25.36 8.60 2.97
C ILE A 87 -26.71 8.03 2.55
N ALA A 88 -27.72 8.38 3.32
CA ALA A 88 -29.06 7.95 3.06
C ALA A 88 -29.55 8.49 1.72
N ARG A 89 -29.36 9.79 1.51
CA ARG A 89 -29.81 10.44 0.28
C ARG A 89 -29.17 9.82 -0.97
N ARG A 90 -27.90 9.45 -0.86
CA ARG A 90 -27.18 8.86 -1.99
C ARG A 90 -27.74 7.48 -2.34
N ASN A 91 -28.19 6.76 -1.32
CA ASN A 91 -28.74 5.42 -1.52
C ASN A 91 -30.26 5.46 -1.70
N ASN A 92 -30.84 6.65 -1.54
CA ASN A 92 -32.28 6.88 -1.66
C ASN A 92 -33.02 6.43 -0.41
N ILE A 93 -32.27 6.22 0.66
CA ILE A 93 -32.82 5.81 1.94
C ILE A 93 -32.91 7.03 2.85
N GLN A 94 -33.35 6.84 4.07
CA GLN A 94 -33.46 7.95 5.00
C GLN A 94 -32.43 7.79 6.10
N ASN A 95 -32.00 8.90 6.68
CA ASN A 95 -31.02 8.87 7.77
C ASN A 95 -31.49 7.93 8.89
N GLU A 96 -32.53 8.36 9.57
CA GLU A 96 -33.12 7.60 10.67
C GLU A 96 -33.91 6.39 10.16
N ASP A 97 -33.72 6.05 8.88
CA ASP A 97 -34.39 4.90 8.28
C ASP A 97 -33.90 3.62 8.91
N LEU A 98 -32.62 3.64 9.29
CA LEU A 98 -31.97 2.47 9.87
C LEU A 98 -31.67 1.45 8.77
N ILE A 99 -30.39 1.24 8.55
CA ILE A 99 -29.91 0.33 7.52
C ILE A 99 -29.63 -1.05 8.09
N TYR A 100 -29.25 -1.98 7.21
CA TYR A 100 -28.97 -3.36 7.60
C TYR A 100 -27.57 -3.79 7.19
N PRO A 101 -27.05 -4.85 7.84
CA PRO A 101 -25.70 -5.37 7.58
C PRO A 101 -25.56 -6.05 6.23
N GLY A 102 -24.43 -5.79 5.58
CA GLY A 102 -24.15 -6.38 4.30
C GLY A 102 -24.60 -5.47 3.20
N GLN A 103 -24.97 -4.26 3.58
CA GLN A 103 -25.45 -3.27 2.63
C GLN A 103 -24.29 -2.40 2.17
N VAL A 104 -24.47 -1.69 1.08
CA VAL A 104 -23.45 -0.80 0.57
C VAL A 104 -24.03 0.59 0.34
N LEU A 105 -23.49 1.57 1.04
CA LEU A 105 -23.96 2.95 0.94
C LEU A 105 -22.89 3.85 0.37
N GLN A 106 -23.30 4.92 -0.30
CA GLN A 106 -22.35 5.86 -0.88
C GLN A 106 -22.00 6.94 0.11
N VAL A 107 -20.72 6.99 0.44
CA VAL A 107 -20.17 7.95 1.37
C VAL A 107 -19.02 8.70 0.70
N PRO A 108 -18.77 9.94 1.12
CA PRO A 108 -17.73 10.79 0.53
C PRO A 108 -16.31 10.26 0.70
N THR A 109 -16.12 9.32 1.61
CA THR A 109 -14.80 8.75 1.83
C THR A 109 -14.89 7.41 2.55
N LYS A 110 -13.93 6.54 2.31
CA LYS A 110 -13.88 5.24 2.95
C LYS A 110 -13.02 5.32 4.20
N GLY A 111 -12.75 4.17 4.81
CA GLY A 111 -11.92 4.16 6.01
C GLY A 111 -10.50 4.59 5.69
N GLY A 112 -9.99 4.08 4.59
CA GLY A 112 -8.66 4.41 4.14
C GLY A 112 -8.71 5.11 2.80
N SER A 113 -7.61 5.04 2.05
CA SER A 113 -7.56 5.67 0.74
C SER A 113 -8.51 4.98 -0.24
N GLY A 114 -8.46 3.67 -0.27
CA GLY A 114 -9.32 2.91 -1.15
C GLY A 114 -8.55 2.30 -2.29
N GLY A 115 -7.91 3.14 -3.08
CA GLY A 115 -7.15 2.65 -4.21
C GLY A 115 -6.20 3.70 -4.75
N GLY A 116 -4.94 3.32 -4.92
CA GLY A 116 -3.96 4.24 -5.45
C GLY A 116 -3.44 5.19 -4.40
N ALA A 117 -2.83 4.63 -3.37
CA ALA A 117 -2.26 5.43 -2.30
C ALA A 117 -0.77 5.60 -2.50
N GLY A 118 -0.16 4.62 -3.13
CA GLY A 118 1.26 4.67 -3.39
C GLY A 118 1.54 4.94 -4.84
N ASN A 119 1.00 4.07 -5.69
CA ASN A 119 1.15 4.19 -7.15
C ASN A 119 2.56 3.92 -7.61
N PHE A 120 3.27 3.05 -6.89
CA PHE A 120 4.63 2.70 -7.29
C PHE A 120 4.61 2.11 -8.69
N TRP A 121 3.55 1.35 -8.98
CA TRP A 121 3.38 0.67 -10.26
C TRP A 121 3.22 1.66 -11.41
N ASP A 122 2.61 2.80 -11.13
CA ASP A 122 2.41 3.84 -12.15
C ASP A 122 3.73 4.29 -12.74
N SER A 123 4.80 4.07 -12.00
CA SER A 123 6.12 4.44 -12.43
C SER A 123 7.11 3.28 -12.18
N ALA A 124 6.58 2.06 -12.12
CA ALA A 124 7.42 0.88 -11.92
C ALA A 124 7.45 0.04 -13.18
N ARG A 125 8.59 -0.57 -13.44
CA ARG A 125 8.75 -1.41 -14.62
C ARG A 125 9.36 -2.73 -14.20
N ASP A 126 8.70 -3.81 -14.62
CA ASP A 126 9.14 -5.18 -14.32
C ASP A 126 9.28 -5.42 -12.83
N VAL A 127 8.17 -5.32 -12.12
CA VAL A 127 8.14 -5.54 -10.69
C VAL A 127 8.22 -7.04 -10.40
N ARG A 128 9.11 -7.42 -9.50
CA ARG A 128 9.32 -8.82 -9.16
C ARG A 128 9.56 -9.01 -7.67
N LEU A 129 8.95 -10.03 -7.10
CA LEU A 129 9.17 -10.34 -5.70
C LEU A 129 10.39 -11.21 -5.55
N VAL A 130 11.25 -10.84 -4.63
CA VAL A 130 12.48 -11.57 -4.41
C VAL A 130 12.66 -11.92 -2.94
N ASP A 131 13.48 -12.94 -2.71
CA ASP A 131 13.81 -13.40 -1.36
C ASP A 131 12.60 -14.02 -0.66
N GLY A 132 11.56 -14.27 -1.42
CA GLY A 132 10.38 -14.87 -0.85
C GLY A 132 9.36 -13.85 -0.40
N GLY A 133 9.29 -12.70 -1.06
CA GLY A 133 8.30 -11.69 -0.69
C GLY A 133 8.79 -10.72 0.41
N LYS A 134 9.85 -11.14 1.07
CA LYS A 134 10.42 -10.31 2.10
C LYS A 134 11.05 -9.08 1.47
N VAL A 135 11.25 -9.16 0.15
CA VAL A 135 11.79 -8.06 -0.63
C VAL A 135 11.07 -7.98 -1.99
N LEU A 136 10.82 -6.77 -2.43
CA LEU A 136 10.19 -6.49 -3.70
C LEU A 136 11.14 -5.66 -4.52
N GLU A 137 11.44 -6.10 -5.73
CA GLU A 137 12.39 -5.41 -6.59
C GLU A 137 11.72 -4.96 -7.87
N ALA A 138 11.98 -3.72 -8.27
CA ALA A 138 11.39 -3.17 -9.48
C ALA A 138 12.18 -1.96 -9.95
N GLU A 139 12.05 -1.62 -11.21
CA GLU A 139 12.72 -0.46 -11.73
C GLU A 139 11.77 0.71 -11.69
N LEU A 140 12.03 1.65 -10.79
CA LEU A 140 11.19 2.80 -10.62
C LEU A 140 11.71 3.97 -11.43
N ARG A 141 10.81 4.59 -12.17
CA ARG A 141 11.11 5.72 -13.01
C ARG A 141 11.33 6.97 -12.17
N TYR A 142 12.29 7.77 -12.56
CA TYR A 142 12.60 8.98 -11.85
C TYR A 142 13.24 10.00 -12.77
N SER A 143 13.76 11.09 -12.21
CA SER A 143 14.38 12.13 -13.01
C SER A 143 15.54 11.59 -13.85
N GLY A 144 16.17 10.52 -13.38
CA GLY A 144 17.30 9.96 -14.08
C GLY A 144 16.93 8.82 -15.02
N GLY A 145 15.64 8.57 -15.16
CA GLY A 145 15.19 7.49 -16.03
C GLY A 145 14.58 6.35 -15.23
N TRP A 146 15.25 5.21 -15.22
CA TRP A 146 14.75 4.04 -14.49
C TRP A 146 15.82 3.55 -13.52
N ASN A 147 15.45 3.43 -12.26
CA ASN A 147 16.39 2.99 -11.22
C ASN A 147 15.94 1.70 -10.57
N ARG A 148 16.89 0.81 -10.30
CA ARG A 148 16.60 -0.45 -9.65
C ARG A 148 16.29 -0.18 -8.17
N SER A 149 15.03 -0.23 -7.80
CA SER A 149 14.61 0.04 -6.44
C SER A 149 13.95 -1.19 -5.83
N ARG A 150 13.97 -1.29 -4.50
CA ARG A 150 13.35 -2.42 -3.84
C ARG A 150 12.77 -2.05 -2.46
N ILE A 151 11.91 -2.91 -1.94
CA ILE A 151 11.28 -2.69 -0.63
C ILE A 151 11.00 -4.02 0.06
N TYR A 152 11.13 -4.06 1.36
CA TYR A 152 10.90 -5.29 2.11
C TYR A 152 9.42 -5.41 2.52
N LEU A 153 8.65 -6.27 1.82
CA LEU A 153 7.25 -6.42 2.19
C LEU A 153 7.13 -7.06 3.56
N ASP A 154 8.06 -7.96 3.85
CA ASP A 154 8.12 -8.64 5.16
C ASP A 154 8.20 -7.65 6.33
N GLU A 155 8.42 -6.36 6.02
CA GLU A 155 8.50 -5.32 7.04
C GLU A 155 7.17 -5.01 7.66
N HIS A 156 6.20 -4.68 6.84
CA HIS A 156 4.90 -4.29 7.37
C HIS A 156 3.78 -5.12 6.79
N ILE A 157 4.11 -6.16 6.06
CA ILE A 157 3.10 -7.04 5.49
C ILE A 157 3.08 -8.35 6.24
N GLY A 158 2.05 -8.58 7.04
CA GLY A 158 1.95 -9.82 7.79
C GLY A 158 0.83 -10.71 7.28
N ASN A 159 0.70 -11.88 7.88
CA ASN A 159 -0.36 -12.82 7.50
C ASN A 159 -1.31 -13.09 8.66
N ARG A 160 -2.60 -13.06 8.36
CA ARG A 160 -3.63 -13.30 9.37
C ARG A 160 -4.55 -14.43 8.91
N ASN A 161 -4.22 -15.65 9.31
CA ASN A 161 -5.00 -16.83 8.99
C ASN A 161 -5.16 -17.02 7.48
N GLY A 162 -4.06 -16.88 6.75
CA GLY A 162 -4.09 -17.07 5.31
C GLY A 162 -4.44 -15.81 4.55
N GLU A 163 -4.44 -14.67 5.22
CA GLU A 163 -4.76 -13.41 4.58
C GLU A 163 -3.62 -12.40 4.72
N LEU A 164 -3.26 -11.76 3.62
CA LEU A 164 -2.20 -10.77 3.60
C LEU A 164 -2.69 -9.45 4.20
N ILE A 165 -1.99 -8.99 5.23
CA ILE A 165 -2.38 -7.76 5.91
C ILE A 165 -1.17 -6.91 6.26
N HIS A 166 -1.44 -5.83 6.97
CA HIS A 166 -0.41 -4.93 7.44
C HIS A 166 -0.03 -5.33 8.85
N CYS A 167 1.19 -5.86 9.01
CA CYS A 167 1.68 -6.30 10.31
C CYS A 167 0.78 -7.42 10.88
N GLY A 1 11.94 -13.55 9.51
CA GLY A 1 11.08 -12.37 9.78
C GLY A 1 11.81 -11.08 9.47
N ASN A 2 11.10 -9.96 9.57
CA ASN A 2 11.71 -8.67 9.28
C ASN A 2 11.28 -7.60 10.28
N TYR A 3 10.06 -7.12 10.16
CA TYR A 3 9.58 -6.08 11.06
C TYR A 3 8.23 -6.44 11.67
N ALA A 4 7.16 -5.93 11.09
CA ALA A 4 5.83 -6.18 11.60
C ALA A 4 5.07 -7.19 10.77
N GLY A 5 5.37 -7.29 9.47
CA GLY A 5 4.66 -8.24 8.66
C GLY A 5 5.04 -9.67 8.99
N ASN A 6 6.23 -10.06 8.57
CA ASN A 6 6.74 -11.40 8.79
C ASN A 6 5.89 -12.42 8.03
N PHE A 7 5.21 -11.95 6.98
CA PHE A 7 4.38 -12.83 6.18
C PHE A 7 5.23 -13.87 5.47
N SER A 8 6.43 -13.50 5.07
CA SER A 8 7.33 -14.41 4.37
C SER A 8 7.76 -15.54 5.31
N GLY A 9 7.53 -15.32 6.60
CA GLY A 9 7.87 -16.31 7.60
C GLY A 9 6.98 -17.55 7.54
N SER A 10 5.74 -17.39 7.07
CA SER A 10 4.82 -18.52 6.98
C SER A 10 4.06 -18.52 5.65
N SER A 11 4.28 -17.52 4.84
CA SER A 11 3.60 -17.42 3.56
C SER A 11 4.58 -17.76 2.45
N ARG A 12 4.15 -18.59 1.53
CA ARG A 12 5.01 -18.98 0.42
C ARG A 12 4.44 -18.40 -0.87
N ASP A 13 5.08 -18.74 -1.96
CA ASP A 13 4.71 -18.28 -3.30
C ASP A 13 4.35 -16.80 -3.31
N ILE A 14 5.15 -15.99 -2.65
CA ILE A 14 4.88 -14.57 -2.59
C ILE A 14 5.30 -13.91 -3.90
N CYS A 15 4.31 -13.62 -4.74
CA CYS A 15 4.52 -12.96 -6.02
C CYS A 15 3.31 -12.08 -6.32
N LEU A 16 3.56 -10.81 -6.59
CA LEU A 16 2.48 -9.87 -6.86
C LEU A 16 2.09 -9.82 -8.32
N ASP A 17 0.83 -9.46 -8.53
CA ASP A 17 0.26 -9.29 -9.84
C ASP A 17 0.41 -7.83 -10.22
N GLY A 18 1.65 -7.45 -10.51
CA GLY A 18 1.96 -6.09 -10.87
C GLY A 18 2.17 -5.24 -9.64
N ALA A 19 1.16 -5.22 -8.79
CA ALA A 19 1.19 -4.48 -7.55
C ALA A 19 0.34 -5.22 -6.52
N ARG A 20 -0.42 -6.19 -7.00
CA ARG A 20 -1.28 -6.99 -6.13
C ARG A 20 -0.49 -8.13 -5.52
N LEU A 21 0.11 -7.86 -4.36
CA LEU A 21 0.92 -8.83 -3.63
C LEU A 21 0.15 -10.09 -3.32
N ARG A 22 0.69 -11.22 -3.76
CA ARG A 22 0.02 -12.48 -3.55
C ARG A 22 0.97 -13.45 -2.86
N ALA A 23 0.46 -14.14 -1.85
CA ALA A 23 1.25 -15.10 -1.11
C ALA A 23 0.36 -16.15 -0.45
N GLU A 24 0.86 -17.36 -0.46
CA GLU A 24 0.20 -18.52 0.13
C GLU A 24 0.42 -18.50 1.64
N CYS A 25 -0.35 -17.68 2.33
CA CYS A 25 -0.27 -17.53 3.77
C CYS A 25 -0.68 -18.79 4.51
N ARG A 26 0.23 -19.30 5.33
CA ARG A 26 -0.04 -20.49 6.11
C ARG A 26 -1.07 -20.22 7.20
N ARG A 27 -2.18 -20.92 7.13
CA ARG A 27 -3.22 -20.80 8.13
C ARG A 27 -2.91 -21.79 9.25
N GLY A 28 -3.43 -21.47 10.43
CA GLY A 28 -3.18 -22.24 11.65
C GLY A 28 -3.35 -23.74 11.52
N ASP A 29 -4.15 -24.18 10.55
CA ASP A 29 -4.37 -25.61 10.33
C ASP A 29 -3.17 -26.25 9.66
N GLY A 30 -2.20 -25.43 9.29
CA GLY A 30 -1.02 -25.89 8.62
C GLY A 30 -1.21 -25.86 7.13
N GLY A 31 -2.33 -25.29 6.71
CA GLY A 31 -2.65 -25.20 5.30
C GLY A 31 -2.39 -23.82 4.73
N TYR A 32 -1.76 -23.78 3.56
CA TYR A 32 -1.44 -22.51 2.92
C TYR A 32 -2.60 -22.05 2.05
N SER A 33 -2.98 -20.80 2.23
CA SER A 33 -4.08 -20.24 1.47
C SER A 33 -3.60 -19.07 0.60
N THR A 34 -4.06 -19.03 -0.64
CA THR A 34 -3.67 -17.98 -1.57
C THR A 34 -4.29 -16.65 -1.19
N SER A 35 -3.45 -15.73 -0.74
CA SER A 35 -3.90 -14.42 -0.33
C SER A 35 -3.28 -13.33 -1.23
N VAL A 36 -4.00 -12.23 -1.42
CA VAL A 36 -3.50 -11.15 -2.26
C VAL A 36 -3.93 -9.77 -1.71
N ILE A 37 -3.01 -8.82 -1.73
CA ILE A 37 -3.25 -7.47 -1.22
C ILE A 37 -2.67 -6.43 -2.19
N ASP A 38 -3.30 -5.26 -2.29
CA ASP A 38 -2.81 -4.23 -3.20
C ASP A 38 -1.67 -3.44 -2.59
N LEU A 39 -0.46 -3.64 -3.10
CA LEU A 39 0.69 -2.92 -2.62
C LEU A 39 0.84 -1.61 -3.37
N ASN A 40 -0.09 -1.35 -4.30
CA ASN A 40 -0.06 -0.14 -5.08
C ASN A 40 -0.50 1.03 -4.20
N ARG A 41 -1.25 0.70 -3.18
CA ARG A 41 -1.76 1.70 -2.26
C ARG A 41 -0.93 1.73 -0.97
N TYR A 42 0.22 1.07 -1.02
CA TYR A 42 1.12 1.04 0.13
C TYR A 42 2.54 1.38 -0.26
N LEU A 43 2.92 1.03 -1.48
CA LEU A 43 4.26 1.29 -1.98
C LEU A 43 4.24 2.43 -2.98
N SER A 44 5.18 3.34 -2.83
CA SER A 44 5.29 4.48 -3.70
C SER A 44 6.70 4.57 -4.28
N ASN A 45 6.82 5.05 -5.51
CA ASN A 45 8.13 5.19 -6.14
C ASN A 45 8.65 6.61 -5.87
N ASP A 46 9.55 6.72 -4.90
CA ASP A 46 10.14 8.00 -4.54
C ASP A 46 11.52 8.16 -5.14
N ASN A 47 11.58 8.79 -6.31
CA ASN A 47 12.83 9.05 -7.03
C ASN A 47 13.64 7.76 -7.20
N GLY A 48 12.98 6.69 -7.57
CA GLY A 48 13.65 5.43 -7.77
C GLY A 48 13.94 4.69 -6.48
N HIS A 49 12.96 4.71 -5.58
CA HIS A 49 13.08 4.03 -4.29
C HIS A 49 11.68 3.83 -3.71
N PHE A 50 11.36 2.60 -3.33
CA PHE A 50 10.05 2.30 -2.77
C PHE A 50 9.84 2.96 -1.42
N ARG A 51 8.58 3.26 -1.10
CA ARG A 51 8.23 3.89 0.16
C ARG A 51 6.85 3.46 0.65
N TRP A 52 6.80 3.05 1.91
CA TRP A 52 5.56 2.67 2.56
C TRP A 52 4.73 3.90 2.92
N VAL A 53 3.52 3.99 2.39
CA VAL A 53 2.66 5.12 2.69
C VAL A 53 1.51 4.69 3.60
N SER A 54 1.51 5.20 4.82
CA SER A 54 0.48 4.87 5.78
C SER A 54 -0.77 5.74 5.57
N GLY A 55 -1.34 5.62 4.40
CA GLY A 55 -2.53 6.39 4.07
C GLY A 55 -2.19 7.76 3.53
N GLY A 56 -1.54 7.79 2.37
CA GLY A 56 -1.16 9.05 1.76
C GLY A 56 -2.31 9.69 0.99
N GLY A 57 -3.40 9.95 1.68
CA GLY A 57 -4.57 10.54 1.06
C GLY A 57 -5.80 10.40 1.93
N GLY A 58 -6.98 10.46 1.32
CA GLY A 58 -8.20 10.33 2.08
C GLY A 58 -9.14 11.50 1.88
N GLY A 59 -10.32 11.41 2.45
CA GLY A 59 -11.30 12.47 2.32
C GLY A 59 -12.61 12.11 3.00
N GLY A 60 -13.36 13.12 3.39
CA GLY A 60 -14.63 12.90 4.05
C GLY A 60 -15.58 14.04 3.83
N GLY A 61 -16.68 14.07 4.58
CA GLY A 61 -17.66 15.12 4.44
C GLY A 61 -18.63 14.83 3.32
N THR A 62 -18.40 15.45 2.18
CA THR A 62 -19.23 15.26 1.02
C THR A 62 -18.39 14.76 -0.16
N ALA A 63 -18.65 13.54 -0.58
CA ALA A 63 -17.93 12.93 -1.70
C ALA A 63 -18.91 12.54 -2.79
N THR A 64 -18.39 12.04 -3.90
CA THR A 64 -19.24 11.64 -5.02
C THR A 64 -18.88 10.25 -5.51
N VAL A 65 -19.85 9.36 -5.56
CA VAL A 65 -19.61 8.00 -6.02
C VAL A 65 -20.37 7.71 -7.31
N THR A 66 -19.75 6.95 -8.20
CA THR A 66 -20.38 6.57 -9.46
C THR A 66 -21.19 5.29 -9.29
N VAL A 67 -22.45 5.35 -9.68
CA VAL A 67 -23.36 4.24 -9.57
C VAL A 67 -23.06 3.19 -10.64
N GLN A 68 -23.04 1.93 -10.22
CA GLN A 68 -22.78 0.81 -11.10
C GLN A 68 -24.06 0.04 -11.41
N GLN A 69 -23.95 -0.87 -12.38
CA GLN A 69 -25.08 -1.68 -12.82
C GLN A 69 -25.58 -2.60 -11.71
N GLY A 70 -26.81 -2.38 -11.26
CA GLY A 70 -27.40 -3.22 -10.24
C GLY A 70 -27.35 -2.59 -8.86
N ASP A 71 -26.71 -1.43 -8.76
CA ASP A 71 -26.60 -0.75 -7.48
C ASP A 71 -27.62 0.38 -7.37
N THR A 72 -28.46 0.32 -6.35
CA THR A 72 -29.46 1.35 -6.10
C THR A 72 -29.00 2.18 -4.92
N LEU A 73 -29.80 3.16 -4.49
CA LEU A 73 -29.42 3.99 -3.34
C LEU A 73 -29.06 3.08 -2.17
N ARG A 74 -29.89 2.03 -2.00
CA ARG A 74 -29.72 1.08 -0.91
C ARG A 74 -28.41 0.31 -1.06
N ASP A 75 -28.05 -0.02 -2.30
CA ASP A 75 -26.83 -0.76 -2.55
C ASP A 75 -25.62 0.14 -2.35
N ILE A 76 -25.74 1.38 -2.76
CA ILE A 76 -24.66 2.35 -2.59
C ILE A 76 -24.42 2.58 -1.11
N GLY A 77 -25.51 2.82 -0.37
CA GLY A 77 -25.43 3.03 1.05
C GLY A 77 -24.72 1.89 1.78
N ARG A 78 -25.19 0.66 1.57
CA ARG A 78 -24.60 -0.50 2.23
C ARG A 78 -23.19 -0.78 1.72
N ARG A 79 -22.90 -0.35 0.51
CA ARG A 79 -21.59 -0.59 -0.11
C ARG A 79 -20.51 0.37 0.40
N PHE A 80 -20.85 1.65 0.56
CA PHE A 80 -19.87 2.65 1.00
C PHE A 80 -20.11 3.11 2.43
N ASP A 81 -20.97 2.38 3.15
CA ASP A 81 -21.29 2.68 4.55
C ASP A 81 -21.93 4.07 4.68
N CYS A 82 -22.96 4.30 3.89
CA CYS A 82 -23.69 5.56 3.90
C CYS A 82 -25.18 5.27 3.92
N ASP A 83 -26.00 6.30 4.13
CA ASP A 83 -27.44 6.11 4.15
C ASP A 83 -28.02 6.45 2.79
N PHE A 84 -28.68 5.45 2.21
CA PHE A 84 -29.32 5.57 0.89
C PHE A 84 -30.22 6.80 0.81
N HIS A 85 -30.80 7.17 1.94
CA HIS A 85 -31.69 8.32 2.04
C HIS A 85 -30.90 9.62 1.84
N GLU A 86 -29.73 9.69 2.47
CA GLU A 86 -28.89 10.86 2.37
C GLU A 86 -28.34 10.98 0.95
N ILE A 87 -27.91 9.85 0.40
CA ILE A 87 -27.37 9.80 -0.96
C ILE A 87 -28.39 10.41 -1.91
N ALA A 88 -29.63 9.97 -1.77
CA ALA A 88 -30.71 10.46 -2.57
C ALA A 88 -30.93 11.95 -2.38
N ARG A 89 -31.05 12.39 -1.13
CA ARG A 89 -31.29 13.80 -0.82
C ARG A 89 -30.17 14.70 -1.35
N ARG A 90 -28.94 14.22 -1.30
CA ARG A 90 -27.80 15.01 -1.78
C ARG A 90 -27.86 15.19 -3.28
N ASN A 91 -28.35 14.16 -3.97
CA ASN A 91 -28.46 14.20 -5.43
C ASN A 91 -29.83 14.74 -5.85
N ASN A 92 -30.70 14.96 -4.86
CA ASN A 92 -32.05 15.49 -5.06
C ASN A 92 -33.00 14.40 -5.55
N ILE A 93 -32.56 13.16 -5.43
CA ILE A 93 -33.37 12.01 -5.81
C ILE A 93 -34.01 11.42 -4.55
N GLN A 94 -34.64 10.27 -4.67
CA GLN A 94 -35.27 9.64 -3.51
C GLN A 94 -34.62 8.29 -3.23
N ASN A 95 -34.64 7.88 -1.97
CA ASN A 95 -34.04 6.59 -1.60
C ASN A 95 -34.65 5.48 -2.48
N GLU A 96 -35.97 5.39 -2.44
CA GLU A 96 -36.74 4.39 -3.17
C GLU A 96 -36.83 4.76 -4.66
N ASP A 97 -36.12 5.81 -5.07
CA ASP A 97 -36.14 6.23 -6.48
C ASP A 97 -35.49 5.17 -7.34
N LEU A 98 -34.46 4.53 -6.79
CA LEU A 98 -33.69 3.53 -7.51
C LEU A 98 -32.92 4.18 -8.66
N ILE A 99 -31.62 4.11 -8.53
CA ILE A 99 -30.70 4.72 -9.49
C ILE A 99 -30.26 3.74 -10.56
N TYR A 100 -29.49 4.25 -11.53
CA TYR A 100 -29.01 3.46 -12.64
C TYR A 100 -27.49 3.60 -12.77
N PRO A 101 -26.86 2.64 -13.47
CA PRO A 101 -25.40 2.62 -13.68
C PRO A 101 -24.88 3.76 -14.52
N GLY A 102 -23.77 4.34 -14.10
CA GLY A 102 -23.15 5.41 -14.82
C GLY A 102 -23.56 6.75 -14.28
N GLN A 103 -24.06 6.76 -13.06
CA GLN A 103 -24.48 8.00 -12.44
C GLN A 103 -23.50 8.40 -11.36
N VAL A 104 -23.55 9.63 -10.91
CA VAL A 104 -22.68 10.09 -9.86
C VAL A 104 -23.50 10.69 -8.73
N LEU A 105 -23.53 10.01 -7.62
CA LEU A 105 -24.30 10.44 -6.45
C LEU A 105 -23.40 11.01 -5.38
N GLN A 106 -23.93 11.92 -4.59
CA GLN A 106 -23.17 12.50 -3.51
C GLN A 106 -23.33 11.70 -2.25
N VAL A 107 -22.23 11.11 -1.82
CA VAL A 107 -22.20 10.30 -0.64
C VAL A 107 -21.26 10.92 0.39
N PRO A 108 -21.52 10.71 1.67
CA PRO A 108 -20.71 11.26 2.76
C PRO A 108 -19.31 10.67 2.85
N THR A 109 -19.12 9.55 2.20
CA THR A 109 -17.83 8.88 2.20
C THR A 109 -17.70 7.97 0.98
N LYS A 110 -16.48 7.83 0.49
CA LYS A 110 -16.21 6.98 -0.64
C LYS A 110 -15.84 5.58 -0.15
N GLY A 111 -15.42 4.71 -1.06
CA GLY A 111 -15.05 3.37 -0.67
C GLY A 111 -13.67 3.31 -0.09
N GLY A 112 -12.66 3.34 -0.96
CA GLY A 112 -11.29 3.30 -0.52
C GLY A 112 -10.64 4.67 -0.58
N SER A 113 -10.50 5.30 0.58
CA SER A 113 -9.91 6.62 0.67
C SER A 113 -8.47 6.61 0.18
N GLY A 114 -7.73 5.55 0.54
CA GLY A 114 -6.35 5.43 0.10
C GLY A 114 -6.23 4.87 -1.29
N GLY A 115 -7.11 5.32 -2.17
CA GLY A 115 -7.10 4.87 -3.54
C GLY A 115 -5.93 5.44 -4.31
N GLY A 116 -4.88 4.66 -4.43
CA GLY A 116 -3.69 5.11 -5.12
C GLY A 116 -2.84 5.96 -4.22
N ALA A 117 -2.52 5.41 -3.07
CA ALA A 117 -1.73 6.12 -2.08
C ALA A 117 -0.26 6.04 -2.43
N GLY A 118 0.12 4.97 -3.10
CA GLY A 118 1.50 4.79 -3.48
C GLY A 118 1.72 5.04 -4.95
N ASN A 119 1.19 4.14 -5.77
CA ASN A 119 1.29 4.23 -7.22
C ASN A 119 2.71 3.94 -7.70
N PHE A 120 3.43 3.10 -6.96
CA PHE A 120 4.78 2.75 -7.36
C PHE A 120 4.75 2.14 -8.76
N TRP A 121 3.72 1.35 -9.00
CA TRP A 121 3.53 0.65 -10.27
C TRP A 121 3.35 1.62 -11.44
N ASP A 122 2.71 2.75 -11.17
CA ASP A 122 2.48 3.77 -12.19
C ASP A 122 3.77 4.18 -12.88
N SER A 123 4.88 4.01 -12.17
CA SER A 123 6.18 4.32 -12.72
C SER A 123 7.17 3.20 -12.41
N ALA A 124 6.65 1.97 -12.29
CA ALA A 124 7.51 0.82 -12.02
C ALA A 124 7.51 -0.17 -13.18
N ARG A 125 8.67 -0.73 -13.46
CA ARG A 125 8.81 -1.72 -14.52
C ARG A 125 9.55 -2.94 -14.00
N ASP A 126 9.24 -4.11 -14.55
CA ASP A 126 9.86 -5.36 -14.14
C ASP A 126 9.73 -5.57 -12.64
N VAL A 127 8.50 -5.43 -12.16
CA VAL A 127 8.21 -5.60 -10.75
C VAL A 127 8.10 -7.07 -10.40
N ARG A 128 8.98 -7.53 -9.55
CA ARG A 128 8.98 -8.92 -9.15
C ARG A 128 9.41 -9.07 -7.69
N LEU A 129 8.81 -10.03 -7.01
CA LEU A 129 9.12 -10.28 -5.62
C LEU A 129 10.33 -11.18 -5.52
N VAL A 130 11.26 -10.77 -4.68
CA VAL A 130 12.49 -11.51 -4.47
C VAL A 130 12.70 -11.78 -2.99
N ASP A 131 13.65 -12.66 -2.70
CA ASP A 131 13.99 -13.03 -1.33
C ASP A 131 12.84 -13.71 -0.61
N GLY A 132 11.81 -14.06 -1.37
CA GLY A 132 10.67 -14.74 -0.81
C GLY A 132 9.55 -13.80 -0.41
N GLY A 133 9.48 -12.62 -1.02
CA GLY A 133 8.39 -11.69 -0.70
C GLY A 133 8.81 -10.67 0.37
N LYS A 134 9.86 -11.02 1.08
CA LYS A 134 10.38 -10.13 2.08
C LYS A 134 10.99 -8.92 1.40
N VAL A 135 11.21 -9.05 0.09
CA VAL A 135 11.76 -7.96 -0.72
C VAL A 135 11.05 -7.90 -2.07
N LEU A 136 10.72 -6.69 -2.50
CA LEU A 136 10.08 -6.44 -3.78
C LEU A 136 11.02 -5.60 -4.62
N GLU A 137 11.37 -6.11 -5.79
CA GLU A 137 12.31 -5.42 -6.66
C GLU A 137 11.66 -4.99 -7.96
N ALA A 138 11.93 -3.75 -8.35
CA ALA A 138 11.37 -3.20 -9.58
C ALA A 138 12.16 -1.96 -10.01
N GLU A 139 11.99 -1.57 -11.25
CA GLU A 139 12.67 -0.39 -11.78
C GLU A 139 11.72 0.79 -11.64
N LEU A 140 12.04 1.67 -10.72
CA LEU A 140 11.22 2.83 -10.47
C LEU A 140 11.72 4.04 -11.25
N ARG A 141 10.80 4.67 -11.94
CA ARG A 141 11.07 5.84 -12.74
C ARG A 141 11.38 7.03 -11.86
N TYR A 142 12.34 7.83 -12.28
CA TYR A 142 12.73 9.01 -11.54
C TYR A 142 13.43 10.01 -12.43
N SER A 143 13.97 11.06 -11.83
CA SER A 143 14.67 12.10 -12.57
C SER A 143 15.78 11.55 -13.46
N GLY A 144 16.39 10.45 -13.03
CA GLY A 144 17.48 9.87 -13.80
C GLY A 144 17.07 8.70 -14.66
N GLY A 145 15.78 8.57 -14.94
CA GLY A 145 15.32 7.47 -15.77
C GLY A 145 14.67 6.38 -14.95
N TRP A 146 15.21 5.16 -15.03
CA TRP A 146 14.66 4.03 -14.30
C TRP A 146 15.71 3.41 -13.41
N ASN A 147 15.42 3.32 -12.12
CA ASN A 147 16.35 2.74 -11.15
C ASN A 147 15.74 1.51 -10.49
N ARG A 148 16.46 0.41 -10.55
CA ARG A 148 16.00 -0.83 -9.93
C ARG A 148 16.16 -0.74 -8.41
N SER A 149 15.07 -0.44 -7.75
CA SER A 149 15.04 -0.31 -6.30
C SER A 149 14.20 -1.44 -5.72
N ARG A 150 14.19 -1.57 -4.40
CA ARG A 150 13.44 -2.63 -3.75
C ARG A 150 12.86 -2.17 -2.41
N ILE A 151 11.89 -2.93 -1.92
CA ILE A 151 11.24 -2.66 -0.64
C ILE A 151 10.94 -3.97 0.05
N TYR A 152 10.96 -3.98 1.37
CA TYR A 152 10.69 -5.20 2.11
C TYR A 152 9.20 -5.33 2.45
N LEU A 153 8.47 -6.19 1.74
CA LEU A 153 7.04 -6.34 2.03
C LEU A 153 6.87 -6.97 3.39
N ASP A 154 7.80 -7.87 3.75
CA ASP A 154 7.77 -8.53 5.05
C ASP A 154 7.82 -7.53 6.23
N GLU A 155 8.04 -6.24 5.93
CA GLU A 155 8.10 -5.22 6.97
C GLU A 155 6.74 -4.93 7.55
N HIS A 156 5.78 -4.65 6.69
CA HIS A 156 4.45 -4.30 7.16
C HIS A 156 3.40 -5.29 6.69
N ILE A 157 3.79 -6.22 5.84
CA ILE A 157 2.85 -7.20 5.33
C ILE A 157 2.99 -8.53 6.09
N GLY A 158 1.95 -8.89 6.82
CA GLY A 158 1.97 -10.14 7.58
C GLY A 158 0.90 -11.12 7.15
N ASN A 159 0.91 -12.30 7.76
CA ASN A 159 -0.06 -13.35 7.45
C ASN A 159 -0.99 -13.58 8.64
N ARG A 160 -2.28 -13.45 8.40
CA ARG A 160 -3.29 -13.64 9.43
C ARG A 160 -4.21 -14.80 9.04
N ASN A 161 -3.78 -16.01 9.38
CA ASN A 161 -4.54 -17.24 9.12
C ASN A 161 -4.97 -17.38 7.65
N GLY A 162 -4.05 -17.08 6.74
CA GLY A 162 -4.35 -17.22 5.33
C GLY A 162 -4.64 -15.92 4.62
N GLU A 163 -4.67 -14.82 5.36
CA GLU A 163 -4.93 -13.51 4.76
C GLU A 163 -3.79 -12.54 5.04
N LEU A 164 -3.32 -11.92 3.97
CA LEU A 164 -2.23 -10.94 4.04
C LEU A 164 -2.71 -9.66 4.71
N ILE A 165 -2.17 -9.38 5.87
CA ILE A 165 -2.53 -8.19 6.65
C ILE A 165 -1.45 -7.12 6.51
N HIS A 166 -1.79 -5.88 6.88
CA HIS A 166 -0.86 -4.78 6.79
C HIS A 166 -0.73 -4.07 8.13
N CYS A 167 0.50 -3.86 8.57
CA CYS A 167 0.77 -3.21 9.83
C CYS A 167 2.06 -2.40 9.74
N GLY A 1 12.28 -12.55 10.13
CA GLY A 1 11.28 -11.46 10.01
C GLY A 1 11.95 -10.11 9.90
N ASN A 2 11.34 -9.21 9.13
CA ASN A 2 11.89 -7.88 8.95
C ASN A 2 11.48 -6.95 10.08
N TYR A 3 10.23 -6.55 10.08
CA TYR A 3 9.74 -5.64 11.10
C TYR A 3 8.46 -6.13 11.74
N ALA A 4 7.33 -5.77 11.15
CA ALA A 4 6.04 -6.16 11.69
C ALA A 4 5.31 -7.16 10.82
N GLY A 5 5.60 -7.20 9.52
CA GLY A 5 4.92 -8.12 8.66
C GLY A 5 5.28 -9.55 8.98
N ASN A 6 6.49 -9.94 8.61
CA ASN A 6 6.98 -11.29 8.84
C ASN A 6 6.11 -12.31 8.11
N PHE A 7 5.32 -11.83 7.15
CA PHE A 7 4.45 -12.71 6.39
C PHE A 7 5.24 -13.76 5.63
N SER A 8 6.45 -13.42 5.19
CA SER A 8 7.27 -14.35 4.44
C SER A 8 7.67 -15.54 5.32
N GLY A 9 7.60 -15.34 6.63
CA GLY A 9 7.94 -16.39 7.57
C GLY A 9 6.90 -17.50 7.60
N SER A 10 5.68 -17.23 7.15
CA SER A 10 4.62 -18.23 7.16
C SER A 10 3.94 -18.32 5.79
N SER A 11 4.01 -17.25 5.02
CA SER A 11 3.41 -17.20 3.72
C SER A 11 4.45 -17.50 2.67
N ARG A 12 4.12 -18.40 1.77
CA ARG A 12 5.04 -18.75 0.71
C ARG A 12 4.42 -18.33 -0.61
N ASP A 13 5.06 -18.68 -1.71
CA ASP A 13 4.59 -18.34 -3.05
C ASP A 13 4.20 -16.87 -3.14
N ILE A 14 5.00 -16.00 -2.52
CA ILE A 14 4.72 -14.59 -2.52
C ILE A 14 5.18 -13.97 -3.84
N CYS A 15 4.23 -13.69 -4.72
CA CYS A 15 4.49 -13.08 -6.02
C CYS A 15 3.33 -12.18 -6.41
N LEU A 16 3.64 -10.94 -6.76
CA LEU A 16 2.60 -9.99 -7.16
C LEU A 16 2.46 -9.85 -8.66
N ASP A 17 1.26 -9.49 -9.07
CA ASP A 17 0.97 -9.24 -10.47
C ASP A 17 1.14 -7.75 -10.70
N GLY A 18 2.39 -7.34 -10.78
CA GLY A 18 2.71 -5.94 -11.01
C GLY A 18 2.63 -5.14 -9.74
N ALA A 19 1.49 -5.22 -9.09
CA ALA A 19 1.27 -4.51 -7.84
C ALA A 19 0.30 -5.30 -6.95
N ARG A 20 -0.29 -6.37 -7.49
CA ARG A 20 -1.22 -7.17 -6.71
C ARG A 20 -0.44 -8.28 -5.98
N LEU A 21 -0.01 -7.98 -4.75
CA LEU A 21 0.77 -8.91 -3.94
C LEU A 21 -0.01 -10.16 -3.60
N ARG A 22 0.58 -11.32 -3.87
CA ARG A 22 -0.09 -12.57 -3.60
C ARG A 22 0.83 -13.54 -2.89
N ALA A 23 0.35 -14.14 -1.81
CA ALA A 23 1.13 -15.08 -1.04
C ALA A 23 0.25 -16.11 -0.36
N GLU A 24 0.79 -17.30 -0.26
CA GLU A 24 0.15 -18.43 0.38
C GLU A 24 0.36 -18.35 1.88
N CYS A 25 -0.35 -17.45 2.52
CA CYS A 25 -0.27 -17.25 3.94
C CYS A 25 -0.66 -18.52 4.70
N ARG A 26 0.23 -19.00 5.55
CA ARG A 26 -0.04 -20.20 6.33
C ARG A 26 -1.10 -19.92 7.39
N ARG A 27 -2.12 -20.76 7.40
CA ARG A 27 -3.19 -20.64 8.36
C ARG A 27 -2.92 -21.62 9.50
N GLY A 28 -3.42 -21.25 10.67
CA GLY A 28 -3.22 -22.02 11.90
C GLY A 28 -3.56 -23.50 11.80
N ASP A 29 -4.28 -23.88 10.76
CA ASP A 29 -4.66 -25.27 10.56
C ASP A 29 -3.46 -26.07 10.05
N GLY A 30 -2.40 -25.36 9.70
CA GLY A 30 -1.21 -26.00 9.19
C GLY A 30 -1.22 -26.01 7.68
N GLY A 31 -2.21 -25.35 7.11
CA GLY A 31 -2.34 -25.29 5.67
C GLY A 31 -2.08 -23.90 5.13
N TYR A 32 -1.80 -23.81 3.83
CA TYR A 32 -1.53 -22.52 3.20
C TYR A 32 -2.76 -22.02 2.46
N SER A 33 -3.03 -20.73 2.57
CA SER A 33 -4.16 -20.13 1.89
C SER A 33 -3.68 -19.00 0.99
N THR A 34 -3.97 -19.13 -0.30
CA THR A 34 -3.56 -18.11 -1.27
C THR A 34 -4.25 -16.79 -0.97
N SER A 35 -3.47 -15.79 -0.62
CA SER A 35 -4.00 -14.47 -0.31
C SER A 35 -3.39 -13.43 -1.24
N VAL A 36 -4.11 -12.33 -1.49
CA VAL A 36 -3.63 -11.28 -2.38
C VAL A 36 -4.07 -9.89 -1.89
N ILE A 37 -3.17 -8.92 -1.98
CA ILE A 37 -3.44 -7.57 -1.53
C ILE A 37 -2.91 -6.56 -2.57
N ASP A 38 -3.58 -5.41 -2.71
CA ASP A 38 -3.11 -4.40 -3.65
C ASP A 38 -1.98 -3.60 -3.04
N LEU A 39 -0.77 -3.85 -3.49
CA LEU A 39 0.39 -3.18 -2.95
C LEU A 39 0.61 -1.84 -3.64
N ASN A 40 -0.17 -1.55 -4.67
CA ASN A 40 -0.02 -0.28 -5.37
C ASN A 40 -0.57 0.83 -4.50
N ARG A 41 -1.31 0.45 -3.47
CA ARG A 41 -1.88 1.40 -2.55
C ARG A 41 -1.14 1.37 -1.23
N TYR A 42 0.04 0.75 -1.24
CA TYR A 42 0.89 0.66 -0.06
C TYR A 42 2.32 1.07 -0.39
N LEU A 43 2.74 0.79 -1.61
CA LEU A 43 4.08 1.12 -2.05
C LEU A 43 4.07 2.29 -3.02
N SER A 44 5.01 3.20 -2.82
CA SER A 44 5.16 4.37 -3.65
C SER A 44 6.58 4.43 -4.18
N ASN A 45 6.73 4.95 -5.39
CA ASN A 45 8.05 5.09 -6.01
C ASN A 45 8.58 6.51 -5.75
N ASP A 46 9.35 6.66 -4.68
CA ASP A 46 9.89 7.97 -4.33
C ASP A 46 11.30 8.17 -4.88
N ASN A 47 11.35 8.82 -6.04
CA ASN A 47 12.60 9.14 -6.74
C ASN A 47 13.54 7.93 -6.82
N GLY A 48 12.98 6.77 -7.17
CA GLY A 48 13.78 5.58 -7.31
C GLY A 48 13.98 4.85 -6.00
N HIS A 49 12.98 4.90 -5.15
CA HIS A 49 13.01 4.23 -3.86
C HIS A 49 11.60 3.83 -3.45
N PHE A 50 11.43 2.59 -3.05
CA PHE A 50 10.12 2.12 -2.63
C PHE A 50 9.79 2.67 -1.25
N ARG A 51 8.55 3.10 -1.06
CA ARG A 51 8.13 3.64 0.22
C ARG A 51 6.73 3.21 0.59
N TRP A 52 6.57 2.83 1.85
CA TRP A 52 5.28 2.45 2.39
C TRP A 52 4.44 3.70 2.63
N VAL A 53 3.45 3.89 1.79
CA VAL A 53 2.57 5.04 1.87
C VAL A 53 1.11 4.60 1.75
N SER A 54 0.28 5.03 2.68
CA SER A 54 -1.12 4.65 2.67
C SER A 54 -2.01 5.90 2.63
N GLY A 55 -1.38 7.05 2.35
CA GLY A 55 -2.11 8.29 2.29
C GLY A 55 -2.81 8.47 0.96
N GLY A 56 -2.06 8.81 -0.07
CA GLY A 56 -2.65 9.01 -1.38
C GLY A 56 -1.66 9.57 -2.38
N GLY A 57 -2.12 9.73 -3.61
CA GLY A 57 -1.27 10.25 -4.67
C GLY A 57 -1.95 10.17 -6.02
N GLY A 58 -1.20 10.42 -7.08
CA GLY A 58 -1.75 10.37 -8.41
C GLY A 58 -0.97 9.46 -9.33
N GLY A 59 -1.63 8.92 -10.33
CA GLY A 59 -0.97 8.03 -11.27
C GLY A 59 -1.56 8.14 -12.67
N GLY A 60 -1.67 7.00 -13.33
CA GLY A 60 -2.23 6.97 -14.67
C GLY A 60 -1.37 6.15 -15.62
N GLY A 61 -0.79 5.08 -15.10
CA GLY A 61 0.05 4.22 -15.92
C GLY A 61 -0.73 3.10 -16.57
N THR A 62 -0.55 1.91 -16.03
CA THR A 62 -1.23 0.73 -16.53
C THR A 62 -1.72 -0.13 -15.38
N ALA A 63 -3.03 -0.24 -15.24
CA ALA A 63 -3.63 -1.03 -14.18
C ALA A 63 -4.09 -2.39 -14.73
N THR A 64 -4.61 -3.22 -13.87
CA THR A 64 -5.07 -4.54 -14.28
C THR A 64 -6.51 -4.78 -13.83
N VAL A 65 -7.41 -4.96 -14.79
CA VAL A 65 -8.82 -5.19 -14.48
C VAL A 65 -9.19 -6.67 -14.65
N THR A 66 -10.04 -7.17 -13.78
CA THR A 66 -10.49 -8.55 -13.84
C THR A 66 -11.71 -8.66 -14.74
N VAL A 67 -11.63 -9.58 -15.70
CA VAL A 67 -12.70 -9.79 -16.64
C VAL A 67 -13.79 -10.64 -16.01
N GLN A 68 -15.03 -10.22 -16.22
CA GLN A 68 -16.19 -10.92 -15.68
C GLN A 68 -16.92 -11.63 -16.82
N GLN A 69 -17.88 -12.46 -16.47
CA GLN A 69 -18.63 -13.23 -17.45
C GLN A 69 -19.47 -12.33 -18.36
N GLY A 70 -19.26 -12.44 -19.66
CA GLY A 70 -20.02 -11.65 -20.61
C GLY A 70 -19.29 -10.42 -21.10
N ASP A 71 -18.11 -10.17 -20.54
CA ASP A 71 -17.33 -9.01 -20.93
C ASP A 71 -16.15 -9.40 -21.79
N THR A 72 -16.08 -8.83 -22.99
CA THR A 72 -14.98 -9.09 -23.92
C THR A 72 -14.08 -7.86 -23.96
N LEU A 73 -13.01 -7.90 -24.76
CA LEU A 73 -12.10 -6.76 -24.85
C LEU A 73 -12.89 -5.50 -25.14
N ARG A 74 -13.85 -5.65 -26.06
CA ARG A 74 -14.69 -4.55 -26.51
C ARG A 74 -15.51 -3.98 -25.34
N ASP A 75 -15.99 -4.85 -24.47
CA ASP A 75 -16.77 -4.43 -23.33
C ASP A 75 -15.89 -3.75 -22.32
N ILE A 76 -14.74 -4.37 -22.05
CA ILE A 76 -13.77 -3.83 -21.10
C ILE A 76 -13.35 -2.43 -21.52
N GLY A 77 -13.01 -2.29 -22.80
CA GLY A 77 -12.60 -1.00 -23.33
C GLY A 77 -13.65 0.07 -23.13
N ARG A 78 -14.87 -0.18 -23.57
CA ARG A 78 -15.94 0.80 -23.46
C ARG A 78 -16.37 1.00 -22.00
N ARG A 79 -16.17 -0.02 -21.19
CA ARG A 79 -16.56 0.03 -19.78
C ARG A 79 -15.60 0.88 -18.94
N PHE A 80 -14.30 0.79 -19.23
CA PHE A 80 -13.30 1.53 -18.46
C PHE A 80 -12.65 2.64 -19.29
N ASP A 81 -13.32 3.03 -20.37
CA ASP A 81 -12.85 4.09 -21.27
C ASP A 81 -11.42 3.83 -21.76
N CYS A 82 -11.18 2.61 -22.21
CA CYS A 82 -9.89 2.21 -22.72
C CYS A 82 -10.08 1.58 -24.09
N ASP A 83 -9.00 1.31 -24.79
CA ASP A 83 -9.12 0.71 -26.11
C ASP A 83 -8.94 -0.80 -26.03
N PHE A 84 -10.00 -1.50 -26.42
CA PHE A 84 -10.04 -2.97 -26.43
C PHE A 84 -8.84 -3.56 -27.17
N HIS A 85 -8.38 -2.83 -28.18
CA HIS A 85 -7.24 -3.22 -28.99
C HIS A 85 -5.98 -3.21 -28.16
N GLU A 86 -5.85 -2.18 -27.32
CA GLU A 86 -4.69 -2.03 -26.46
C GLU A 86 -4.73 -3.08 -25.36
N ILE A 87 -5.89 -3.21 -24.73
CA ILE A 87 -6.08 -4.20 -23.66
C ILE A 87 -5.57 -5.55 -24.13
N ALA A 88 -5.96 -5.90 -25.35
CA ALA A 88 -5.54 -7.12 -25.96
C ALA A 88 -4.02 -7.18 -26.13
N ARG A 89 -3.44 -6.14 -26.73
CA ARG A 89 -2.00 -6.12 -26.96
C ARG A 89 -1.21 -6.12 -25.65
N ARG A 90 -1.81 -5.57 -24.60
CA ARG A 90 -1.17 -5.53 -23.29
C ARG A 90 -0.99 -6.93 -22.74
N ASN A 91 -2.00 -7.76 -22.97
CA ASN A 91 -2.01 -9.14 -22.50
C ASN A 91 -1.50 -10.10 -23.57
N ASN A 92 -1.21 -9.54 -24.75
CA ASN A 92 -0.72 -10.30 -25.91
C ASN A 92 -1.85 -11.04 -26.62
N ILE A 93 -3.08 -10.72 -26.25
CA ILE A 93 -4.26 -11.31 -26.87
C ILE A 93 -4.73 -10.41 -28.00
N GLN A 94 -5.86 -10.71 -28.58
CA GLN A 94 -6.39 -9.89 -29.67
C GLN A 94 -7.69 -9.23 -29.26
N ASN A 95 -8.03 -8.14 -29.92
CA ASN A 95 -9.27 -7.42 -29.62
C ASN A 95 -10.47 -8.37 -29.72
N GLU A 96 -10.77 -8.80 -30.95
CA GLU A 96 -11.88 -9.70 -31.22
C GLU A 96 -11.54 -11.13 -30.79
N ASP A 97 -10.46 -11.28 -30.01
CA ASP A 97 -10.04 -12.59 -29.52
C ASP A 97 -11.09 -13.14 -28.61
N LEU A 98 -11.80 -12.23 -27.94
CA LEU A 98 -12.83 -12.61 -26.99
C LEU A 98 -12.20 -13.27 -25.75
N ILE A 99 -12.33 -12.58 -24.64
CA ILE A 99 -11.77 -13.03 -23.38
C ILE A 99 -12.80 -13.80 -22.56
N TYR A 100 -12.38 -14.33 -21.42
CA TYR A 100 -13.25 -15.11 -20.56
C TYR A 100 -13.25 -14.54 -19.13
N PRO A 101 -14.30 -14.84 -18.37
CA PRO A 101 -14.45 -14.36 -16.99
C PRO A 101 -13.44 -14.95 -16.04
N GLY A 102 -12.93 -14.12 -15.15
CA GLY A 102 -11.96 -14.56 -14.17
C GLY A 102 -10.56 -14.34 -14.67
N GLN A 103 -10.42 -13.40 -15.58
CA GLN A 103 -9.11 -13.08 -16.14
C GLN A 103 -8.69 -11.70 -15.70
N VAL A 104 -7.43 -11.38 -15.88
CA VAL A 104 -6.92 -10.08 -15.51
C VAL A 104 -6.23 -9.43 -16.70
N LEU A 105 -6.85 -8.38 -17.23
CA LEU A 105 -6.31 -7.68 -18.38
C LEU A 105 -5.68 -6.36 -17.97
N GLN A 106 -4.69 -5.93 -18.74
CA GLN A 106 -4.02 -4.68 -18.46
C GLN A 106 -4.69 -3.53 -19.17
N VAL A 107 -5.20 -2.62 -18.38
CA VAL A 107 -5.89 -1.45 -18.88
C VAL A 107 -5.25 -0.19 -18.32
N PRO A 108 -5.31 0.91 -19.06
CA PRO A 108 -4.71 2.19 -18.65
C PRO A 108 -5.32 2.78 -17.38
N THR A 109 -6.52 2.34 -17.03
CA THR A 109 -7.17 2.85 -15.84
C THR A 109 -8.19 1.85 -15.30
N LYS A 110 -8.37 1.86 -13.98
CA LYS A 110 -9.31 0.97 -13.32
C LYS A 110 -10.71 1.57 -13.33
N GLY A 111 -11.68 0.80 -12.87
CA GLY A 111 -13.05 1.26 -12.81
C GLY A 111 -13.33 1.94 -11.49
N GLY A 112 -12.72 3.12 -11.31
CA GLY A 112 -12.89 3.85 -10.09
C GLY A 112 -11.67 3.74 -9.20
N SER A 113 -10.75 4.70 -9.35
CA SER A 113 -9.52 4.74 -8.58
C SER A 113 -8.52 3.72 -9.10
N GLY A 114 -7.81 4.12 -10.15
CA GLY A 114 -6.81 3.25 -10.75
C GLY A 114 -5.72 2.87 -9.78
N GLY A 115 -5.08 3.87 -9.19
CA GLY A 115 -4.04 3.62 -8.21
C GLY A 115 -4.61 3.53 -6.82
N GLY A 116 -4.15 4.37 -5.92
CA GLY A 116 -4.67 4.35 -4.57
C GLY A 116 -3.94 5.31 -3.64
N ALA A 117 -2.81 4.85 -3.11
CA ALA A 117 -2.03 5.65 -2.18
C ALA A 117 -0.56 5.69 -2.56
N GLY A 118 -0.06 4.59 -3.08
CA GLY A 118 1.33 4.53 -3.45
C GLY A 118 1.57 4.91 -4.89
N ASN A 119 1.05 4.08 -5.79
CA ASN A 119 1.16 4.29 -7.23
C ASN A 119 2.58 4.03 -7.72
N PHE A 120 3.31 3.19 -7.00
CA PHE A 120 4.68 2.85 -7.39
C PHE A 120 4.68 2.22 -8.79
N TRP A 121 3.69 1.36 -9.02
CA TRP A 121 3.54 0.63 -10.27
C TRP A 121 3.25 1.55 -11.44
N ASP A 122 2.61 2.67 -11.16
CA ASP A 122 2.28 3.63 -12.21
C ASP A 122 3.53 4.14 -12.91
N SER A 123 4.68 3.98 -12.25
CA SER A 123 5.94 4.37 -12.83
C SER A 123 7.02 3.33 -12.51
N ALA A 124 6.59 2.08 -12.31
CA ALA A 124 7.52 0.99 -12.04
C ALA A 124 7.58 0.03 -13.22
N ARG A 125 8.74 -0.57 -13.41
CA ARG A 125 8.94 -1.52 -14.49
C ARG A 125 9.65 -2.77 -13.96
N ASP A 126 9.22 -3.92 -14.44
CA ASP A 126 9.80 -5.21 -14.04
C ASP A 126 9.71 -5.41 -12.54
N VAL A 127 8.48 -5.38 -12.04
CA VAL A 127 8.25 -5.57 -10.62
C VAL A 127 8.14 -7.06 -10.31
N ARG A 128 9.06 -7.55 -9.52
CA ARG A 128 9.06 -8.96 -9.14
C ARG A 128 9.41 -9.11 -7.67
N LEU A 129 8.80 -10.10 -7.03
CA LEU A 129 9.07 -10.36 -5.63
C LEU A 129 10.29 -11.24 -5.49
N VAL A 130 11.18 -10.85 -4.60
CA VAL A 130 12.39 -11.58 -4.37
C VAL A 130 12.53 -11.95 -2.90
N ASP A 131 13.35 -12.96 -2.65
CA ASP A 131 13.62 -13.46 -1.30
C ASP A 131 12.40 -14.16 -0.73
N GLY A 132 11.35 -14.24 -1.53
CA GLY A 132 10.15 -14.88 -1.09
C GLY A 132 9.15 -13.90 -0.52
N GLY A 133 9.12 -12.68 -1.07
CA GLY A 133 8.14 -11.69 -0.61
C GLY A 133 8.71 -10.74 0.47
N LYS A 134 9.75 -11.20 1.13
CA LYS A 134 10.37 -10.36 2.14
C LYS A 134 11.00 -9.14 1.48
N VAL A 135 11.18 -9.21 0.15
CA VAL A 135 11.72 -8.10 -0.63
C VAL A 135 11.00 -8.01 -1.98
N LEU A 136 10.82 -6.80 -2.46
CA LEU A 136 10.18 -6.53 -3.74
C LEU A 136 11.09 -5.69 -4.60
N GLU A 137 11.45 -6.20 -5.76
CA GLU A 137 12.37 -5.51 -6.66
C GLU A 137 11.66 -5.01 -7.91
N ALA A 138 11.96 -3.78 -8.28
CA ALA A 138 11.39 -3.16 -9.46
C ALA A 138 12.20 -1.94 -9.87
N GLU A 139 12.10 -1.55 -11.13
CA GLU A 139 12.79 -0.38 -11.61
C GLU A 139 11.82 0.78 -11.56
N LEU A 140 12.04 1.68 -10.63
CA LEU A 140 11.17 2.82 -10.44
C LEU A 140 11.66 4.02 -11.23
N ARG A 141 10.75 4.64 -11.95
CA ARG A 141 11.02 5.81 -12.74
C ARG A 141 11.26 6.99 -11.81
N TYR A 142 12.22 7.84 -12.13
CA TYR A 142 12.51 8.96 -11.28
C TYR A 142 13.17 10.10 -12.05
N SER A 143 13.76 11.04 -11.34
CA SER A 143 14.40 12.21 -11.94
C SER A 143 15.59 11.83 -12.83
N GLY A 144 16.06 10.59 -12.71
CA GLY A 144 17.20 10.15 -13.50
C GLY A 144 16.92 8.89 -14.30
N GLY A 145 15.70 8.76 -14.80
CA GLY A 145 15.36 7.58 -15.59
C GLY A 145 14.71 6.49 -14.76
N TRP A 146 15.30 5.31 -14.77
CA TRP A 146 14.78 4.18 -14.03
C TRP A 146 15.82 3.64 -13.05
N ASN A 147 15.45 3.55 -11.79
CA ASN A 147 16.35 3.08 -10.74
C ASN A 147 15.90 1.73 -10.22
N ARG A 148 16.85 0.82 -10.09
CA ARG A 148 16.57 -0.52 -9.57
C ARG A 148 16.34 -0.38 -8.06
N SER A 149 15.09 -0.33 -7.67
CA SER A 149 14.74 -0.15 -6.28
C SER A 149 14.05 -1.39 -5.72
N ARG A 150 14.04 -1.52 -4.40
CA ARG A 150 13.39 -2.66 -3.76
C ARG A 150 12.77 -2.25 -2.43
N ILE A 151 11.80 -3.03 -1.97
CA ILE A 151 11.13 -2.77 -0.70
C ILE A 151 10.84 -4.09 0.01
N TYR A 152 10.99 -4.10 1.31
CA TYR A 152 10.75 -5.30 2.08
C TYR A 152 9.29 -5.42 2.48
N LEU A 153 8.52 -6.26 1.78
CA LEU A 153 7.11 -6.41 2.14
C LEU A 153 6.99 -6.98 3.54
N ASP A 154 7.92 -7.85 3.87
CA ASP A 154 7.97 -8.47 5.20
C ASP A 154 8.03 -7.43 6.34
N GLU A 155 8.22 -6.15 6.00
CA GLU A 155 8.29 -5.08 7.00
C GLU A 155 6.94 -4.78 7.61
N HIS A 156 5.97 -4.54 6.76
CA HIS A 156 4.64 -4.18 7.26
C HIS A 156 3.56 -5.08 6.71
N ILE A 157 3.94 -6.07 5.94
CA ILE A 157 2.97 -7.00 5.39
C ILE A 157 3.02 -8.31 6.17
N GLY A 158 1.99 -8.58 6.96
CA GLY A 158 1.94 -9.79 7.74
C GLY A 158 0.80 -10.71 7.34
N ASN A 159 0.87 -11.95 7.82
CA ASN A 159 -0.15 -12.95 7.54
C ASN A 159 -1.07 -13.12 8.75
N ARG A 160 -2.37 -13.08 8.49
CA ARG A 160 -3.35 -13.26 9.54
C ARG A 160 -4.20 -14.49 9.26
N ASN A 161 -3.71 -15.65 9.70
CA ASN A 161 -4.39 -16.93 9.53
C ASN A 161 -4.79 -17.21 8.08
N GLY A 162 -3.86 -17.00 7.15
CA GLY A 162 -4.13 -17.26 5.75
C GLY A 162 -4.55 -16.03 4.97
N GLU A 163 -4.42 -14.86 5.59
CA GLU A 163 -4.78 -13.62 4.95
C GLU A 163 -3.59 -12.66 4.93
N LEU A 164 -3.44 -11.92 3.86
CA LEU A 164 -2.34 -11.00 3.70
C LEU A 164 -2.76 -9.58 4.02
N ILE A 165 -2.24 -9.05 5.13
CA ILE A 165 -2.57 -7.69 5.55
C ILE A 165 -1.36 -6.98 6.12
N HIS A 166 -1.58 -5.82 6.73
CA HIS A 166 -0.48 -5.07 7.30
C HIS A 166 -0.22 -5.54 8.73
N CYS A 167 1.02 -5.95 8.98
CA CYS A 167 1.45 -6.44 10.29
C CYS A 167 0.61 -7.65 10.74
N GLY A 1 15.20 -10.30 6.78
CA GLY A 1 14.90 -9.44 7.94
C GLY A 1 13.45 -9.02 7.95
N ASN A 2 12.80 -9.09 9.11
CA ASN A 2 11.41 -8.71 9.23
C ASN A 2 11.31 -7.42 10.02
N TYR A 3 10.11 -6.87 10.06
CA TYR A 3 9.85 -5.64 10.80
C TYR A 3 8.59 -5.80 11.64
N ALA A 4 7.47 -5.96 10.96
CA ALA A 4 6.20 -6.13 11.62
C ALA A 4 5.32 -7.15 10.89
N GLY A 5 5.51 -7.28 9.57
CA GLY A 5 4.69 -8.20 8.82
C GLY A 5 4.97 -9.65 9.12
N ASN A 6 6.14 -10.12 8.73
CA ASN A 6 6.53 -11.52 8.92
C ASN A 6 5.69 -12.44 8.05
N PHE A 7 5.03 -11.88 7.04
CA PHE A 7 4.20 -12.68 6.15
C PHE A 7 5.03 -13.68 5.38
N SER A 8 6.28 -13.34 5.05
CA SER A 8 7.15 -14.24 4.31
C SER A 8 7.55 -15.41 5.19
N GLY A 9 7.35 -15.22 6.50
CA GLY A 9 7.67 -16.26 7.45
C GLY A 9 6.63 -17.38 7.51
N SER A 10 5.42 -17.10 7.04
CA SER A 10 4.35 -18.10 7.05
C SER A 10 3.72 -18.27 5.68
N SER A 11 3.84 -17.25 4.85
CA SER A 11 3.28 -17.27 3.52
C SER A 11 4.34 -17.64 2.51
N ARG A 12 4.00 -18.55 1.62
CA ARG A 12 4.92 -18.97 0.59
C ARG A 12 4.44 -18.45 -0.74
N ASP A 13 5.15 -18.82 -1.80
CA ASP A 13 4.82 -18.41 -3.17
C ASP A 13 4.43 -16.93 -3.26
N ILE A 14 5.20 -16.07 -2.59
CA ILE A 14 4.90 -14.66 -2.59
C ILE A 14 5.38 -14.03 -3.90
N CYS A 15 4.43 -13.73 -4.78
CA CYS A 15 4.71 -13.11 -6.07
C CYS A 15 3.56 -12.19 -6.45
N LEU A 16 3.86 -10.93 -6.75
CA LEU A 16 2.82 -9.98 -7.12
C LEU A 16 2.70 -9.80 -8.63
N ASP A 17 1.50 -9.44 -9.03
CA ASP A 17 1.21 -9.17 -10.43
C ASP A 17 1.32 -7.67 -10.63
N GLY A 18 2.57 -7.19 -10.66
CA GLY A 18 2.82 -5.79 -10.86
C GLY A 18 2.74 -5.02 -9.55
N ALA A 19 1.60 -5.17 -8.89
CA ALA A 19 1.37 -4.52 -7.62
C ALA A 19 0.45 -5.40 -6.76
N ARG A 20 -0.11 -6.44 -7.36
CA ARG A 20 -1.00 -7.35 -6.65
C ARG A 20 -0.20 -8.40 -5.89
N LEU A 21 0.21 -8.07 -4.67
CA LEU A 21 1.00 -8.98 -3.83
C LEU A 21 0.24 -10.23 -3.52
N ARG A 22 0.75 -11.35 -3.99
CA ARG A 22 0.09 -12.62 -3.78
C ARG A 22 1.00 -13.59 -3.07
N ALA A 23 0.48 -14.22 -2.03
CA ALA A 23 1.24 -15.18 -1.25
C ALA A 23 0.33 -16.21 -0.62
N GLU A 24 0.85 -17.40 -0.49
CA GLU A 24 0.16 -18.52 0.12
C GLU A 24 0.29 -18.41 1.63
N CYS A 25 -0.51 -17.54 2.21
CA CYS A 25 -0.51 -17.31 3.64
C CYS A 25 -0.92 -18.57 4.40
N ARG A 26 -0.07 -18.96 5.33
CA ARG A 26 -0.32 -20.14 6.15
C ARG A 26 -1.40 -19.85 7.20
N ARG A 27 -2.53 -20.53 7.08
CA ARG A 27 -3.61 -20.38 8.05
C ARG A 27 -3.25 -21.20 9.27
N GLY A 28 -3.74 -20.77 10.43
CA GLY A 28 -3.46 -21.43 11.71
C GLY A 28 -3.71 -22.93 11.70
N ASP A 29 -4.48 -23.40 10.74
CA ASP A 29 -4.78 -24.82 10.61
C ASP A 29 -3.56 -25.58 10.10
N GLY A 30 -2.58 -24.82 9.62
CA GLY A 30 -1.36 -25.41 9.11
C GLY A 30 -1.41 -25.52 7.61
N GLY A 31 -2.44 -24.94 7.02
CA GLY A 31 -2.60 -24.99 5.58
C GLY A 31 -2.25 -23.70 4.88
N TYR A 32 -1.92 -23.77 3.61
CA TYR A 32 -1.57 -22.58 2.83
C TYR A 32 -2.74 -22.13 1.97
N SER A 33 -3.06 -20.85 2.07
CA SER A 33 -4.15 -20.28 1.30
C SER A 33 -3.64 -19.14 0.43
N THR A 34 -3.99 -19.17 -0.85
CA THR A 34 -3.55 -18.13 -1.77
C THR A 34 -4.23 -16.79 -1.47
N SER A 35 -3.44 -15.85 -0.96
CA SER A 35 -3.93 -14.53 -0.64
C SER A 35 -3.28 -13.49 -1.55
N VAL A 36 -3.98 -12.38 -1.81
CA VAL A 36 -3.45 -11.33 -2.66
C VAL A 36 -3.92 -9.95 -2.17
N ILE A 37 -2.99 -9.00 -2.12
CA ILE A 37 -3.27 -7.65 -1.65
C ILE A 37 -2.65 -6.61 -2.60
N ASP A 38 -3.33 -5.48 -2.77
CA ASP A 38 -2.82 -4.43 -3.66
C ASP A 38 -1.75 -3.62 -2.96
N LEU A 39 -0.51 -3.83 -3.36
CA LEU A 39 0.61 -3.11 -2.79
C LEU A 39 0.80 -1.79 -3.50
N ASN A 40 -0.04 -1.52 -4.50
CA ASN A 40 0.06 -0.27 -5.23
C ASN A 40 -0.41 0.87 -4.35
N ARG A 41 -1.22 0.53 -3.35
CA ARG A 41 -1.71 1.54 -2.41
C ARG A 41 -0.96 1.45 -1.10
N TYR A 42 0.16 0.76 -1.14
CA TYR A 42 1.00 0.60 0.03
C TYR A 42 2.42 1.04 -0.27
N LEU A 43 2.84 0.80 -1.50
CA LEU A 43 4.17 1.17 -1.94
C LEU A 43 4.10 2.36 -2.87
N SER A 44 5.07 3.24 -2.76
CA SER A 44 5.14 4.44 -3.58
C SER A 44 6.55 4.62 -4.14
N ASN A 45 6.64 5.06 -5.39
CA ASN A 45 7.93 5.31 -6.00
C ASN A 45 8.37 6.74 -5.72
N ASP A 46 9.36 6.89 -4.85
CA ASP A 46 9.89 8.20 -4.51
C ASP A 46 11.29 8.37 -5.10
N ASN A 47 11.31 8.92 -6.32
CA ASN A 47 12.55 9.18 -7.05
C ASN A 47 13.40 7.90 -7.17
N GLY A 48 12.75 6.81 -7.56
CA GLY A 48 13.46 5.56 -7.75
C GLY A 48 13.73 4.85 -6.43
N HIS A 49 12.83 4.99 -5.48
CA HIS A 49 12.95 4.36 -4.17
C HIS A 49 11.57 4.03 -3.65
N PHE A 50 11.37 2.79 -3.25
CA PHE A 50 10.09 2.36 -2.72
C PHE A 50 9.81 3.00 -1.36
N ARG A 51 8.55 3.30 -1.10
CA ARG A 51 8.14 3.93 0.14
C ARG A 51 6.77 3.44 0.61
N TRP A 52 6.69 3.05 1.88
CA TRP A 52 5.43 2.61 2.48
C TRP A 52 4.52 3.80 2.77
N VAL A 53 3.43 3.88 2.02
CA VAL A 53 2.41 4.94 2.14
C VAL A 53 2.96 6.29 2.58
N SER A 54 4.04 6.71 1.94
CA SER A 54 4.68 7.98 2.27
C SER A 54 3.96 9.13 1.56
N GLY A 55 2.74 9.38 1.99
CA GLY A 55 1.93 10.44 1.42
C GLY A 55 0.56 10.49 2.05
N GLY A 56 -0.17 9.39 1.92
CA GLY A 56 -1.50 9.32 2.50
C GLY A 56 -2.58 9.19 1.45
N GLY A 57 -3.44 8.20 1.60
CA GLY A 57 -4.53 7.99 0.66
C GLY A 57 -5.44 6.87 1.11
N GLY A 58 -6.26 7.14 2.12
CA GLY A 58 -7.17 6.13 2.62
C GLY A 58 -8.42 6.75 3.19
N GLY A 59 -9.41 5.93 3.49
CA GLY A 59 -10.65 6.43 4.05
C GLY A 59 -10.60 6.57 5.55
N GLY A 60 -9.82 7.53 6.02
CA GLY A 60 -9.70 7.75 7.45
C GLY A 60 -8.35 7.33 7.98
N GLY A 61 -8.25 7.15 9.30
CA GLY A 61 -7.00 6.74 9.90
C GLY A 61 -6.14 7.93 10.27
N THR A 62 -4.84 7.81 9.99
CA THR A 62 -3.90 8.87 10.29
C THR A 62 -2.96 9.09 9.10
N ALA A 63 -2.86 10.34 8.67
CA ALA A 63 -2.03 10.73 7.56
C ALA A 63 -1.12 11.89 7.95
N THR A 64 -0.27 12.31 7.03
CA THR A 64 0.65 13.40 7.31
C THR A 64 0.56 14.47 6.24
N VAL A 65 0.18 15.69 6.63
CA VAL A 65 0.07 16.78 5.68
C VAL A 65 1.21 17.78 5.85
N THR A 66 1.70 18.32 4.74
CA THR A 66 2.78 19.28 4.76
C THR A 66 2.20 20.69 4.91
N VAL A 67 2.68 21.39 5.92
CA VAL A 67 2.25 22.74 6.22
C VAL A 67 2.82 23.71 5.23
N GLN A 68 1.96 24.58 4.73
CA GLN A 68 2.33 25.60 3.77
C GLN A 68 2.46 26.97 4.43
N GLN A 69 3.02 27.92 3.71
CA GLN A 69 3.24 29.27 4.21
C GLN A 69 1.94 29.97 4.56
N GLY A 70 1.83 30.40 5.81
CA GLY A 70 0.64 31.10 6.26
C GLY A 70 -0.39 30.20 6.90
N ASP A 71 -0.17 28.90 6.81
CA ASP A 71 -1.11 27.93 7.37
C ASP A 71 -0.71 27.54 8.79
N THR A 72 -1.62 27.73 9.73
CA THR A 72 -1.39 27.35 11.12
C THR A 72 -2.22 26.11 11.42
N LEU A 73 -2.16 25.61 12.66
CA LEU A 73 -2.96 24.42 13.01
C LEU A 73 -4.41 24.65 12.64
N ARG A 74 -4.88 25.86 12.92
CA ARG A 74 -6.26 26.25 12.65
C ARG A 74 -6.56 26.23 11.16
N ASP A 75 -5.58 26.63 10.36
CA ASP A 75 -5.74 26.66 8.92
C ASP A 75 -5.75 25.25 8.37
N ILE A 76 -4.84 24.42 8.87
CA ILE A 76 -4.76 23.03 8.45
C ILE A 76 -6.06 22.31 8.76
N GLY A 77 -6.55 22.51 9.98
CA GLY A 77 -7.79 21.89 10.40
C GLY A 77 -8.97 22.26 9.52
N ARG A 78 -9.16 23.55 9.28
CA ARG A 78 -10.26 24.02 8.46
C ARG A 78 -10.06 23.68 6.98
N ARG A 79 -8.81 23.53 6.58
CA ARG A 79 -8.46 23.24 5.20
C ARG A 79 -8.66 21.76 4.85
N PHE A 80 -8.26 20.87 5.76
CA PHE A 80 -8.39 19.43 5.50
C PHE A 80 -9.48 18.77 6.33
N ASP A 81 -10.40 19.59 6.83
CA ASP A 81 -11.53 19.11 7.63
C ASP A 81 -11.08 18.27 8.83
N CYS A 82 -10.16 18.83 9.60
CA CYS A 82 -9.62 18.18 10.79
C CYS A 82 -9.62 19.17 11.94
N ASP A 83 -9.34 18.71 13.15
CA ASP A 83 -9.32 19.60 14.30
C ASP A 83 -7.88 20.03 14.60
N PHE A 84 -7.67 21.34 14.55
CA PHE A 84 -6.38 21.97 14.80
C PHE A 84 -5.77 21.49 16.13
N HIS A 85 -6.63 21.19 17.08
CA HIS A 85 -6.24 20.71 18.39
C HIS A 85 -5.65 19.31 18.28
N GLU A 86 -6.28 18.47 17.47
CA GLU A 86 -5.83 17.10 17.25
C GLU A 86 -4.51 17.10 16.50
N ILE A 87 -4.45 17.90 15.43
CA ILE A 87 -3.24 18.01 14.62
C ILE A 87 -2.06 18.32 15.52
N ALA A 88 -2.29 19.26 16.43
CA ALA A 88 -1.29 19.66 17.38
C ALA A 88 -0.90 18.50 18.31
N ARG A 89 -1.88 17.86 18.94
CA ARG A 89 -1.58 16.77 19.87
C ARG A 89 -0.89 15.59 19.19
N ARG A 90 -1.19 15.37 17.91
CA ARG A 90 -0.58 14.27 17.17
C ARG A 90 0.89 14.58 16.87
N ASN A 91 1.19 15.87 16.76
CA ASN A 91 2.54 16.32 16.48
C ASN A 91 3.28 16.69 17.77
N ASN A 92 2.54 16.63 18.88
CA ASN A 92 3.06 16.95 20.22
C ASN A 92 3.11 18.45 20.46
N ILE A 93 2.45 19.19 19.60
CA ILE A 93 2.39 20.64 19.71
C ILE A 93 1.00 21.04 20.20
N GLN A 94 0.72 22.33 20.20
CA GLN A 94 -0.58 22.83 20.60
C GLN A 94 -1.24 23.54 19.46
N ASN A 95 -2.54 23.74 19.55
CA ASN A 95 -3.26 24.43 18.49
C ASN A 95 -2.59 25.79 18.21
N GLU A 96 -2.48 26.57 19.28
CA GLU A 96 -1.89 27.90 19.23
C GLU A 96 -0.37 27.84 19.20
N ASP A 97 0.16 26.65 18.97
CA ASP A 97 1.62 26.46 18.90
C ASP A 97 2.11 27.25 17.72
N LEU A 98 1.28 27.31 16.67
CA LEU A 98 1.62 28.01 15.44
C LEU A 98 2.73 27.26 14.71
N ILE A 99 2.38 26.72 13.57
CA ILE A 99 3.30 25.93 12.76
C ILE A 99 3.95 26.79 11.67
N TYR A 100 4.88 26.20 10.93
CA TYR A 100 5.60 26.92 9.88
C TYR A 100 5.55 26.14 8.56
N PRO A 101 5.74 26.83 7.44
CA PRO A 101 5.71 26.23 6.11
C PRO A 101 6.86 25.26 5.86
N GLY A 102 6.52 24.09 5.33
CA GLY A 102 7.51 23.08 5.04
C GLY A 102 7.56 22.06 6.14
N GLN A 103 6.55 22.07 6.99
CA GLN A 103 6.48 21.12 8.10
C GLN A 103 5.49 20.01 7.78
N VAL A 104 5.56 18.91 8.50
CA VAL A 104 4.65 17.82 8.27
C VAL A 104 3.89 17.51 9.57
N LEU A 105 2.57 17.65 9.52
CA LEU A 105 1.72 17.40 10.67
C LEU A 105 0.85 16.19 10.46
N GLN A 106 0.48 15.52 11.54
CA GLN A 106 -0.36 14.34 11.45
C GLN A 106 -1.83 14.71 11.52
N VAL A 107 -2.49 14.48 10.41
CA VAL A 107 -3.91 14.77 10.26
C VAL A 107 -4.66 13.51 9.86
N PRO A 108 -5.95 13.43 10.23
CA PRO A 108 -6.80 12.26 9.99
C PRO A 108 -7.07 11.96 8.50
N THR A 109 -6.80 12.93 7.63
CA THR A 109 -7.02 12.73 6.21
C THR A 109 -6.14 13.65 5.38
N LYS A 110 -5.88 13.26 4.13
CA LYS A 110 -5.06 14.06 3.23
C LYS A 110 -5.94 14.74 2.19
N GLY A 111 -5.35 15.64 1.43
CA GLY A 111 -6.08 16.33 0.39
C GLY A 111 -6.19 15.50 -0.86
N GLY A 112 -5.13 15.52 -1.66
CA GLY A 112 -5.09 14.74 -2.88
C GLY A 112 -4.05 13.64 -2.78
N SER A 113 -4.21 12.59 -3.56
CA SER A 113 -3.28 11.49 -3.52
C SER A 113 -2.79 11.11 -4.92
N GLY A 114 -3.57 11.46 -5.94
CA GLY A 114 -3.19 11.15 -7.31
C GLY A 114 -3.87 9.90 -7.82
N GLY A 115 -3.87 8.86 -6.99
CA GLY A 115 -4.51 7.61 -7.37
C GLY A 115 -4.97 6.85 -6.15
N GLY A 116 -4.02 6.31 -5.40
CA GLY A 116 -4.36 5.57 -4.20
C GLY A 116 -3.61 6.13 -3.01
N ALA A 117 -2.63 5.37 -2.53
CA ALA A 117 -1.83 5.80 -1.40
C ALA A 117 -0.35 5.75 -1.75
N GLY A 118 -0.02 4.94 -2.75
CA GLY A 118 1.35 4.80 -3.17
C GLY A 118 1.53 5.11 -4.64
N ASN A 119 1.06 4.19 -5.49
CA ASN A 119 1.11 4.34 -6.94
C ASN A 119 2.52 4.09 -7.46
N PHE A 120 3.23 3.17 -6.83
CA PHE A 120 4.59 2.85 -7.28
C PHE A 120 4.54 2.23 -8.68
N TRP A 121 3.49 1.44 -8.92
CA TRP A 121 3.30 0.75 -10.20
C TRP A 121 3.09 1.74 -11.34
N ASP A 122 2.57 2.91 -11.01
CA ASP A 122 2.32 3.94 -12.00
C ASP A 122 3.61 4.43 -12.65
N SER A 123 4.72 4.07 -12.03
CA SER A 123 6.03 4.44 -12.53
C SER A 123 7.02 3.31 -12.32
N ALA A 124 6.52 2.08 -12.16
CA ALA A 124 7.37 0.92 -11.95
C ALA A 124 7.31 -0.04 -13.11
N ARG A 125 8.45 -0.66 -13.40
CA ARG A 125 8.58 -1.63 -14.47
C ARG A 125 9.39 -2.83 -13.99
N ASP A 126 9.12 -3.99 -14.56
CA ASP A 126 9.82 -5.23 -14.19
C ASP A 126 9.76 -5.50 -12.69
N VAL A 127 8.55 -5.50 -12.16
CA VAL A 127 8.33 -5.73 -10.74
C VAL A 127 8.39 -7.22 -10.44
N ARG A 128 9.20 -7.57 -9.45
CA ARG A 128 9.37 -8.96 -9.06
C ARG A 128 9.61 -9.08 -7.55
N LEU A 129 9.02 -10.08 -6.93
CA LEU A 129 9.23 -10.29 -5.51
C LEU A 129 10.47 -11.13 -5.28
N VAL A 130 11.37 -10.63 -4.46
CA VAL A 130 12.60 -11.32 -4.16
C VAL A 130 12.66 -11.65 -2.67
N ASP A 131 13.58 -12.53 -2.31
CA ASP A 131 13.76 -12.97 -0.92
C ASP A 131 12.57 -13.79 -0.46
N GLY A 132 11.63 -14.01 -1.36
CA GLY A 132 10.45 -14.76 -1.00
C GLY A 132 9.33 -13.87 -0.54
N GLY A 133 9.34 -12.61 -0.97
CA GLY A 133 8.27 -11.67 -0.59
C GLY A 133 8.71 -10.66 0.48
N LYS A 134 9.76 -11.01 1.20
CA LYS A 134 10.25 -10.11 2.21
C LYS A 134 10.91 -8.91 1.56
N VAL A 135 11.12 -8.99 0.24
CA VAL A 135 11.69 -7.89 -0.54
C VAL A 135 11.01 -7.84 -1.91
N LEU A 136 10.86 -6.64 -2.44
CA LEU A 136 10.24 -6.41 -3.73
C LEU A 136 11.18 -5.58 -4.59
N GLU A 137 11.52 -6.09 -5.76
CA GLU A 137 12.45 -5.42 -6.66
C GLU A 137 11.73 -4.95 -7.91
N ALA A 138 11.98 -3.71 -8.30
CA ALA A 138 11.35 -3.13 -9.49
C ALA A 138 12.11 -1.91 -9.96
N GLU A 139 11.94 -1.57 -11.23
CA GLU A 139 12.60 -0.41 -11.79
C GLU A 139 11.64 0.77 -11.72
N LEU A 140 11.95 1.70 -10.84
CA LEU A 140 11.10 2.87 -10.65
C LEU A 140 11.67 4.05 -11.42
N ARG A 141 10.79 4.74 -12.14
CA ARG A 141 11.19 5.89 -12.93
C ARG A 141 11.48 7.09 -12.03
N TYR A 142 12.51 7.84 -12.38
CA TYR A 142 12.89 9.00 -11.61
C TYR A 142 13.71 9.97 -12.44
N SER A 143 14.34 10.93 -11.78
CA SER A 143 15.16 11.93 -12.45
C SER A 143 16.22 11.31 -13.36
N GLY A 144 16.70 10.13 -12.98
CA GLY A 144 17.74 9.47 -13.77
C GLY A 144 17.22 8.34 -14.63
N GLY A 145 15.98 8.44 -15.07
CA GLY A 145 15.40 7.41 -15.91
C GLY A 145 14.72 6.33 -15.09
N TRP A 146 15.27 5.12 -15.13
CA TRP A 146 14.70 4.01 -14.39
C TRP A 146 15.75 3.41 -13.45
N ASN A 147 15.41 3.33 -12.17
CA ASN A 147 16.32 2.78 -11.17
C ASN A 147 15.69 1.56 -10.52
N ARG A 148 16.46 0.49 -10.44
CA ARG A 148 15.99 -0.74 -9.83
C ARG A 148 16.04 -0.62 -8.31
N SER A 149 14.90 -0.26 -7.72
CA SER A 149 14.79 -0.10 -6.29
C SER A 149 14.10 -1.30 -5.69
N ARG A 150 14.10 -1.40 -4.37
CA ARG A 150 13.45 -2.52 -3.70
C ARG A 150 12.89 -2.12 -2.35
N ILE A 151 11.88 -2.87 -1.90
CA ILE A 151 11.24 -2.61 -0.61
C ILE A 151 10.93 -3.93 0.07
N TYR A 152 10.91 -3.95 1.39
CA TYR A 152 10.63 -5.17 2.12
C TYR A 152 9.13 -5.27 2.43
N LEU A 153 8.41 -6.14 1.72
CA LEU A 153 6.98 -6.27 1.99
C LEU A 153 6.78 -6.86 3.36
N ASP A 154 7.66 -7.77 3.73
CA ASP A 154 7.60 -8.41 5.06
C ASP A 154 7.65 -7.39 6.20
N GLU A 155 8.00 -6.14 5.89
CA GLU A 155 8.09 -5.08 6.89
C GLU A 155 6.75 -4.82 7.54
N HIS A 156 5.77 -4.53 6.74
CA HIS A 156 4.47 -4.22 7.30
C HIS A 156 3.42 -5.19 6.81
N ILE A 157 3.77 -6.08 5.91
CA ILE A 157 2.81 -7.03 5.41
C ILE A 157 2.87 -8.35 6.18
N GLY A 158 1.81 -8.64 6.93
CA GLY A 158 1.73 -9.87 7.68
C GLY A 158 0.57 -10.75 7.23
N ASN A 159 0.59 -12.00 7.66
CA ASN A 159 -0.46 -12.97 7.31
C ASN A 159 -1.37 -13.23 8.51
N ARG A 160 -2.67 -13.19 8.29
CA ARG A 160 -3.63 -13.44 9.33
C ARG A 160 -4.55 -14.60 8.93
N ASN A 161 -4.13 -15.81 9.29
CA ASN A 161 -4.87 -17.04 9.01
C ASN A 161 -5.22 -17.24 7.54
N GLY A 162 -4.29 -16.92 6.66
CA GLY A 162 -4.54 -17.12 5.24
C GLY A 162 -4.84 -15.84 4.48
N GLU A 163 -4.81 -14.72 5.18
CA GLU A 163 -5.07 -13.44 4.53
C GLU A 163 -3.87 -12.53 4.66
N LEU A 164 -3.58 -11.81 3.60
CA LEU A 164 -2.44 -10.92 3.55
C LEU A 164 -2.84 -9.48 3.87
N ILE A 165 -2.39 -9.01 5.02
CA ILE A 165 -2.69 -7.65 5.48
C ILE A 165 -1.46 -7.00 6.09
N HIS A 166 -1.65 -5.89 6.78
CA HIS A 166 -0.54 -5.22 7.42
C HIS A 166 -0.36 -5.79 8.83
N CYS A 167 0.88 -6.18 9.15
CA CYS A 167 1.21 -6.75 10.46
C CYS A 167 0.46 -8.06 10.73
N GLY A 1 11.43 -12.23 8.53
CA GLY A 1 11.71 -11.67 9.88
C GLY A 1 12.32 -10.29 9.81
N ASN A 2 11.68 -9.41 9.05
CA ASN A 2 12.17 -8.04 8.90
C ASN A 2 11.68 -7.17 10.04
N TYR A 3 10.39 -6.90 10.07
CA TYR A 3 9.84 -6.04 11.10
C TYR A 3 8.51 -6.57 11.65
N ALA A 4 7.42 -5.99 11.16
CA ALA A 4 6.10 -6.35 11.63
C ALA A 4 5.40 -7.37 10.73
N GLY A 5 5.72 -7.39 9.44
CA GLY A 5 5.06 -8.32 8.56
C GLY A 5 5.35 -9.76 8.89
N ASN A 6 6.55 -10.20 8.52
CA ASN A 6 7.00 -11.57 8.76
C ASN A 6 6.14 -12.56 7.98
N PHE A 7 5.39 -12.06 6.98
CA PHE A 7 4.54 -12.90 6.17
C PHE A 7 5.36 -13.94 5.41
N SER A 8 6.59 -13.60 5.05
CA SER A 8 7.45 -14.50 4.30
C SER A 8 7.84 -15.70 5.18
N GLY A 9 7.64 -15.55 6.47
CA GLY A 9 7.95 -16.61 7.41
C GLY A 9 6.90 -17.71 7.45
N SER A 10 5.67 -17.40 7.04
CA SER A 10 4.60 -18.39 7.05
C SER A 10 3.93 -18.50 5.68
N SER A 11 4.13 -17.50 4.84
CA SER A 11 3.54 -17.48 3.52
C SER A 11 4.61 -17.77 2.49
N ARG A 12 4.30 -18.65 1.56
CA ARG A 12 5.24 -18.99 0.52
C ARG A 12 4.68 -18.53 -0.81
N ASP A 13 5.39 -18.84 -1.87
CA ASP A 13 5.00 -18.46 -3.23
C ASP A 13 4.58 -17.00 -3.30
N ILE A 14 5.35 -16.11 -2.68
CA ILE A 14 5.03 -14.72 -2.66
C ILE A 14 5.47 -14.06 -3.97
N CYS A 15 4.52 -13.86 -4.86
CA CYS A 15 4.76 -13.23 -6.15
C CYS A 15 3.56 -12.35 -6.49
N LEU A 16 3.80 -11.08 -6.79
CA LEU A 16 2.73 -10.17 -7.12
C LEU A 16 2.46 -10.06 -8.60
N ASP A 17 1.25 -9.62 -8.89
CA ASP A 17 0.83 -9.39 -10.25
C ASP A 17 0.98 -7.91 -10.55
N GLY A 18 2.21 -7.49 -10.73
CA GLY A 18 2.50 -6.10 -11.03
C GLY A 18 2.49 -5.24 -9.79
N ALA A 19 1.37 -5.24 -9.10
CA ALA A 19 1.20 -4.48 -7.90
C ALA A 19 0.36 -5.22 -6.88
N ARG A 20 -0.24 -6.33 -7.29
CA ARG A 20 -1.05 -7.12 -6.38
C ARG A 20 -0.25 -8.27 -5.79
N LEU A 21 0.25 -8.03 -4.57
CA LEU A 21 1.07 -8.99 -3.83
C LEU A 21 0.31 -10.26 -3.53
N ARG A 22 0.84 -11.39 -3.98
CA ARG A 22 0.15 -12.66 -3.77
C ARG A 22 1.08 -13.67 -3.12
N ALA A 23 0.62 -14.25 -2.04
CA ALA A 23 1.39 -15.23 -1.29
C ALA A 23 0.49 -16.28 -0.68
N GLU A 24 1.04 -17.47 -0.55
CA GLU A 24 0.36 -18.61 0.03
C GLU A 24 0.50 -18.55 1.55
N CYS A 25 -0.21 -17.60 2.14
CA CYS A 25 -0.21 -17.38 3.57
C CYS A 25 -0.70 -18.62 4.33
N ARG A 26 0.12 -19.07 5.26
CA ARG A 26 -0.22 -20.22 6.08
C ARG A 26 -1.40 -19.92 6.99
N ARG A 27 -2.41 -20.75 6.93
CA ARG A 27 -3.59 -20.60 7.76
C ARG A 27 -3.53 -21.60 8.92
N GLY A 28 -4.22 -21.24 9.99
CA GLY A 28 -4.25 -22.03 11.22
C GLY A 28 -4.62 -23.48 11.04
N ASP A 29 -5.21 -23.80 9.90
CA ASP A 29 -5.60 -25.17 9.60
C ASP A 29 -4.38 -26.01 9.30
N GLY A 30 -3.23 -25.35 9.18
CA GLY A 30 -2.00 -26.04 8.89
C GLY A 30 -1.78 -26.11 7.40
N GLY A 31 -2.59 -25.35 6.67
CA GLY A 31 -2.49 -25.33 5.23
C GLY A 31 -2.19 -23.95 4.68
N TYR A 32 -1.78 -23.89 3.42
CA TYR A 32 -1.45 -22.63 2.79
C TYR A 32 -2.61 -22.14 1.92
N SER A 33 -3.00 -20.89 2.13
CA SER A 33 -4.08 -20.30 1.37
C SER A 33 -3.53 -19.17 0.50
N THR A 34 -3.81 -19.24 -0.79
CA THR A 34 -3.35 -18.21 -1.71
C THR A 34 -4.04 -16.89 -1.41
N SER A 35 -3.28 -15.93 -0.97
CA SER A 35 -3.79 -14.63 -0.62
C SER A 35 -3.14 -13.54 -1.48
N VAL A 36 -3.86 -12.45 -1.73
CA VAL A 36 -3.34 -11.36 -2.53
C VAL A 36 -3.79 -10.01 -1.98
N ILE A 37 -2.89 -9.03 -2.00
CA ILE A 37 -3.17 -7.70 -1.48
C ILE A 37 -2.68 -6.61 -2.45
N ASP A 38 -3.43 -5.51 -2.52
CA ASP A 38 -3.09 -4.39 -3.40
C ASP A 38 -1.91 -3.60 -2.84
N LEU A 39 -0.69 -3.92 -3.28
CA LEU A 39 0.49 -3.23 -2.82
C LEU A 39 0.63 -1.87 -3.48
N ASN A 40 -0.13 -1.65 -4.55
CA ASN A 40 -0.10 -0.37 -5.26
C ASN A 40 -0.68 0.72 -4.39
N ARG A 41 -1.29 0.32 -3.27
CA ARG A 41 -1.90 1.25 -2.34
C ARG A 41 -1.06 1.35 -1.09
N TYR A 42 0.14 0.79 -1.13
CA TYR A 42 1.03 0.83 0.02
C TYR A 42 2.45 1.18 -0.37
N LEU A 43 2.82 0.88 -1.61
CA LEU A 43 4.16 1.18 -2.10
C LEU A 43 4.12 2.29 -3.11
N SER A 44 5.05 3.22 -2.96
CA SER A 44 5.16 4.35 -3.87
C SER A 44 6.57 4.44 -4.43
N ASN A 45 6.68 4.90 -5.66
CA ASN A 45 7.99 5.07 -6.28
C ASN A 45 8.52 6.45 -5.91
N ASP A 46 9.41 6.48 -4.94
CA ASP A 46 9.98 7.72 -4.45
C ASP A 46 11.39 7.94 -4.98
N ASN A 47 11.47 8.65 -6.11
CA ASN A 47 12.74 8.97 -6.77
C ASN A 47 13.58 7.71 -6.99
N GLY A 48 12.94 6.64 -7.45
CA GLY A 48 13.66 5.42 -7.71
C GLY A 48 13.87 4.57 -6.47
N HIS A 49 12.96 4.71 -5.51
CA HIS A 49 13.01 3.96 -4.26
C HIS A 49 11.59 3.74 -3.75
N PHE A 50 11.25 2.48 -3.48
CA PHE A 50 9.93 2.14 -2.97
C PHE A 50 9.66 2.83 -1.63
N ARG A 51 8.39 3.09 -1.35
CA ARG A 51 8.02 3.75 -0.11
C ARG A 51 6.74 3.18 0.48
N TRP A 52 6.80 2.89 1.77
CA TRP A 52 5.67 2.39 2.53
C TRP A 52 4.72 3.52 2.91
N VAL A 53 3.52 3.49 2.38
CA VAL A 53 2.51 4.50 2.67
C VAL A 53 1.64 4.02 3.82
N SER A 54 1.22 2.76 3.74
CA SER A 54 0.38 2.13 4.75
C SER A 54 -0.90 2.92 5.01
N GLY A 55 -1.91 2.66 4.19
CA GLY A 55 -3.18 3.32 4.33
C GLY A 55 -3.40 4.42 3.33
N GLY A 56 -2.68 5.52 3.50
CA GLY A 56 -2.82 6.65 2.60
C GLY A 56 -3.67 7.75 3.19
N GLY A 57 -3.23 8.98 3.04
CA GLY A 57 -3.97 10.10 3.57
C GLY A 57 -3.32 10.66 4.82
N GLY A 58 -2.02 10.92 4.73
CA GLY A 58 -1.28 11.47 5.86
C GLY A 58 0.21 11.26 5.70
N GLY A 59 0.92 11.26 6.81
CA GLY A 59 2.36 11.08 6.76
C GLY A 59 2.77 9.64 6.47
N GLY A 60 1.81 8.73 6.60
CA GLY A 60 2.10 7.33 6.33
C GLY A 60 2.39 6.56 7.59
N GLY A 61 1.87 5.34 7.67
CA GLY A 61 2.09 4.51 8.85
C GLY A 61 1.06 4.75 9.91
N THR A 62 0.80 6.02 10.11
CA THR A 62 -0.17 6.48 11.07
C THR A 62 -0.97 7.63 10.47
N ALA A 63 -2.28 7.53 10.57
CA ALA A 63 -3.20 8.51 10.03
C ALA A 63 -4.10 9.06 11.14
N THR A 64 -4.95 10.01 10.79
CA THR A 64 -5.84 10.62 11.78
C THR A 64 -7.29 10.62 11.32
N VAL A 65 -8.15 9.90 12.02
CA VAL A 65 -9.57 9.83 11.67
C VAL A 65 -10.42 10.65 12.67
N THR A 66 -11.42 11.36 12.16
CA THR A 66 -12.32 12.16 12.99
C THR A 66 -13.49 11.31 13.47
N VAL A 67 -13.74 11.36 14.76
CA VAL A 67 -14.81 10.61 15.37
C VAL A 67 -16.13 11.34 15.19
N GLN A 68 -17.14 10.60 14.75
CA GLN A 68 -18.47 11.15 14.53
C GLN A 68 -19.37 10.83 15.72
N GLN A 69 -20.56 11.42 15.74
CA GLN A 69 -21.49 11.23 16.83
C GLN A 69 -21.98 9.78 16.90
N GLY A 70 -21.80 9.17 18.07
CA GLY A 70 -22.22 7.79 18.27
C GLY A 70 -21.10 6.80 18.02
N ASP A 71 -19.94 7.31 17.65
CA ASP A 71 -18.80 6.45 17.36
C ASP A 71 -17.97 6.19 18.61
N THR A 72 -17.38 5.00 18.65
CA THR A 72 -16.53 4.59 19.75
C THR A 72 -15.27 3.98 19.18
N LEU A 73 -14.24 3.75 20.00
CA LEU A 73 -12.99 3.16 19.49
C LEU A 73 -13.29 1.92 18.66
N ARG A 74 -14.18 1.08 19.20
CA ARG A 74 -14.55 -0.18 18.56
C ARG A 74 -15.25 0.07 17.23
N ASP A 75 -16.04 1.15 17.15
CA ASP A 75 -16.75 1.46 15.93
C ASP A 75 -15.80 1.99 14.89
N ILE A 76 -14.81 2.76 15.34
CA ILE A 76 -13.80 3.32 14.45
C ILE A 76 -12.92 2.19 13.91
N GLY A 77 -12.46 1.35 14.82
CA GLY A 77 -11.61 0.23 14.44
C GLY A 77 -12.28 -0.71 13.47
N ARG A 78 -13.50 -1.11 13.79
CA ARG A 78 -14.25 -2.03 12.94
C ARG A 78 -14.54 -1.40 11.57
N ARG A 79 -14.73 -0.08 11.57
CA ARG A 79 -15.03 0.66 10.35
C ARG A 79 -13.82 0.82 9.43
N PHE A 80 -12.66 1.12 10.01
CA PHE A 80 -11.44 1.33 9.22
C PHE A 80 -10.47 0.15 9.28
N ASP A 81 -10.99 -1.01 9.65
CA ASP A 81 -10.19 -2.24 9.74
C ASP A 81 -8.95 -2.07 10.61
N CYS A 82 -9.09 -1.31 11.69
CA CYS A 82 -8.01 -1.07 12.62
C CYS A 82 -8.39 -1.60 13.99
N ASP A 83 -7.44 -1.71 14.90
CA ASP A 83 -7.73 -2.20 16.24
C ASP A 83 -8.09 -1.04 17.15
N PHE A 84 -9.31 -1.08 17.67
CA PHE A 84 -9.82 -0.06 18.59
C PHE A 84 -8.86 0.18 19.74
N HIS A 85 -8.17 -0.87 20.13
CA HIS A 85 -7.18 -0.85 21.19
C HIS A 85 -6.03 0.08 20.81
N GLU A 86 -5.54 -0.07 19.58
CA GLU A 86 -4.44 0.73 19.09
C GLU A 86 -4.88 2.18 18.96
N ILE A 87 -6.07 2.39 18.41
CA ILE A 87 -6.62 3.73 18.27
C ILE A 87 -6.56 4.44 19.60
N ALA A 88 -6.98 3.71 20.64
CA ALA A 88 -6.95 4.21 21.99
C ALA A 88 -5.52 4.48 22.44
N ARG A 89 -4.64 3.50 22.25
CA ARG A 89 -3.23 3.62 22.65
C ARG A 89 -2.55 4.80 21.98
N ARG A 90 -2.94 5.08 20.74
CA ARG A 90 -2.37 6.19 19.98
C ARG A 90 -2.77 7.53 20.60
N ASN A 91 -4.01 7.60 21.06
CA ASN A 91 -4.55 8.81 21.66
C ASN A 91 -4.33 8.84 23.17
N ASN A 92 -3.82 7.72 23.69
CA ASN A 92 -3.55 7.55 25.12
C ASN A 92 -4.84 7.27 25.88
N ILE A 93 -5.88 6.90 25.16
CA ILE A 93 -7.18 6.56 25.74
C ILE A 93 -7.33 5.04 25.81
N GLN A 94 -8.47 4.57 26.25
CA GLN A 94 -8.73 3.14 26.33
C GLN A 94 -9.70 2.72 25.25
N ASN A 95 -9.72 1.45 24.90
CA ASN A 95 -10.64 0.97 23.88
C ASN A 95 -12.09 1.22 24.35
N GLU A 96 -12.39 0.69 25.54
CA GLU A 96 -13.71 0.83 26.14
C GLU A 96 -13.87 2.19 26.79
N ASP A 97 -12.93 3.08 26.50
CA ASP A 97 -12.96 4.44 27.02
C ASP A 97 -14.18 5.15 26.50
N LEU A 98 -14.52 4.82 25.25
CA LEU A 98 -15.65 5.45 24.56
C LEU A 98 -15.32 6.90 24.25
N ILE A 99 -15.24 7.18 22.96
CA ILE A 99 -14.90 8.50 22.47
C ILE A 99 -16.15 9.33 22.17
N TYR A 100 -15.94 10.57 21.80
CA TYR A 100 -17.02 11.50 21.50
C TYR A 100 -16.88 12.08 20.09
N PRO A 101 -17.99 12.61 19.54
CA PRO A 101 -18.02 13.18 18.19
C PRO A 101 -17.25 14.47 18.05
N GLY A 102 -16.44 14.55 17.01
CA GLY A 102 -15.67 15.74 16.74
C GLY A 102 -14.26 15.60 17.21
N GLN A 103 -13.86 14.38 17.50
CA GLN A 103 -12.50 14.13 17.97
C GLN A 103 -11.66 13.57 16.83
N VAL A 104 -10.36 13.61 16.99
CA VAL A 104 -9.46 13.08 15.99
C VAL A 104 -8.57 12.01 16.62
N LEU A 105 -8.71 10.79 16.15
CA LEU A 105 -7.93 9.68 16.67
C LEU A 105 -6.91 9.20 15.66
N GLN A 106 -5.82 8.65 16.15
CA GLN A 106 -4.79 8.14 15.27
C GLN A 106 -5.02 6.68 14.95
N VAL A 107 -5.21 6.44 13.68
CA VAL A 107 -5.45 5.11 13.15
C VAL A 107 -4.41 4.79 12.09
N PRO A 108 -4.07 3.51 11.95
CA PRO A 108 -3.05 3.05 10.99
C PRO A 108 -3.44 3.26 9.53
N THR A 109 -4.71 3.48 9.26
CA THR A 109 -5.17 3.69 7.89
C THR A 109 -6.43 4.54 7.87
N LYS A 110 -6.63 5.25 6.78
CA LYS A 110 -7.78 6.10 6.59
C LYS A 110 -8.80 5.39 5.70
N GLY A 111 -9.90 6.05 5.41
CA GLY A 111 -10.93 5.47 4.58
C GLY A 111 -10.68 5.76 3.11
N GLY A 112 -10.34 4.72 2.37
CA GLY A 112 -10.09 4.86 0.95
C GLY A 112 -11.36 5.13 0.15
N SER A 113 -11.41 6.29 -0.49
CA SER A 113 -12.58 6.66 -1.28
C SER A 113 -12.63 5.88 -2.59
N GLY A 114 -11.47 5.60 -3.16
CA GLY A 114 -11.41 4.87 -4.41
C GLY A 114 -10.24 3.91 -4.47
N GLY A 115 -9.05 4.42 -4.16
CA GLY A 115 -7.86 3.59 -4.19
C GLY A 115 -6.71 4.24 -4.94
N GLY A 116 -5.49 4.01 -4.46
CA GLY A 116 -4.32 4.56 -5.10
C GLY A 116 -3.51 5.41 -4.14
N ALA A 117 -3.02 4.79 -3.08
CA ALA A 117 -2.24 5.49 -2.08
C ALA A 117 -0.75 5.44 -2.39
N GLY A 118 -0.33 4.36 -3.04
CA GLY A 118 1.07 4.20 -3.37
C GLY A 118 1.40 4.69 -4.76
N ASN A 119 0.98 3.91 -5.76
CA ASN A 119 1.16 4.21 -7.18
C ASN A 119 2.59 3.93 -7.66
N PHE A 120 3.28 2.99 -7.02
CA PHE A 120 4.63 2.64 -7.45
C PHE A 120 4.62 2.05 -8.85
N TRP A 121 3.59 1.25 -9.15
CA TRP A 121 3.45 0.57 -10.43
C TRP A 121 3.29 1.55 -11.58
N ASP A 122 2.72 2.72 -11.29
CA ASP A 122 2.51 3.74 -12.30
C ASP A 122 3.82 4.13 -12.97
N SER A 123 4.92 3.86 -12.29
CA SER A 123 6.23 4.14 -12.83
C SER A 123 7.21 3.03 -12.46
N ALA A 124 6.70 1.80 -12.33
CA ALA A 124 7.55 0.66 -12.02
C ALA A 124 7.59 -0.31 -13.19
N ARG A 125 8.77 -0.84 -13.47
CA ARG A 125 8.96 -1.79 -14.55
C ARG A 125 9.66 -3.04 -14.02
N ASP A 126 9.31 -4.18 -14.60
CA ASP A 126 9.88 -5.47 -14.23
C ASP A 126 9.81 -5.68 -12.72
N VAL A 127 8.60 -5.59 -12.18
CA VAL A 127 8.37 -5.77 -10.76
C VAL A 127 8.35 -7.25 -10.43
N ARG A 128 9.26 -7.65 -9.56
CA ARG A 128 9.35 -9.05 -9.18
C ARG A 128 9.66 -9.19 -7.69
N LEU A 129 9.04 -10.18 -7.07
CA LEU A 129 9.27 -10.44 -5.66
C LEU A 129 10.47 -11.33 -5.51
N VAL A 130 11.40 -10.92 -4.67
CA VAL A 130 12.61 -11.66 -4.48
C VAL A 130 12.80 -12.02 -3.00
N ASP A 131 13.60 -13.07 -2.79
CA ASP A 131 13.93 -13.56 -1.45
C ASP A 131 12.71 -14.10 -0.73
N GLY A 132 11.67 -14.38 -1.47
CA GLY A 132 10.48 -14.94 -0.88
C GLY A 132 9.45 -13.91 -0.46
N GLY A 133 9.47 -12.74 -1.08
CA GLY A 133 8.46 -11.72 -0.75
C GLY A 133 8.93 -10.77 0.36
N LYS A 134 9.98 -11.19 1.04
CA LYS A 134 10.52 -10.37 2.10
C LYS A 134 11.07 -9.09 1.50
N VAL A 135 11.25 -9.10 0.19
CA VAL A 135 11.70 -7.93 -0.55
C VAL A 135 11.13 -7.92 -1.97
N LEU A 136 10.66 -6.76 -2.37
CA LEU A 136 10.08 -6.55 -3.69
C LEU A 136 11.00 -5.69 -4.51
N GLU A 137 11.40 -6.16 -5.68
CA GLU A 137 12.33 -5.42 -6.50
C GLU A 137 11.71 -5.03 -7.83
N ALA A 138 12.01 -3.82 -8.28
CA ALA A 138 11.48 -3.29 -9.54
C ALA A 138 12.28 -2.08 -10.01
N GLU A 139 12.04 -1.68 -11.24
CA GLU A 139 12.69 -0.52 -11.82
C GLU A 139 11.77 0.67 -11.64
N LEU A 140 12.12 1.57 -10.75
CA LEU A 140 11.30 2.74 -10.49
C LEU A 140 11.81 3.96 -11.24
N ARG A 141 10.89 4.63 -11.90
CA ARG A 141 11.19 5.83 -12.66
C ARG A 141 11.48 7.00 -11.74
N TYR A 142 12.44 7.82 -12.12
CA TYR A 142 12.79 8.98 -11.33
C TYR A 142 13.39 10.07 -12.21
N SER A 143 13.87 11.14 -11.59
CA SER A 143 14.45 12.26 -12.32
C SER A 143 15.63 11.85 -13.19
N GLY A 144 16.26 10.73 -12.86
CA GLY A 144 17.41 10.27 -13.61
C GLY A 144 17.10 9.08 -14.50
N GLY A 145 15.83 8.87 -14.79
CA GLY A 145 15.44 7.75 -15.65
C GLY A 145 14.79 6.64 -14.86
N TRP A 146 15.42 5.48 -14.82
CA TRP A 146 14.89 4.33 -14.10
C TRP A 146 15.98 3.75 -13.19
N ASN A 147 15.60 3.38 -11.97
CA ASN A 147 16.57 2.82 -11.03
C ASN A 147 16.04 1.55 -10.37
N ARG A 148 16.95 0.59 -10.18
CA ARG A 148 16.62 -0.69 -9.56
C ARG A 148 16.45 -0.50 -8.05
N SER A 149 15.20 -0.49 -7.61
CA SER A 149 14.91 -0.33 -6.19
C SER A 149 14.11 -1.51 -5.67
N ARG A 150 14.10 -1.67 -4.36
CA ARG A 150 13.37 -2.76 -3.74
C ARG A 150 12.83 -2.38 -2.37
N ILE A 151 11.73 -3.01 -1.98
CA ILE A 151 11.11 -2.74 -0.69
C ILE A 151 10.79 -4.04 0.03
N TYR A 152 11.16 -4.11 1.29
CA TYR A 152 10.92 -5.31 2.07
C TYR A 152 9.45 -5.43 2.47
N LEU A 153 8.68 -6.27 1.77
CA LEU A 153 7.27 -6.44 2.12
C LEU A 153 7.16 -7.07 3.50
N ASP A 154 8.08 -7.97 3.81
CA ASP A 154 8.11 -8.64 5.12
C ASP A 154 8.16 -7.63 6.30
N GLU A 155 8.40 -6.35 6.00
CA GLU A 155 8.46 -5.31 7.04
C GLU A 155 7.11 -5.00 7.62
N HIS A 156 6.14 -4.76 6.76
CA HIS A 156 4.81 -4.40 7.24
C HIS A 156 3.73 -5.29 6.66
N ILE A 157 4.10 -6.30 5.92
CA ILE A 157 3.14 -7.22 5.35
C ILE A 157 3.17 -8.54 6.08
N GLY A 158 2.14 -8.84 6.85
CA GLY A 158 2.09 -10.08 7.59
C GLY A 158 0.95 -10.99 7.15
N ASN A 159 1.03 -12.24 7.58
CA ASN A 159 0.02 -13.25 7.25
C ASN A 159 -0.92 -13.42 8.43
N ARG A 160 -2.20 -13.23 8.18
CA ARG A 160 -3.21 -13.37 9.21
C ARG A 160 -4.21 -14.46 8.85
N ASN A 161 -3.87 -15.70 9.20
CA ASN A 161 -4.73 -16.86 8.92
C ASN A 161 -4.99 -17.06 7.44
N GLY A 162 -3.93 -17.03 6.64
CA GLY A 162 -4.07 -17.21 5.21
C GLY A 162 -4.52 -15.96 4.51
N GLU A 163 -4.46 -14.84 5.21
CA GLU A 163 -4.86 -13.55 4.66
C GLU A 163 -3.71 -12.56 4.75
N LEU A 164 -3.29 -12.07 3.60
CA LEU A 164 -2.21 -11.13 3.51
C LEU A 164 -2.67 -9.74 3.93
N ILE A 165 -2.03 -9.20 4.96
CA ILE A 165 -2.41 -7.89 5.44
C ILE A 165 -1.18 -7.20 6.05
N HIS A 166 -1.38 -6.05 6.70
CA HIS A 166 -0.28 -5.34 7.31
C HIS A 166 -0.01 -5.87 8.70
N CYS A 167 1.22 -6.30 8.94
CA CYS A 167 1.63 -6.85 10.24
C CYS A 167 0.74 -8.03 10.64
N GLY A 1 14.36 -5.25 6.74
CA GLY A 1 13.80 -6.61 6.92
C GLY A 1 12.39 -6.54 7.47
N ASN A 2 11.94 -7.62 8.09
CA ASN A 2 10.59 -7.66 8.67
C ASN A 2 10.48 -6.71 9.84
N TYR A 3 9.37 -6.00 9.87
CA TYR A 3 9.10 -5.02 10.91
C TYR A 3 7.84 -5.37 11.67
N ALA A 4 6.72 -5.33 10.97
CA ALA A 4 5.44 -5.62 11.55
C ALA A 4 4.71 -6.70 10.77
N GLY A 5 5.01 -6.87 9.48
CA GLY A 5 4.33 -7.89 8.74
C GLY A 5 4.95 -9.27 8.89
N ASN A 6 6.13 -9.43 8.29
CA ASN A 6 6.84 -10.70 8.30
C ASN A 6 5.99 -11.80 7.71
N PHE A 7 5.14 -11.43 6.74
CA PHE A 7 4.29 -12.42 6.10
C PHE A 7 5.15 -13.46 5.42
N SER A 8 6.32 -13.04 4.94
CA SER A 8 7.25 -13.93 4.27
C SER A 8 7.67 -15.06 5.21
N GLY A 9 7.51 -14.83 6.51
CA GLY A 9 7.85 -15.84 7.49
C GLY A 9 6.97 -17.08 7.41
N SER A 10 5.67 -16.88 7.23
CA SER A 10 4.73 -18.00 7.17
C SER A 10 4.07 -18.12 5.79
N SER A 11 4.11 -17.07 5.00
CA SER A 11 3.52 -17.07 3.68
C SER A 11 4.55 -17.49 2.64
N ARG A 12 4.14 -18.37 1.76
CA ARG A 12 5.02 -18.84 0.72
C ARG A 12 4.50 -18.34 -0.63
N ASP A 13 5.17 -18.74 -1.70
CA ASP A 13 4.79 -18.37 -3.07
C ASP A 13 4.38 -16.91 -3.18
N ILE A 14 5.15 -16.02 -2.57
CA ILE A 14 4.84 -14.62 -2.60
C ILE A 14 5.27 -14.01 -3.93
N CYS A 15 4.29 -13.74 -4.79
CA CYS A 15 4.53 -13.14 -6.10
C CYS A 15 3.35 -12.24 -6.45
N LEU A 16 3.63 -11.00 -6.81
CA LEU A 16 2.57 -10.06 -7.16
C LEU A 16 2.36 -9.95 -8.65
N ASP A 17 1.15 -9.55 -8.99
CA ASP A 17 0.76 -9.33 -10.37
C ASP A 17 0.94 -7.85 -10.68
N GLY A 18 2.19 -7.46 -10.83
CA GLY A 18 2.52 -6.08 -11.15
C GLY A 18 2.52 -5.21 -9.91
N ALA A 19 1.39 -5.17 -9.24
CA ALA A 19 1.24 -4.38 -8.03
C ALA A 19 0.25 -5.04 -7.09
N ARG A 20 -0.19 -6.24 -7.45
CA ARG A 20 -1.14 -6.98 -6.64
C ARG A 20 -0.43 -8.17 -5.98
N LEU A 21 0.03 -7.94 -4.76
CA LEU A 21 0.79 -8.94 -3.98
C LEU A 21 -0.01 -10.17 -3.67
N ARG A 22 0.57 -11.33 -3.95
CA ARG A 22 -0.09 -12.59 -3.68
C ARG A 22 0.87 -13.56 -3.01
N ALA A 23 0.43 -14.14 -1.90
CA ALA A 23 1.24 -15.08 -1.15
C ALA A 23 0.36 -16.11 -0.46
N GLU A 24 0.93 -17.28 -0.30
CA GLU A 24 0.26 -18.39 0.36
C GLU A 24 0.49 -18.32 1.85
N CYS A 25 -0.28 -17.48 2.51
CA CYS A 25 -0.20 -17.30 3.94
C CYS A 25 -0.55 -18.58 4.69
N ARG A 26 0.33 -18.99 5.59
CA ARG A 26 0.10 -20.18 6.38
C ARG A 26 -1.01 -19.95 7.40
N ARG A 27 -2.10 -20.65 7.25
CA ARG A 27 -3.23 -20.55 8.14
C ARG A 27 -2.93 -21.37 9.39
N GLY A 28 -3.54 -20.96 10.50
CA GLY A 28 -3.33 -21.61 11.79
C GLY A 28 -3.61 -23.11 11.78
N ASP A 29 -4.35 -23.57 10.78
CA ASP A 29 -4.64 -25.00 10.65
C ASP A 29 -3.40 -25.74 10.20
N GLY A 30 -2.40 -24.97 9.77
CA GLY A 30 -1.14 -25.54 9.33
C GLY A 30 -1.08 -25.62 7.82
N GLY A 31 -2.09 -25.07 7.17
CA GLY A 31 -2.13 -25.12 5.72
C GLY A 31 -1.81 -23.79 5.08
N TYR A 32 -1.59 -23.79 3.77
CA TYR A 32 -1.29 -22.56 3.05
C TYR A 32 -2.52 -22.04 2.31
N SER A 33 -2.79 -20.76 2.49
CA SER A 33 -3.93 -20.14 1.85
C SER A 33 -3.46 -19.02 0.91
N THR A 34 -3.84 -19.12 -0.36
CA THR A 34 -3.44 -18.12 -1.33
C THR A 34 -4.16 -16.80 -1.04
N SER A 35 -3.39 -15.81 -0.63
CA SER A 35 -3.92 -14.50 -0.29
C SER A 35 -3.34 -13.45 -1.22
N VAL A 36 -4.05 -12.33 -1.40
CA VAL A 36 -3.58 -11.27 -2.27
C VAL A 36 -3.99 -9.89 -1.75
N ILE A 37 -3.08 -8.94 -1.85
CA ILE A 37 -3.29 -7.57 -1.38
C ILE A 37 -2.81 -6.56 -2.42
N ASP A 38 -3.46 -5.40 -2.49
CA ASP A 38 -3.07 -4.38 -3.45
C ASP A 38 -1.95 -3.50 -2.92
N LEU A 39 -0.74 -3.73 -3.43
CA LEU A 39 0.41 -2.95 -3.02
C LEU A 39 0.48 -1.65 -3.81
N ASN A 40 -0.32 -1.59 -4.86
CA ASN A 40 -0.39 -0.41 -5.73
C ASN A 40 -0.86 0.81 -4.95
N ARG A 41 -1.50 0.56 -3.81
CA ARG A 41 -2.01 1.62 -2.98
C ARG A 41 -1.26 1.69 -1.65
N TYR A 42 -0.08 1.11 -1.64
CA TYR A 42 0.74 1.11 -0.44
C TYR A 42 2.21 1.38 -0.75
N LEU A 43 2.64 1.03 -1.95
CA LEU A 43 4.00 1.26 -2.38
C LEU A 43 4.06 2.41 -3.37
N SER A 44 4.97 3.33 -3.13
CA SER A 44 5.14 4.49 -3.97
C SER A 44 6.58 4.67 -4.40
N ASN A 45 6.76 5.11 -5.63
CA ASN A 45 8.07 5.38 -6.17
C ASN A 45 8.57 6.75 -5.69
N ASP A 46 9.64 6.75 -4.91
CA ASP A 46 10.22 7.99 -4.41
C ASP A 46 11.61 8.19 -4.99
N ASN A 47 11.65 8.85 -6.14
CA ASN A 47 12.90 9.14 -6.86
C ASN A 47 13.73 7.87 -7.06
N GLY A 48 13.06 6.80 -7.47
CA GLY A 48 13.75 5.55 -7.72
C GLY A 48 13.99 4.75 -6.46
N HIS A 49 13.08 4.86 -5.51
CA HIS A 49 13.19 4.12 -4.26
C HIS A 49 11.78 3.87 -3.73
N PHE A 50 11.46 2.61 -3.47
CA PHE A 50 10.15 2.25 -2.95
C PHE A 50 9.88 2.86 -1.59
N ARG A 51 8.65 3.28 -1.38
CA ARG A 51 8.24 3.87 -0.12
C ARG A 51 6.79 3.52 0.20
N TRP A 52 6.54 3.16 1.44
CA TRP A 52 5.19 2.84 1.88
C TRP A 52 4.37 4.11 2.03
N VAL A 53 3.47 4.31 1.07
CA VAL A 53 2.59 5.49 1.03
C VAL A 53 3.43 6.77 1.03
N SER A 54 4.36 6.84 0.06
CA SER A 54 5.29 7.98 -0.15
C SER A 54 6.20 8.23 1.05
N GLY A 55 5.62 8.53 2.19
CA GLY A 55 6.38 8.78 3.39
C GLY A 55 5.49 8.75 4.61
N GLY A 56 4.51 7.86 4.59
CA GLY A 56 3.57 7.75 5.69
C GLY A 56 2.52 8.83 5.63
N GLY A 57 2.04 9.09 4.41
CA GLY A 57 1.02 10.11 4.21
C GLY A 57 -0.37 9.64 4.57
N GLY A 58 -1.23 10.57 4.95
CA GLY A 58 -2.59 10.24 5.31
C GLY A 58 -3.61 10.86 4.37
N GLY A 59 -4.68 10.13 4.11
CA GLY A 59 -5.71 10.62 3.22
C GLY A 59 -6.69 11.52 3.90
N GLY A 60 -7.20 12.52 3.18
CA GLY A 60 -8.16 13.44 3.75
C GLY A 60 -8.32 14.69 2.92
N GLY A 61 -9.13 15.61 3.41
CA GLY A 61 -9.37 16.85 2.70
C GLY A 61 -10.53 16.74 1.75
N THR A 62 -10.31 17.11 0.50
CA THR A 62 -11.36 17.05 -0.51
C THR A 62 -10.81 16.42 -1.79
N ALA A 63 -11.54 15.45 -2.30
CA ALA A 63 -11.17 14.75 -3.52
C ALA A 63 -12.33 14.76 -4.51
N THR A 64 -12.12 14.24 -5.70
CA THR A 64 -13.16 14.23 -6.72
C THR A 64 -13.39 12.83 -7.30
N VAL A 65 -14.59 12.29 -7.08
CA VAL A 65 -14.92 10.97 -7.60
C VAL A 65 -15.83 11.10 -8.83
N THR A 66 -15.62 10.23 -9.81
CA THR A 66 -16.42 10.22 -11.02
C THR A 66 -17.65 9.33 -10.83
N VAL A 67 -18.81 9.87 -11.17
CA VAL A 67 -20.06 9.16 -11.05
C VAL A 67 -20.25 8.26 -12.24
N GLN A 68 -20.64 7.02 -11.98
CA GLN A 68 -20.87 6.04 -13.02
C GLN A 68 -22.36 5.86 -13.25
N GLN A 69 -22.70 5.12 -14.30
CA GLN A 69 -24.09 4.86 -14.66
C GLN A 69 -24.82 4.11 -13.56
N GLY A 70 -25.87 4.73 -13.03
CA GLY A 70 -26.64 4.09 -11.97
C GLY A 70 -26.26 4.58 -10.59
N ASP A 71 -25.17 5.32 -10.51
CA ASP A 71 -24.69 5.84 -9.23
C ASP A 71 -25.54 7.01 -8.75
N THR A 72 -25.68 7.11 -7.43
CA THR A 72 -26.42 8.18 -6.79
C THR A 72 -25.62 8.68 -5.60
N LEU A 73 -25.94 9.87 -5.08
CA LEU A 73 -25.21 10.41 -3.93
C LEU A 73 -25.11 9.36 -2.82
N ARG A 74 -26.22 8.69 -2.57
CA ARG A 74 -26.31 7.66 -1.54
C ARG A 74 -25.35 6.52 -1.79
N ASP A 75 -25.25 6.07 -3.03
CA ASP A 75 -24.38 4.94 -3.35
C ASP A 75 -22.92 5.38 -3.30
N ILE A 76 -22.65 6.62 -3.69
CA ILE A 76 -21.29 7.15 -3.66
C ILE A 76 -20.83 7.24 -2.21
N GLY A 77 -21.70 7.80 -1.37
CA GLY A 77 -21.40 7.95 0.03
C GLY A 77 -21.09 6.63 0.71
N ARG A 78 -21.94 5.63 0.49
CA ARG A 78 -21.74 4.31 1.10
C ARG A 78 -20.48 3.64 0.55
N ARG A 79 -20.18 3.92 -0.71
CA ARG A 79 -19.03 3.33 -1.39
C ARG A 79 -17.69 3.87 -0.86
N PHE A 80 -17.63 5.17 -0.59
CA PHE A 80 -16.38 5.78 -0.12
C PHE A 80 -16.44 6.22 1.34
N ASP A 81 -17.43 5.70 2.06
CA ASP A 81 -17.61 6.02 3.49
C ASP A 81 -17.75 7.53 3.71
N CYS A 82 -18.42 8.18 2.78
CA CYS A 82 -18.67 9.60 2.84
C CYS A 82 -20.16 9.85 2.96
N ASP A 83 -20.56 11.06 3.30
CA ASP A 83 -21.98 11.35 3.43
C ASP A 83 -22.52 11.88 2.13
N PHE A 84 -23.56 11.22 1.63
CA PHE A 84 -24.23 11.60 0.39
C PHE A 84 -24.62 13.07 0.41
N HIS A 85 -24.92 13.56 1.61
CA HIS A 85 -25.29 14.95 1.83
C HIS A 85 -24.11 15.86 1.56
N GLU A 86 -22.94 15.44 2.04
CA GLU A 86 -21.71 16.20 1.82
C GLU A 86 -21.41 16.26 0.35
N ILE A 87 -21.41 15.10 -0.29
CA ILE A 87 -21.15 14.98 -1.71
C ILE A 87 -22.04 15.96 -2.47
N ALA A 88 -23.32 15.92 -2.12
CA ALA A 88 -24.30 16.80 -2.72
C ALA A 88 -23.98 18.27 -2.44
N ARG A 89 -23.72 18.60 -1.17
CA ARG A 89 -23.44 19.97 -0.78
C ARG A 89 -22.16 20.51 -1.46
N ARG A 90 -21.19 19.65 -1.68
CA ARG A 90 -19.94 20.05 -2.31
C ARG A 90 -20.18 20.49 -3.75
N ASN A 91 -21.08 19.77 -4.42
CA ASN A 91 -21.42 20.06 -5.81
C ASN A 91 -22.62 21.00 -5.90
N ASN A 92 -23.19 21.33 -4.74
CA ASN A 92 -24.36 22.23 -4.65
C ASN A 92 -25.62 21.52 -5.10
N ILE A 93 -25.57 20.20 -5.11
CA ILE A 93 -26.71 19.39 -5.47
C ILE A 93 -27.36 18.87 -4.19
N GLN A 94 -28.40 18.05 -4.33
CA GLN A 94 -29.07 17.51 -3.16
C GLN A 94 -28.75 16.03 -3.03
N ASN A 95 -28.86 15.49 -1.83
CA ASN A 95 -28.60 14.07 -1.63
C ASN A 95 -29.52 13.26 -2.57
N GLU A 96 -30.82 13.41 -2.37
CA GLU A 96 -31.83 12.72 -3.18
C GLU A 96 -31.99 13.38 -4.55
N ASP A 97 -31.05 14.26 -4.90
CA ASP A 97 -31.08 14.95 -6.19
C ASP A 97 -30.91 13.93 -7.29
N LEU A 98 -30.11 12.91 -7.00
CA LEU A 98 -29.81 11.87 -7.98
C LEU A 98 -28.85 12.42 -9.03
N ILE A 99 -27.67 11.84 -9.07
CA ILE A 99 -26.62 12.25 -9.98
C ILE A 99 -26.64 11.42 -11.26
N TYR A 100 -25.75 11.74 -12.19
CA TYR A 100 -25.70 11.04 -13.48
C TYR A 100 -24.29 10.56 -13.79
N PRO A 101 -24.18 9.54 -14.67
CA PRO A 101 -22.89 8.96 -15.05
C PRO A 101 -21.98 9.90 -15.83
N GLY A 102 -20.70 9.89 -15.49
CA GLY A 102 -19.74 10.73 -16.17
C GLY A 102 -19.56 12.05 -15.48
N GLN A 103 -20.06 12.15 -14.25
CA GLN A 103 -19.94 13.38 -13.49
C GLN A 103 -18.82 13.26 -12.49
N VAL A 104 -18.44 14.38 -11.89
CA VAL A 104 -17.38 14.38 -10.91
C VAL A 104 -17.86 15.08 -9.64
N LEU A 105 -18.03 14.30 -8.59
CA LEU A 105 -18.50 14.81 -7.31
C LEU A 105 -17.34 14.93 -6.32
N GLN A 106 -17.45 15.88 -5.42
CA GLN A 106 -16.40 16.08 -4.43
C GLN A 106 -16.68 15.28 -3.18
N VAL A 107 -15.77 14.36 -2.93
CA VAL A 107 -15.86 13.49 -1.78
C VAL A 107 -14.58 13.61 -0.95
N PRO A 108 -14.67 13.38 0.37
CA PRO A 108 -13.54 13.49 1.30
C PRO A 108 -12.41 12.49 1.08
N THR A 109 -12.67 11.45 0.32
CA THR A 109 -11.65 10.45 0.04
C THR A 109 -11.88 9.76 -1.30
N LYS A 110 -10.82 9.23 -1.88
CA LYS A 110 -10.90 8.54 -3.16
C LYS A 110 -10.92 7.03 -2.96
N GLY A 111 -11.00 6.30 -4.06
CA GLY A 111 -11.03 4.86 -3.98
C GLY A 111 -10.68 4.20 -5.30
N GLY A 112 -9.40 3.91 -5.48
CA GLY A 112 -8.95 3.28 -6.70
C GLY A 112 -8.55 1.84 -6.48
N SER A 113 -9.10 0.96 -7.30
CA SER A 113 -8.80 -0.47 -7.20
C SER A 113 -7.51 -0.81 -7.96
N GLY A 114 -6.61 0.17 -8.05
CA GLY A 114 -5.36 -0.01 -8.73
C GLY A 114 -4.42 1.14 -8.50
N GLY A 115 -4.37 1.60 -7.26
CA GLY A 115 -3.51 2.71 -6.89
C GLY A 115 -4.19 3.63 -5.90
N GLY A 116 -3.70 4.84 -5.78
CA GLY A 116 -4.29 5.79 -4.85
C GLY A 116 -3.28 6.41 -3.91
N ALA A 117 -2.73 5.58 -3.03
CA ALA A 117 -1.75 6.05 -2.05
C ALA A 117 -0.33 5.72 -2.46
N GLY A 118 -0.19 4.71 -3.32
CA GLY A 118 1.12 4.30 -3.76
C GLY A 118 1.46 4.80 -5.14
N ASN A 119 0.98 4.07 -6.14
CA ASN A 119 1.18 4.40 -7.55
C ASN A 119 2.60 4.13 -8.01
N PHE A 120 3.31 3.24 -7.32
CA PHE A 120 4.66 2.89 -7.71
C PHE A 120 4.66 2.28 -9.12
N TRP A 121 3.64 1.48 -9.37
CA TRP A 121 3.46 0.76 -10.64
C TRP A 121 3.35 1.71 -11.83
N ASP A 122 2.75 2.88 -11.61
CA ASP A 122 2.56 3.87 -12.66
C ASP A 122 3.89 4.21 -13.32
N SER A 123 4.98 4.04 -12.58
CA SER A 123 6.30 4.31 -13.10
C SER A 123 7.27 3.19 -12.68
N ALA A 124 6.74 1.98 -12.51
CA ALA A 124 7.58 0.84 -12.14
C ALA A 124 7.71 -0.12 -13.32
N ARG A 125 8.91 -0.67 -13.49
CA ARG A 125 9.18 -1.60 -14.57
C ARG A 125 9.82 -2.88 -14.03
N ASP A 126 9.38 -4.02 -14.58
CA ASP A 126 9.89 -5.33 -14.19
C ASP A 126 9.76 -5.56 -12.69
N VAL A 127 8.54 -5.38 -12.19
CA VAL A 127 8.27 -5.59 -10.78
C VAL A 127 8.21 -7.06 -10.47
N ARG A 128 9.06 -7.51 -9.56
CA ARG A 128 9.11 -8.91 -9.19
C ARG A 128 9.43 -9.07 -7.71
N LEU A 129 8.85 -10.09 -7.09
CA LEU A 129 9.11 -10.35 -5.69
C LEU A 129 10.34 -11.22 -5.54
N VAL A 130 11.25 -10.77 -4.69
CA VAL A 130 12.49 -11.48 -4.46
C VAL A 130 12.66 -11.75 -2.98
N ASP A 131 13.52 -12.73 -2.68
CA ASP A 131 13.85 -13.12 -1.31
C ASP A 131 12.67 -13.79 -0.62
N GLY A 132 11.60 -14.01 -1.38
CA GLY A 132 10.43 -14.65 -0.83
C GLY A 132 9.36 -13.69 -0.39
N GLY A 133 9.27 -12.53 -1.04
CA GLY A 133 8.22 -11.57 -0.69
C GLY A 133 8.67 -10.56 0.38
N LYS A 134 9.76 -10.90 1.04
CA LYS A 134 10.32 -10.01 2.03
C LYS A 134 10.91 -8.81 1.31
N VAL A 135 11.15 -8.95 0.01
CA VAL A 135 11.68 -7.87 -0.80
C VAL A 135 10.97 -7.83 -2.16
N LEU A 136 10.66 -6.62 -2.59
CA LEU A 136 10.02 -6.39 -3.87
C LEU A 136 10.95 -5.56 -4.73
N GLU A 137 11.37 -6.12 -5.86
CA GLU A 137 12.33 -5.45 -6.72
C GLU A 137 11.66 -4.96 -7.99
N ALA A 138 11.90 -3.71 -8.33
CA ALA A 138 11.34 -3.09 -9.52
C ALA A 138 12.09 -1.82 -9.88
N GLU A 139 11.93 -1.39 -11.12
CA GLU A 139 12.59 -0.17 -11.57
C GLU A 139 11.64 1.01 -11.47
N LEU A 140 11.90 1.88 -10.52
CA LEU A 140 11.10 3.07 -10.32
C LEU A 140 11.66 4.22 -11.13
N ARG A 141 10.81 4.83 -11.93
CA ARG A 141 11.18 5.95 -12.75
C ARG A 141 11.44 7.18 -11.89
N TYR A 142 12.45 7.93 -12.25
CA TYR A 142 12.81 9.12 -11.50
C TYR A 142 13.57 10.11 -12.36
N SER A 143 14.20 11.08 -11.72
CA SER A 143 14.96 12.11 -12.42
C SER A 143 16.07 11.48 -13.27
N GLY A 144 16.63 10.37 -12.80
CA GLY A 144 17.71 9.71 -13.52
C GLY A 144 17.25 8.54 -14.35
N GLY A 145 16.02 8.58 -14.82
CA GLY A 145 15.52 7.50 -15.65
C GLY A 145 14.87 6.39 -14.85
N TRP A 146 15.42 5.20 -14.94
CA TRP A 146 14.89 4.04 -14.21
C TRP A 146 15.93 3.47 -13.26
N ASN A 147 15.56 3.28 -12.01
CA ASN A 147 16.47 2.73 -11.01
C ASN A 147 15.91 1.46 -10.41
N ARG A 148 16.76 0.44 -10.31
CA ARG A 148 16.36 -0.83 -9.74
C ARG A 148 16.27 -0.71 -8.22
N SER A 149 15.06 -0.49 -7.74
CA SER A 149 14.83 -0.33 -6.31
C SER A 149 14.09 -1.54 -5.75
N ARG A 150 14.03 -1.62 -4.43
CA ARG A 150 13.36 -2.73 -3.77
C ARG A 150 12.74 -2.31 -2.44
N ILE A 151 11.65 -2.95 -2.07
CA ILE A 151 10.97 -2.66 -0.82
C ILE A 151 10.64 -3.94 -0.07
N TYR A 152 10.79 -3.92 1.22
CA TYR A 152 10.50 -5.08 2.04
C TYR A 152 9.02 -5.18 2.34
N LEU A 153 8.31 -6.07 1.65
CA LEU A 153 6.89 -6.22 1.91
C LEU A 153 6.66 -6.75 3.31
N ASP A 154 7.55 -7.65 3.74
CA ASP A 154 7.45 -8.22 5.09
C ASP A 154 7.58 -7.14 6.20
N GLU A 155 7.69 -5.88 5.82
CA GLU A 155 7.78 -4.78 6.79
C GLU A 155 6.43 -4.49 7.38
N HIS A 156 5.47 -4.27 6.52
CA HIS A 156 4.12 -3.93 6.96
C HIS A 156 3.11 -4.98 6.53
N ILE A 157 3.51 -5.86 5.63
CA ILE A 157 2.62 -6.90 5.15
C ILE A 157 2.75 -8.16 5.99
N GLY A 158 1.70 -8.53 6.70
CA GLY A 158 1.74 -9.71 7.53
C GLY A 158 0.65 -10.72 7.18
N ASN A 159 0.78 -11.92 7.72
CA ASN A 159 -0.19 -12.98 7.48
C ASN A 159 -1.09 -13.15 8.69
N ARG A 160 -2.39 -13.03 8.47
CA ARG A 160 -3.37 -13.17 9.52
C ARG A 160 -4.38 -14.25 9.16
N ASN A 161 -4.12 -15.48 9.59
CA ASN A 161 -5.00 -16.62 9.36
C ASN A 161 -5.21 -16.90 7.88
N GLY A 162 -4.12 -16.89 7.12
CA GLY A 162 -4.21 -17.17 5.70
C GLY A 162 -4.56 -15.96 4.87
N GLU A 163 -4.53 -14.78 5.49
CA GLU A 163 -4.86 -13.54 4.79
C GLU A 163 -3.69 -12.57 4.89
N LEU A 164 -3.57 -11.68 3.91
CA LEU A 164 -2.52 -10.69 3.87
C LEU A 164 -3.02 -9.37 4.42
N ILE A 165 -2.39 -8.89 5.49
CA ILE A 165 -2.79 -7.64 6.11
C ILE A 165 -1.68 -6.59 5.99
N HIS A 166 -2.01 -5.36 6.34
CA HIS A 166 -1.06 -4.26 6.26
C HIS A 166 -1.03 -3.49 7.57
N CYS A 167 0.11 -3.50 8.23
CA CYS A 167 0.28 -2.83 9.49
C CYS A 167 1.54 -1.98 9.48
N GLY A 1 15.62 -10.39 10.89
CA GLY A 1 14.98 -9.25 11.59
C GLY A 1 13.80 -8.71 10.82
N ASN A 2 12.59 -9.04 11.27
CA ASN A 2 11.38 -8.58 10.61
C ASN A 2 10.90 -7.30 11.27
N TYR A 3 9.94 -6.62 10.64
CA TYR A 3 9.42 -5.39 11.19
C TYR A 3 8.07 -5.62 11.85
N ALA A 4 7.05 -5.74 11.04
CA ALA A 4 5.71 -5.97 11.55
C ALA A 4 4.97 -7.01 10.72
N GLY A 5 5.34 -7.17 9.45
CA GLY A 5 4.65 -8.13 8.63
C GLY A 5 4.91 -9.58 9.03
N ASN A 6 6.12 -10.06 8.74
CA ASN A 6 6.50 -11.44 9.05
C ASN A 6 5.75 -12.41 8.14
N PHE A 7 5.06 -11.88 7.13
CA PHE A 7 4.28 -12.73 6.23
C PHE A 7 5.18 -13.72 5.50
N SER A 8 6.40 -13.33 5.15
CA SER A 8 7.31 -14.22 4.45
C SER A 8 7.72 -15.37 5.35
N GLY A 9 7.46 -15.22 6.63
CA GLY A 9 7.79 -16.25 7.59
C GLY A 9 6.82 -17.44 7.53
N SER A 10 5.58 -17.20 7.11
CA SER A 10 4.59 -18.26 7.03
C SER A 10 3.96 -18.35 5.64
N SER A 11 4.07 -17.30 4.86
CA SER A 11 3.52 -17.27 3.53
C SER A 11 4.60 -17.65 2.54
N ARG A 12 4.30 -18.59 1.68
CA ARG A 12 5.26 -19.03 0.69
C ARG A 12 4.80 -18.53 -0.68
N ASP A 13 5.57 -18.88 -1.69
CA ASP A 13 5.30 -18.51 -3.08
C ASP A 13 4.83 -17.06 -3.20
N ILE A 14 5.53 -16.14 -2.55
CA ILE A 14 5.16 -14.75 -2.58
C ILE A 14 5.67 -14.09 -3.87
N CYS A 15 4.74 -13.81 -4.76
CA CYS A 15 5.05 -13.16 -6.03
C CYS A 15 3.84 -12.33 -6.46
N LEU A 16 4.08 -11.07 -6.78
CA LEU A 16 2.99 -10.18 -7.18
C LEU A 16 2.84 -10.08 -8.68
N ASP A 17 1.64 -9.67 -9.07
CA ASP A 17 1.32 -9.45 -10.45
C ASP A 17 1.41 -7.94 -10.69
N GLY A 18 2.64 -7.47 -10.80
CA GLY A 18 2.89 -6.07 -11.02
C GLY A 18 2.82 -5.26 -9.74
N ALA A 19 1.72 -5.41 -9.03
CA ALA A 19 1.52 -4.71 -7.79
C ALA A 19 0.63 -5.55 -6.85
N ARG A 20 0.01 -6.59 -7.41
CA ARG A 20 -0.86 -7.45 -6.60
C ARG A 20 -0.04 -8.54 -5.91
N LEU A 21 0.42 -8.23 -4.70
CA LEU A 21 1.23 -9.14 -3.89
C LEU A 21 0.49 -10.41 -3.55
N ARG A 22 0.95 -11.52 -4.10
CA ARG A 22 0.28 -12.80 -3.86
C ARG A 22 1.21 -13.77 -3.16
N ALA A 23 0.73 -14.37 -2.10
CA ALA A 23 1.50 -15.31 -1.33
C ALA A 23 0.61 -16.36 -0.69
N GLU A 24 1.17 -17.52 -0.50
CA GLU A 24 0.51 -18.65 0.11
C GLU A 24 0.59 -18.51 1.63
N CYS A 25 -0.21 -17.60 2.17
CA CYS A 25 -0.24 -17.35 3.59
C CYS A 25 -0.69 -18.58 4.36
N ARG A 26 0.19 -19.10 5.20
CA ARG A 26 -0.12 -20.26 6.02
C ARG A 26 -1.24 -19.92 6.99
N ARG A 27 -2.37 -20.59 6.86
CA ARG A 27 -3.52 -20.35 7.71
C ARG A 27 -3.45 -21.27 8.92
N GLY A 28 -4.05 -20.79 10.00
CA GLY A 28 -4.09 -21.50 11.27
C GLY A 28 -4.65 -22.91 11.18
N ASP A 29 -5.28 -23.22 10.06
CA ASP A 29 -5.83 -24.56 9.84
C ASP A 29 -4.71 -25.54 9.55
N GLY A 30 -3.52 -25.01 9.32
CA GLY A 30 -2.37 -25.84 9.04
C GLY A 30 -2.15 -25.94 7.56
N GLY A 31 -2.89 -25.15 6.81
CA GLY A 31 -2.75 -25.18 5.36
C GLY A 31 -2.43 -23.82 4.77
N TYR A 32 -1.80 -23.83 3.62
CA TYR A 32 -1.43 -22.60 2.94
C TYR A 32 -2.55 -22.11 2.05
N SER A 33 -2.97 -20.88 2.25
CA SER A 33 -4.04 -20.29 1.46
C SER A 33 -3.46 -19.23 0.53
N THR A 34 -3.81 -19.27 -0.74
CA THR A 34 -3.31 -18.30 -1.69
C THR A 34 -3.98 -16.96 -1.46
N SER A 35 -3.20 -16.01 -0.99
CA SER A 35 -3.69 -14.68 -0.70
C SER A 35 -3.03 -13.65 -1.59
N VAL A 36 -3.71 -12.54 -1.84
CA VAL A 36 -3.18 -11.47 -2.68
C VAL A 36 -3.64 -10.10 -2.19
N ILE A 37 -2.72 -9.15 -2.17
CA ILE A 37 -3.01 -7.80 -1.72
C ILE A 37 -2.44 -6.76 -2.68
N ASP A 38 -3.22 -5.73 -2.98
CA ASP A 38 -2.78 -4.67 -3.88
C ASP A 38 -1.79 -3.74 -3.22
N LEU A 39 -0.52 -3.92 -3.55
CA LEU A 39 0.53 -3.10 -3.00
C LEU A 39 0.66 -1.79 -3.75
N ASN A 40 -0.11 -1.66 -4.82
CA ASN A 40 -0.11 -0.44 -5.61
C ASN A 40 -0.69 0.69 -4.77
N ARG A 41 -1.34 0.31 -3.67
CA ARG A 41 -1.95 1.27 -2.77
C ARG A 41 -1.14 1.40 -1.48
N TYR A 42 0.02 0.77 -1.45
CA TYR A 42 0.86 0.81 -0.25
C TYR A 42 2.30 1.17 -0.58
N LEU A 43 2.76 0.83 -1.76
CA LEU A 43 4.13 1.11 -2.18
C LEU A 43 4.16 2.25 -3.18
N SER A 44 5.04 3.19 -2.94
CA SER A 44 5.19 4.35 -3.80
C SER A 44 6.62 4.47 -4.31
N ASN A 45 6.77 4.90 -5.54
CA ASN A 45 8.09 5.07 -6.12
C ASN A 45 8.60 6.48 -5.81
N ASP A 46 9.33 6.60 -4.72
CA ASP A 46 9.85 7.89 -4.29
C ASP A 46 11.24 8.14 -4.84
N ASN A 47 11.29 8.82 -5.98
CA ASN A 47 12.54 9.15 -6.65
C ASN A 47 13.43 7.93 -6.83
N GLY A 48 12.83 6.85 -7.33
CA GLY A 48 13.58 5.63 -7.58
C GLY A 48 13.87 4.85 -6.31
N HIS A 49 12.97 4.93 -5.35
CA HIS A 49 13.11 4.22 -4.08
C HIS A 49 11.72 3.92 -3.54
N PHE A 50 11.44 2.66 -3.26
CA PHE A 50 10.15 2.25 -2.76
C PHE A 50 9.84 2.93 -1.42
N ARG A 51 8.57 3.25 -1.22
CA ARG A 51 8.13 3.91 -0.02
C ARG A 51 6.75 3.42 0.43
N TRP A 52 6.62 3.08 1.70
CA TRP A 52 5.34 2.67 2.25
C TRP A 52 4.44 3.90 2.44
N VAL A 53 3.39 3.97 1.63
CA VAL A 53 2.42 5.07 1.66
C VAL A 53 3.06 6.39 1.22
N SER A 54 3.75 7.04 2.13
CA SER A 54 4.39 8.31 1.81
C SER A 54 5.87 8.30 2.17
N GLY A 55 6.24 7.40 3.08
CA GLY A 55 7.62 7.30 3.51
C GLY A 55 8.03 8.48 4.37
N GLY A 56 7.05 9.13 4.97
CA GLY A 56 7.32 10.28 5.82
C GLY A 56 8.04 9.90 7.10
N GLY A 57 9.24 10.43 7.27
CA GLY A 57 10.02 10.15 8.44
C GLY A 57 9.65 11.04 9.61
N GLY A 58 9.96 10.57 10.82
CA GLY A 58 9.66 11.34 12.01
C GLY A 58 8.40 10.87 12.72
N GLY A 59 7.87 9.73 12.30
CA GLY A 59 6.67 9.20 12.92
C GLY A 59 6.24 7.88 12.32
N GLY A 60 5.21 7.28 12.89
CA GLY A 60 4.73 6.01 12.38
C GLY A 60 3.68 6.18 11.29
N GLY A 61 3.67 7.35 10.68
CA GLY A 61 2.72 7.62 9.62
C GLY A 61 1.71 8.66 10.02
N THR A 62 1.60 9.73 9.24
CA THR A 62 0.66 10.79 9.52
C THR A 62 0.04 11.30 8.20
N ALA A 63 -1.25 11.09 8.06
CA ALA A 63 -2.00 11.49 6.89
C ALA A 63 -3.26 12.26 7.30
N THR A 64 -4.02 12.71 6.31
CA THR A 64 -5.23 13.48 6.59
C THR A 64 -6.44 12.90 5.86
N VAL A 65 -7.42 12.40 6.61
CA VAL A 65 -8.63 11.83 6.02
C VAL A 65 -9.80 12.81 6.11
N THR A 66 -10.64 12.83 5.08
CA THR A 66 -11.82 13.68 5.05
C THR A 66 -12.99 12.96 5.70
N VAL A 67 -13.64 13.63 6.64
CA VAL A 67 -14.76 13.07 7.35
C VAL A 67 -16.02 13.17 6.51
N GLN A 68 -16.75 12.06 6.43
CA GLN A 68 -17.99 11.99 5.69
C GLN A 68 -19.18 12.07 6.64
N GLN A 69 -20.36 12.27 6.07
CA GLN A 69 -21.58 12.39 6.85
C GLN A 69 -21.93 11.11 7.60
N GLY A 70 -21.99 11.18 8.92
CA GLY A 70 -22.35 10.03 9.71
C GLY A 70 -21.17 9.38 10.41
N ASP A 71 -19.96 9.77 10.04
CA ASP A 71 -18.77 9.19 10.66
C ASP A 71 -18.21 10.09 11.75
N THR A 72 -17.96 9.50 12.92
CA THR A 72 -17.39 10.22 14.06
C THR A 72 -15.94 9.79 14.23
N LEU A 73 -15.24 10.34 15.23
CA LEU A 73 -13.84 9.95 15.46
C LEU A 73 -13.75 8.44 15.59
N ARG A 74 -14.70 7.89 16.35
CA ARG A 74 -14.76 6.46 16.60
C ARG A 74 -14.98 5.67 15.33
N ASP A 75 -15.77 6.22 14.43
CA ASP A 75 -16.05 5.55 13.16
C ASP A 75 -14.83 5.64 12.26
N ILE A 76 -14.19 6.80 12.24
CA ILE A 76 -13.01 7.01 11.43
C ILE A 76 -11.91 6.05 11.89
N GLY A 77 -11.69 6.00 13.20
CA GLY A 77 -10.69 5.12 13.75
C GLY A 77 -10.90 3.67 13.38
N ARG A 78 -12.10 3.16 13.61
CA ARG A 78 -12.40 1.76 13.31
C ARG A 78 -12.44 1.50 11.80
N ARG A 79 -12.68 2.55 11.03
CA ARG A 79 -12.76 2.43 9.58
C ARG A 79 -11.37 2.38 8.93
N PHE A 80 -10.42 3.17 9.44
CA PHE A 80 -9.08 3.21 8.86
C PHE A 80 -8.00 2.59 9.78
N ASP A 81 -8.44 1.78 10.74
CA ASP A 81 -7.54 1.12 11.69
C ASP A 81 -6.66 2.12 12.42
N CYS A 82 -7.31 3.04 13.12
CA CYS A 82 -6.62 4.06 13.88
C CYS A 82 -7.38 4.31 15.17
N ASP A 83 -6.76 4.99 16.13
CA ASP A 83 -7.42 5.28 17.40
C ASP A 83 -8.12 6.62 17.30
N PHE A 84 -9.43 6.59 17.51
CA PHE A 84 -10.27 7.79 17.48
C PHE A 84 -9.73 8.88 18.40
N HIS A 85 -9.06 8.46 19.46
CA HIS A 85 -8.45 9.37 20.44
C HIS A 85 -7.31 10.12 19.78
N GLU A 86 -6.52 9.39 18.98
CA GLU A 86 -5.40 9.98 18.28
C GLU A 86 -5.91 10.96 17.24
N ILE A 87 -6.87 10.52 16.45
CA ILE A 87 -7.48 11.35 15.41
C ILE A 87 -7.94 12.66 16.02
N ALA A 88 -8.62 12.54 17.15
CA ALA A 88 -9.12 13.68 17.88
C ALA A 88 -7.96 14.55 18.38
N ARG A 89 -6.98 13.94 19.02
CA ARG A 89 -5.84 14.66 19.58
C ARG A 89 -5.05 15.40 18.49
N ARG A 90 -4.98 14.83 17.30
CA ARG A 90 -4.24 15.46 16.20
C ARG A 90 -4.98 16.69 15.70
N ASN A 91 -6.31 16.64 15.77
CA ASN A 91 -7.14 17.75 15.33
C ASN A 91 -7.43 18.69 16.51
N ASN A 92 -6.99 18.29 17.70
CA ASN A 92 -7.19 19.07 18.94
C ASN A 92 -8.60 18.93 19.45
N ILE A 93 -9.29 17.91 18.97
CA ILE A 93 -10.65 17.61 19.38
C ILE A 93 -10.65 16.40 20.31
N GLN A 94 -11.84 15.93 20.67
CA GLN A 94 -11.95 14.76 21.54
C GLN A 94 -12.53 13.62 20.72
N ASN A 95 -12.38 12.39 21.20
CA ASN A 95 -12.91 11.23 20.48
C ASN A 95 -14.43 11.39 20.29
N GLU A 96 -15.14 11.30 21.40
CA GLU A 96 -16.59 11.41 21.39
C GLU A 96 -17.04 12.85 21.17
N ASP A 97 -16.09 13.71 20.76
CA ASP A 97 -16.38 15.12 20.47
C ASP A 97 -17.42 15.19 19.38
N LEU A 98 -17.40 14.16 18.53
CA LEU A 98 -18.32 14.07 17.40
C LEU A 98 -17.97 15.08 16.31
N ILE A 99 -17.49 14.54 15.22
CA ILE A 99 -17.09 15.33 14.07
C ILE A 99 -18.23 15.41 13.05
N TYR A 100 -18.06 16.23 12.03
CA TYR A 100 -19.07 16.42 11.01
C TYR A 100 -18.48 16.19 9.62
N PRO A 101 -19.35 15.95 8.61
CA PRO A 101 -18.91 15.69 7.24
C PRO A 101 -18.25 16.88 6.56
N GLY A 102 -17.19 16.61 5.81
CA GLY A 102 -16.50 17.65 5.10
C GLY A 102 -15.33 18.16 5.89
N GLN A 103 -14.93 17.40 6.89
CA GLN A 103 -13.81 17.80 7.73
C GLN A 103 -12.57 17.02 7.35
N VAL A 104 -11.43 17.46 7.82
CA VAL A 104 -10.18 16.78 7.54
C VAL A 104 -9.46 16.48 8.86
N LEU A 105 -9.33 15.21 9.17
CA LEU A 105 -8.68 14.77 10.40
C LEU A 105 -7.37 14.07 10.10
N GLN A 106 -6.44 14.14 11.03
CA GLN A 106 -5.15 13.50 10.85
C GLN A 106 -5.18 12.08 11.39
N VAL A 107 -4.97 11.16 10.48
CA VAL A 107 -4.96 9.74 10.79
C VAL A 107 -3.66 9.12 10.28
N PRO A 108 -3.18 8.04 10.89
CA PRO A 108 -1.91 7.42 10.49
C PRO A 108 -1.88 6.97 9.03
N THR A 109 -2.93 6.28 8.59
CA THR A 109 -2.99 5.79 7.22
C THR A 109 -4.24 6.29 6.50
N LYS A 110 -4.14 6.35 5.18
CA LYS A 110 -5.26 6.79 4.35
C LYS A 110 -5.99 5.60 3.76
N GLY A 111 -6.90 5.87 2.82
CA GLY A 111 -7.68 4.83 2.20
C GLY A 111 -8.55 5.37 1.09
N GLY A 112 -9.22 6.48 1.37
CA GLY A 112 -10.09 7.11 0.40
C GLY A 112 -11.26 6.24 0.01
N SER A 113 -11.26 5.81 -1.25
CA SER A 113 -12.34 4.97 -1.76
C SER A 113 -11.79 3.62 -2.23
N GLY A 114 -10.55 3.34 -1.87
CA GLY A 114 -9.94 2.10 -2.28
C GLY A 114 -8.44 2.10 -2.08
N GLY A 115 -7.81 3.21 -2.41
CA GLY A 115 -6.38 3.31 -2.26
C GLY A 115 -5.82 4.58 -2.85
N GLY A 116 -4.95 4.44 -3.84
CA GLY A 116 -4.35 5.58 -4.48
C GLY A 116 -3.40 6.28 -3.54
N ALA A 117 -2.58 5.48 -2.89
CA ALA A 117 -1.62 5.99 -1.93
C ALA A 117 -0.20 5.86 -2.46
N GLY A 118 0.14 4.65 -2.88
CA GLY A 118 1.46 4.39 -3.38
C GLY A 118 1.63 4.75 -4.85
N ASN A 119 1.12 3.89 -5.72
CA ASN A 119 1.18 4.08 -7.16
C ASN A 119 2.58 3.85 -7.69
N PHE A 120 3.34 2.99 -7.02
CA PHE A 120 4.70 2.68 -7.47
C PHE A 120 4.66 2.08 -8.87
N TRP A 121 3.63 1.26 -9.10
CA TRP A 121 3.44 0.56 -10.37
C TRP A 121 3.26 1.55 -11.52
N ASP A 122 2.70 2.72 -11.22
CA ASP A 122 2.50 3.75 -12.23
C ASP A 122 3.80 4.08 -12.94
N SER A 123 4.90 3.99 -12.20
CA SER A 123 6.20 4.27 -12.77
C SER A 123 7.19 3.16 -12.43
N ALA A 124 6.69 1.94 -12.25
CA ALA A 124 7.56 0.80 -11.96
C ALA A 124 7.66 -0.14 -13.15
N ARG A 125 8.85 -0.66 -13.38
CA ARG A 125 9.09 -1.57 -14.48
C ARG A 125 9.69 -2.88 -13.97
N ASP A 126 9.17 -4.01 -14.47
CA ASP A 126 9.65 -5.33 -14.09
C ASP A 126 9.61 -5.54 -12.58
N VAL A 127 8.44 -5.34 -12.00
CA VAL A 127 8.26 -5.51 -10.57
C VAL A 127 8.15 -6.99 -10.23
N ARG A 128 9.01 -7.45 -9.34
CA ARG A 128 9.00 -8.85 -8.95
C ARG A 128 9.48 -9.00 -7.51
N LEU A 129 8.97 -10.00 -6.83
CA LEU A 129 9.33 -10.24 -5.45
C LEU A 129 10.58 -11.08 -5.36
N VAL A 130 11.49 -10.68 -4.50
CA VAL A 130 12.73 -11.39 -4.32
C VAL A 130 12.91 -11.76 -2.85
N ASP A 131 13.73 -12.76 -2.61
CA ASP A 131 14.04 -13.26 -1.27
C ASP A 131 12.87 -14.03 -0.70
N GLY A 132 11.77 -14.03 -1.44
CA GLY A 132 10.59 -14.73 -0.99
C GLY A 132 9.52 -13.79 -0.48
N GLY A 133 9.43 -12.58 -1.04
CA GLY A 133 8.38 -11.64 -0.62
C GLY A 133 8.87 -10.67 0.47
N LYS A 134 9.90 -11.08 1.17
CA LYS A 134 10.48 -10.24 2.20
C LYS A 134 11.08 -9.00 1.55
N VAL A 135 11.31 -9.08 0.24
CA VAL A 135 11.84 -7.96 -0.53
C VAL A 135 11.14 -7.90 -1.90
N LEU A 136 10.97 -6.70 -2.41
CA LEU A 136 10.33 -6.45 -3.70
C LEU A 136 11.25 -5.60 -4.55
N GLU A 137 11.57 -6.08 -5.73
CA GLU A 137 12.49 -5.39 -6.61
C GLU A 137 11.79 -4.92 -7.88
N ALA A 138 12.10 -3.70 -8.29
CA ALA A 138 11.52 -3.11 -9.49
C ALA A 138 12.32 -1.91 -9.96
N GLU A 139 12.07 -1.50 -11.20
CA GLU A 139 12.72 -0.34 -11.78
C GLU A 139 11.78 0.85 -11.58
N LEU A 140 12.12 1.72 -10.67
CA LEU A 140 11.27 2.87 -10.38
C LEU A 140 11.74 4.10 -11.13
N ARG A 141 10.79 4.74 -11.80
CA ARG A 141 11.04 5.94 -12.56
C ARG A 141 11.16 7.14 -11.65
N TYR A 142 12.08 8.03 -11.98
CA TYR A 142 12.29 9.22 -11.18
C TYR A 142 12.92 10.33 -12.02
N SER A 143 13.36 11.39 -11.37
CA SER A 143 13.96 12.53 -12.05
C SER A 143 15.19 12.13 -12.88
N GLY A 144 15.81 11.00 -12.54
CA GLY A 144 16.99 10.57 -13.27
C GLY A 144 16.74 9.34 -14.13
N GLY A 145 15.51 9.17 -14.58
CA GLY A 145 15.18 8.04 -15.43
C GLY A 145 14.63 6.86 -14.66
N TRP A 146 15.28 5.71 -14.78
CA TRP A 146 14.83 4.50 -14.09
C TRP A 146 15.94 3.94 -13.22
N ASN A 147 15.60 3.55 -12.00
CA ASN A 147 16.58 3.00 -11.08
C ASN A 147 16.04 1.75 -10.39
N ARG A 148 16.91 0.78 -10.18
CA ARG A 148 16.56 -0.47 -9.54
C ARG A 148 16.43 -0.26 -8.03
N SER A 149 15.21 -0.34 -7.52
CA SER A 149 14.98 -0.16 -6.10
C SER A 149 14.24 -1.37 -5.56
N ARG A 150 14.21 -1.51 -4.25
CA ARG A 150 13.53 -2.65 -3.63
C ARG A 150 12.91 -2.24 -2.29
N ILE A 151 11.85 -2.94 -1.91
CA ILE A 151 11.17 -2.67 -0.64
C ILE A 151 10.84 -3.98 0.06
N TYR A 152 10.95 -4.01 1.36
CA TYR A 152 10.69 -5.21 2.13
C TYR A 152 9.21 -5.34 2.46
N LEU A 153 8.48 -6.19 1.73
CA LEU A 153 7.06 -6.38 2.00
C LEU A 153 6.88 -6.93 3.41
N ASP A 154 7.79 -7.81 3.80
CA ASP A 154 7.77 -8.40 5.15
C ASP A 154 7.74 -7.33 6.27
N GLU A 155 8.08 -6.08 5.94
CA GLU A 155 8.10 -5.00 6.92
C GLU A 155 6.73 -4.72 7.50
N HIS A 156 5.77 -4.49 6.64
CA HIS A 156 4.44 -4.15 7.11
C HIS A 156 3.38 -5.06 6.57
N ILE A 157 3.78 -6.04 5.79
CA ILE A 157 2.82 -6.99 5.25
C ILE A 157 2.88 -8.31 6.00
N GLY A 158 1.82 -8.63 6.72
CA GLY A 158 1.79 -9.87 7.46
C GLY A 158 0.69 -10.81 7.03
N ASN A 159 0.76 -12.05 7.51
CA ASN A 159 -0.22 -13.08 7.20
C ASN A 159 -1.12 -13.29 8.41
N ARG A 160 -2.42 -13.11 8.20
CA ARG A 160 -3.39 -13.29 9.26
C ARG A 160 -4.44 -14.31 8.85
N ASN A 161 -4.20 -15.56 9.24
CA ASN A 161 -5.10 -16.68 8.96
C ASN A 161 -5.33 -16.90 7.47
N GLY A 162 -4.28 -16.79 6.68
CA GLY A 162 -4.39 -17.02 5.24
C GLY A 162 -4.71 -15.76 4.47
N GLU A 163 -4.64 -14.63 5.13
CA GLU A 163 -4.91 -13.36 4.48
C GLU A 163 -3.69 -12.44 4.58
N LEU A 164 -3.36 -11.83 3.46
CA LEU A 164 -2.22 -10.96 3.38
C LEU A 164 -2.64 -9.50 3.55
N ILE A 165 -2.30 -8.93 4.71
CA ILE A 165 -2.65 -7.55 5.00
C ILE A 165 -1.52 -6.86 5.75
N HIS A 166 -1.74 -5.62 6.13
CA HIS A 166 -0.72 -4.88 6.87
C HIS A 166 -0.60 -5.43 8.28
N CYS A 167 0.61 -5.83 8.66
CA CYS A 167 0.89 -6.39 9.98
C CYS A 167 0.21 -7.75 10.18
N GLY A 1 11.13 -12.43 11.36
CA GLY A 1 11.04 -11.83 10.01
C GLY A 1 11.75 -10.51 9.91
N ASN A 2 11.14 -9.58 9.19
CA ASN A 2 11.73 -8.26 9.00
C ASN A 2 11.29 -7.26 10.06
N TYR A 3 10.10 -6.70 9.90
CA TYR A 3 9.61 -5.73 10.86
C TYR A 3 8.34 -6.20 11.56
N ALA A 4 7.20 -5.80 11.03
CA ALA A 4 5.93 -6.17 11.62
C ALA A 4 5.17 -7.18 10.79
N GLY A 5 5.37 -7.20 9.46
CA GLY A 5 4.65 -8.12 8.64
C GLY A 5 4.96 -9.56 8.98
N ASN A 6 6.18 -9.98 8.64
CA ASN A 6 6.63 -11.34 8.90
C ASN A 6 5.81 -12.34 8.09
N PHE A 7 5.14 -11.85 7.04
CA PHE A 7 4.32 -12.71 6.19
C PHE A 7 5.20 -13.72 5.46
N SER A 8 6.43 -13.35 5.15
CA SER A 8 7.34 -14.24 4.45
C SER A 8 7.78 -15.36 5.39
N GLY A 9 7.42 -15.21 6.66
CA GLY A 9 7.75 -16.21 7.65
C GLY A 9 6.77 -17.37 7.69
N SER A 10 5.55 -17.16 7.20
CA SER A 10 4.54 -18.21 7.19
C SER A 10 3.91 -18.35 5.81
N SER A 11 3.99 -17.31 5.01
CA SER A 11 3.43 -17.31 3.67
C SER A 11 4.51 -17.59 2.65
N ARG A 12 4.23 -18.50 1.73
CA ARG A 12 5.18 -18.82 0.70
C ARG A 12 4.66 -18.37 -0.64
N ASP A 13 5.39 -18.71 -1.69
CA ASP A 13 5.04 -18.35 -3.06
C ASP A 13 4.56 -16.91 -3.16
N ILE A 14 5.28 -16.00 -2.51
CA ILE A 14 4.93 -14.62 -2.50
C ILE A 14 5.37 -13.96 -3.80
N CYS A 15 4.40 -13.62 -4.63
CA CYS A 15 4.63 -12.97 -5.91
C CYS A 15 3.45 -12.08 -6.25
N LEU A 16 3.71 -10.82 -6.55
CA LEU A 16 2.64 -9.89 -6.88
C LEU A 16 2.42 -9.80 -8.36
N ASP A 17 1.20 -9.44 -8.71
CA ASP A 17 0.82 -9.25 -10.08
C ASP A 17 0.91 -7.76 -10.39
N GLY A 18 2.14 -7.29 -10.53
CA GLY A 18 2.38 -5.89 -10.83
C GLY A 18 2.38 -5.05 -9.57
N ALA A 19 1.29 -5.16 -8.83
CA ALA A 19 1.13 -4.44 -7.58
C ALA A 19 0.26 -5.25 -6.63
N ARG A 20 -0.39 -6.29 -7.16
CA ARG A 20 -1.24 -7.15 -6.33
C ARG A 20 -0.43 -8.27 -5.69
N LEU A 21 0.06 -7.99 -4.49
CA LEU A 21 0.87 -8.93 -3.72
C LEU A 21 0.12 -10.20 -3.41
N ARG A 22 0.70 -11.33 -3.79
CA ARG A 22 0.06 -12.61 -3.57
C ARG A 22 1.01 -13.57 -2.87
N ALA A 23 0.51 -14.22 -1.83
CA ALA A 23 1.30 -15.17 -1.08
C ALA A 23 0.43 -16.26 -0.49
N GLU A 24 1.00 -17.44 -0.43
CA GLU A 24 0.38 -18.61 0.14
C GLU A 24 0.47 -18.53 1.65
N CYS A 25 -0.29 -17.62 2.23
CA CYS A 25 -0.31 -17.42 3.67
C CYS A 25 -0.74 -18.68 4.40
N ARG A 26 0.13 -19.15 5.28
CA ARG A 26 -0.14 -20.34 6.07
C ARG A 26 -1.27 -20.07 7.08
N ARG A 27 -2.23 -20.97 7.13
CA ARG A 27 -3.33 -20.85 8.06
C ARG A 27 -3.09 -21.83 9.20
N GLY A 28 -3.69 -21.51 10.36
CA GLY A 28 -3.55 -22.32 11.57
C GLY A 28 -3.91 -23.78 11.40
N ASP A 29 -4.53 -24.11 10.28
CA ASP A 29 -4.89 -25.50 9.99
C ASP A 29 -3.69 -26.25 9.47
N GLY A 30 -2.58 -25.52 9.30
CA GLY A 30 -1.36 -26.11 8.79
C GLY A 30 -1.36 -26.12 7.28
N GLY A 31 -2.33 -25.40 6.71
CA GLY A 31 -2.44 -25.36 5.26
C GLY A 31 -2.09 -24.00 4.68
N TYR A 32 -1.63 -24.00 3.44
CA TYR A 32 -1.26 -22.76 2.78
C TYR A 32 -2.36 -22.33 1.82
N SER A 33 -2.84 -21.11 1.98
CA SER A 33 -3.91 -20.58 1.14
C SER A 33 -3.43 -19.37 0.34
N THR A 34 -3.87 -19.28 -0.90
CA THR A 34 -3.47 -18.17 -1.75
C THR A 34 -4.16 -16.88 -1.33
N SER A 35 -3.38 -15.96 -0.82
CA SER A 35 -3.88 -14.66 -0.40
C SER A 35 -3.28 -13.57 -1.28
N VAL A 36 -4.01 -12.48 -1.51
CA VAL A 36 -3.50 -11.39 -2.35
C VAL A 36 -3.99 -10.02 -1.85
N ILE A 37 -3.08 -9.05 -1.85
CA ILE A 37 -3.37 -7.69 -1.37
C ILE A 37 -2.82 -6.65 -2.36
N ASP A 38 -3.40 -5.46 -2.38
CA ASP A 38 -2.94 -4.43 -3.31
C ASP A 38 -1.85 -3.57 -2.67
N LEU A 39 -0.63 -3.72 -3.18
CA LEU A 39 0.50 -2.96 -2.67
C LEU A 39 0.62 -1.62 -3.38
N ASN A 40 -0.18 -1.40 -4.42
CA ASN A 40 -0.14 -0.13 -5.14
C ASN A 40 -0.64 0.98 -4.23
N ARG A 41 -1.33 0.58 -3.17
CA ARG A 41 -1.87 1.52 -2.21
C ARG A 41 -0.95 1.72 -1.02
N TYR A 42 0.21 1.09 -1.04
CA TYR A 42 1.15 1.22 0.08
C TYR A 42 2.57 1.53 -0.38
N LEU A 43 2.89 1.19 -1.62
CA LEU A 43 4.21 1.44 -2.16
C LEU A 43 4.20 2.58 -3.16
N SER A 44 5.20 3.44 -3.05
CA SER A 44 5.35 4.58 -3.93
C SER A 44 6.77 4.72 -4.43
N ASN A 45 6.92 4.99 -5.71
CA ASN A 45 8.21 5.21 -6.31
C ASN A 45 8.67 6.64 -6.03
N ASP A 46 9.65 6.78 -5.16
CA ASP A 46 10.16 8.10 -4.83
C ASP A 46 11.59 8.22 -5.31
N ASN A 47 11.73 8.79 -6.51
CA ASN A 47 13.02 8.98 -7.16
C ASN A 47 13.77 7.65 -7.30
N GLY A 48 13.06 6.66 -7.82
CA GLY A 48 13.66 5.36 -8.05
C GLY A 48 13.91 4.59 -6.77
N HIS A 49 13.07 4.81 -5.78
CA HIS A 49 13.20 4.12 -4.49
C HIS A 49 11.81 3.84 -3.93
N PHE A 50 11.58 2.60 -3.55
CA PHE A 50 10.29 2.21 -3.00
C PHE A 50 10.07 2.84 -1.63
N ARG A 51 8.87 3.32 -1.40
CA ARG A 51 8.55 3.97 -0.14
C ARG A 51 7.11 3.68 0.29
N TRP A 52 6.96 3.30 1.55
CA TRP A 52 5.66 3.03 2.15
C TRP A 52 4.92 4.34 2.42
N VAL A 53 3.65 4.38 2.06
CA VAL A 53 2.84 5.56 2.31
C VAL A 53 1.79 5.25 3.36
N SER A 54 1.35 6.28 4.06
CA SER A 54 0.36 6.12 5.12
C SER A 54 -1.04 6.45 4.60
N GLY A 55 -1.12 6.78 3.33
CA GLY A 55 -2.40 7.10 2.72
C GLY A 55 -2.26 7.74 1.36
N GLY A 56 -1.17 8.46 1.17
CA GLY A 56 -0.93 9.11 -0.09
C GLY A 56 -1.36 10.57 -0.09
N GLY A 57 -1.30 11.20 -1.25
CA GLY A 57 -1.69 12.58 -1.36
C GLY A 57 -1.91 13.00 -2.80
N GLY A 58 -3.17 12.97 -3.23
CA GLY A 58 -3.49 13.34 -4.59
C GLY A 58 -4.97 13.57 -4.80
N GLY A 59 -5.56 14.36 -3.92
CA GLY A 59 -6.98 14.64 -4.02
C GLY A 59 -7.26 16.11 -4.22
N GLY A 60 -6.51 16.95 -3.52
CA GLY A 60 -6.70 18.37 -3.63
C GLY A 60 -5.40 19.11 -3.85
N GLY A 61 -4.75 18.87 -4.97
CA GLY A 61 -3.51 19.52 -5.27
C GLY A 61 -2.97 19.12 -6.62
N THR A 62 -1.77 18.57 -6.64
CA THR A 62 -1.15 18.12 -7.88
C THR A 62 -0.62 16.70 -7.73
N ALA A 63 -1.03 15.84 -8.63
CA ALA A 63 -0.61 14.45 -8.64
C ALA A 63 -0.17 14.07 -10.05
N THR A 64 0.30 12.84 -10.22
CA THR A 64 0.76 12.40 -11.53
C THR A 64 0.10 11.08 -11.93
N VAL A 65 -0.60 11.08 -13.06
CA VAL A 65 -1.25 9.88 -13.54
C VAL A 65 -0.54 9.36 -14.79
N THR A 66 -0.49 8.04 -14.93
CA THR A 66 0.15 7.43 -16.09
C THR A 66 -0.85 7.26 -17.22
N VAL A 67 -0.48 7.73 -18.38
CA VAL A 67 -1.31 7.65 -19.55
C VAL A 67 -1.33 6.23 -20.06
N GLN A 68 -2.53 5.71 -20.25
CA GLN A 68 -2.74 4.36 -20.73
C GLN A 68 -3.07 4.35 -22.22
N GLN A 69 -3.06 3.15 -22.80
CA GLN A 69 -3.34 2.97 -24.22
C GLN A 69 -4.81 3.27 -24.51
N GLY A 70 -5.06 4.35 -25.24
CA GLY A 70 -6.42 4.72 -25.57
C GLY A 70 -6.92 5.86 -24.72
N ASP A 71 -5.99 6.57 -24.12
CA ASP A 71 -6.31 7.70 -23.25
C ASP A 71 -5.57 8.94 -23.72
N THR A 72 -6.33 9.96 -24.12
CA THR A 72 -5.76 11.23 -24.54
C THR A 72 -5.98 12.24 -23.43
N LEU A 73 -5.55 13.49 -23.63
CA LEU A 73 -5.76 14.51 -22.60
C LEU A 73 -7.24 14.55 -22.23
N ARG A 74 -8.08 14.44 -23.25
CA ARG A 74 -9.53 14.47 -23.08
C ARG A 74 -10.01 13.28 -22.25
N ASP A 75 -9.39 12.12 -22.49
CA ASP A 75 -9.77 10.91 -21.78
C ASP A 75 -9.32 10.99 -20.34
N ILE A 76 -8.12 11.51 -20.12
CA ILE A 76 -7.59 11.66 -18.77
C ILE A 76 -8.47 12.63 -17.99
N GLY A 77 -8.78 13.76 -18.62
CA GLY A 77 -9.62 14.75 -18.00
C GLY A 77 -10.97 14.20 -17.57
N ARG A 78 -11.69 13.61 -18.52
CA ARG A 78 -13.01 13.05 -18.23
C ARG A 78 -12.94 11.88 -17.25
N ARG A 79 -11.81 11.21 -17.24
CA ARG A 79 -11.59 10.05 -16.37
C ARG A 79 -11.38 10.45 -14.91
N PHE A 80 -10.60 11.50 -14.68
CA PHE A 80 -10.30 11.95 -13.31
C PHE A 80 -10.94 13.30 -12.96
N ASP A 81 -11.97 13.67 -13.73
CA ASP A 81 -12.68 14.95 -13.52
C ASP A 81 -11.73 16.14 -13.51
N CYS A 82 -10.71 16.07 -14.35
CA CYS A 82 -9.73 17.11 -14.48
C CYS A 82 -9.87 17.73 -15.87
N ASP A 83 -9.31 18.90 -16.08
CA ASP A 83 -9.41 19.51 -17.41
C ASP A 83 -8.21 19.14 -18.24
N PHE A 84 -8.49 18.57 -19.41
CA PHE A 84 -7.47 18.14 -20.37
C PHE A 84 -6.48 19.27 -20.66
N HIS A 85 -6.99 20.50 -20.58
CA HIS A 85 -6.19 21.70 -20.81
C HIS A 85 -5.12 21.83 -19.74
N GLU A 86 -5.53 21.59 -18.50
CA GLU A 86 -4.62 21.66 -17.36
C GLU A 86 -3.59 20.56 -17.45
N ILE A 87 -4.07 19.34 -17.70
CA ILE A 87 -3.20 18.18 -17.83
C ILE A 87 -2.13 18.47 -18.86
N ALA A 88 -2.57 19.03 -19.99
CA ALA A 88 -1.68 19.41 -21.07
C ALA A 88 -0.70 20.49 -20.63
N ARG A 89 -1.20 21.57 -20.05
CA ARG A 89 -0.35 22.69 -19.60
C ARG A 89 0.71 22.21 -18.62
N ARG A 90 0.34 21.30 -17.72
CA ARG A 90 1.25 20.78 -16.72
C ARG A 90 2.40 20.02 -17.39
N ASN A 91 2.08 19.31 -18.46
CA ASN A 91 3.09 18.54 -19.19
C ASN A 91 3.74 19.38 -20.27
N ASN A 92 3.23 20.59 -20.44
CA ASN A 92 3.72 21.54 -21.45
C ASN A 92 3.27 21.12 -22.84
N ILE A 93 2.20 20.32 -22.87
CA ILE A 93 1.61 19.85 -24.11
C ILE A 93 0.28 20.56 -24.34
N GLN A 94 -0.42 20.20 -25.40
CA GLN A 94 -1.71 20.80 -25.69
C GLN A 94 -2.82 19.79 -25.44
N ASN A 95 -4.03 20.27 -25.18
CA ASN A 95 -5.15 19.36 -24.95
C ASN A 95 -5.29 18.40 -26.15
N GLU A 96 -5.51 19.00 -27.31
CA GLU A 96 -5.66 18.25 -28.55
C GLU A 96 -4.32 17.71 -29.07
N ASP A 97 -3.28 17.77 -28.22
CA ASP A 97 -1.96 17.28 -28.59
C ASP A 97 -2.02 15.79 -28.79
N LEU A 98 -2.88 15.14 -28.01
CA LEU A 98 -3.02 13.70 -28.06
C LEU A 98 -1.78 13.01 -27.48
N ILE A 99 -1.97 12.39 -26.34
CA ILE A 99 -0.90 11.71 -25.63
C ILE A 99 -0.85 10.23 -25.98
N TYR A 100 0.19 9.55 -25.49
CA TYR A 100 0.39 8.13 -25.79
C TYR A 100 0.53 7.33 -24.49
N PRO A 101 0.27 6.01 -24.55
CA PRO A 101 0.35 5.13 -23.38
C PRO A 101 1.77 4.98 -22.84
N GLY A 102 1.90 5.11 -21.53
CA GLY A 102 3.19 4.98 -20.89
C GLY A 102 3.77 6.31 -20.52
N GLN A 103 2.91 7.32 -20.42
CA GLN A 103 3.38 8.65 -20.05
C GLN A 103 2.89 9.01 -18.66
N VAL A 104 3.43 10.07 -18.10
CA VAL A 104 3.02 10.51 -16.78
C VAL A 104 2.61 11.98 -16.85
N LEU A 105 1.32 12.22 -16.67
CA LEU A 105 0.79 13.58 -16.72
C LEU A 105 0.40 14.07 -15.35
N GLN A 106 0.48 15.38 -15.15
CA GLN A 106 0.13 15.97 -13.88
C GLN A 106 -1.34 16.33 -13.84
N VAL A 107 -2.04 15.65 -12.96
CA VAL A 107 -3.45 15.85 -12.79
C VAL A 107 -3.73 16.25 -11.34
N PRO A 108 -4.80 17.03 -11.13
CA PRO A 108 -5.18 17.54 -9.80
C PRO A 108 -5.60 16.47 -8.80
N THR A 109 -5.97 15.31 -9.30
CA THR A 109 -6.38 14.21 -8.44
C THR A 109 -6.08 12.86 -9.09
N LYS A 110 -5.73 11.88 -8.28
CA LYS A 110 -5.41 10.55 -8.78
C LYS A 110 -6.66 9.68 -8.88
N GLY A 111 -6.45 8.47 -9.38
CA GLY A 111 -7.52 7.51 -9.53
C GLY A 111 -7.02 6.26 -10.19
N GLY A 112 -7.66 5.14 -9.93
CA GLY A 112 -7.24 3.90 -10.54
C GLY A 112 -8.14 2.75 -10.16
N SER A 113 -7.73 1.55 -10.52
CA SER A 113 -8.49 0.34 -10.23
C SER A 113 -8.27 -0.12 -8.80
N GLY A 114 -7.19 0.36 -8.18
CA GLY A 114 -6.89 -0.02 -6.82
C GLY A 114 -6.61 1.18 -5.95
N GLY A 115 -7.49 2.18 -6.05
CA GLY A 115 -7.34 3.39 -5.27
C GLY A 115 -6.23 4.29 -5.77
N GLY A 116 -5.00 3.85 -5.57
CA GLY A 116 -3.85 4.61 -6.00
C GLY A 116 -3.34 5.51 -4.90
N ALA A 117 -2.92 4.91 -3.79
CA ALA A 117 -2.40 5.65 -2.66
C ALA A 117 -0.89 5.75 -2.78
N GLY A 118 -0.28 4.68 -3.25
CA GLY A 118 1.15 4.65 -3.42
C GLY A 118 1.52 5.05 -4.83
N ASN A 119 1.01 4.26 -5.78
CA ASN A 119 1.20 4.51 -7.21
C ASN A 119 2.61 4.15 -7.69
N PHE A 120 3.26 3.21 -7.01
CA PHE A 120 4.59 2.79 -7.43
C PHE A 120 4.53 2.19 -8.83
N TRP A 121 3.46 1.43 -9.09
CA TRP A 121 3.25 0.76 -10.38
C TRP A 121 3.15 1.76 -11.53
N ASP A 122 2.65 2.97 -11.23
CA ASP A 122 2.51 4.00 -12.25
C ASP A 122 3.82 4.22 -12.98
N SER A 123 4.91 4.06 -12.26
CA SER A 123 6.21 4.23 -12.86
C SER A 123 7.14 3.08 -12.48
N ALA A 124 6.58 1.89 -12.30
CA ALA A 124 7.40 0.73 -11.96
C ALA A 124 7.37 -0.31 -13.07
N ARG A 125 8.54 -0.88 -13.38
CA ARG A 125 8.64 -1.89 -14.41
C ARG A 125 9.45 -3.07 -13.90
N ASP A 126 9.16 -4.26 -14.44
CA ASP A 126 9.84 -5.50 -14.04
C ASP A 126 9.69 -5.70 -12.53
N VAL A 127 8.46 -5.56 -12.05
CA VAL A 127 8.18 -5.73 -10.64
C VAL A 127 8.15 -7.21 -10.29
N ARG A 128 9.03 -7.61 -9.39
CA ARG A 128 9.12 -9.00 -8.99
C ARG A 128 9.42 -9.11 -7.50
N LEU A 129 8.85 -10.11 -6.87
CA LEU A 129 9.11 -10.33 -5.46
C LEU A 129 10.32 -11.21 -5.30
N VAL A 130 11.28 -10.72 -4.54
CA VAL A 130 12.50 -11.45 -4.34
C VAL A 130 12.69 -11.81 -2.87
N ASP A 131 13.50 -12.83 -2.63
CA ASP A 131 13.82 -13.30 -1.29
C ASP A 131 12.60 -13.96 -0.64
N GLY A 132 11.54 -14.09 -1.41
CA GLY A 132 10.34 -14.72 -0.93
C GLY A 132 9.30 -13.73 -0.43
N GLY A 133 9.26 -12.55 -1.02
CA GLY A 133 8.23 -11.56 -0.62
C GLY A 133 8.73 -10.59 0.46
N LYS A 134 9.76 -11.01 1.16
CA LYS A 134 10.34 -10.17 2.20
C LYS A 134 10.95 -8.94 1.53
N VAL A 135 11.18 -9.05 0.23
CA VAL A 135 11.72 -7.96 -0.56
C VAL A 135 10.99 -7.91 -1.93
N LEU A 136 10.74 -6.70 -2.40
CA LEU A 136 10.09 -6.46 -3.68
C LEU A 136 11.02 -5.63 -4.53
N GLU A 137 11.35 -6.13 -5.70
CA GLU A 137 12.30 -5.46 -6.57
C GLU A 137 11.64 -5.04 -7.88
N ALA A 138 11.84 -3.78 -8.25
CA ALA A 138 11.27 -3.24 -9.47
C ALA A 138 12.02 -1.99 -9.90
N GLU A 139 11.89 -1.63 -11.16
CA GLU A 139 12.57 -0.44 -11.66
C GLU A 139 11.62 0.73 -11.60
N LEU A 140 11.92 1.64 -10.69
CA LEU A 140 11.11 2.83 -10.47
C LEU A 140 11.63 3.99 -11.31
N ARG A 141 10.71 4.63 -12.01
CA ARG A 141 11.01 5.76 -12.85
C ARG A 141 11.23 7.01 -12.02
N TYR A 142 12.21 7.81 -12.42
CA TYR A 142 12.52 9.03 -11.70
C TYR A 142 13.17 10.03 -12.65
N SER A 143 13.59 11.17 -12.14
CA SER A 143 14.22 12.19 -12.97
C SER A 143 15.45 11.64 -13.70
N GLY A 144 16.09 10.63 -13.13
CA GLY A 144 17.27 10.05 -13.74
C GLY A 144 16.97 8.80 -14.54
N GLY A 145 15.74 8.68 -15.03
CA GLY A 145 15.38 7.53 -15.83
C GLY A 145 14.73 6.43 -15.01
N TRP A 146 15.35 5.25 -15.01
CA TRP A 146 14.83 4.11 -14.27
C TRP A 146 15.90 3.54 -13.35
N ASN A 147 15.51 3.21 -12.13
CA ASN A 147 16.44 2.64 -11.16
C ASN A 147 15.81 1.42 -10.48
N ARG A 148 16.57 0.35 -10.40
CA ARG A 148 16.10 -0.88 -9.79
C ARG A 148 16.10 -0.74 -8.26
N SER A 149 14.93 -0.44 -7.72
CA SER A 149 14.77 -0.26 -6.29
C SER A 149 14.05 -1.47 -5.71
N ARG A 150 14.12 -1.61 -4.40
CA ARG A 150 13.45 -2.72 -3.74
C ARG A 150 12.96 -2.34 -2.35
N ILE A 151 11.82 -2.91 -1.96
CA ILE A 151 11.21 -2.63 -0.66
C ILE A 151 10.87 -3.93 0.05
N TYR A 152 10.88 -3.92 1.36
CA TYR A 152 10.59 -5.12 2.13
C TYR A 152 9.09 -5.22 2.42
N LEU A 153 8.37 -6.08 1.71
CA LEU A 153 6.95 -6.23 1.99
C LEU A 153 6.76 -6.82 3.37
N ASP A 154 7.69 -7.69 3.75
CA ASP A 154 7.68 -8.35 5.07
C ASP A 154 7.71 -7.31 6.22
N GLU A 155 7.93 -6.03 5.90
CA GLU A 155 7.97 -4.98 6.92
C GLU A 155 6.62 -4.74 7.54
N HIS A 156 5.64 -4.54 6.70
CA HIS A 156 4.30 -4.25 7.19
C HIS A 156 3.29 -5.29 6.74
N ILE A 157 3.66 -6.08 5.77
CA ILE A 157 2.76 -7.09 5.26
C ILE A 157 2.88 -8.38 6.05
N GLY A 158 1.84 -8.74 6.77
CA GLY A 158 1.84 -9.96 7.55
C GLY A 158 0.75 -10.93 7.13
N ASN A 159 0.77 -12.12 7.72
CA ASN A 159 -0.22 -13.15 7.42
C ASN A 159 -1.09 -13.42 8.64
N ARG A 160 -2.40 -13.36 8.44
CA ARG A 160 -3.34 -13.59 9.52
C ARG A 160 -4.26 -14.74 9.14
N ASN A 161 -3.89 -15.95 9.54
CA ASN A 161 -4.66 -17.16 9.26
C ASN A 161 -4.97 -17.31 7.77
N GLY A 162 -3.92 -17.34 6.98
CA GLY A 162 -4.07 -17.51 5.53
C GLY A 162 -4.46 -16.25 4.79
N GLU A 163 -4.41 -15.11 5.44
CA GLU A 163 -4.77 -13.85 4.79
C GLU A 163 -3.63 -12.85 4.87
N LEU A 164 -3.45 -12.08 3.82
CA LEU A 164 -2.40 -11.08 3.77
C LEU A 164 -2.91 -9.74 4.29
N ILE A 165 -2.30 -9.25 5.36
CA ILE A 165 -2.72 -8.00 5.97
C ILE A 165 -1.53 -7.06 6.18
N HIS A 166 -1.83 -5.85 6.65
CA HIS A 166 -0.80 -4.85 6.90
C HIS A 166 -0.78 -4.50 8.38
N CYS A 167 0.40 -4.37 8.94
CA CYS A 167 0.55 -4.06 10.35
C CYS A 167 1.78 -3.21 10.58
N GLY A 1 11.35 -11.78 11.70
CA GLY A 1 11.78 -11.72 10.29
C GLY A 1 12.40 -10.38 9.96
N ASN A 2 11.79 -9.65 9.05
CA ASN A 2 12.29 -8.33 8.67
C ASN A 2 11.94 -7.28 9.70
N TYR A 3 10.66 -6.89 9.77
CA TYR A 3 10.26 -5.86 10.72
C TYR A 3 8.97 -6.23 11.46
N ALA A 4 7.84 -5.80 10.93
CA ALA A 4 6.56 -6.04 11.57
C ALA A 4 5.71 -7.06 10.81
N GLY A 5 5.87 -7.13 9.49
CA GLY A 5 5.07 -8.05 8.72
C GLY A 5 5.40 -9.49 9.04
N ASN A 6 6.59 -9.91 8.63
CA ASN A 6 7.06 -11.27 8.85
C ASN A 6 6.16 -12.29 8.16
N PHE A 7 5.41 -11.84 7.15
CA PHE A 7 4.53 -12.73 6.41
C PHE A 7 5.33 -13.79 5.67
N SER A 8 6.52 -13.43 5.21
CA SER A 8 7.37 -14.37 4.47
C SER A 8 7.73 -15.56 5.35
N GLY A 9 7.58 -15.36 6.65
CA GLY A 9 7.86 -16.42 7.60
C GLY A 9 6.86 -17.57 7.55
N SER A 10 5.61 -17.27 7.21
CA SER A 10 4.57 -18.30 7.15
C SER A 10 3.85 -18.30 5.79
N SER A 11 4.12 -17.30 4.97
CA SER A 11 3.51 -17.21 3.67
C SER A 11 4.53 -17.59 2.60
N ARG A 12 4.14 -18.49 1.73
CA ARG A 12 5.02 -18.92 0.67
C ARG A 12 4.48 -18.39 -0.65
N ASP A 13 5.13 -18.77 -1.73
CA ASP A 13 4.75 -18.37 -3.08
C ASP A 13 4.36 -16.90 -3.17
N ILE A 14 5.15 -16.03 -2.54
CA ILE A 14 4.87 -14.62 -2.53
C ILE A 14 5.31 -13.99 -3.84
N CYS A 15 4.35 -13.72 -4.70
CA CYS A 15 4.61 -13.10 -6.01
C CYS A 15 3.45 -12.21 -6.39
N LEU A 16 3.74 -10.96 -6.73
CA LEU A 16 2.69 -10.02 -7.12
C LEU A 16 2.53 -9.91 -8.62
N ASP A 17 1.30 -9.59 -9.00
CA ASP A 17 0.97 -9.39 -10.39
C ASP A 17 1.10 -7.90 -10.67
N GLY A 18 2.34 -7.45 -10.78
CA GLY A 18 2.62 -6.06 -11.04
C GLY A 18 2.56 -5.24 -9.77
N ALA A 19 1.43 -5.34 -9.10
CA ALA A 19 1.21 -4.63 -7.85
C ALA A 19 0.32 -5.47 -6.93
N ARG A 20 -0.31 -6.50 -7.50
CA ARG A 20 -1.18 -7.38 -6.74
C ARG A 20 -0.37 -8.43 -5.99
N LEU A 21 0.08 -8.07 -4.79
CA LEU A 21 0.88 -8.97 -3.96
C LEU A 21 0.10 -10.22 -3.60
N ARG A 22 0.66 -11.37 -3.91
CA ARG A 22 -0.01 -12.63 -3.64
C ARG A 22 0.92 -13.61 -2.95
N ALA A 23 0.47 -14.15 -1.83
CA ALA A 23 1.26 -15.09 -1.06
C ALA A 23 0.36 -16.13 -0.40
N GLU A 24 0.90 -17.33 -0.31
CA GLU A 24 0.23 -18.46 0.31
C GLU A 24 0.46 -18.42 1.82
N CYS A 25 -0.28 -17.53 2.48
CA CYS A 25 -0.18 -17.34 3.91
C CYS A 25 -0.67 -18.56 4.69
N ARG A 26 0.18 -19.06 5.58
CA ARG A 26 -0.16 -20.20 6.42
C ARG A 26 -1.19 -19.80 7.46
N ARG A 27 -2.32 -20.47 7.46
CA ARG A 27 -3.38 -20.19 8.43
C ARG A 27 -3.36 -21.20 9.56
N GLY A 28 -4.04 -20.83 10.65
CA GLY A 28 -4.13 -21.64 11.85
C GLY A 28 -4.60 -23.07 11.60
N ASP A 29 -5.17 -23.30 10.43
CA ASP A 29 -5.63 -24.64 10.08
C ASP A 29 -4.43 -25.53 9.80
N GLY A 30 -3.27 -24.89 9.69
CA GLY A 30 -2.04 -25.60 9.43
C GLY A 30 -1.78 -25.68 7.95
N GLY A 31 -2.59 -24.95 7.19
CA GLY A 31 -2.44 -24.98 5.75
C GLY A 31 -2.13 -23.63 5.15
N TYR A 32 -1.63 -23.64 3.93
CA TYR A 32 -1.28 -22.41 3.23
C TYR A 32 -2.39 -22.04 2.24
N SER A 33 -2.90 -20.83 2.37
CA SER A 33 -3.96 -20.35 1.49
C SER A 33 -3.47 -19.17 0.67
N THR A 34 -3.86 -19.12 -0.59
CA THR A 34 -3.44 -18.06 -1.49
C THR A 34 -4.15 -16.75 -1.16
N SER A 35 -3.38 -15.77 -0.71
CA SER A 35 -3.91 -14.47 -0.35
C SER A 35 -3.30 -13.41 -1.28
N VAL A 36 -4.03 -12.32 -1.53
CA VAL A 36 -3.54 -11.27 -2.41
C VAL A 36 -3.99 -9.88 -1.95
N ILE A 37 -3.08 -8.91 -2.05
CA ILE A 37 -3.34 -7.54 -1.64
C ILE A 37 -2.82 -6.56 -2.69
N ASP A 38 -3.53 -5.46 -2.91
CA ASP A 38 -3.07 -4.46 -3.87
C ASP A 38 -1.96 -3.67 -3.24
N LEU A 39 -0.72 -4.04 -3.53
CA LEU A 39 0.42 -3.37 -2.96
C LEU A 39 0.62 -2.02 -3.59
N ASN A 40 -0.20 -1.72 -4.60
CA ASN A 40 -0.12 -0.44 -5.27
C ASN A 40 -0.70 0.63 -4.35
N ARG A 41 -1.36 0.16 -3.29
CA ARG A 41 -1.94 1.05 -2.32
C ARG A 41 -1.07 1.11 -1.07
N TYR A 42 0.08 0.46 -1.12
CA TYR A 42 1.01 0.46 0.00
C TYR A 42 2.41 0.88 -0.40
N LEU A 43 2.76 0.66 -1.66
CA LEU A 43 4.06 1.04 -2.17
C LEU A 43 3.98 2.28 -3.03
N SER A 44 4.94 3.16 -2.87
CA SER A 44 4.98 4.39 -3.63
C SER A 44 6.40 4.65 -4.16
N ASN A 45 6.50 5.03 -5.43
CA ASN A 45 7.79 5.37 -6.02
C ASN A 45 8.29 6.71 -5.50
N ASP A 46 9.34 6.68 -4.70
CA ASP A 46 9.92 7.91 -4.19
C ASP A 46 11.30 8.13 -4.78
N ASN A 47 11.32 8.78 -5.94
CA ASN A 47 12.54 9.11 -6.66
C ASN A 47 13.42 7.87 -6.85
N GLY A 48 12.79 6.79 -7.28
CA GLY A 48 13.52 5.57 -7.52
C GLY A 48 13.75 4.77 -6.26
N HIS A 49 12.75 4.72 -5.41
CA HIS A 49 12.83 3.95 -4.17
C HIS A 49 11.42 3.74 -3.63
N PHE A 50 11.07 2.50 -3.33
CA PHE A 50 9.74 2.20 -2.83
C PHE A 50 9.51 2.79 -1.44
N ARG A 51 8.25 3.01 -1.10
CA ARG A 51 7.87 3.57 0.18
C ARG A 51 6.52 3.04 0.64
N TRP A 52 6.49 2.50 1.86
CA TRP A 52 5.27 1.97 2.46
C TRP A 52 4.38 3.11 2.93
N VAL A 53 3.14 3.11 2.47
CA VAL A 53 2.17 4.12 2.87
C VAL A 53 0.97 3.45 3.54
N SER A 54 0.82 3.72 4.83
CA SER A 54 -0.28 3.15 5.60
C SER A 54 -1.47 4.10 5.60
N GLY A 55 -1.83 4.57 4.42
CA GLY A 55 -2.95 5.49 4.29
C GLY A 55 -4.27 4.77 4.20
N GLY A 56 -4.24 3.45 4.28
CA GLY A 56 -5.44 2.65 4.20
C GLY A 56 -6.23 2.64 5.49
N GLY A 57 -6.84 3.78 5.81
CA GLY A 57 -7.60 3.90 7.02
C GLY A 57 -9.07 3.56 6.83
N GLY A 58 -9.58 3.84 5.63
CA GLY A 58 -10.96 3.56 5.33
C GLY A 58 -11.20 2.10 5.00
N GLY A 59 -11.27 1.28 6.03
CA GLY A 59 -11.49 -0.15 5.85
C GLY A 59 -12.96 -0.50 5.76
N GLY A 60 -13.57 -0.21 4.63
CA GLY A 60 -14.97 -0.51 4.42
C GLY A 60 -15.87 0.67 4.74
N GLY A 61 -17.04 0.38 5.27
CA GLY A 61 -17.98 1.44 5.61
C GLY A 61 -18.78 1.90 4.41
N THR A 62 -18.72 3.19 4.14
CA THR A 62 -19.41 3.78 3.01
C THR A 62 -18.47 4.64 2.18
N ALA A 63 -18.32 4.28 0.92
CA ALA A 63 -17.48 5.00 -0.01
C ALA A 63 -18.30 5.46 -1.20
N THR A 64 -17.68 6.20 -2.11
CA THR A 64 -18.39 6.70 -3.28
C THR A 64 -17.64 6.35 -4.56
N VAL A 65 -18.22 5.46 -5.36
CA VAL A 65 -17.60 5.05 -6.60
C VAL A 65 -18.18 5.80 -7.79
N THR A 66 -17.34 6.10 -8.76
CA THR A 66 -17.77 6.80 -9.96
C THR A 66 -18.18 5.80 -11.02
N VAL A 67 -19.37 5.98 -11.55
CA VAL A 67 -19.92 5.11 -12.55
C VAL A 67 -19.29 5.38 -13.90
N GLN A 68 -18.86 4.30 -14.55
CA GLN A 68 -18.23 4.37 -15.86
C GLN A 68 -19.25 4.06 -16.95
N GLN A 69 -18.85 4.31 -18.19
CA GLN A 69 -19.72 4.10 -19.34
C GLN A 69 -19.97 2.62 -19.59
N GLY A 70 -21.23 2.21 -19.53
CA GLY A 70 -21.59 0.83 -19.78
C GLY A 70 -21.87 0.04 -18.52
N ASP A 71 -21.74 0.68 -17.37
CA ASP A 71 -21.97 0.00 -16.11
C ASP A 71 -23.23 0.50 -15.42
N THR A 72 -24.07 -0.43 -14.98
CA THR A 72 -25.30 -0.10 -14.26
C THR A 72 -25.13 -0.49 -12.80
N LEU A 73 -26.18 -0.32 -11.99
CA LEU A 73 -26.09 -0.69 -10.58
C LEU A 73 -25.60 -2.13 -10.45
N ARG A 74 -26.14 -2.97 -11.33
CA ARG A 74 -25.82 -4.40 -11.34
C ARG A 74 -24.34 -4.64 -11.63
N ASP A 75 -23.78 -3.82 -12.51
CA ASP A 75 -22.38 -3.94 -12.89
C ASP A 75 -21.49 -3.43 -11.76
N ILE A 76 -21.90 -2.32 -11.16
CA ILE A 76 -21.16 -1.73 -10.05
C ILE A 76 -21.14 -2.71 -8.89
N GLY A 77 -22.31 -3.25 -8.56
CA GLY A 77 -22.42 -4.23 -7.49
C GLY A 77 -21.47 -5.41 -7.68
N ARG A 78 -21.54 -6.04 -8.84
CA ARG A 78 -20.69 -7.20 -9.12
C ARG A 78 -19.21 -6.83 -9.14
N ARG A 79 -18.91 -5.62 -9.60
CA ARG A 79 -17.52 -5.17 -9.70
C ARG A 79 -16.88 -4.96 -8.32
N PHE A 80 -17.65 -4.46 -7.37
CA PHE A 80 -17.10 -4.19 -6.03
C PHE A 80 -17.69 -5.12 -4.98
N ASP A 81 -18.27 -6.23 -5.42
CA ASP A 81 -18.87 -7.22 -4.53
C ASP A 81 -19.91 -6.60 -3.60
N CYS A 82 -20.61 -5.61 -4.11
CA CYS A 82 -21.66 -4.93 -3.36
C CYS A 82 -23.01 -5.26 -3.98
N ASP A 83 -24.09 -4.88 -3.31
CA ASP A 83 -25.42 -5.15 -3.83
C ASP A 83 -25.97 -3.92 -4.55
N PHE A 84 -26.29 -4.11 -5.84
CA PHE A 84 -26.84 -3.06 -6.69
C PHE A 84 -28.05 -2.38 -6.04
N HIS A 85 -28.77 -3.14 -5.23
CA HIS A 85 -29.94 -2.63 -4.50
C HIS A 85 -29.48 -1.55 -3.52
N GLU A 86 -28.42 -1.87 -2.77
CA GLU A 86 -27.86 -0.94 -1.79
C GLU A 86 -27.38 0.31 -2.48
N ILE A 87 -26.53 0.11 -3.49
CA ILE A 87 -25.95 1.21 -4.26
C ILE A 87 -27.03 2.18 -4.68
N ALA A 88 -28.12 1.63 -5.19
CA ALA A 88 -29.25 2.41 -5.61
C ALA A 88 -29.87 3.16 -4.44
N ARG A 89 -30.16 2.46 -3.36
CA ARG A 89 -30.77 3.07 -2.18
C ARG A 89 -29.92 4.19 -1.58
N ARG A 90 -28.60 4.02 -1.62
CA ARG A 90 -27.70 5.02 -1.07
C ARG A 90 -27.70 6.29 -1.92
N ASN A 91 -27.93 6.14 -3.22
CA ASN A 91 -27.97 7.28 -4.13
C ASN A 91 -29.40 7.78 -4.32
N ASN A 92 -30.36 7.05 -3.74
CA ASN A 92 -31.79 7.37 -3.81
C ASN A 92 -32.37 6.95 -5.16
N ILE A 93 -31.61 6.14 -5.88
CA ILE A 93 -32.02 5.61 -7.19
C ILE A 93 -32.50 4.17 -7.02
N GLN A 94 -32.78 3.50 -8.12
CA GLN A 94 -33.23 2.12 -8.06
C GLN A 94 -32.19 1.20 -8.69
N ASN A 95 -32.20 -0.07 -8.33
CA ASN A 95 -31.26 -1.04 -8.88
C ASN A 95 -31.36 -1.06 -10.40
N GLU A 96 -32.47 -1.58 -10.90
CA GLU A 96 -32.72 -1.68 -12.33
C GLU A 96 -33.03 -0.31 -12.94
N ASP A 97 -32.75 0.75 -12.19
CA ASP A 97 -32.99 2.11 -12.65
C ASP A 97 -32.07 2.43 -13.81
N LEU A 98 -30.91 1.78 -13.81
CA LEU A 98 -29.90 2.01 -14.84
C LEU A 98 -29.25 3.39 -14.67
N ILE A 99 -27.99 3.37 -14.31
CA ILE A 99 -27.20 4.58 -14.09
C ILE A 99 -26.43 4.97 -15.35
N TYR A 100 -25.73 6.09 -15.28
CA TYR A 100 -24.97 6.61 -16.41
C TYR A 100 -23.52 6.91 -16.01
N PRO A 101 -22.62 6.95 -17.00
CA PRO A 101 -21.19 7.22 -16.76
C PRO A 101 -20.93 8.63 -16.26
N GLY A 102 -20.03 8.74 -15.30
CA GLY A 102 -19.68 10.03 -14.74
C GLY A 102 -20.53 10.33 -13.55
N GLN A 103 -21.12 9.27 -12.99
CA GLN A 103 -21.98 9.41 -11.84
C GLN A 103 -21.24 8.94 -10.60
N VAL A 104 -21.73 9.27 -9.42
CA VAL A 104 -21.10 8.85 -8.19
C VAL A 104 -22.11 8.13 -7.30
N LEU A 105 -21.84 6.86 -7.03
CA LEU A 105 -22.71 6.04 -6.20
C LEU A 105 -22.04 5.65 -4.90
N GLN A 106 -22.84 5.44 -3.87
CA GLN A 106 -22.30 5.05 -2.58
C GLN A 106 -22.24 3.54 -2.46
N VAL A 107 -21.02 3.05 -2.36
CA VAL A 107 -20.75 1.63 -2.24
C VAL A 107 -19.87 1.37 -1.03
N PRO A 108 -19.98 0.19 -0.43
CA PRO A 108 -19.24 -0.20 0.78
C PRO A 108 -17.72 -0.27 0.61
N THR A 109 -17.24 -0.30 -0.62
CA THR A 109 -15.80 -0.36 -0.86
C THR A 109 -15.44 0.26 -2.21
N LYS A 110 -14.22 0.82 -2.29
CA LYS A 110 -13.75 1.44 -3.52
C LYS A 110 -12.86 0.49 -4.31
N GLY A 111 -12.54 0.88 -5.53
CA GLY A 111 -11.69 0.08 -6.37
C GLY A 111 -10.60 0.91 -6.99
N GLY A 112 -9.42 0.33 -7.17
CA GLY A 112 -8.30 1.05 -7.73
C GLY A 112 -8.44 1.25 -9.23
N SER A 113 -8.06 0.24 -9.99
CA SER A 113 -8.13 0.28 -11.45
C SER A 113 -7.36 1.50 -11.98
N GLY A 114 -6.15 1.69 -11.48
CA GLY A 114 -5.33 2.80 -11.91
C GLY A 114 -4.92 3.69 -10.75
N GLY A 115 -4.45 3.09 -9.68
CA GLY A 115 -4.03 3.86 -8.52
C GLY A 115 -4.84 3.57 -7.29
N GLY A 116 -4.25 3.84 -6.12
CA GLY A 116 -4.94 3.62 -4.87
C GLY A 116 -4.43 4.55 -3.80
N ALA A 117 -3.21 4.32 -3.35
CA ALA A 117 -2.60 5.14 -2.31
C ALA A 117 -1.12 5.38 -2.61
N GLY A 118 -0.43 4.31 -2.98
CA GLY A 118 0.98 4.41 -3.29
C GLY A 118 1.23 4.79 -4.74
N ASN A 119 0.71 3.97 -5.64
CA ASN A 119 0.83 4.19 -7.08
C ASN A 119 2.25 3.93 -7.57
N PHE A 120 2.96 3.04 -6.89
CA PHE A 120 4.31 2.69 -7.27
C PHE A 120 4.31 2.09 -8.68
N TRP A 121 3.28 1.30 -8.96
CA TRP A 121 3.13 0.61 -10.25
C TRP A 121 2.93 1.60 -11.39
N ASP A 122 2.41 2.78 -11.07
CA ASP A 122 2.17 3.80 -12.07
C ASP A 122 3.47 4.25 -12.72
N SER A 123 4.59 3.97 -12.06
CA SER A 123 5.90 4.31 -12.59
C SER A 123 6.90 3.20 -12.33
N ALA A 124 6.41 1.98 -12.11
CA ALA A 124 7.29 0.84 -11.87
C ALA A 124 7.25 -0.14 -13.03
N ARG A 125 8.40 -0.72 -13.35
CA ARG A 125 8.49 -1.69 -14.42
C ARG A 125 9.30 -2.88 -13.96
N ASP A 126 9.01 -4.06 -14.53
CA ASP A 126 9.73 -5.29 -14.18
C ASP A 126 9.60 -5.62 -12.69
N VAL A 127 8.45 -5.30 -12.12
CA VAL A 127 8.20 -5.54 -10.71
C VAL A 127 8.16 -7.04 -10.41
N ARG A 128 8.99 -7.49 -9.50
CA ARG A 128 9.05 -8.90 -9.13
C ARG A 128 9.43 -9.07 -7.66
N LEU A 129 8.83 -10.06 -7.01
CA LEU A 129 9.12 -10.33 -5.61
C LEU A 129 10.34 -11.22 -5.50
N VAL A 130 11.26 -10.84 -4.64
CA VAL A 130 12.49 -11.58 -4.45
C VAL A 130 12.70 -11.90 -2.98
N ASP A 131 13.58 -12.87 -2.73
CA ASP A 131 13.93 -13.30 -1.36
C ASP A 131 12.75 -13.98 -0.66
N GLY A 132 11.69 -14.20 -1.41
CA GLY A 132 10.53 -14.83 -0.83
C GLY A 132 9.49 -13.85 -0.36
N GLY A 133 9.39 -12.70 -1.02
CA GLY A 133 8.36 -11.71 -0.64
C GLY A 133 8.86 -10.71 0.43
N LYS A 134 9.92 -11.09 1.11
CA LYS A 134 10.49 -10.20 2.10
C LYS A 134 11.10 -8.99 1.41
N VAL A 135 11.30 -9.11 0.10
CA VAL A 135 11.83 -8.02 -0.72
C VAL A 135 11.09 -7.98 -2.07
N LEU A 136 10.97 -6.79 -2.63
CA LEU A 136 10.31 -6.56 -3.90
C LEU A 136 11.23 -5.71 -4.77
N GLU A 137 11.53 -6.19 -5.95
CA GLU A 137 12.45 -5.48 -6.84
C GLU A 137 11.73 -4.99 -8.09
N ALA A 138 12.02 -3.76 -8.49
CA ALA A 138 11.40 -3.16 -9.68
C ALA A 138 12.18 -1.94 -10.15
N GLU A 139 11.93 -1.54 -11.39
CA GLU A 139 12.55 -0.36 -11.97
C GLU A 139 11.60 0.80 -11.76
N LEU A 140 11.92 1.68 -10.83
CA LEU A 140 11.06 2.81 -10.54
C LEU A 140 11.48 4.05 -11.30
N ARG A 141 10.52 4.69 -11.92
CA ARG A 141 10.74 5.90 -12.68
C ARG A 141 10.94 7.09 -11.77
N TYR A 142 11.86 7.96 -12.13
CA TYR A 142 12.15 9.13 -11.34
C TYR A 142 12.87 10.18 -12.19
N SER A 143 13.38 11.23 -11.54
CA SER A 143 14.08 12.31 -12.25
C SER A 143 15.26 11.78 -13.07
N GLY A 144 15.84 10.68 -12.62
CA GLY A 144 16.99 10.10 -13.32
C GLY A 144 16.60 9.01 -14.30
N GLY A 145 15.32 8.88 -14.57
CA GLY A 145 14.86 7.87 -15.50
C GLY A 145 14.29 6.66 -14.78
N TRP A 146 14.99 5.54 -14.86
CA TRP A 146 14.55 4.31 -14.21
C TRP A 146 15.67 3.76 -13.34
N ASN A 147 15.35 3.45 -12.09
CA ASN A 147 16.34 2.92 -11.15
C ASN A 147 15.87 1.61 -10.55
N ARG A 148 16.80 0.67 -10.39
CA ARG A 148 16.48 -0.63 -9.80
C ARG A 148 16.27 -0.45 -8.31
N SER A 149 15.03 -0.38 -7.91
CA SER A 149 14.69 -0.15 -6.53
C SER A 149 14.04 -1.39 -5.94
N ARG A 150 14.13 -1.54 -4.62
CA ARG A 150 13.55 -2.68 -3.96
C ARG A 150 13.02 -2.31 -2.57
N ILE A 151 11.93 -2.93 -2.18
CA ILE A 151 11.33 -2.69 -0.88
C ILE A 151 11.15 -4.02 -0.14
N TYR A 152 11.01 -3.97 1.15
CA TYR A 152 10.83 -5.17 1.93
C TYR A 152 9.38 -5.33 2.36
N LEU A 153 8.67 -6.27 1.76
CA LEU A 153 7.28 -6.49 2.13
C LEU A 153 7.19 -7.06 3.52
N ASP A 154 8.13 -7.93 3.84
CA ASP A 154 8.18 -8.55 5.18
C ASP A 154 8.26 -7.49 6.30
N GLU A 155 8.45 -6.21 5.93
CA GLU A 155 8.53 -5.13 6.91
C GLU A 155 7.18 -4.80 7.49
N HIS A 156 6.23 -4.50 6.63
CA HIS A 156 4.90 -4.11 7.09
C HIS A 156 3.81 -5.02 6.55
N ILE A 157 4.19 -6.09 5.93
CA ILE A 157 3.20 -7.02 5.39
C ILE A 157 3.23 -8.32 6.17
N GLY A 158 2.17 -8.56 6.95
CA GLY A 158 2.10 -9.78 7.72
C GLY A 158 0.96 -10.68 7.30
N ASN A 159 0.99 -11.92 7.78
CA ASN A 159 -0.04 -12.90 7.46
C ASN A 159 -1.00 -13.03 8.64
N ARG A 160 -2.28 -12.85 8.36
CA ARG A 160 -3.32 -12.94 9.36
C ARG A 160 -4.20 -14.15 9.07
N ASN A 161 -3.78 -15.30 9.57
CA ASN A 161 -4.51 -16.56 9.39
C ASN A 161 -4.89 -16.84 7.95
N GLY A 162 -3.91 -16.75 7.06
CA GLY A 162 -4.16 -17.03 5.65
C GLY A 162 -4.51 -15.81 4.84
N GLU A 163 -4.42 -14.64 5.45
CA GLU A 163 -4.74 -13.40 4.76
C GLU A 163 -3.53 -12.47 4.82
N LEU A 164 -3.38 -11.65 3.80
CA LEU A 164 -2.27 -10.72 3.71
C LEU A 164 -2.70 -9.34 4.17
N ILE A 165 -2.09 -8.85 5.23
CA ILE A 165 -2.44 -7.55 5.78
C ILE A 165 -1.20 -6.84 6.33
N HIS A 166 -1.35 -5.57 6.69
CA HIS A 166 -0.23 -4.81 7.22
C HIS A 166 0.09 -5.29 8.63
N CYS A 167 1.34 -5.72 8.82
CA CYS A 167 1.81 -6.20 10.12
C CYS A 167 0.92 -7.32 10.66
N GLY A 1 11.83 -12.87 10.29
CA GLY A 1 11.13 -11.81 9.52
C GLY A 1 11.94 -10.53 9.44
N ASN A 2 11.33 -9.48 8.92
CA ASN A 2 11.98 -8.19 8.78
C ASN A 2 11.56 -7.22 9.88
N TYR A 3 10.30 -6.80 9.85
CA TYR A 3 9.82 -5.85 10.85
C TYR A 3 8.53 -6.31 11.52
N ALA A 4 7.40 -5.84 11.00
CA ALA A 4 6.11 -6.17 11.57
C ALA A 4 5.35 -7.21 10.77
N GLY A 5 5.57 -7.26 9.46
CA GLY A 5 4.86 -8.21 8.64
C GLY A 5 5.20 -9.64 8.97
N ASN A 6 6.40 -10.07 8.58
CA ASN A 6 6.87 -11.44 8.81
C ASN A 6 6.01 -12.44 8.04
N PHE A 7 5.24 -11.94 7.07
CA PHE A 7 4.37 -12.80 6.26
C PHE A 7 5.18 -13.85 5.51
N SER A 8 6.36 -13.49 5.03
CA SER A 8 7.21 -14.41 4.29
C SER A 8 7.57 -15.62 5.15
N GLY A 9 7.51 -15.42 6.46
CA GLY A 9 7.81 -16.49 7.39
C GLY A 9 6.81 -17.63 7.34
N SER A 10 5.53 -17.32 7.09
CA SER A 10 4.50 -18.33 7.05
C SER A 10 3.80 -18.37 5.69
N SER A 11 4.16 -17.45 4.81
CA SER A 11 3.54 -17.40 3.50
C SER A 11 4.55 -17.82 2.44
N ARG A 12 4.12 -18.69 1.57
CA ARG A 12 4.97 -19.17 0.50
C ARG A 12 4.47 -18.57 -0.80
N ASP A 13 5.14 -18.90 -1.89
CA ASP A 13 4.77 -18.43 -3.22
C ASP A 13 4.41 -16.95 -3.25
N ILE A 14 5.22 -16.11 -2.62
CA ILE A 14 4.95 -14.70 -2.59
C ILE A 14 5.40 -14.05 -3.89
N CYS A 15 4.43 -13.78 -4.76
CA CYS A 15 4.68 -13.13 -6.03
C CYS A 15 3.48 -12.27 -6.39
N LEU A 16 3.73 -11.01 -6.73
CA LEU A 16 2.66 -10.11 -7.07
C LEU A 16 2.40 -10.08 -8.56
N ASP A 17 1.20 -9.64 -8.90
CA ASP A 17 0.81 -9.49 -10.27
C ASP A 17 0.85 -8.01 -10.60
N GLY A 18 2.07 -7.52 -10.82
CA GLY A 18 2.27 -6.12 -11.14
C GLY A 18 2.38 -5.27 -9.90
N ALA A 19 1.32 -5.28 -9.12
CA ALA A 19 1.27 -4.54 -7.88
C ALA A 19 0.43 -5.31 -6.86
N ARG A 20 -0.30 -6.31 -7.32
CA ARG A 20 -1.13 -7.11 -6.42
C ARG A 20 -0.33 -8.24 -5.80
N LEU A 21 0.19 -7.97 -4.60
CA LEU A 21 0.98 -8.93 -3.85
C LEU A 21 0.21 -10.20 -3.55
N ARG A 22 0.79 -11.33 -3.88
CA ARG A 22 0.10 -12.59 -3.68
C ARG A 22 1.03 -13.61 -3.02
N ALA A 23 0.55 -14.19 -1.93
CA ALA A 23 1.32 -15.19 -1.19
C ALA A 23 0.40 -16.20 -0.53
N GLU A 24 0.91 -17.41 -0.44
CA GLU A 24 0.21 -18.51 0.18
C GLU A 24 0.41 -18.46 1.69
N CYS A 25 -0.35 -17.59 2.34
CA CYS A 25 -0.28 -17.40 3.77
C CYS A 25 -0.77 -18.64 4.52
N ARG A 26 0.04 -19.09 5.46
CA ARG A 26 -0.28 -20.26 6.27
C ARG A 26 -1.40 -19.95 7.27
N ARG A 27 -2.49 -20.67 7.16
CA ARG A 27 -3.62 -20.50 8.06
C ARG A 27 -3.53 -21.52 9.18
N GLY A 28 -4.13 -21.15 10.33
CA GLY A 28 -4.12 -21.96 11.53
C GLY A 28 -4.58 -23.39 11.34
N ASP A 29 -5.26 -23.66 10.23
CA ASP A 29 -5.74 -25.01 9.93
C ASP A 29 -4.57 -25.91 9.57
N GLY A 30 -3.43 -25.29 9.31
CA GLY A 30 -2.26 -26.04 8.93
C GLY A 30 -2.12 -26.05 7.43
N GLY A 31 -2.94 -25.24 6.77
CA GLY A 31 -2.90 -25.18 5.33
C GLY A 31 -2.54 -23.80 4.82
N TYR A 32 -2.10 -23.72 3.57
CA TYR A 32 -1.72 -22.45 2.97
C TYR A 32 -2.86 -21.90 2.13
N SER A 33 -3.18 -20.63 2.35
CA SER A 33 -4.25 -19.97 1.62
C SER A 33 -3.67 -18.91 0.68
N THR A 34 -4.05 -18.95 -0.59
CA THR A 34 -3.57 -17.97 -1.54
C THR A 34 -4.17 -16.61 -1.25
N SER A 35 -3.35 -15.69 -0.77
CA SER A 35 -3.79 -14.36 -0.43
C SER A 35 -3.18 -13.35 -1.39
N VAL A 36 -3.91 -12.28 -1.68
CA VAL A 36 -3.43 -11.25 -2.58
C VAL A 36 -3.93 -9.87 -2.13
N ILE A 37 -3.00 -8.91 -2.10
CA ILE A 37 -3.29 -7.56 -1.65
C ILE A 37 -2.70 -6.53 -2.62
N ASP A 38 -3.37 -5.39 -2.78
CA ASP A 38 -2.86 -4.37 -3.70
C ASP A 38 -1.75 -3.57 -3.05
N LEU A 39 -0.53 -3.85 -3.45
CA LEU A 39 0.61 -3.13 -2.94
C LEU A 39 0.74 -1.78 -3.60
N ASN A 40 -0.11 -1.54 -4.60
CA ASN A 40 -0.09 -0.27 -5.30
C ASN A 40 -0.61 0.81 -4.38
N ARG A 41 -1.31 0.38 -3.33
CA ARG A 41 -1.88 1.31 -2.36
C ARG A 41 -1.09 1.28 -1.06
N TYR A 42 0.13 0.75 -1.15
CA TYR A 42 1.00 0.65 0.01
C TYR A 42 2.43 1.07 -0.34
N LEU A 43 2.85 0.75 -1.55
CA LEU A 43 4.18 1.07 -2.02
C LEU A 43 4.15 2.22 -3.00
N SER A 44 5.08 3.14 -2.82
CA SER A 44 5.20 4.30 -3.67
C SER A 44 6.62 4.39 -4.22
N ASN A 45 6.74 4.84 -5.45
CA ASN A 45 8.05 5.00 -6.06
C ASN A 45 8.52 6.43 -5.84
N ASP A 46 9.27 6.63 -4.78
CA ASP A 46 9.75 7.97 -4.45
C ASP A 46 11.14 8.21 -5.01
N ASN A 47 11.16 8.83 -6.18
CA ASN A 47 12.40 9.17 -6.87
C ASN A 47 13.28 7.93 -7.09
N GLY A 48 12.66 6.85 -7.53
CA GLY A 48 13.41 5.63 -7.80
C GLY A 48 13.76 4.85 -6.54
N HIS A 49 12.92 4.96 -5.53
CA HIS A 49 13.13 4.25 -4.27
C HIS A 49 11.77 3.90 -3.66
N PHE A 50 11.57 2.63 -3.38
CA PHE A 50 10.32 2.16 -2.80
C PHE A 50 10.08 2.78 -1.43
N ARG A 51 8.85 3.21 -1.21
CA ARG A 51 8.46 3.83 0.06
C ARG A 51 7.03 3.46 0.43
N TRP A 52 6.82 3.06 1.67
CA TRP A 52 5.49 2.71 2.16
C TRP A 52 4.65 3.98 2.33
N VAL A 53 3.67 4.14 1.46
CA VAL A 53 2.76 5.30 1.46
C VAL A 53 3.54 6.58 1.15
N SER A 54 4.24 7.12 2.13
CA SER A 54 5.01 8.33 1.97
C SER A 54 6.35 8.19 2.69
N GLY A 55 6.66 6.95 3.08
CA GLY A 55 7.89 6.68 3.79
C GLY A 55 7.78 7.01 5.26
N GLY A 56 7.58 5.98 6.07
CA GLY A 56 7.46 6.18 7.50
C GLY A 56 8.74 5.87 8.24
N GLY A 57 8.81 6.25 9.50
CA GLY A 57 10.00 6.00 10.28
C GLY A 57 9.68 5.89 11.76
N GLY A 58 10.68 6.13 12.60
CA GLY A 58 10.49 6.05 14.03
C GLY A 58 9.60 7.16 14.57
N GLY A 59 8.98 6.90 15.70
CA GLY A 59 8.09 7.88 16.30
C GLY A 59 6.64 7.60 15.98
N GLY A 60 6.17 8.15 14.87
CA GLY A 60 4.80 7.94 14.46
C GLY A 60 4.28 9.08 13.63
N GLY A 61 3.10 9.56 13.96
CA GLY A 61 2.52 10.66 13.22
C GLY A 61 1.29 11.22 13.90
N THR A 62 0.82 12.36 13.42
CA THR A 62 -0.36 12.99 13.99
C THR A 62 -1.37 13.32 12.90
N ALA A 63 -2.58 12.82 13.07
CA ALA A 63 -3.67 13.04 12.12
C ALA A 63 -4.88 13.61 12.85
N THR A 64 -5.94 13.93 12.13
CA THR A 64 -7.12 14.51 12.74
C THR A 64 -8.40 13.77 12.36
N VAL A 65 -9.07 13.20 13.35
CA VAL A 65 -10.32 12.48 13.14
C VAL A 65 -11.51 13.28 13.67
N THR A 66 -12.59 13.32 12.90
CA THR A 66 -13.80 14.03 13.29
C THR A 66 -14.69 13.13 14.12
N VAL A 67 -15.04 13.61 15.31
CA VAL A 67 -15.88 12.86 16.23
C VAL A 67 -17.30 12.81 15.70
N GLN A 68 -17.89 11.63 15.76
CA GLN A 68 -19.25 11.39 15.29
C GLN A 68 -20.20 11.25 16.48
N GLN A 69 -21.49 11.22 16.18
CA GLN A 69 -22.55 11.11 17.19
C GLN A 69 -22.42 9.84 18.03
N GLY A 70 -22.26 10.01 19.33
CA GLY A 70 -22.17 8.87 20.22
C GLY A 70 -20.78 8.29 20.37
N ASP A 71 -19.79 8.96 19.80
CA ASP A 71 -18.41 8.48 19.89
C ASP A 71 -17.63 9.31 20.90
N THR A 72 -17.06 8.65 21.90
CA THR A 72 -16.26 9.32 22.91
C THR A 72 -14.78 9.05 22.64
N LEU A 73 -13.88 9.59 23.46
CA LEU A 73 -12.44 9.34 23.26
C LEU A 73 -12.21 7.84 23.16
N ARG A 74 -12.91 7.11 24.04
CA ARG A 74 -12.81 5.66 24.12
C ARG A 74 -13.20 5.00 22.80
N ASP A 75 -14.23 5.56 22.16
CA ASP A 75 -14.72 5.03 20.90
C ASP A 75 -13.77 5.37 19.79
N ILE A 76 -13.35 6.63 19.75
CA ILE A 76 -12.41 7.08 18.73
C ILE A 76 -11.15 6.24 18.77
N GLY A 77 -10.62 6.06 19.98
CA GLY A 77 -9.43 5.27 20.15
C GLY A 77 -9.60 3.84 19.69
N ARG A 78 -10.61 3.17 20.20
CA ARG A 78 -10.87 1.76 19.86
C ARG A 78 -11.19 1.60 18.37
N ARG A 79 -11.83 2.61 17.80
CA ARG A 79 -12.23 2.58 16.40
C ARG A 79 -11.05 2.77 15.45
N PHE A 80 -10.13 3.67 15.81
CA PHE A 80 -8.97 3.94 14.96
C PHE A 80 -7.68 3.33 15.51
N ASP A 81 -7.82 2.35 16.40
CA ASP A 81 -6.68 1.64 16.99
C ASP A 81 -5.73 2.57 17.76
N CYS A 82 -6.25 3.68 18.25
CA CYS A 82 -5.46 4.63 19.01
C CYS A 82 -5.87 4.61 20.47
N ASP A 83 -5.10 5.24 21.34
CA ASP A 83 -5.45 5.28 22.74
C ASP A 83 -6.17 6.58 23.06
N PHE A 84 -7.39 6.41 23.59
CA PHE A 84 -8.28 7.50 23.96
C PHE A 84 -7.55 8.56 24.80
N HIS A 85 -6.59 8.11 25.59
CA HIS A 85 -5.79 9.00 26.44
C HIS A 85 -5.04 10.02 25.60
N GLU A 86 -4.36 9.55 24.56
CA GLU A 86 -3.59 10.42 23.67
C GLU A 86 -4.51 11.40 22.97
N ILE A 87 -5.60 10.88 22.45
CA ILE A 87 -6.59 11.69 21.76
C ILE A 87 -6.99 12.85 22.66
N ALA A 88 -7.31 12.50 23.90
CA ALA A 88 -7.68 13.46 24.90
C ALA A 88 -6.53 14.41 25.22
N ARG A 89 -5.35 13.84 25.46
CA ARG A 89 -4.16 14.64 25.81
C ARG A 89 -3.85 15.67 24.74
N ARG A 90 -4.03 15.30 23.48
CA ARG A 90 -3.75 16.21 22.38
C ARG A 90 -4.77 17.35 22.33
N ASN A 91 -6.02 17.05 22.66
CA ASN A 91 -7.06 18.07 22.68
C ASN A 91 -7.08 18.79 24.02
N ASN A 92 -6.25 18.31 24.94
CA ASN A 92 -6.12 18.86 26.30
C ASN A 92 -7.32 18.45 27.15
N ILE A 93 -8.00 17.41 26.70
CA ILE A 93 -9.15 16.86 27.42
C ILE A 93 -8.76 15.56 28.09
N GLN A 94 -9.73 14.84 28.61
CA GLN A 94 -9.46 13.56 29.26
C GLN A 94 -10.18 12.45 28.50
N ASN A 95 -9.73 11.21 28.65
CA ASN A 95 -10.37 10.10 27.95
C ASN A 95 -11.88 10.06 28.29
N GLU A 96 -12.19 9.96 29.57
CA GLU A 96 -13.57 9.89 30.01
C GLU A 96 -14.20 11.28 30.06
N ASP A 97 -13.53 12.25 29.47
CA ASP A 97 -14.04 13.62 29.41
C ASP A 97 -15.33 13.62 28.64
N LEU A 98 -15.41 12.70 27.67
CA LEU A 98 -16.59 12.57 26.81
C LEU A 98 -16.66 13.75 25.83
N ILE A 99 -16.45 13.43 24.57
CA ILE A 99 -16.46 14.40 23.49
C ILE A 99 -17.85 14.47 22.83
N TYR A 100 -17.99 15.39 21.89
CA TYR A 100 -19.25 15.57 21.18
C TYR A 100 -19.08 15.38 19.68
N PRO A 101 -20.17 15.08 18.98
CA PRO A 101 -20.16 14.85 17.53
C PRO A 101 -19.95 16.13 16.74
N GLY A 102 -19.05 16.06 15.77
CA GLY A 102 -18.77 17.19 14.93
C GLY A 102 -17.50 17.86 15.35
N GLN A 103 -16.72 17.18 16.18
CA GLN A 103 -15.47 17.74 16.66
C GLN A 103 -14.31 17.11 15.92
N VAL A 104 -13.13 17.67 16.07
CA VAL A 104 -11.95 17.15 15.42
C VAL A 104 -10.86 16.90 16.45
N LEU A 105 -10.45 15.65 16.57
CA LEU A 105 -9.43 15.27 17.54
C LEU A 105 -8.17 14.78 16.85
N GLN A 106 -7.04 15.00 17.49
CA GLN A 106 -5.76 14.58 16.95
C GLN A 106 -5.42 13.17 17.38
N VAL A 107 -5.46 12.29 16.39
CA VAL A 107 -5.17 10.89 16.60
C VAL A 107 -3.92 10.51 15.81
N PRO A 108 -3.17 9.51 16.29
CA PRO A 108 -1.92 9.07 15.64
C PRO A 108 -2.10 8.44 14.27
N THR A 109 -3.31 8.03 13.95
CA THR A 109 -3.57 7.41 12.66
C THR A 109 -5.03 7.58 12.25
N LYS A 110 -5.25 7.68 10.94
CA LYS A 110 -6.61 7.84 10.40
C LYS A 110 -7.21 6.47 10.10
N GLY A 111 -8.36 6.45 9.47
CA GLY A 111 -9.02 5.20 9.15
C GLY A 111 -8.39 4.53 7.94
N GLY A 112 -8.28 5.28 6.86
CA GLY A 112 -7.69 4.76 5.65
C GLY A 112 -7.94 5.66 4.46
N SER A 113 -7.33 5.33 3.34
CA SER A 113 -7.48 6.10 2.12
C SER A 113 -8.29 5.30 1.09
N GLY A 114 -8.16 3.98 1.17
CA GLY A 114 -8.88 3.10 0.26
C GLY A 114 -8.11 2.86 -1.02
N GLY A 115 -7.69 3.93 -1.65
CA GLY A 115 -6.94 3.83 -2.89
C GLY A 115 -6.16 5.09 -3.17
N GLY A 116 -5.04 4.96 -3.87
CA GLY A 116 -4.22 6.09 -4.20
C GLY A 116 -3.33 6.49 -3.04
N ALA A 117 -2.53 5.54 -2.58
CA ALA A 117 -1.64 5.79 -1.46
C ALA A 117 -0.19 5.61 -1.87
N GLY A 118 0.02 4.75 -2.85
CA GLY A 118 1.37 4.50 -3.31
C GLY A 118 1.56 4.82 -4.78
N ASN A 119 1.05 3.94 -5.63
CA ASN A 119 1.12 4.09 -7.08
C ASN A 119 2.53 3.85 -7.60
N PHE A 120 3.29 3.01 -6.91
CA PHE A 120 4.65 2.68 -7.35
C PHE A 120 4.62 2.06 -8.73
N TRP A 121 3.60 1.24 -8.96
CA TRP A 121 3.40 0.52 -10.22
C TRP A 121 3.11 1.48 -11.36
N ASP A 122 2.55 2.63 -11.03
CA ASP A 122 2.24 3.65 -12.02
C ASP A 122 3.50 4.11 -12.73
N SER A 123 4.62 3.97 -12.05
CA SER A 123 5.90 4.35 -12.62
C SER A 123 6.94 3.25 -12.38
N ALA A 124 6.48 2.00 -12.24
CA ALA A 124 7.37 0.87 -12.04
C ALA A 124 7.49 0.03 -13.30
N ARG A 125 8.59 -0.68 -13.41
CA ARG A 125 8.86 -1.54 -14.56
C ARG A 125 9.65 -2.75 -14.11
N ASP A 126 9.34 -3.91 -14.70
CA ASP A 126 10.04 -5.16 -14.37
C ASP A 126 10.03 -5.44 -12.87
N VAL A 127 8.92 -5.08 -12.25
CA VAL A 127 8.74 -5.27 -10.81
C VAL A 127 8.35 -6.71 -10.51
N ARG A 128 9.09 -7.32 -9.60
CA ARG A 128 8.85 -8.70 -9.21
C ARG A 128 9.30 -8.93 -7.77
N LEU A 129 8.78 -9.98 -7.15
CA LEU A 129 9.12 -10.30 -5.78
C LEU A 129 10.37 -11.14 -5.72
N VAL A 130 11.24 -10.80 -4.79
CA VAL A 130 12.49 -11.51 -4.62
C VAL A 130 12.71 -11.84 -3.15
N ASP A 131 13.57 -12.82 -2.92
CA ASP A 131 13.94 -13.26 -1.58
C ASP A 131 12.78 -13.96 -0.87
N GLY A 132 11.69 -14.15 -1.60
CA GLY A 132 10.54 -14.81 -1.03
C GLY A 132 9.47 -13.85 -0.54
N GLY A 133 9.37 -12.67 -1.14
CA GLY A 133 8.32 -11.72 -0.72
C GLY A 133 8.81 -10.73 0.35
N LYS A 134 9.89 -11.10 0.99
CA LYS A 134 10.46 -10.24 2.00
C LYS A 134 11.01 -9.00 1.32
N VAL A 135 11.26 -9.10 0.01
CA VAL A 135 11.76 -7.97 -0.78
C VAL A 135 11.04 -7.90 -2.14
N LEU A 136 10.86 -6.67 -2.62
CA LEU A 136 10.23 -6.41 -3.90
C LEU A 136 11.16 -5.52 -4.73
N GLU A 137 11.63 -6.05 -5.85
CA GLU A 137 12.55 -5.34 -6.72
C GLU A 137 11.82 -4.84 -7.96
N ALA A 138 12.11 -3.62 -8.36
CA ALA A 138 11.47 -3.02 -9.52
C ALA A 138 12.24 -1.83 -10.05
N GLU A 139 11.91 -1.44 -11.26
CA GLU A 139 12.52 -0.27 -11.89
C GLU A 139 11.57 0.89 -11.66
N LEU A 140 11.93 1.78 -10.77
CA LEU A 140 11.09 2.91 -10.46
C LEU A 140 11.53 4.15 -11.21
N ARG A 141 10.56 4.78 -11.86
CA ARG A 141 10.76 5.98 -12.63
C ARG A 141 11.03 7.18 -11.73
N TYR A 142 11.94 8.03 -12.18
CA TYR A 142 12.30 9.22 -11.45
C TYR A 142 12.95 10.25 -12.38
N SER A 143 13.44 11.34 -11.83
CA SER A 143 14.06 12.39 -12.64
C SER A 143 15.29 11.87 -13.40
N GLY A 144 15.92 10.83 -12.86
CA GLY A 144 17.09 10.27 -13.51
C GLY A 144 16.76 9.08 -14.41
N GLY A 145 15.48 8.93 -14.75
CA GLY A 145 15.07 7.84 -15.61
C GLY A 145 14.43 6.71 -14.84
N TRP A 146 15.08 5.55 -14.83
CA TRP A 146 14.56 4.38 -14.13
C TRP A 146 15.64 3.79 -13.23
N ASN A 147 15.30 3.58 -11.96
CA ASN A 147 16.24 3.02 -11.00
C ASN A 147 15.67 1.77 -10.36
N ARG A 148 16.46 0.71 -10.34
CA ARG A 148 16.03 -0.55 -9.76
C ARG A 148 16.10 -0.49 -8.23
N SER A 149 14.98 -0.18 -7.62
CA SER A 149 14.89 -0.09 -6.18
C SER A 149 14.20 -1.32 -5.64
N ARG A 150 14.21 -1.49 -4.33
CA ARG A 150 13.59 -2.65 -3.70
C ARG A 150 12.99 -2.29 -2.34
N ILE A 151 11.89 -2.96 -1.98
CA ILE A 151 11.23 -2.71 -0.71
C ILE A 151 10.95 -4.03 0.00
N TYR A 152 10.89 -4.01 1.31
CA TYR A 152 10.63 -5.21 2.07
C TYR A 152 9.16 -5.33 2.42
N LEU A 153 8.44 -6.22 1.74
CA LEU A 153 7.02 -6.40 2.05
C LEU A 153 6.88 -6.96 3.44
N ASP A 154 7.81 -7.85 3.78
CA ASP A 154 7.85 -8.47 5.12
C ASP A 154 7.86 -7.42 6.24
N GLU A 155 8.13 -6.14 5.91
CA GLU A 155 8.17 -5.08 6.92
C GLU A 155 6.81 -4.81 7.52
N HIS A 156 5.84 -4.53 6.68
CA HIS A 156 4.51 -4.19 7.20
C HIS A 156 3.43 -5.12 6.67
N ILE A 157 3.81 -6.10 5.89
CA ILE A 157 2.85 -7.04 5.36
C ILE A 157 2.95 -8.37 6.09
N GLY A 158 1.93 -8.69 6.88
CA GLY A 158 1.94 -9.95 7.60
C GLY A 158 0.80 -10.87 7.21
N ASN A 159 0.91 -12.12 7.62
CA ASN A 159 -0.10 -13.13 7.35
C ASN A 159 -1.02 -13.30 8.56
N ARG A 160 -2.31 -13.09 8.34
CA ARG A 160 -3.29 -13.23 9.40
C ARG A 160 -4.27 -14.34 9.03
N ASN A 161 -3.91 -15.57 9.39
CA ASN A 161 -4.73 -16.75 9.11
C ASN A 161 -5.02 -16.93 7.62
N GLY A 162 -3.97 -16.83 6.81
CA GLY A 162 -4.13 -17.01 5.38
C GLY A 162 -4.50 -15.74 4.64
N GLU A 163 -4.47 -14.61 5.34
CA GLU A 163 -4.81 -13.35 4.72
C GLU A 163 -3.69 -12.33 4.88
N LEU A 164 -3.34 -11.66 3.78
CA LEU A 164 -2.28 -10.67 3.79
C LEU A 164 -2.79 -9.30 4.21
N ILE A 165 -2.32 -8.82 5.35
CA ILE A 165 -2.71 -7.52 5.88
C ILE A 165 -1.53 -6.84 6.52
N HIS A 166 -1.73 -5.61 6.97
CA HIS A 166 -0.66 -4.87 7.62
C HIS A 166 -0.30 -5.52 8.95
N CYS A 167 0.97 -5.96 9.06
CA CYS A 167 1.48 -6.59 10.27
C CYS A 167 0.71 -7.88 10.61
N GLY A 1 12.20 -12.20 11.43
CA GLY A 1 11.76 -11.61 10.14
C GLY A 1 12.35 -10.23 9.93
N ASN A 2 11.76 -9.47 9.02
CA ASN A 2 12.24 -8.12 8.73
C ASN A 2 11.80 -7.13 9.80
N TYR A 3 10.54 -6.73 9.76
CA TYR A 3 10.05 -5.76 10.72
C TYR A 3 8.75 -6.22 11.38
N ALA A 4 7.63 -5.74 10.87
CA ALA A 4 6.33 -6.08 11.42
C ALA A 4 5.57 -7.11 10.60
N GLY A 5 5.85 -7.17 9.29
CA GLY A 5 5.15 -8.12 8.45
C GLY A 5 5.44 -9.55 8.83
N ASN A 6 6.62 -10.02 8.45
CA ASN A 6 7.05 -11.40 8.74
C ASN A 6 6.18 -12.41 8.00
N PHE A 7 5.36 -11.93 7.06
CA PHE A 7 4.48 -12.81 6.30
C PHE A 7 5.27 -13.83 5.50
N SER A 8 6.46 -13.45 5.04
CA SER A 8 7.29 -14.33 4.24
C SER A 8 7.69 -15.56 5.05
N GLY A 9 7.72 -15.38 6.37
CA GLY A 9 8.07 -16.46 7.27
C GLY A 9 7.03 -17.57 7.33
N SER A 10 5.78 -17.27 6.99
CA SER A 10 4.72 -18.26 7.03
C SER A 10 3.99 -18.37 5.70
N SER A 11 4.16 -17.38 4.85
CA SER A 11 3.52 -17.37 3.55
C SER A 11 4.51 -17.81 2.50
N ARG A 12 4.10 -18.74 1.66
CA ARG A 12 4.96 -19.22 0.61
C ARG A 12 4.44 -18.71 -0.72
N ASP A 13 5.13 -19.06 -1.78
CA ASP A 13 4.77 -18.65 -3.14
C ASP A 13 4.38 -17.18 -3.23
N ILE A 14 5.19 -16.30 -2.65
CA ILE A 14 4.91 -14.90 -2.66
C ILE A 14 5.34 -14.29 -3.99
N CYS A 15 4.38 -13.98 -4.84
CA CYS A 15 4.61 -13.37 -6.14
C CYS A 15 3.44 -12.46 -6.48
N LEU A 16 3.74 -11.22 -6.83
CA LEU A 16 2.69 -10.25 -7.14
C LEU A 16 2.36 -10.17 -8.61
N ASP A 17 1.13 -9.75 -8.86
CA ASP A 17 0.63 -9.55 -10.20
C ASP A 17 0.80 -8.08 -10.54
N GLY A 18 2.04 -7.69 -10.78
CA GLY A 18 2.36 -6.33 -11.14
C GLY A 18 2.45 -5.45 -9.92
N ALA A 19 1.35 -5.37 -9.19
CA ALA A 19 1.28 -4.55 -8.00
C ALA A 19 0.38 -5.22 -6.97
N ARG A 20 -0.16 -6.38 -7.31
CA ARG A 20 -1.02 -7.12 -6.41
C ARG A 20 -0.26 -8.30 -5.82
N LEU A 21 0.32 -8.09 -4.65
CA LEU A 21 1.09 -9.10 -3.95
C LEU A 21 0.26 -10.31 -3.63
N ARG A 22 0.79 -11.48 -3.93
CA ARG A 22 0.07 -12.71 -3.69
C ARG A 22 0.98 -13.73 -3.03
N ALA A 23 0.52 -14.29 -1.92
CA ALA A 23 1.29 -15.27 -1.18
C ALA A 23 0.38 -16.26 -0.48
N GLU A 24 0.88 -17.47 -0.37
CA GLU A 24 0.20 -18.56 0.28
C GLU A 24 0.41 -18.47 1.79
N CYS A 25 -0.32 -17.56 2.42
CA CYS A 25 -0.23 -17.34 3.85
C CYS A 25 -0.66 -18.57 4.63
N ARG A 26 0.20 -19.01 5.54
CA ARG A 26 -0.09 -20.16 6.37
C ARG A 26 -1.20 -19.83 7.36
N ARG A 27 -2.26 -20.61 7.31
CA ARG A 27 -3.39 -20.41 8.18
C ARG A 27 -3.33 -21.39 9.34
N GLY A 28 -3.93 -20.96 10.46
CA GLY A 28 -3.94 -21.72 11.70
C GLY A 28 -4.41 -23.15 11.58
N ASP A 29 -5.10 -23.45 10.48
CA ASP A 29 -5.59 -24.81 10.24
C ASP A 29 -4.45 -25.73 9.82
N GLY A 30 -3.29 -25.15 9.61
CA GLY A 30 -2.13 -25.91 9.21
C GLY A 30 -2.03 -25.96 7.71
N GLY A 31 -2.87 -25.17 7.06
CA GLY A 31 -2.87 -25.13 5.61
C GLY A 31 -2.51 -23.76 5.06
N TYR A 32 -1.98 -23.72 3.85
CA TYR A 32 -1.61 -22.48 3.22
C TYR A 32 -2.77 -21.94 2.38
N SER A 33 -3.15 -20.70 2.65
CA SER A 33 -4.25 -20.08 1.92
C SER A 33 -3.71 -19.01 0.99
N THR A 34 -4.13 -19.05 -0.27
CA THR A 34 -3.69 -18.06 -1.25
C THR A 34 -4.27 -16.69 -0.93
N SER A 35 -3.40 -15.77 -0.53
CA SER A 35 -3.81 -14.43 -0.21
C SER A 35 -3.19 -13.44 -1.18
N VAL A 36 -3.86 -12.31 -1.40
CA VAL A 36 -3.35 -11.29 -2.31
C VAL A 36 -3.71 -9.89 -1.79
N ILE A 37 -2.71 -9.02 -1.75
CA ILE A 37 -2.90 -7.66 -1.26
C ILE A 37 -2.49 -6.62 -2.32
N ASP A 38 -3.15 -5.48 -2.29
CA ASP A 38 -2.86 -4.41 -3.26
C ASP A 38 -1.67 -3.58 -2.83
N LEU A 39 -0.48 -3.93 -3.30
CA LEU A 39 0.70 -3.16 -2.97
C LEU A 39 0.69 -1.84 -3.71
N ASN A 40 -0.18 -1.73 -4.69
CA ASN A 40 -0.32 -0.49 -5.45
C ASN A 40 -0.85 0.61 -4.54
N ARG A 41 -1.39 0.20 -3.40
CA ARG A 41 -1.91 1.14 -2.42
C ARG A 41 -1.12 0.99 -1.12
N TYR A 42 0.08 0.43 -1.23
CA TYR A 42 0.94 0.22 -0.07
C TYR A 42 2.38 0.67 -0.36
N LEU A 43 2.78 0.55 -1.62
CA LEU A 43 4.12 0.92 -2.04
C LEU A 43 4.07 2.10 -2.99
N SER A 44 4.95 3.05 -2.78
CA SER A 44 5.04 4.23 -3.61
C SER A 44 6.45 4.37 -4.16
N ASN A 45 6.58 4.92 -5.36
CA ASN A 45 7.88 5.13 -5.96
C ASN A 45 8.40 6.55 -5.69
N ASP A 46 9.26 6.69 -4.68
CA ASP A 46 9.80 7.98 -4.32
C ASP A 46 11.19 8.17 -4.89
N ASN A 47 11.25 8.80 -6.05
CA ASN A 47 12.49 9.09 -6.76
C ASN A 47 13.36 7.83 -6.94
N GLY A 48 12.73 6.74 -7.36
CA GLY A 48 13.47 5.51 -7.60
C GLY A 48 13.76 4.75 -6.32
N HIS A 49 12.85 4.85 -5.36
CA HIS A 49 12.98 4.17 -4.07
C HIS A 49 11.59 3.85 -3.57
N PHE A 50 11.38 2.62 -3.15
CA PHE A 50 10.06 2.22 -2.65
C PHE A 50 9.77 2.82 -1.29
N ARG A 51 8.51 3.14 -1.07
CA ARG A 51 8.07 3.72 0.19
C ARG A 51 6.68 3.20 0.58
N TRP A 52 6.55 2.81 1.84
CA TRP A 52 5.29 2.30 2.37
C TRP A 52 4.26 3.41 2.61
N VAL A 53 3.08 3.22 2.03
CA VAL A 53 1.93 4.13 2.16
C VAL A 53 2.18 5.50 1.54
N SER A 54 3.10 6.26 2.14
CA SER A 54 3.47 7.61 1.68
C SER A 54 2.33 8.63 1.78
N GLY A 55 1.21 8.37 1.13
CA GLY A 55 0.11 9.31 1.15
C GLY A 55 -1.15 8.80 1.80
N GLY A 56 -1.23 7.50 2.03
CA GLY A 56 -2.42 6.93 2.65
C GLY A 56 -2.63 7.44 4.07
N GLY A 57 -3.83 7.93 4.34
CA GLY A 57 -4.15 8.44 5.65
C GLY A 57 -3.87 9.92 5.78
N GLY A 58 -4.82 10.76 5.40
CA GLY A 58 -4.63 12.19 5.48
C GLY A 58 -5.92 12.94 5.74
N GLY A 59 -5.81 14.25 5.88
CA GLY A 59 -6.99 15.07 6.12
C GLY A 59 -7.16 15.41 7.59
N GLY A 60 -7.69 14.48 8.36
CA GLY A 60 -7.90 14.71 9.77
C GLY A 60 -7.66 13.47 10.61
N GLY A 61 -6.70 13.54 11.51
CA GLY A 61 -6.40 12.41 12.36
C GLY A 61 -4.91 12.33 12.67
N THR A 62 -4.40 11.11 12.71
CA THR A 62 -2.99 10.90 12.98
C THR A 62 -2.40 9.90 11.98
N ALA A 63 -1.29 10.28 11.38
CA ALA A 63 -0.61 9.45 10.39
C ALA A 63 0.88 9.36 10.73
N THR A 64 1.64 8.60 9.95
CA THR A 64 3.06 8.44 10.22
C THR A 64 3.93 8.73 8.99
N VAL A 65 4.83 9.69 9.12
CA VAL A 65 5.74 10.06 8.05
C VAL A 65 7.17 9.59 8.37
N THR A 66 7.82 8.98 7.38
CA THR A 66 9.19 8.51 7.54
C THR A 66 10.16 9.64 7.21
N VAL A 67 11.05 9.93 8.14
CA VAL A 67 12.02 10.98 7.98
C VAL A 67 13.08 10.55 6.99
N GLN A 68 13.38 11.44 6.05
CA GLN A 68 14.38 11.18 5.03
C GLN A 68 15.65 11.96 5.36
N GLN A 69 16.71 11.68 4.63
CA GLN A 69 18.00 12.32 4.85
C GLN A 69 17.94 13.81 4.51
N GLY A 70 18.31 14.64 5.48
CA GLY A 70 18.32 16.07 5.27
C GLY A 70 17.00 16.74 5.62
N ASP A 71 16.05 15.97 6.13
CA ASP A 71 14.75 16.52 6.49
C ASP A 71 14.57 16.55 8.01
N THR A 72 14.35 17.75 8.56
CA THR A 72 14.12 17.91 9.98
C THR A 72 12.64 18.09 10.24
N LEU A 73 12.26 18.29 11.51
CA LEU A 73 10.84 18.50 11.84
C LEU A 73 10.26 19.60 10.96
N ARG A 74 11.06 20.64 10.78
CA ARG A 74 10.67 21.81 9.99
C ARG A 74 10.42 21.43 8.54
N ASP A 75 11.26 20.55 8.01
CA ASP A 75 11.14 20.12 6.63
C ASP A 75 9.93 19.22 6.48
N ILE A 76 9.75 18.32 7.44
CA ILE A 76 8.64 17.39 7.43
C ILE A 76 7.32 18.15 7.50
N GLY A 77 7.25 19.09 8.44
CA GLY A 77 6.07 19.90 8.59
C GLY A 77 5.72 20.66 7.34
N ARG A 78 6.68 21.42 6.83
CA ARG A 78 6.47 22.22 5.64
C ARG A 78 6.06 21.35 4.45
N ARG A 79 6.70 20.21 4.30
CA ARG A 79 6.42 19.30 3.18
C ARG A 79 5.00 18.74 3.23
N PHE A 80 4.54 18.32 4.40
CA PHE A 80 3.22 17.72 4.54
C PHE A 80 2.19 18.73 5.05
N ASP A 81 2.56 20.01 5.05
CA ASP A 81 1.68 21.10 5.48
C ASP A 81 1.29 20.99 6.96
N CYS A 82 2.10 20.28 7.73
CA CYS A 82 1.86 20.11 9.15
C CYS A 82 2.81 20.99 9.93
N ASP A 83 2.63 21.10 11.23
CA ASP A 83 3.53 21.93 12.03
C ASP A 83 4.59 21.06 12.68
N PHE A 84 5.85 21.43 12.44
CA PHE A 84 7.00 20.74 12.99
C PHE A 84 6.88 20.55 14.50
N HIS A 85 6.19 21.48 15.13
CA HIS A 85 5.96 21.47 16.56
C HIS A 85 5.10 20.26 16.95
N GLU A 86 4.03 20.04 16.19
CA GLU A 86 3.12 18.94 16.45
C GLU A 86 3.81 17.62 16.14
N ILE A 87 4.55 17.58 15.04
CA ILE A 87 5.28 16.38 14.66
C ILE A 87 6.15 15.95 15.82
N ALA A 88 6.86 16.92 16.36
CA ALA A 88 7.73 16.71 17.49
C ALA A 88 6.91 16.30 18.71
N ARG A 89 5.84 17.05 18.97
CA ARG A 89 4.95 16.80 20.10
C ARG A 89 4.40 15.38 20.11
N ARG A 90 4.01 14.88 18.93
CA ARG A 90 3.44 13.54 18.82
C ARG A 90 4.50 12.46 18.99
N ASN A 91 5.74 12.78 18.65
CA ASN A 91 6.83 11.82 18.77
C ASN A 91 7.56 11.97 20.11
N ASN A 92 7.15 12.99 20.88
CA ASN A 92 7.73 13.27 22.18
C ASN A 92 9.09 13.93 22.04
N ILE A 93 9.35 14.45 20.84
CA ILE A 93 10.60 15.15 20.55
C ILE A 93 10.31 16.64 20.48
N GLN A 94 11.30 17.42 20.07
CA GLN A 94 11.12 18.87 19.95
C GLN A 94 11.27 19.28 18.49
N ASN A 95 10.65 20.39 18.13
CA ASN A 95 10.73 20.89 16.76
C ASN A 95 12.21 21.00 16.34
N GLU A 96 12.92 21.90 16.99
CA GLU A 96 14.32 22.12 16.70
C GLU A 96 15.21 21.01 17.27
N ASP A 97 14.58 19.90 17.67
CA ASP A 97 15.32 18.75 18.20
C ASP A 97 16.21 18.20 17.10
N LEU A 98 15.73 18.34 15.87
CA LEU A 98 16.44 17.82 14.70
C LEU A 98 16.37 16.31 14.66
N ILE A 99 15.66 15.81 13.66
CA ILE A 99 15.46 14.38 13.45
C ILE A 99 16.49 13.83 12.46
N TYR A 100 16.45 12.52 12.24
CA TYR A 100 17.39 11.88 11.33
C TYR A 100 16.65 10.96 10.35
N PRO A 101 17.28 10.66 9.22
CA PRO A 101 16.69 9.82 8.17
C PRO A 101 16.43 8.39 8.61
N GLY A 102 15.28 7.87 8.21
CA GLY A 102 14.93 6.50 8.52
C GLY A 102 14.11 6.41 9.78
N GLN A 103 13.50 7.53 10.16
CA GLN A 103 12.68 7.55 11.35
C GLN A 103 11.21 7.70 10.98
N VAL A 104 10.33 7.46 11.93
CA VAL A 104 8.92 7.59 11.68
C VAL A 104 8.30 8.54 12.69
N LEU A 105 7.75 9.64 12.20
CA LEU A 105 7.13 10.65 13.05
C LEU A 105 5.64 10.67 12.82
N GLN A 106 4.89 11.05 13.86
CA GLN A 106 3.44 11.11 13.73
C GLN A 106 3.01 12.50 13.29
N VAL A 107 2.41 12.54 12.13
CA VAL A 107 1.93 13.77 11.54
C VAL A 107 0.43 13.68 11.34
N PRO A 108 -0.26 14.82 11.38
CA PRO A 108 -1.72 14.88 11.22
C PRO A 108 -2.23 14.50 9.82
N THR A 109 -1.35 14.54 8.84
CA THR A 109 -1.73 14.20 7.48
C THR A 109 -0.53 13.71 6.67
N LYS A 110 -0.79 12.79 5.73
CA LYS A 110 0.26 12.25 4.88
C LYS A 110 0.36 13.02 3.58
N GLY A 111 1.22 12.56 2.68
CA GLY A 111 1.41 13.24 1.41
C GLY A 111 1.37 12.31 0.23
N GLY A 112 0.22 12.25 -0.44
CA GLY A 112 0.08 11.38 -1.60
C GLY A 112 -1.36 11.01 -1.87
N SER A 113 -1.93 11.56 -2.94
CA SER A 113 -3.32 11.28 -3.28
C SER A 113 -3.47 11.03 -4.79
N GLY A 114 -2.71 10.08 -5.30
CA GLY A 114 -2.78 9.75 -6.71
C GLY A 114 -3.95 8.83 -7.02
N GLY A 115 -3.68 7.53 -7.04
CA GLY A 115 -4.71 6.56 -7.31
C GLY A 115 -5.27 5.99 -6.03
N GLY A 116 -4.45 5.23 -5.32
CA GLY A 116 -4.88 4.66 -4.06
C GLY A 116 -4.11 5.28 -2.91
N ALA A 117 -2.87 4.88 -2.77
CA ALA A 117 -2.00 5.39 -1.73
C ALA A 117 -0.56 5.42 -2.20
N GLY A 118 -0.10 4.28 -2.70
CA GLY A 118 1.27 4.17 -3.16
C GLY A 118 1.44 4.61 -4.60
N ASN A 119 0.95 3.80 -5.53
CA ASN A 119 1.03 4.08 -6.96
C ASN A 119 2.43 3.88 -7.51
N PHE A 120 3.20 3.01 -6.87
CA PHE A 120 4.56 2.73 -7.34
C PHE A 120 4.53 2.17 -8.76
N TRP A 121 3.51 1.34 -9.02
CA TRP A 121 3.33 0.66 -10.30
C TRP A 121 3.14 1.64 -11.45
N ASP A 122 2.48 2.76 -11.18
CA ASP A 122 2.24 3.78 -12.21
C ASP A 122 3.53 4.20 -12.87
N SER A 123 4.64 4.09 -12.16
CA SER A 123 5.92 4.44 -12.70
C SER A 123 6.95 3.35 -12.40
N ALA A 124 6.49 2.10 -12.27
CA ALA A 124 7.38 0.98 -12.00
C ALA A 124 7.54 0.09 -13.23
N ARG A 125 8.75 -0.43 -13.41
CA ARG A 125 9.05 -1.32 -14.52
C ARG A 125 9.67 -2.60 -14.00
N ASP A 126 9.33 -3.72 -14.64
CA ASP A 126 9.86 -5.04 -14.28
C ASP A 126 9.74 -5.30 -12.78
N VAL A 127 8.52 -5.23 -12.27
CA VAL A 127 8.28 -5.47 -10.87
C VAL A 127 8.23 -6.97 -10.60
N ARG A 128 9.09 -7.43 -9.72
CA ARG A 128 9.15 -8.83 -9.37
C ARG A 128 9.59 -9.01 -7.92
N LEU A 129 9.10 -10.05 -7.27
CA LEU A 129 9.44 -10.30 -5.89
C LEU A 129 10.73 -11.07 -5.77
N VAL A 130 11.48 -10.76 -4.72
CA VAL A 130 12.75 -11.42 -4.45
C VAL A 130 12.81 -11.83 -2.99
N ASP A 131 13.63 -12.83 -2.70
CA ASP A 131 13.84 -13.37 -1.36
C ASP A 131 12.61 -14.17 -0.93
N GLY A 132 11.65 -14.26 -1.81
CA GLY A 132 10.44 -14.98 -1.52
C GLY A 132 9.36 -14.10 -0.95
N GLY A 133 9.38 -12.80 -1.32
CA GLY A 133 8.33 -11.89 -0.84
C GLY A 133 8.83 -10.93 0.26
N LYS A 134 9.93 -11.30 0.87
CA LYS A 134 10.48 -10.48 1.93
C LYS A 134 11.06 -9.22 1.32
N VAL A 135 11.23 -9.24 -0.01
CA VAL A 135 11.75 -8.11 -0.76
C VAL A 135 11.04 -8.03 -2.12
N LEU A 136 10.92 -6.83 -2.65
CA LEU A 136 10.28 -6.57 -3.93
C LEU A 136 11.21 -5.69 -4.75
N GLU A 137 11.53 -6.12 -5.95
CA GLU A 137 12.45 -5.39 -6.80
C GLU A 137 11.75 -4.89 -8.05
N ALA A 138 11.95 -3.62 -8.35
CA ALA A 138 11.36 -3.00 -9.53
C ALA A 138 12.12 -1.73 -9.89
N GLU A 139 12.05 -1.36 -11.15
CA GLU A 139 12.71 -0.16 -11.61
C GLU A 139 11.73 0.98 -11.57
N LEU A 140 11.90 1.86 -10.59
CA LEU A 140 11.00 2.98 -10.42
C LEU A 140 11.49 4.20 -11.17
N ARG A 141 10.56 4.84 -11.86
CA ARG A 141 10.83 6.03 -12.64
C ARG A 141 11.11 7.19 -11.71
N TYR A 142 12.07 8.02 -12.09
CA TYR A 142 12.43 9.16 -11.27
C TYR A 142 13.07 10.25 -12.10
N SER A 143 13.63 11.26 -11.42
CA SER A 143 14.27 12.37 -12.09
C SER A 143 15.41 11.91 -13.02
N GLY A 144 16.05 10.81 -12.67
CA GLY A 144 17.15 10.30 -13.47
C GLY A 144 16.73 9.19 -14.41
N GLY A 145 15.45 9.14 -14.75
CA GLY A 145 14.98 8.10 -15.64
C GLY A 145 14.33 6.95 -14.90
N TRP A 146 15.02 5.81 -14.87
CA TRP A 146 14.51 4.62 -14.19
C TRP A 146 15.60 4.01 -13.32
N ASN A 147 15.29 3.78 -12.05
CA ASN A 147 16.25 3.21 -11.12
C ASN A 147 15.70 1.94 -10.50
N ARG A 148 16.50 0.88 -10.54
CA ARG A 148 16.09 -0.40 -9.98
C ARG A 148 16.20 -0.35 -8.46
N SER A 149 15.06 -0.21 -7.81
CA SER A 149 14.98 -0.12 -6.37
C SER A 149 14.23 -1.32 -5.81
N ARG A 150 14.23 -1.46 -4.49
CA ARG A 150 13.53 -2.59 -3.87
C ARG A 150 12.97 -2.22 -2.50
N ILE A 151 11.91 -2.91 -2.11
CA ILE A 151 11.25 -2.71 -0.82
C ILE A 151 11.06 -4.06 -0.16
N TYR A 152 10.86 -4.10 1.13
CA TYR A 152 10.68 -5.36 1.82
C TYR A 152 9.23 -5.53 2.23
N LEU A 153 8.48 -6.41 1.55
CA LEU A 153 7.09 -6.60 1.93
C LEU A 153 7.03 -7.14 3.33
N ASP A 154 7.99 -7.99 3.66
CA ASP A 154 8.09 -8.57 5.01
C ASP A 154 8.18 -7.50 6.11
N GLU A 155 8.34 -6.22 5.74
CA GLU A 155 8.43 -5.15 6.72
C GLU A 155 7.10 -4.82 7.33
N HIS A 156 6.11 -4.60 6.48
CA HIS A 156 4.78 -4.22 6.97
C HIS A 156 3.69 -5.13 6.46
N ILE A 157 4.06 -6.19 5.78
CA ILE A 157 3.06 -7.12 5.28
C ILE A 157 3.09 -8.41 6.09
N GLY A 158 2.09 -8.60 6.93
CA GLY A 158 2.03 -9.80 7.73
C GLY A 158 0.89 -10.71 7.31
N ASN A 159 0.98 -11.97 7.73
CA ASN A 159 -0.04 -12.96 7.42
C ASN A 159 -0.94 -13.16 8.64
N ARG A 160 -2.22 -12.90 8.47
CA ARG A 160 -3.17 -13.06 9.55
C ARG A 160 -4.14 -14.20 9.26
N ASN A 161 -3.72 -15.41 9.64
CA ASN A 161 -4.53 -16.62 9.47
C ASN A 161 -4.89 -16.88 8.01
N GLY A 162 -3.96 -16.58 7.11
CA GLY A 162 -4.21 -16.84 5.70
C GLY A 162 -4.51 -15.58 4.89
N GLU A 163 -4.52 -14.42 5.53
CA GLU A 163 -4.80 -13.18 4.82
C GLU A 163 -3.67 -12.16 4.99
N LEU A 164 -3.28 -11.56 3.88
CA LEU A 164 -2.23 -10.54 3.87
C LEU A 164 -2.77 -9.23 4.44
N ILE A 165 -2.06 -8.67 5.39
CA ILE A 165 -2.46 -7.43 6.02
C ILE A 165 -1.26 -6.69 6.58
N HIS A 166 -1.39 -5.38 6.76
CA HIS A 166 -0.31 -4.58 7.31
C HIS A 166 0.03 -5.07 8.71
N CYS A 167 1.21 -5.67 8.85
CA CYS A 167 1.67 -6.22 10.12
C CYS A 167 0.77 -7.37 10.58
N GLY A 1 12.56 -12.78 14.16
CA GLY A 1 11.55 -12.27 13.21
C GLY A 1 12.12 -11.21 12.29
N ASN A 2 11.26 -10.67 11.44
CA ASN A 2 11.65 -9.64 10.50
C ASN A 2 11.40 -8.26 11.09
N TYR A 3 10.25 -7.67 10.76
CA TYR A 3 9.91 -6.34 11.28
C TYR A 3 8.56 -6.38 11.98
N ALA A 4 7.51 -6.13 11.23
CA ALA A 4 6.18 -6.15 11.78
C ALA A 4 5.30 -7.12 11.01
N GLY A 5 5.58 -7.32 9.72
CA GLY A 5 4.77 -8.24 8.95
C GLY A 5 5.11 -9.69 9.22
N ASN A 6 6.30 -10.09 8.77
CA ASN A 6 6.78 -11.46 8.94
C ASN A 6 5.96 -12.45 8.11
N PHE A 7 5.19 -11.94 7.16
CA PHE A 7 4.36 -12.81 6.32
C PHE A 7 5.19 -13.82 5.56
N SER A 8 6.39 -13.43 5.17
CA SER A 8 7.29 -14.31 4.41
C SER A 8 7.64 -15.56 5.19
N GLY A 9 7.62 -15.45 6.51
CA GLY A 9 7.94 -16.58 7.36
C GLY A 9 6.83 -17.63 7.40
N SER A 10 5.61 -17.26 7.06
CA SER A 10 4.49 -18.19 7.09
C SER A 10 3.85 -18.34 5.72
N SER A 11 4.09 -17.38 4.84
CA SER A 11 3.52 -17.39 3.51
C SER A 11 4.59 -17.77 2.51
N ARG A 12 4.23 -18.64 1.59
CA ARG A 12 5.16 -19.05 0.56
C ARG A 12 4.68 -18.53 -0.77
N ASP A 13 5.46 -18.78 -1.80
CA ASP A 13 5.16 -18.35 -3.16
C ASP A 13 4.66 -16.91 -3.21
N ILE A 14 5.38 -16.01 -2.57
CA ILE A 14 5.00 -14.62 -2.53
C ILE A 14 5.45 -13.93 -3.81
N CYS A 15 4.50 -13.66 -4.71
CA CYS A 15 4.78 -12.99 -5.97
C CYS A 15 3.59 -12.11 -6.36
N LEU A 16 3.85 -10.84 -6.67
CA LEU A 16 2.79 -9.92 -7.04
C LEU A 16 2.70 -9.73 -8.54
N ASP A 17 1.52 -9.29 -8.96
CA ASP A 17 1.27 -8.98 -10.34
C ASP A 17 1.36 -7.48 -10.50
N GLY A 18 2.59 -6.99 -10.53
CA GLY A 18 2.84 -5.58 -10.68
C GLY A 18 2.71 -4.83 -9.38
N ALA A 19 1.57 -5.01 -8.74
CA ALA A 19 1.29 -4.37 -7.47
C ALA A 19 0.38 -5.25 -6.62
N ARG A 20 -0.21 -6.25 -7.25
CA ARG A 20 -1.10 -7.17 -6.54
C ARG A 20 -0.30 -8.27 -5.84
N LEU A 21 0.11 -7.98 -4.60
CA LEU A 21 0.90 -8.91 -3.80
C LEU A 21 0.15 -10.19 -3.52
N ARG A 22 0.72 -11.31 -3.93
CA ARG A 22 0.06 -12.59 -3.73
C ARG A 22 1.02 -13.57 -3.06
N ALA A 23 0.55 -14.20 -2.01
CA ALA A 23 1.32 -15.17 -1.28
C ALA A 23 0.44 -16.24 -0.68
N GLU A 24 1.02 -17.39 -0.55
CA GLU A 24 0.37 -18.55 0.04
C GLU A 24 0.53 -18.49 1.55
N CYS A 25 -0.22 -17.60 2.16
CA CYS A 25 -0.19 -17.38 3.59
C CYS A 25 -0.67 -18.61 4.36
N ARG A 26 0.13 -19.02 5.33
CA ARG A 26 -0.20 -20.17 6.16
C ARG A 26 -1.44 -19.92 7.00
N ARG A 27 -2.36 -20.86 6.97
CA ARG A 27 -3.59 -20.78 7.73
C ARG A 27 -3.54 -21.78 8.86
N GLY A 28 -4.25 -21.43 9.93
CA GLY A 28 -4.31 -22.23 11.15
C GLY A 28 -4.69 -23.68 10.93
N ASP A 29 -5.25 -23.99 9.77
CA ASP A 29 -5.63 -25.36 9.45
C ASP A 29 -4.40 -26.20 9.16
N GLY A 30 -3.25 -25.55 9.14
CA GLY A 30 -2.01 -26.24 8.87
C GLY A 30 -1.70 -26.24 7.39
N GLY A 31 -2.51 -25.51 6.64
CA GLY A 31 -2.32 -25.44 5.20
C GLY A 31 -2.09 -24.04 4.71
N TYR A 32 -1.69 -23.89 3.46
CA TYR A 32 -1.44 -22.59 2.89
C TYR A 32 -2.64 -22.10 2.12
N SER A 33 -2.93 -20.81 2.24
CA SER A 33 -4.04 -20.21 1.55
C SER A 33 -3.53 -19.08 0.67
N THR A 34 -3.94 -19.09 -0.59
CA THR A 34 -3.50 -18.07 -1.53
C THR A 34 -4.17 -16.72 -1.24
N SER A 35 -3.36 -15.78 -0.81
CA SER A 35 -3.85 -14.45 -0.48
C SER A 35 -3.23 -13.40 -1.42
N VAL A 36 -3.98 -12.34 -1.70
CA VAL A 36 -3.50 -11.27 -2.58
C VAL A 36 -3.99 -9.89 -2.12
N ILE A 37 -3.09 -8.92 -2.13
CA ILE A 37 -3.41 -7.57 -1.68
C ILE A 37 -2.85 -6.51 -2.64
N ASP A 38 -3.56 -5.39 -2.80
CA ASP A 38 -3.09 -4.30 -3.65
C ASP A 38 -2.01 -3.51 -2.94
N LEU A 39 -0.76 -3.82 -3.24
CA LEU A 39 0.37 -3.16 -2.62
C LEU A 39 0.62 -1.81 -3.28
N ASN A 40 -0.09 -1.54 -4.36
CA ASN A 40 0.05 -0.28 -5.07
C ASN A 40 -0.38 0.87 -4.19
N ARG A 41 -1.18 0.56 -3.17
CA ARG A 41 -1.65 1.57 -2.25
C ARG A 41 -0.92 1.48 -0.92
N TYR A 42 0.19 0.78 -0.93
CA TYR A 42 1.02 0.62 0.25
C TYR A 42 2.44 1.02 -0.04
N LEU A 43 2.87 0.75 -1.27
CA LEU A 43 4.21 1.08 -1.73
C LEU A 43 4.17 2.27 -2.68
N SER A 44 5.19 3.10 -2.59
CA SER A 44 5.30 4.29 -3.42
C SER A 44 6.69 4.35 -4.04
N ASN A 45 6.76 4.91 -5.24
CA ASN A 45 8.04 5.05 -5.93
C ASN A 45 8.58 6.47 -5.73
N ASP A 46 9.42 6.64 -4.74
CA ASP A 46 9.98 7.96 -4.44
C ASP A 46 11.34 8.14 -5.11
N ASN A 47 11.30 8.73 -6.30
CA ASN A 47 12.51 9.00 -7.07
C ASN A 47 13.35 7.74 -7.25
N GLY A 48 12.70 6.66 -7.61
CA GLY A 48 13.39 5.40 -7.83
C GLY A 48 13.73 4.69 -6.54
N HIS A 49 12.91 4.90 -5.52
CA HIS A 49 13.12 4.25 -4.22
C HIS A 49 11.77 3.86 -3.64
N PHE A 50 11.62 2.60 -3.29
CA PHE A 50 10.37 2.12 -2.72
C PHE A 50 10.14 2.70 -1.33
N ARG A 51 8.91 3.13 -1.07
CA ARG A 51 8.56 3.69 0.21
C ARG A 51 7.16 3.26 0.65
N TRP A 52 7.05 2.88 1.91
CA TRP A 52 5.77 2.51 2.50
C TRP A 52 4.96 3.77 2.74
N VAL A 53 3.67 3.72 2.41
CA VAL A 53 2.79 4.86 2.59
C VAL A 53 2.82 5.35 4.05
N SER A 54 3.28 6.58 4.20
CA SER A 54 3.37 7.19 5.51
C SER A 54 2.48 8.42 5.58
N GLY A 55 1.38 8.36 4.83
CA GLY A 55 0.44 9.46 4.81
C GLY A 55 -0.19 9.63 3.44
N GLY A 56 0.58 9.35 2.39
CA GLY A 56 0.09 9.47 1.04
C GLY A 56 0.05 10.91 0.56
N GLY A 57 -0.62 11.75 1.32
CA GLY A 57 -0.72 13.16 0.98
C GLY A 57 -1.19 13.99 2.15
N GLY A 58 -2.16 13.46 2.89
CA GLY A 58 -2.67 14.16 4.04
C GLY A 58 -3.78 15.13 3.68
N GLY A 59 -3.80 16.28 4.34
CA GLY A 59 -4.81 17.28 4.07
C GLY A 59 -4.95 18.28 5.20
N GLY A 60 -6.13 18.88 5.31
CA GLY A 60 -6.36 19.86 6.35
C GLY A 60 -7.83 20.19 6.51
N GLY A 61 -8.22 20.53 7.72
CA GLY A 61 -9.61 20.85 7.99
C GLY A 61 -10.19 20.00 9.10
N THR A 62 -11.45 19.62 8.96
CA THR A 62 -12.09 18.79 9.95
C THR A 62 -12.96 17.71 9.29
N ALA A 63 -12.55 16.47 9.46
CA ALA A 63 -13.27 15.34 8.91
C ALA A 63 -13.42 14.25 9.98
N THR A 64 -14.10 13.17 9.65
CA THR A 64 -14.32 12.09 10.60
C THR A 64 -13.95 10.74 10.01
N VAL A 65 -12.95 10.07 10.59
CA VAL A 65 -12.54 8.77 10.09
C VAL A 65 -12.91 7.65 11.05
N THR A 66 -13.25 6.49 10.50
CA THR A 66 -13.62 5.33 11.30
C THR A 66 -12.37 4.49 11.58
N VAL A 67 -12.10 4.27 12.86
CA VAL A 67 -10.97 3.50 13.29
C VAL A 67 -11.23 2.02 13.09
N GLN A 68 -10.27 1.35 12.47
CA GLN A 68 -10.37 -0.07 12.20
C GLN A 68 -9.52 -0.85 13.20
N GLN A 69 -9.69 -2.17 13.19
CA GLN A 69 -8.97 -3.04 14.11
C GLN A 69 -7.45 -3.00 13.89
N GLY A 70 -6.74 -2.50 14.89
CA GLY A 70 -5.29 -2.44 14.81
C GLY A 70 -4.74 -1.04 14.71
N ASP A 71 -5.61 -0.05 14.59
CA ASP A 71 -5.17 1.34 14.48
C ASP A 71 -5.41 2.14 15.76
N THR A 72 -4.34 2.73 16.29
CA THR A 72 -4.43 3.58 17.47
C THR A 72 -4.41 5.04 17.02
N LEU A 73 -4.46 5.99 17.96
CA LEU A 73 -4.43 7.40 17.57
C LEU A 73 -3.22 7.67 16.70
N ARG A 74 -2.11 7.05 17.06
CA ARG A 74 -0.86 7.24 16.34
C ARG A 74 -0.93 6.58 14.96
N ASP A 75 -1.63 5.47 14.86
CA ASP A 75 -1.75 4.78 13.58
C ASP A 75 -2.66 5.57 12.68
N ILE A 76 -3.72 6.13 13.24
CA ILE A 76 -4.64 6.95 12.49
C ILE A 76 -3.89 8.16 11.96
N GLY A 77 -3.12 8.78 12.86
CA GLY A 77 -2.31 9.92 12.48
C GLY A 77 -1.35 9.59 11.35
N ARG A 78 -0.63 8.49 11.46
CA ARG A 78 0.34 8.08 10.45
C ARG A 78 -0.36 7.70 9.14
N ARG A 79 -1.52 7.08 9.24
CA ARG A 79 -2.26 6.63 8.06
C ARG A 79 -2.83 7.80 7.26
N PHE A 80 -3.31 8.83 7.93
CA PHE A 80 -3.91 9.97 7.24
C PHE A 80 -3.06 11.24 7.33
N ASP A 81 -1.80 11.08 7.69
CA ASP A 81 -0.85 12.19 7.82
C ASP A 81 -1.42 13.29 8.74
N CYS A 82 -1.92 12.87 9.88
CA CYS A 82 -2.50 13.75 10.87
C CYS A 82 -1.80 13.56 12.22
N ASP A 83 -2.07 14.42 13.18
CA ASP A 83 -1.44 14.29 14.49
C ASP A 83 -2.36 13.56 15.46
N PHE A 84 -1.86 12.43 15.95
CA PHE A 84 -2.58 11.57 16.89
C PHE A 84 -3.13 12.33 18.09
N HIS A 85 -2.43 13.37 18.51
CA HIS A 85 -2.84 14.20 19.64
C HIS A 85 -4.10 14.99 19.30
N GLU A 86 -4.14 15.54 18.09
CA GLU A 86 -5.30 16.30 17.64
C GLU A 86 -6.49 15.39 17.49
N ILE A 87 -6.26 14.22 16.90
CA ILE A 87 -7.32 13.23 16.72
C ILE A 87 -7.98 12.95 18.05
N ALA A 88 -7.13 12.75 19.05
CA ALA A 88 -7.59 12.50 20.39
C ALA A 88 -8.34 13.70 20.94
N ARG A 89 -7.72 14.89 20.84
CA ARG A 89 -8.34 16.12 21.36
C ARG A 89 -9.71 16.40 20.73
N ARG A 90 -9.83 16.20 19.43
CA ARG A 90 -11.09 16.45 18.74
C ARG A 90 -12.15 15.45 19.15
N ASN A 91 -11.71 14.30 19.63
CA ASN A 91 -12.63 13.26 20.09
C ASN A 91 -12.77 13.29 21.62
N ASN A 92 -11.98 14.15 22.25
CA ASN A 92 -11.96 14.34 23.72
C ASN A 92 -11.20 13.22 24.41
N ILE A 93 -10.41 12.49 23.64
CA ILE A 93 -9.60 11.41 24.17
C ILE A 93 -8.13 11.85 24.20
N GLN A 94 -7.24 10.97 24.59
CA GLN A 94 -5.82 11.30 24.62
C GLN A 94 -5.09 10.50 23.56
N ASN A 95 -3.93 10.98 23.14
CA ASN A 95 -3.15 10.27 22.13
C ASN A 95 -2.89 8.83 22.59
N GLU A 96 -2.21 8.71 23.71
CA GLU A 96 -1.86 7.42 24.29
C GLU A 96 -3.06 6.77 24.96
N ASP A 97 -4.25 7.31 24.71
CA ASP A 97 -5.48 6.77 25.29
C ASP A 97 -5.73 5.39 24.73
N LEU A 98 -5.33 5.20 23.47
CA LEU A 98 -5.54 3.93 22.77
C LEU A 98 -7.02 3.76 22.43
N ILE A 99 -7.29 3.79 21.14
CA ILE A 99 -8.64 3.67 20.62
C ILE A 99 -8.97 2.24 20.23
N TYR A 100 -10.21 2.00 19.83
CA TYR A 100 -10.65 0.68 19.42
C TYR A 100 -11.33 0.72 18.06
N PRO A 101 -11.39 -0.43 17.38
CA PRO A 101 -11.99 -0.54 16.06
C PRO A 101 -13.50 -0.32 16.07
N GLY A 102 -13.97 0.47 15.12
CA GLY A 102 -15.39 0.75 15.01
C GLY A 102 -15.74 2.08 15.61
N GLN A 103 -14.73 2.91 15.80
CA GLN A 103 -14.95 4.23 16.37
C GLN A 103 -14.73 5.30 15.32
N VAL A 104 -15.31 6.46 15.50
CA VAL A 104 -15.14 7.54 14.55
C VAL A 104 -14.42 8.71 15.21
N LEU A 105 -13.24 9.02 14.71
CA LEU A 105 -12.45 10.11 15.27
C LEU A 105 -12.38 11.27 14.28
N GLN A 106 -12.24 12.47 14.81
CA GLN A 106 -12.17 13.65 13.98
C GLN A 106 -10.74 13.96 13.59
N VAL A 107 -10.47 13.70 12.33
CA VAL A 107 -9.16 13.93 11.75
C VAL A 107 -9.27 15.05 10.72
N PRO A 108 -8.18 15.78 10.52
CA PRO A 108 -8.14 16.93 9.60
C PRO A 108 -8.36 16.56 8.14
N THR A 109 -8.18 15.30 7.79
CA THR A 109 -8.37 14.87 6.40
C THR A 109 -8.83 13.41 6.33
N LYS A 110 -9.50 13.07 5.23
CA LYS A 110 -9.98 11.72 5.03
C LYS A 110 -9.11 10.96 4.04
N GLY A 111 -9.35 9.65 3.96
CA GLY A 111 -8.59 8.83 3.05
C GLY A 111 -9.23 8.76 1.68
N GLY A 112 -8.44 9.05 0.65
CA GLY A 112 -8.94 9.03 -0.70
C GLY A 112 -8.60 10.31 -1.44
N SER A 113 -7.88 10.17 -2.55
CA SER A 113 -7.49 11.32 -3.35
C SER A 113 -7.70 11.06 -4.84
N GLY A 114 -7.50 9.81 -5.24
CA GLY A 114 -7.67 9.45 -6.62
C GLY A 114 -7.39 7.98 -6.85
N GLY A 115 -6.13 7.61 -6.71
CA GLY A 115 -5.74 6.22 -6.88
C GLY A 115 -5.74 5.50 -5.55
N GLY A 116 -4.57 5.05 -5.12
CA GLY A 116 -4.48 4.37 -3.86
C GLY A 116 -3.85 5.25 -2.81
N ALA A 117 -2.64 4.91 -2.42
CA ALA A 117 -1.90 5.67 -1.43
C ALA A 117 -0.42 5.76 -1.78
N GLY A 118 0.07 4.79 -2.52
CA GLY A 118 1.48 4.78 -2.89
C GLY A 118 1.67 5.14 -4.34
N ASN A 119 1.14 4.29 -5.23
CA ASN A 119 1.19 4.49 -6.67
C ASN A 119 2.58 4.21 -7.24
N PHE A 120 3.29 3.24 -6.64
CA PHE A 120 4.60 2.88 -7.13
C PHE A 120 4.49 2.24 -8.52
N TRP A 121 3.41 1.48 -8.71
CA TRP A 121 3.12 0.77 -9.95
C TRP A 121 2.84 1.74 -11.08
N ASP A 122 2.46 2.96 -10.73
CA ASP A 122 2.17 3.99 -11.73
C ASP A 122 3.36 4.23 -12.62
N SER A 123 4.54 3.93 -12.11
CA SER A 123 5.76 4.09 -12.86
C SER A 123 6.75 2.98 -12.53
N ALA A 124 6.23 1.79 -12.23
CA ALA A 124 7.08 0.64 -11.94
C ALA A 124 7.15 -0.29 -13.16
N ARG A 125 8.29 -0.95 -13.35
CA ARG A 125 8.48 -1.84 -14.48
C ARG A 125 9.32 -3.04 -14.06
N ASP A 126 8.95 -4.22 -14.58
CA ASP A 126 9.65 -5.48 -14.31
C ASP A 126 9.67 -5.77 -12.80
N VAL A 127 8.69 -5.23 -12.12
CA VAL A 127 8.56 -5.40 -10.68
C VAL A 127 8.24 -6.85 -10.33
N ARG A 128 9.12 -7.46 -9.55
CA ARG A 128 8.94 -8.86 -9.15
C ARG A 128 9.33 -9.04 -7.69
N LEU A 129 8.72 -10.01 -7.03
CA LEU A 129 9.02 -10.28 -5.64
C LEU A 129 10.21 -11.21 -5.54
N VAL A 130 11.16 -10.83 -4.70
CA VAL A 130 12.36 -11.61 -4.52
C VAL A 130 12.60 -11.94 -3.05
N ASP A 131 13.47 -12.91 -2.82
CA ASP A 131 13.86 -13.36 -1.50
C ASP A 131 12.69 -13.98 -0.74
N GLY A 132 11.58 -14.16 -1.44
CA GLY A 132 10.41 -14.76 -0.82
C GLY A 132 9.40 -13.74 -0.34
N GLY A 133 9.31 -12.59 -1.01
CA GLY A 133 8.32 -11.59 -0.61
C GLY A 133 8.85 -10.63 0.46
N LYS A 134 9.96 -11.01 1.04
CA LYS A 134 10.58 -10.17 2.04
C LYS A 134 11.20 -8.97 1.33
N VAL A 135 11.37 -9.10 0.02
CA VAL A 135 11.90 -8.01 -0.79
C VAL A 135 11.15 -7.93 -2.12
N LEU A 136 10.86 -6.71 -2.55
CA LEU A 136 10.19 -6.45 -3.80
C LEU A 136 11.10 -5.61 -4.66
N GLU A 137 11.54 -6.16 -5.78
CA GLU A 137 12.46 -5.46 -6.65
C GLU A 137 11.75 -5.01 -7.91
N ALA A 138 11.86 -3.73 -8.21
CA ALA A 138 11.21 -3.15 -9.37
C ALA A 138 11.97 -1.98 -9.92
N GLU A 139 11.69 -1.67 -11.18
CA GLU A 139 12.32 -0.53 -11.81
C GLU A 139 11.37 0.65 -11.70
N LEU A 140 11.72 1.58 -10.84
CA LEU A 140 10.89 2.76 -10.61
C LEU A 140 11.39 3.93 -11.43
N ARG A 141 10.47 4.54 -12.15
CA ARG A 141 10.77 5.68 -12.98
C ARG A 141 11.09 6.89 -12.12
N TYR A 142 12.08 7.66 -12.52
CA TYR A 142 12.48 8.83 -11.77
C TYR A 142 13.18 9.84 -12.66
N SER A 143 13.80 10.84 -12.04
CA SER A 143 14.49 11.90 -12.77
C SER A 143 15.56 11.34 -13.72
N GLY A 144 16.14 10.19 -13.36
CA GLY A 144 17.18 9.61 -14.18
C GLY A 144 16.72 8.41 -14.98
N GLY A 145 15.45 8.38 -15.36
CA GLY A 145 14.94 7.28 -16.14
C GLY A 145 14.31 6.20 -15.29
N TRP A 146 14.93 5.03 -15.25
CA TRP A 146 14.41 3.91 -14.45
C TRP A 146 15.47 3.39 -13.49
N ASN A 147 15.11 3.31 -12.22
CA ASN A 147 16.03 2.84 -11.19
C ASN A 147 15.49 1.58 -10.53
N ARG A 148 16.32 0.55 -10.46
CA ARG A 148 15.91 -0.70 -9.83
C ARG A 148 15.99 -0.57 -8.31
N SER A 149 14.85 -0.31 -7.70
CA SER A 149 14.77 -0.17 -6.26
C SER A 149 14.04 -1.37 -5.69
N ARG A 150 14.09 -1.51 -4.38
CA ARG A 150 13.42 -2.64 -3.74
C ARG A 150 12.94 -2.29 -2.34
N ILE A 151 11.89 -2.99 -1.92
CA ILE A 151 11.29 -2.77 -0.61
C ILE A 151 11.04 -4.08 0.10
N TYR A 152 11.05 -4.06 1.42
CA TYR A 152 10.83 -5.26 2.21
C TYR A 152 9.36 -5.38 2.61
N LEU A 153 8.61 -6.25 1.94
CA LEU A 153 7.20 -6.41 2.29
C LEU A 153 7.08 -7.02 3.67
N ASP A 154 7.99 -7.93 4.01
CA ASP A 154 8.00 -8.57 5.33
C ASP A 154 7.98 -7.54 6.48
N GLU A 155 8.35 -6.29 6.19
CA GLU A 155 8.39 -5.25 7.20
C GLU A 155 7.02 -4.95 7.77
N HIS A 156 6.09 -4.62 6.92
CA HIS A 156 4.76 -4.26 7.41
C HIS A 156 3.67 -5.14 6.84
N ILE A 157 4.03 -6.16 6.11
CA ILE A 157 3.06 -7.06 5.56
C ILE A 157 3.07 -8.40 6.28
N GLY A 158 2.02 -8.69 7.02
CA GLY A 158 1.93 -9.95 7.73
C GLY A 158 0.84 -10.86 7.18
N ASN A 159 0.69 -12.01 7.81
CA ASN A 159 -0.33 -12.97 7.40
C ASN A 159 -1.23 -13.33 8.57
N ARG A 160 -2.52 -13.39 8.32
CA ARG A 160 -3.49 -13.75 9.34
C ARG A 160 -4.33 -14.92 8.87
N ASN A 161 -3.83 -16.13 9.12
CA ASN A 161 -4.50 -17.37 8.75
C ASN A 161 -4.86 -17.41 7.26
N GLY A 162 -3.88 -17.14 6.41
CA GLY A 162 -4.12 -17.19 4.98
C GLY A 162 -4.59 -15.86 4.40
N GLU A 163 -4.56 -14.82 5.20
CA GLU A 163 -4.99 -13.51 4.74
C GLU A 163 -3.89 -12.46 4.93
N LEU A 164 -3.42 -11.91 3.82
CA LEU A 164 -2.40 -10.88 3.85
C LEU A 164 -2.94 -9.60 4.48
N ILE A 165 -2.27 -9.14 5.52
CA ILE A 165 -2.68 -7.93 6.22
C ILE A 165 -1.46 -7.26 6.84
N HIS A 166 -1.50 -5.93 6.92
CA HIS A 166 -0.38 -5.18 7.49
C HIS A 166 -0.08 -5.67 8.90
N CYS A 167 1.18 -6.03 9.14
CA CYS A 167 1.63 -6.52 10.44
C CYS A 167 0.95 -7.86 10.78
N GLY A 1 15.76 -9.88 10.32
CA GLY A 1 14.65 -10.75 9.86
C GLY A 1 13.55 -9.95 9.21
N ASN A 2 12.36 -9.97 9.83
CA ASN A 2 11.23 -9.23 9.30
C ASN A 2 10.90 -8.09 10.25
N TYR A 3 9.91 -7.27 9.92
CA TYR A 3 9.56 -6.14 10.78
C TYR A 3 8.23 -6.36 11.49
N ALA A 4 7.17 -5.78 10.98
CA ALA A 4 5.86 -5.91 11.58
C ALA A 4 4.99 -6.92 10.85
N GLY A 5 5.19 -7.04 9.54
CA GLY A 5 4.38 -7.96 8.78
C GLY A 5 4.73 -9.40 9.09
N ASN A 6 5.94 -9.80 8.73
CA ASN A 6 6.43 -11.15 8.95
C ASN A 6 5.61 -12.16 8.14
N PHE A 7 4.92 -11.68 7.11
CA PHE A 7 4.10 -12.58 6.28
C PHE A 7 4.94 -13.69 5.67
N SER A 8 6.13 -13.36 5.17
CA SER A 8 7.01 -14.34 4.55
C SER A 8 7.43 -15.41 5.56
N GLY A 9 7.17 -15.13 6.84
CA GLY A 9 7.48 -16.08 7.89
C GLY A 9 6.67 -17.36 7.77
N SER A 10 5.46 -17.25 7.22
CA SER A 10 4.59 -18.41 7.05
C SER A 10 4.01 -18.45 5.64
N SER A 11 4.03 -17.34 4.94
CA SER A 11 3.50 -17.27 3.60
C SER A 11 4.59 -17.61 2.60
N ARG A 12 4.29 -18.51 1.70
CA ARG A 12 5.24 -18.90 0.70
C ARG A 12 4.75 -18.43 -0.66
N ASP A 13 5.50 -18.76 -1.70
CA ASP A 13 5.18 -18.38 -3.08
C ASP A 13 4.72 -16.94 -3.18
N ILE A 14 5.43 -16.03 -2.51
CA ILE A 14 5.07 -14.65 -2.51
C ILE A 14 5.53 -13.97 -3.80
N CYS A 15 4.59 -13.74 -4.70
CA CYS A 15 4.83 -13.08 -5.98
C CYS A 15 3.64 -12.20 -6.31
N LEU A 16 3.89 -10.93 -6.59
CA LEU A 16 2.81 -10.01 -6.91
C LEU A 16 2.53 -9.92 -8.38
N ASP A 17 1.29 -9.58 -8.68
CA ASP A 17 0.84 -9.39 -10.04
C ASP A 17 0.97 -7.91 -10.36
N GLY A 18 2.21 -7.49 -10.57
CA GLY A 18 2.50 -6.11 -10.90
C GLY A 18 2.54 -5.23 -9.68
N ALA A 19 1.46 -5.24 -8.92
CA ALA A 19 1.36 -4.45 -7.72
C ALA A 19 0.48 -5.17 -6.71
N ARG A 20 -0.13 -6.27 -7.13
CA ARG A 20 -0.97 -7.06 -6.25
C ARG A 20 -0.17 -8.19 -5.61
N LEU A 21 0.32 -7.94 -4.41
CA LEU A 21 1.12 -8.88 -3.66
C LEU A 21 0.35 -10.16 -3.37
N ARG A 22 0.85 -11.27 -3.88
CA ARG A 22 0.18 -12.54 -3.69
C ARG A 22 1.11 -13.54 -3.02
N ALA A 23 0.63 -14.17 -1.97
CA ALA A 23 1.41 -15.14 -1.24
C ALA A 23 0.53 -16.22 -0.65
N GLU A 24 1.09 -17.39 -0.54
CA GLU A 24 0.44 -18.56 0.01
C GLU A 24 0.54 -18.50 1.53
N CYS A 25 -0.19 -17.56 2.13
CA CYS A 25 -0.21 -17.38 3.56
C CYS A 25 -0.62 -18.64 4.30
N ARG A 26 0.30 -19.19 5.06
CA ARG A 26 0.03 -20.40 5.84
C ARG A 26 -0.97 -20.08 6.94
N ARG A 27 -2.04 -20.85 6.99
CA ARG A 27 -3.05 -20.68 8.02
C ARG A 27 -2.79 -21.64 9.15
N GLY A 28 -3.41 -21.35 10.30
CA GLY A 28 -3.25 -22.16 11.51
C GLY A 28 -3.65 -23.61 11.33
N ASP A 29 -4.27 -23.92 10.20
CA ASP A 29 -4.66 -25.29 9.89
C ASP A 29 -3.44 -26.08 9.45
N GLY A 30 -2.34 -25.36 9.27
CA GLY A 30 -1.11 -25.97 8.82
C GLY A 30 -1.08 -26.04 7.32
N GLY A 31 -1.99 -25.29 6.70
CA GLY A 31 -2.07 -25.30 5.24
C GLY A 31 -1.78 -23.94 4.63
N TYR A 32 -1.46 -23.95 3.34
CA TYR A 32 -1.17 -22.72 2.63
C TYR A 32 -2.37 -22.28 1.80
N SER A 33 -2.70 -21.00 1.90
CA SER A 33 -3.81 -20.44 1.16
C SER A 33 -3.35 -19.24 0.36
N THR A 34 -3.74 -19.19 -0.90
CA THR A 34 -3.35 -18.10 -1.78
C THR A 34 -4.04 -16.79 -1.39
N SER A 35 -3.25 -15.82 -0.98
CA SER A 35 -3.77 -14.52 -0.59
C SER A 35 -3.13 -13.41 -1.42
N VAL A 36 -3.84 -12.30 -1.62
CA VAL A 36 -3.32 -11.19 -2.41
C VAL A 36 -3.77 -9.82 -1.86
N ILE A 37 -2.84 -8.85 -1.89
CA ILE A 37 -3.10 -7.50 -1.39
C ILE A 37 -2.56 -6.45 -2.37
N ASP A 38 -3.25 -5.31 -2.48
CA ASP A 38 -2.83 -4.23 -3.38
C ASP A 38 -1.71 -3.39 -2.78
N LEU A 39 -0.47 -3.66 -3.18
CA LEU A 39 0.67 -2.90 -2.70
C LEU A 39 0.82 -1.60 -3.47
N ASN A 40 0.03 -1.45 -4.53
CA ASN A 40 0.06 -0.23 -5.33
C ASN A 40 -0.46 0.95 -4.53
N ARG A 41 -1.10 0.67 -3.40
CA ARG A 41 -1.60 1.74 -2.55
C ARG A 41 -0.85 1.72 -1.23
N TYR A 42 0.35 1.15 -1.26
CA TYR A 42 1.19 1.06 -0.07
C TYR A 42 2.65 1.40 -0.39
N LEU A 43 3.06 1.10 -1.61
CA LEU A 43 4.42 1.36 -2.06
C LEU A 43 4.43 2.49 -3.09
N SER A 44 5.34 3.43 -2.92
CA SER A 44 5.45 4.55 -3.83
C SER A 44 6.86 4.65 -4.41
N ASN A 45 6.96 4.94 -5.71
CA ASN A 45 8.25 5.10 -6.34
C ASN A 45 8.82 6.49 -6.05
N ASP A 46 9.63 6.59 -5.01
CA ASP A 46 10.22 7.86 -4.63
C ASP A 46 11.62 8.01 -5.19
N ASN A 47 11.69 8.64 -6.36
CA ASN A 47 12.95 8.89 -7.07
C ASN A 47 13.80 7.62 -7.16
N GLY A 48 13.17 6.52 -7.55
CA GLY A 48 13.88 5.26 -7.69
C GLY A 48 14.14 4.61 -6.35
N HIS A 49 13.12 4.64 -5.50
CA HIS A 49 13.20 4.04 -4.18
C HIS A 49 11.78 3.82 -3.66
N PHE A 50 11.44 2.59 -3.30
CA PHE A 50 10.11 2.29 -2.80
C PHE A 50 9.86 2.98 -1.48
N ARG A 51 8.60 3.29 -1.20
CA ARG A 51 8.25 3.97 0.03
C ARG A 51 6.94 3.45 0.61
N TRP A 52 6.98 3.09 1.88
CA TRP A 52 5.82 2.60 2.61
C TRP A 52 4.90 3.76 2.98
N VAL A 53 3.68 3.75 2.48
CA VAL A 53 2.70 4.78 2.78
C VAL A 53 1.42 4.16 3.34
N SER A 54 1.58 3.39 4.41
CA SER A 54 0.46 2.70 5.06
C SER A 54 -0.40 3.66 5.89
N GLY A 55 -0.56 4.86 5.38
CA GLY A 55 -1.34 5.87 6.06
C GLY A 55 -1.95 6.84 5.07
N GLY A 56 -2.17 6.37 3.85
CA GLY A 56 -2.75 7.20 2.82
C GLY A 56 -3.91 6.52 2.14
N GLY A 57 -4.65 7.27 1.34
CA GLY A 57 -5.79 6.71 0.65
C GLY A 57 -7.09 6.92 1.41
N GLY A 58 -7.07 6.58 2.69
CA GLY A 58 -8.25 6.74 3.51
C GLY A 58 -8.11 6.04 4.85
N GLY A 59 -8.66 6.63 5.89
CA GLY A 59 -8.58 6.03 7.21
C GLY A 59 -7.53 6.69 8.06
N GLY A 60 -7.96 7.64 8.89
CA GLY A 60 -7.04 8.35 9.75
C GLY A 60 -6.41 7.45 10.80
N GLY A 61 -5.12 7.64 11.03
CA GLY A 61 -4.41 6.84 12.01
C GLY A 61 -3.02 7.38 12.27
N THR A 62 -2.02 6.55 12.07
CA THR A 62 -0.64 6.96 12.28
C THR A 62 0.18 6.69 11.02
N ALA A 63 0.68 7.76 10.43
CA ALA A 63 1.48 7.68 9.21
C ALA A 63 2.78 8.45 9.41
N THR A 64 3.66 8.41 8.40
CA THR A 64 4.93 9.09 8.49
C THR A 64 5.18 10.00 7.28
N VAL A 65 5.24 11.30 7.52
CA VAL A 65 5.48 12.25 6.45
C VAL A 65 6.94 12.73 6.46
N THR A 66 7.50 12.93 5.29
CA THR A 66 8.88 13.39 5.18
C THR A 66 8.92 14.91 5.17
N VAL A 67 9.72 15.48 6.03
CA VAL A 67 9.87 16.92 6.15
C VAL A 67 10.63 17.48 4.98
N GLN A 68 10.08 18.54 4.40
CA GLN A 68 10.65 19.23 3.26
C GLN A 68 11.43 20.46 3.72
N GLN A 69 12.16 21.06 2.80
CA GLN A 69 12.97 22.24 3.09
C GLN A 69 12.09 23.46 3.36
N GLY A 70 12.35 24.13 4.47
CA GLY A 70 11.58 25.31 4.82
C GLY A 70 10.24 24.98 5.42
N ASP A 71 10.07 23.73 5.81
CA ASP A 71 8.81 23.29 6.41
C ASP A 71 9.04 22.88 7.86
N THR A 72 8.34 23.53 8.77
CA THR A 72 8.45 23.24 10.19
C THR A 72 7.23 22.44 10.63
N LEU A 73 7.16 22.08 11.92
CA LEU A 73 6.00 21.33 12.41
C LEU A 73 4.72 22.05 12.02
N ARG A 74 4.76 23.37 12.15
CA ARG A 74 3.63 24.24 11.84
C ARG A 74 3.22 24.10 10.37
N ASP A 75 4.21 24.00 9.50
CA ASP A 75 3.95 23.89 8.06
C ASP A 75 3.38 22.52 7.74
N ILE A 76 3.92 21.49 8.38
CA ILE A 76 3.45 20.13 8.16
C ILE A 76 2.00 20.01 8.62
N GLY A 77 1.74 20.50 9.84
CA GLY A 77 0.40 20.46 10.38
C GLY A 77 -0.60 21.18 9.51
N ARG A 78 -0.24 22.38 9.05
CA ARG A 78 -1.11 23.18 8.21
C ARG A 78 -1.35 22.49 6.86
N ARG A 79 -0.32 21.84 6.34
CA ARG A 79 -0.41 21.18 5.04
C ARG A 79 -1.23 19.89 5.08
N PHE A 80 -1.06 19.10 6.14
CA PHE A 80 -1.78 17.83 6.24
C PHE A 80 -2.96 17.89 7.20
N ASP A 81 -3.35 19.11 7.58
CA ASP A 81 -4.49 19.35 8.47
C ASP A 81 -4.31 18.64 9.81
N CYS A 82 -3.06 18.43 10.20
CA CYS A 82 -2.75 17.78 11.46
C CYS A 82 -2.24 18.83 12.45
N ASP A 83 -2.07 18.45 13.71
CA ASP A 83 -1.58 19.40 14.69
C ASP A 83 -0.08 19.31 14.83
N PHE A 84 0.58 20.44 14.55
CA PHE A 84 2.04 20.56 14.63
C PHE A 84 2.57 20.10 15.99
N HIS A 85 1.75 20.28 17.01
CA HIS A 85 2.08 19.88 18.37
C HIS A 85 2.14 18.36 18.47
N GLU A 86 1.17 17.72 17.83
CA GLU A 86 1.08 16.27 17.81
C GLU A 86 2.25 15.69 17.03
N ILE A 87 2.47 16.24 15.84
CA ILE A 87 3.57 15.81 14.98
C ILE A 87 4.86 15.78 15.79
N ALA A 88 5.04 16.83 16.58
CA ALA A 88 6.19 16.94 17.43
C ALA A 88 6.22 15.82 18.47
N ARG A 89 5.12 15.64 19.21
CA ARG A 89 5.08 14.61 20.24
C ARG A 89 5.20 13.20 19.65
N ARG A 90 4.82 13.04 18.40
CA ARG A 90 4.91 11.76 17.72
C ARG A 90 6.37 11.43 17.40
N ASN A 91 7.16 12.48 17.23
CA ASN A 91 8.59 12.33 16.95
C ASN A 91 9.41 12.57 18.21
N ASN A 92 8.71 12.97 19.28
CA ASN A 92 9.31 13.26 20.59
C ASN A 92 9.94 14.65 20.60
N ILE A 93 9.59 15.46 19.62
CA ILE A 93 10.10 16.82 19.52
C ILE A 93 9.01 17.81 19.98
N GLN A 94 9.24 19.09 19.74
CA GLN A 94 8.28 20.12 20.12
C GLN A 94 7.77 20.83 18.86
N ASN A 95 6.63 21.51 18.96
CA ASN A 95 6.10 22.21 17.81
C ASN A 95 7.14 23.23 17.29
N GLU A 96 7.53 24.14 18.17
CA GLU A 96 8.48 25.17 17.84
C GLU A 96 9.92 24.62 17.86
N ASP A 97 10.03 23.29 17.90
CA ASP A 97 11.34 22.64 17.91
C ASP A 97 12.05 22.95 16.62
N LEU A 98 11.26 23.12 15.55
CA LEU A 98 11.80 23.38 14.22
C LEU A 98 12.49 22.14 13.67
N ILE A 99 11.88 21.60 12.64
CA ILE A 99 12.37 20.40 11.98
C ILE A 99 13.23 20.78 10.76
N TYR A 100 13.87 19.79 10.16
CA TYR A 100 14.73 20.02 9.01
C TYR A 100 14.31 19.12 7.85
N PRO A 101 14.66 19.52 6.62
CA PRO A 101 14.27 18.79 5.41
C PRO A 101 14.98 17.45 5.26
N GLY A 102 14.19 16.43 4.91
CA GLY A 102 14.73 15.10 4.73
C GLY A 102 14.48 14.25 5.94
N GLN A 103 13.60 14.74 6.82
CA GLN A 103 13.28 14.00 8.04
C GLN A 103 11.92 13.35 7.91
N VAL A 104 11.57 12.51 8.85
CA VAL A 104 10.28 11.87 8.83
C VAL A 104 9.57 12.08 10.17
N LEU A 105 8.31 12.49 10.08
CA LEU A 105 7.49 12.75 11.26
C LEU A 105 6.20 11.95 11.21
N GLN A 106 5.65 11.62 12.37
CA GLN A 106 4.41 10.86 12.42
C GLN A 106 3.21 11.77 12.43
N VAL A 107 2.47 11.68 11.35
CA VAL A 107 1.26 12.46 11.17
C VAL A 107 0.10 11.50 10.90
N PRO A 108 -1.12 11.91 11.26
CA PRO A 108 -2.33 11.07 11.14
C PRO A 108 -2.72 10.71 9.71
N THR A 109 -2.20 11.43 8.73
CA THR A 109 -2.55 11.14 7.34
C THR A 109 -1.42 11.49 6.38
N LYS A 110 -1.38 10.78 5.26
CA LYS A 110 -0.38 11.01 4.22
C LYS A 110 -1.02 11.71 3.03
N GLY A 111 -0.19 12.08 2.05
CA GLY A 111 -0.68 12.73 0.86
C GLY A 111 -0.39 11.93 -0.38
N GLY A 112 -1.41 11.33 -0.96
CA GLY A 112 -1.24 10.53 -2.16
C GLY A 112 -1.56 11.32 -3.41
N SER A 113 -0.54 11.89 -4.03
CA SER A 113 -0.72 12.69 -5.24
C SER A 113 -0.87 11.80 -6.47
N GLY A 114 -0.38 10.57 -6.38
CA GLY A 114 -0.46 9.65 -7.50
C GLY A 114 -1.88 9.18 -7.76
N GLY A 115 -2.57 8.76 -6.70
CA GLY A 115 -3.93 8.29 -6.83
C GLY A 115 -4.46 7.77 -5.52
N GLY A 116 -3.82 6.74 -4.98
CA GLY A 116 -4.24 6.18 -3.71
C GLY A 116 -3.30 6.62 -2.61
N ALA A 117 -2.19 5.92 -2.50
CA ALA A 117 -1.19 6.24 -1.51
C ALA A 117 0.20 6.01 -2.08
N GLY A 118 0.40 4.84 -2.66
CA GLY A 118 1.68 4.50 -3.23
C GLY A 118 1.81 4.90 -4.68
N ASN A 119 1.27 4.07 -5.56
CA ASN A 119 1.28 4.30 -7.01
C ASN A 119 2.64 4.02 -7.62
N PHE A 120 3.43 3.17 -6.97
CA PHE A 120 4.74 2.81 -7.48
C PHE A 120 4.61 2.21 -8.88
N TRP A 121 3.57 1.38 -9.06
CA TRP A 121 3.32 0.68 -10.34
C TRP A 121 3.15 1.65 -11.49
N ASP A 122 2.60 2.83 -11.21
CA ASP A 122 2.39 3.84 -12.25
C ASP A 122 3.70 4.16 -12.96
N SER A 123 4.80 4.04 -12.25
CA SER A 123 6.10 4.28 -12.83
C SER A 123 7.08 3.17 -12.47
N ALA A 124 6.56 1.94 -12.30
CA ALA A 124 7.39 0.80 -11.97
C ALA A 124 7.29 -0.25 -13.07
N ARG A 125 8.42 -0.84 -13.42
CA ARG A 125 8.48 -1.87 -14.45
C ARG A 125 9.22 -3.10 -13.93
N ASP A 126 8.80 -4.27 -14.41
CA ASP A 126 9.41 -5.54 -14.02
C ASP A 126 9.37 -5.75 -12.51
N VAL A 127 8.23 -5.47 -11.92
CA VAL A 127 8.04 -5.63 -10.49
C VAL A 127 8.01 -7.11 -10.14
N ARG A 128 8.99 -7.53 -9.37
CA ARG A 128 9.10 -8.92 -8.98
C ARG A 128 9.49 -9.04 -7.51
N LEU A 129 8.94 -10.03 -6.84
CA LEU A 129 9.24 -10.25 -5.44
C LEU A 129 10.49 -11.10 -5.29
N VAL A 130 11.33 -10.73 -4.35
CA VAL A 130 12.57 -11.43 -4.10
C VAL A 130 12.73 -11.74 -2.62
N ASP A 131 13.59 -12.70 -2.32
CA ASP A 131 13.88 -13.11 -0.94
C ASP A 131 12.67 -13.74 -0.27
N GLY A 132 11.65 -14.06 -1.06
CA GLY A 132 10.47 -14.68 -0.52
C GLY A 132 9.40 -13.69 -0.14
N GLY A 133 9.38 -12.52 -0.78
CA GLY A 133 8.33 -11.54 -0.49
C GLY A 133 8.76 -10.54 0.58
N LYS A 134 9.78 -10.93 1.32
CA LYS A 134 10.30 -10.06 2.33
C LYS A 134 10.94 -8.86 1.65
N VAL A 135 11.22 -9.01 0.36
CA VAL A 135 11.77 -7.94 -0.45
C VAL A 135 11.03 -7.89 -1.79
N LEU A 136 10.86 -6.70 -2.32
CA LEU A 136 10.19 -6.48 -3.58
C LEU A 136 11.09 -5.62 -4.44
N GLU A 137 11.41 -6.08 -5.63
CA GLU A 137 12.31 -5.34 -6.50
C GLU A 137 11.63 -4.99 -7.82
N ALA A 138 11.80 -3.75 -8.22
CA ALA A 138 11.20 -3.25 -9.46
C ALA A 138 11.97 -2.04 -9.94
N GLU A 139 11.79 -1.69 -11.20
CA GLU A 139 12.47 -0.54 -11.74
C GLU A 139 11.55 0.67 -11.64
N LEU A 140 11.87 1.53 -10.69
CA LEU A 140 11.10 2.74 -10.43
C LEU A 140 11.65 3.90 -11.25
N ARG A 141 10.76 4.56 -11.96
CA ARG A 141 11.12 5.70 -12.76
C ARG A 141 11.49 6.87 -11.88
N TYR A 142 12.51 7.60 -12.29
CA TYR A 142 12.96 8.74 -11.52
C TYR A 142 13.68 9.74 -12.40
N SER A 143 14.36 10.70 -11.77
CA SER A 143 15.09 11.73 -12.50
C SER A 143 16.18 11.13 -13.39
N GLY A 144 16.68 9.96 -12.99
CA GLY A 144 17.73 9.31 -13.76
C GLY A 144 17.23 8.17 -14.62
N GLY A 145 15.97 8.22 -15.02
CA GLY A 145 15.42 7.17 -15.86
C GLY A 145 14.74 6.08 -15.07
N TRP A 146 15.23 4.85 -15.21
CA TRP A 146 14.67 3.71 -14.49
C TRP A 146 15.75 3.01 -13.69
N ASN A 147 15.52 2.83 -12.40
CA ASN A 147 16.49 2.17 -11.53
C ASN A 147 15.85 1.06 -10.73
N ARG A 148 16.58 -0.03 -10.55
CA ARG A 148 16.09 -1.17 -9.78
C ARG A 148 16.10 -0.84 -8.30
N SER A 149 14.90 -0.67 -7.78
CA SER A 149 14.69 -0.34 -6.38
C SER A 149 14.00 -1.51 -5.69
N ARG A 150 14.12 -1.61 -4.39
CA ARG A 150 13.49 -2.70 -3.66
C ARG A 150 13.01 -2.29 -2.27
N ILE A 151 11.92 -2.90 -1.86
CA ILE A 151 11.31 -2.61 -0.56
C ILE A 151 11.00 -3.91 0.16
N TYR A 152 11.00 -3.89 1.48
CA TYR A 152 10.72 -5.08 2.25
C TYR A 152 9.24 -5.18 2.58
N LEU A 153 8.50 -6.05 1.89
CA LEU A 153 7.08 -6.21 2.16
C LEU A 153 6.88 -6.82 3.54
N ASP A 154 7.80 -7.69 3.93
CA ASP A 154 7.73 -8.32 5.27
C ASP A 154 7.64 -7.27 6.39
N GLU A 155 8.00 -6.03 6.09
CA GLU A 155 7.99 -4.95 7.07
C GLU A 155 6.60 -4.62 7.56
N HIS A 156 5.69 -4.39 6.65
CA HIS A 156 4.34 -4.02 7.05
C HIS A 156 3.29 -4.96 6.49
N ILE A 157 3.71 -6.03 5.86
CA ILE A 157 2.75 -6.99 5.31
C ILE A 157 2.75 -8.27 6.15
N GLY A 158 1.67 -8.51 6.87
CA GLY A 158 1.57 -9.70 7.68
C GLY A 158 0.47 -10.64 7.24
N ASN A 159 0.63 -11.92 7.58
CA ASN A 159 -0.35 -12.95 7.24
C ASN A 159 -1.28 -13.20 8.42
N ARG A 160 -2.58 -13.14 8.16
CA ARG A 160 -3.58 -13.37 9.20
C ARG A 160 -4.38 -14.62 8.89
N ASN A 161 -3.88 -15.76 9.34
CA ASN A 161 -4.53 -17.06 9.16
C ASN A 161 -4.92 -17.29 7.69
N GLY A 162 -3.95 -17.13 6.79
CA GLY A 162 -4.20 -17.35 5.38
C GLY A 162 -4.53 -16.10 4.60
N GLU A 163 -4.44 -14.95 5.23
CA GLU A 163 -4.74 -13.70 4.54
C GLU A 163 -3.54 -12.77 4.60
N LEU A 164 -3.46 -11.87 3.63
CA LEU A 164 -2.35 -10.93 3.55
C LEU A 164 -2.82 -9.52 3.85
N ILE A 165 -2.41 -8.99 5.00
CA ILE A 165 -2.79 -7.64 5.40
C ILE A 165 -1.60 -6.87 5.93
N HIS A 166 -1.86 -5.69 6.45
CA HIS A 166 -0.79 -4.87 7.00
C HIS A 166 -0.49 -5.28 8.44
N CYS A 167 0.77 -5.66 8.69
CA CYS A 167 1.23 -6.08 10.00
C CYS A 167 0.34 -7.17 10.59
N GLY A 1 15.70 -9.65 8.35
CA GLY A 1 14.53 -10.43 8.79
C GLY A 1 13.25 -9.61 8.74
N ASN A 2 12.12 -10.27 8.94
CA ASN A 2 10.83 -9.60 8.90
C ASN A 2 10.74 -8.52 9.98
N TYR A 3 9.94 -7.51 9.71
CA TYR A 3 9.76 -6.41 10.66
C TYR A 3 8.47 -6.54 11.44
N ALA A 4 7.38 -6.06 10.86
CA ALA A 4 6.08 -6.13 11.50
C ALA A 4 5.17 -7.10 10.79
N GLY A 5 5.36 -7.24 9.47
CA GLY A 5 4.53 -8.15 8.72
C GLY A 5 4.84 -9.59 9.02
N ASN A 6 6.06 -10.00 8.68
CA ASN A 6 6.52 -11.37 8.91
C ASN A 6 5.74 -12.36 8.05
N PHE A 7 5.04 -11.86 7.03
CA PHE A 7 4.26 -12.74 6.17
C PHE A 7 5.15 -13.76 5.47
N SER A 8 6.34 -13.35 5.03
CA SER A 8 7.28 -14.24 4.36
C SER A 8 7.75 -15.36 5.28
N GLY A 9 7.54 -15.17 6.57
CA GLY A 9 7.93 -16.18 7.55
C GLY A 9 7.02 -17.40 7.53
N SER A 10 5.80 -17.26 7.00
CA SER A 10 4.87 -18.37 6.96
C SER A 10 4.08 -18.41 5.64
N SER A 11 4.15 -17.34 4.86
CA SER A 11 3.45 -17.28 3.59
C SER A 11 4.42 -17.60 2.48
N ARG A 12 4.04 -18.46 1.57
CA ARG A 12 4.90 -18.82 0.47
C ARG A 12 4.35 -18.24 -0.82
N ASP A 13 4.95 -18.62 -1.94
CA ASP A 13 4.55 -18.14 -3.27
C ASP A 13 4.24 -16.66 -3.29
N ILE A 14 5.03 -15.87 -2.57
CA ILE A 14 4.80 -14.46 -2.52
C ILE A 14 5.30 -13.81 -3.81
N CYS A 15 4.36 -13.54 -4.70
CA CYS A 15 4.63 -12.91 -5.98
C CYS A 15 3.44 -12.06 -6.38
N LEU A 16 3.68 -10.78 -6.65
CA LEU A 16 2.59 -9.87 -7.02
C LEU A 16 2.42 -9.75 -8.52
N ASP A 17 1.20 -9.43 -8.89
CA ASP A 17 0.84 -9.22 -10.27
C ASP A 17 0.96 -7.72 -10.54
N GLY A 18 2.21 -7.28 -10.66
CA GLY A 18 2.49 -5.89 -10.91
C GLY A 18 2.43 -5.06 -9.64
N ALA A 19 1.32 -5.18 -8.94
CA ALA A 19 1.10 -4.46 -7.70
C ALA A 19 0.21 -5.26 -6.77
N ARG A 20 -0.40 -6.32 -7.29
CA ARG A 20 -1.27 -7.17 -6.48
C ARG A 20 -0.47 -8.29 -5.84
N LEU A 21 -0.02 -8.02 -4.61
CA LEU A 21 0.79 -8.96 -3.83
C LEU A 21 0.06 -10.24 -3.53
N ARG A 22 0.65 -11.35 -3.91
CA ARG A 22 0.02 -12.64 -3.68
C ARG A 22 0.96 -13.54 -2.91
N ALA A 23 0.41 -14.25 -1.94
CA ALA A 23 1.18 -15.17 -1.13
C ALA A 23 0.28 -16.21 -0.49
N GLU A 24 0.83 -17.40 -0.37
CA GLU A 24 0.17 -18.53 0.25
C GLU A 24 0.37 -18.45 1.75
N CYS A 25 -0.39 -17.57 2.37
CA CYS A 25 -0.32 -17.35 3.80
C CYS A 25 -0.70 -18.59 4.59
N ARG A 26 0.23 -19.06 5.41
CA ARG A 26 -0.02 -20.22 6.25
C ARG A 26 -1.00 -19.85 7.36
N ARG A 27 -2.17 -20.46 7.32
CA ARG A 27 -3.19 -20.21 8.33
C ARG A 27 -3.02 -21.16 9.49
N GLY A 28 -3.58 -20.74 10.64
CA GLY A 28 -3.50 -21.49 11.89
C GLY A 28 -3.97 -22.93 11.78
N ASP A 29 -4.68 -23.24 10.71
CA ASP A 29 -5.15 -24.59 10.46
C ASP A 29 -3.97 -25.48 10.06
N GLY A 30 -2.86 -24.83 9.76
CA GLY A 30 -1.65 -25.52 9.37
C GLY A 30 -1.57 -25.63 7.88
N GLY A 31 -2.46 -24.94 7.19
CA GLY A 31 -2.49 -25.01 5.74
C GLY A 31 -2.11 -23.70 5.07
N TYR A 32 -1.73 -23.79 3.80
CA TYR A 32 -1.35 -22.62 3.03
C TYR A 32 -2.50 -22.20 2.11
N SER A 33 -2.92 -20.97 2.23
CA SER A 33 -4.00 -20.47 1.40
C SER A 33 -3.52 -19.31 0.53
N THR A 34 -3.85 -19.36 -0.75
CA THR A 34 -3.45 -18.32 -1.68
C THR A 34 -4.21 -17.02 -1.42
N SER A 35 -3.48 -16.03 -0.94
CA SER A 35 -4.05 -14.73 -0.64
C SER A 35 -3.40 -13.67 -1.53
N VAL A 36 -4.13 -12.60 -1.82
CA VAL A 36 -3.60 -11.52 -2.67
C VAL A 36 -4.14 -10.17 -2.19
N ILE A 37 -3.25 -9.18 -2.13
CA ILE A 37 -3.59 -7.85 -1.65
C ILE A 37 -3.01 -6.76 -2.57
N ASP A 38 -3.66 -5.62 -2.63
CA ASP A 38 -3.21 -4.50 -3.46
C ASP A 38 -2.08 -3.73 -2.79
N LEU A 39 -0.86 -3.92 -3.28
CA LEU A 39 0.29 -3.23 -2.73
C LEU A 39 0.49 -1.90 -3.43
N ASN A 40 -0.37 -1.62 -4.40
CA ASN A 40 -0.32 -0.36 -5.13
C ASN A 40 -0.75 0.77 -4.21
N ARG A 41 -1.35 0.39 -3.09
CA ARG A 41 -1.81 1.35 -2.10
C ARG A 41 -0.95 1.27 -0.84
N TYR A 42 0.15 0.56 -0.95
CA TYR A 42 1.07 0.40 0.17
C TYR A 42 2.48 0.78 -0.22
N LEU A 43 2.82 0.55 -1.48
CA LEU A 43 4.15 0.86 -2.00
C LEU A 43 4.10 2.05 -2.95
N SER A 44 5.10 2.90 -2.82
CA SER A 44 5.21 4.10 -3.63
C SER A 44 6.60 4.20 -4.25
N ASN A 45 6.67 4.80 -5.43
CA ASN A 45 7.96 5.00 -6.10
C ASN A 45 8.41 6.42 -5.83
N ASP A 46 9.38 6.57 -4.94
CA ASP A 46 9.87 7.90 -4.60
C ASP A 46 11.26 8.13 -5.18
N ASN A 47 11.28 8.70 -6.38
CA ASN A 47 12.51 9.02 -7.10
C ASN A 47 13.36 7.77 -7.30
N GLY A 48 12.71 6.68 -7.70
CA GLY A 48 13.42 5.45 -7.96
C GLY A 48 13.76 4.69 -6.70
N HIS A 49 12.90 4.82 -5.69
CA HIS A 49 13.08 4.15 -4.42
C HIS A 49 11.73 3.82 -3.82
N PHE A 50 11.50 2.54 -3.56
CA PHE A 50 10.24 2.08 -2.98
C PHE A 50 10.03 2.63 -1.57
N ARG A 51 8.81 3.04 -1.29
CA ARG A 51 8.45 3.58 0.02
C ARG A 51 7.03 3.18 0.40
N TRP A 52 6.85 2.82 1.66
CA TRP A 52 5.54 2.46 2.18
C TRP A 52 4.69 3.70 2.36
N VAL A 53 3.48 3.66 1.80
CA VAL A 53 2.51 4.75 1.84
C VAL A 53 3.16 6.11 1.61
N SER A 54 2.90 7.06 2.48
CA SER A 54 3.48 8.39 2.35
C SER A 54 4.31 8.73 3.58
N GLY A 55 4.51 7.74 4.45
CA GLY A 55 5.28 7.94 5.66
C GLY A 55 4.46 8.63 6.75
N GLY A 56 3.72 9.64 6.37
CA GLY A 56 2.91 10.38 7.31
C GLY A 56 2.89 11.86 7.01
N GLY A 57 1.91 12.29 6.21
CA GLY A 57 1.80 13.68 5.85
C GLY A 57 0.36 14.15 5.85
N GLY A 58 0.16 15.45 5.99
CA GLY A 58 -1.17 16.02 6.00
C GLY A 58 -1.15 17.51 5.73
N GLY A 59 -2.29 18.07 5.37
CA GLY A 59 -2.36 19.49 5.08
C GLY A 59 -3.77 19.93 4.76
N GLY A 60 -3.91 21.17 4.30
CA GLY A 60 -5.21 21.70 3.98
C GLY A 60 -5.16 22.70 2.85
N GLY A 61 -4.25 22.48 1.91
CA GLY A 61 -4.11 23.39 0.77
C GLY A 61 -5.02 22.99 -0.38
N THR A 62 -4.41 22.62 -1.49
CA THR A 62 -5.16 22.19 -2.66
C THR A 62 -4.64 20.84 -3.15
N ALA A 63 -5.48 19.83 -3.04
CA ALA A 63 -5.16 18.48 -3.45
C ALA A 63 -6.19 17.98 -4.47
N THR A 64 -6.01 16.76 -4.97
CA THR A 64 -6.92 16.21 -5.98
C THR A 64 -7.44 14.82 -5.60
N VAL A 65 -8.76 14.69 -5.54
CA VAL A 65 -9.40 13.42 -5.22
C VAL A 65 -10.16 12.88 -6.45
N THR A 66 -10.00 11.59 -6.70
CA THR A 66 -10.66 10.93 -7.82
C THR A 66 -12.04 10.44 -7.40
N VAL A 67 -13.04 10.84 -8.17
CA VAL A 67 -14.41 10.49 -7.93
C VAL A 67 -14.67 9.03 -8.30
N GLN A 68 -15.32 8.32 -7.38
CA GLN A 68 -15.65 6.91 -7.56
C GLN A 68 -17.12 6.78 -7.96
N GLN A 69 -17.51 5.56 -8.31
CA GLN A 69 -18.87 5.26 -8.74
C GLN A 69 -19.90 5.61 -7.66
N GLY A 70 -20.89 6.42 -8.04
CA GLY A 70 -21.95 6.78 -7.12
C GLY A 70 -21.62 7.96 -6.22
N ASP A 71 -20.45 8.55 -6.41
CA ASP A 71 -20.05 9.69 -5.59
C ASP A 71 -20.43 11.00 -6.25
N THR A 72 -20.93 11.94 -5.44
CA THR A 72 -21.30 13.26 -5.92
C THR A 72 -20.47 14.30 -5.18
N LEU A 73 -20.58 15.58 -5.56
CA LEU A 73 -19.81 16.62 -4.89
C LEU A 73 -20.03 16.56 -3.38
N ARG A 74 -21.28 16.31 -3.00
CA ARG A 74 -21.66 16.25 -1.59
C ARG A 74 -21.03 15.07 -0.87
N ASP A 75 -20.90 13.96 -1.59
CA ASP A 75 -20.30 12.76 -1.01
C ASP A 75 -18.81 12.97 -0.84
N ILE A 76 -18.20 13.63 -1.81
CA ILE A 76 -16.78 13.91 -1.76
C ILE A 76 -16.50 14.89 -0.63
N GLY A 77 -17.32 15.94 -0.55
CA GLY A 77 -17.18 16.93 0.49
C GLY A 77 -17.21 16.32 1.87
N ARG A 78 -18.26 15.59 2.17
CA ARG A 78 -18.41 14.96 3.49
C ARG A 78 -17.27 13.99 3.79
N ARG A 79 -16.90 13.19 2.80
CA ARG A 79 -15.85 12.18 2.97
C ARG A 79 -14.49 12.80 3.28
N PHE A 80 -14.18 13.95 2.68
CA PHE A 80 -12.89 14.59 2.89
C PHE A 80 -12.98 15.87 3.70
N ASP A 81 -14.08 16.04 4.44
CA ASP A 81 -14.31 17.21 5.29
C ASP A 81 -14.20 18.52 4.49
N CYS A 82 -14.57 18.46 3.22
CA CYS A 82 -14.52 19.62 2.36
C CYS A 82 -15.94 20.03 1.97
N ASP A 83 -16.10 21.18 1.33
CA ASP A 83 -17.41 21.62 0.90
C ASP A 83 -17.60 21.30 -0.56
N PHE A 84 -18.71 20.62 -0.83
CA PHE A 84 -19.09 20.22 -2.19
C PHE A 84 -19.06 21.42 -3.15
N HIS A 85 -19.34 22.59 -2.59
CA HIS A 85 -19.34 23.84 -3.35
C HIS A 85 -17.93 24.15 -3.82
N GLU A 86 -16.97 23.99 -2.93
CA GLU A 86 -15.57 24.23 -3.23
C GLU A 86 -15.11 23.27 -4.31
N ILE A 87 -15.37 22.00 -4.07
CA ILE A 87 -14.99 20.94 -5.02
C ILE A 87 -15.52 21.28 -6.39
N ALA A 88 -16.78 21.67 -6.44
CA ALA A 88 -17.42 22.06 -7.67
C ALA A 88 -16.74 23.30 -8.25
N ARG A 89 -16.57 24.32 -7.44
CA ARG A 89 -15.95 25.57 -7.85
C ARG A 89 -14.56 25.37 -8.44
N ARG A 90 -13.80 24.47 -7.84
CA ARG A 90 -12.44 24.19 -8.30
C ARG A 90 -12.45 23.53 -9.68
N ASN A 91 -13.48 22.74 -9.93
CA ASN A 91 -13.62 22.07 -11.22
C ASN A 91 -14.46 22.90 -12.18
N ASN A 92 -14.98 24.02 -11.67
CA ASN A 92 -15.82 24.94 -12.45
C ASN A 92 -17.22 24.39 -12.63
N ILE A 93 -17.57 23.43 -11.79
CA ILE A 93 -18.89 22.81 -11.81
C ILE A 93 -19.72 23.31 -10.63
N GLN A 94 -20.92 22.78 -10.48
CA GLN A 94 -21.78 23.17 -9.37
C GLN A 94 -21.85 22.05 -8.35
N ASN A 95 -22.35 22.33 -7.16
CA ASN A 95 -22.46 21.28 -6.15
C ASN A 95 -23.43 20.20 -6.66
N GLU A 96 -24.62 20.65 -7.03
CA GLU A 96 -25.65 19.76 -7.53
C GLU A 96 -25.41 19.40 -8.99
N ASP A 97 -24.22 19.75 -9.48
CA ASP A 97 -23.82 19.45 -10.85
C ASP A 97 -23.81 17.96 -11.04
N LEU A 98 -23.48 17.26 -9.95
CA LEU A 98 -23.40 15.81 -9.96
C LEU A 98 -22.21 15.35 -10.81
N ILE A 99 -21.25 14.76 -10.14
CA ILE A 99 -20.03 14.29 -10.80
C ILE A 99 -20.15 12.82 -11.20
N TYR A 100 -19.13 12.32 -11.87
CA TYR A 100 -19.12 10.94 -12.35
C TYR A 100 -17.84 10.23 -11.94
N PRO A 101 -17.90 8.89 -11.86
CA PRO A 101 -16.75 8.06 -11.46
C PRO A 101 -15.61 8.09 -12.46
N GLY A 102 -14.40 8.27 -11.94
CA GLY A 102 -13.22 8.30 -12.77
C GLY A 102 -12.83 9.71 -13.10
N GLN A 103 -13.31 10.64 -12.29
CA GLN A 103 -13.01 12.05 -12.50
C GLN A 103 -12.14 12.55 -11.35
N VAL A 104 -11.37 13.60 -11.57
CA VAL A 104 -10.53 14.12 -10.52
C VAL A 104 -10.95 15.53 -10.14
N LEU A 105 -11.28 15.72 -8.87
CA LEU A 105 -11.73 17.01 -8.36
C LEU A 105 -10.71 17.59 -7.39
N GLN A 106 -10.66 18.91 -7.31
CA GLN A 106 -9.73 19.56 -6.40
C GLN A 106 -10.38 19.79 -5.05
N VAL A 107 -9.80 19.14 -4.07
CA VAL A 107 -10.25 19.23 -2.71
C VAL A 107 -9.10 19.71 -1.82
N PRO A 108 -9.43 20.38 -0.71
CA PRO A 108 -8.42 20.94 0.21
C PRO A 108 -7.55 19.90 0.92
N THR A 109 -8.01 18.68 1.03
CA THR A 109 -7.22 17.66 1.72
C THR A 109 -7.44 16.27 1.11
N LYS A 110 -6.46 15.41 1.28
CA LYS A 110 -6.51 14.04 0.76
C LYS A 110 -6.79 13.03 1.87
N GLY A 111 -6.98 11.79 1.47
CA GLY A 111 -7.25 10.75 2.43
C GLY A 111 -7.48 9.40 1.78
N GLY A 112 -7.03 8.34 2.45
CA GLY A 112 -7.21 7.00 1.93
C GLY A 112 -8.64 6.52 2.06
N SER A 113 -9.44 6.77 1.04
CA SER A 113 -10.83 6.38 1.04
C SER A 113 -11.12 5.42 -0.11
N GLY A 114 -10.29 4.40 -0.22
CA GLY A 114 -10.47 3.41 -1.26
C GLY A 114 -9.16 2.81 -1.71
N GLY A 115 -8.31 3.64 -2.29
CA GLY A 115 -7.02 3.19 -2.76
C GLY A 115 -6.20 4.31 -3.35
N GLY A 116 -5.09 3.97 -3.98
CA GLY A 116 -4.24 4.96 -4.60
C GLY A 116 -3.45 5.74 -3.57
N ALA A 117 -2.74 5.01 -2.73
CA ALA A 117 -1.93 5.63 -1.69
C ALA A 117 -0.46 5.62 -2.07
N GLY A 118 -0.06 4.59 -2.78
CA GLY A 118 1.32 4.48 -3.19
C GLY A 118 1.52 4.81 -4.66
N ASN A 119 1.02 3.93 -5.52
CA ASN A 119 1.09 4.12 -6.98
C ASN A 119 2.49 3.89 -7.51
N PHE A 120 3.25 3.00 -6.87
CA PHE A 120 4.59 2.68 -7.32
C PHE A 120 4.55 2.14 -8.75
N TRP A 121 3.50 1.38 -9.04
CA TRP A 121 3.30 0.75 -10.34
C TRP A 121 3.14 1.77 -11.46
N ASP A 122 2.57 2.92 -11.13
CA ASP A 122 2.35 3.98 -12.11
C ASP A 122 3.65 4.32 -12.84
N SER A 123 4.76 4.18 -12.15
CA SER A 123 6.06 4.45 -12.74
C SER A 123 7.02 3.30 -12.47
N ALA A 124 6.49 2.09 -12.31
CA ALA A 124 7.34 0.93 -12.07
C ALA A 124 7.31 0.00 -13.28
N ARG A 125 8.44 -0.59 -13.59
CA ARG A 125 8.55 -1.51 -14.71
C ARG A 125 9.37 -2.72 -14.29
N ASP A 126 8.94 -3.91 -14.72
CA ASP A 126 9.61 -5.16 -14.36
C ASP A 126 9.56 -5.39 -12.85
N VAL A 127 8.34 -5.36 -12.31
CA VAL A 127 8.13 -5.55 -10.88
C VAL A 127 8.04 -7.04 -10.55
N ARG A 128 8.90 -7.49 -9.67
CA ARG A 128 8.92 -8.89 -9.27
C ARG A 128 9.28 -9.03 -7.79
N LEU A 129 8.64 -9.97 -7.12
CA LEU A 129 8.94 -10.23 -5.72
C LEU A 129 10.13 -11.16 -5.62
N VAL A 130 11.09 -10.78 -4.80
CA VAL A 130 12.28 -11.57 -4.62
C VAL A 130 12.48 -11.88 -3.15
N ASP A 131 13.33 -12.86 -2.90
CA ASP A 131 13.67 -13.29 -1.54
C ASP A 131 12.48 -13.94 -0.86
N GLY A 132 11.41 -14.14 -1.60
CA GLY A 132 10.23 -14.77 -1.05
C GLY A 132 9.23 -13.78 -0.52
N GLY A 133 9.19 -12.58 -1.08
CA GLY A 133 8.19 -11.60 -0.63
C GLY A 133 8.74 -10.61 0.40
N LYS A 134 9.84 -10.98 1.04
CA LYS A 134 10.44 -10.09 2.01
C LYS A 134 11.12 -8.93 1.27
N VAL A 135 11.23 -9.06 -0.04
CA VAL A 135 11.80 -8.01 -0.88
C VAL A 135 11.08 -7.94 -2.24
N LEU A 136 10.86 -6.74 -2.72
CA LEU A 136 10.21 -6.49 -4.00
C LEU A 136 11.16 -5.71 -4.87
N GLU A 137 11.45 -6.21 -6.05
CA GLU A 137 12.40 -5.55 -6.94
C GLU A 137 11.70 -5.06 -8.20
N ALA A 138 11.96 -3.81 -8.53
CA ALA A 138 11.36 -3.19 -9.71
C ALA A 138 12.15 -1.96 -10.12
N GLU A 139 12.01 -1.58 -11.38
CA GLU A 139 12.67 -0.38 -11.87
C GLU A 139 11.70 0.77 -11.80
N LEU A 140 11.97 1.68 -10.89
CA LEU A 140 11.10 2.84 -10.68
C LEU A 140 11.61 4.04 -11.45
N ARG A 141 10.69 4.70 -12.12
CA ARG A 141 10.97 5.89 -12.91
C ARG A 141 11.31 7.07 -12.01
N TYR A 142 12.27 7.87 -12.42
CA TYR A 142 12.66 9.01 -11.62
C TYR A 142 13.45 10.02 -12.46
N SER A 143 14.02 11.01 -11.78
CA SER A 143 14.78 12.06 -12.44
C SER A 143 15.90 11.48 -13.33
N GLY A 144 16.41 10.31 -12.95
CA GLY A 144 17.48 9.69 -13.71
C GLY A 144 17.03 8.52 -14.56
N GLY A 145 15.78 8.55 -15.02
CA GLY A 145 15.27 7.49 -15.86
C GLY A 145 14.60 6.41 -15.05
N TRP A 146 15.17 5.21 -15.07
CA TRP A 146 14.62 4.08 -14.34
C TRP A 146 15.71 3.48 -13.45
N ASN A 147 15.39 3.30 -12.17
CA ASN A 147 16.37 2.78 -11.22
C ASN A 147 15.90 1.45 -10.62
N ARG A 148 16.86 0.56 -10.39
CA ARG A 148 16.58 -0.73 -9.79
C ARG A 148 16.38 -0.55 -8.29
N SER A 149 15.13 -0.41 -7.88
CA SER A 149 14.82 -0.22 -6.48
C SER A 149 14.12 -1.45 -5.92
N ARG A 150 14.12 -1.57 -4.61
CA ARG A 150 13.47 -2.70 -3.96
C ARG A 150 12.92 -2.32 -2.59
N ILE A 151 11.91 -3.04 -2.14
CA ILE A 151 11.28 -2.78 -0.84
C ILE A 151 11.00 -4.08 -0.10
N TYR A 152 10.99 -4.02 1.21
CA TYR A 152 10.74 -5.19 2.03
C TYR A 152 9.27 -5.28 2.42
N LEU A 153 8.50 -6.16 1.77
CA LEU A 153 7.10 -6.28 2.13
C LEU A 153 6.97 -6.93 3.49
N ASP A 154 7.93 -7.78 3.83
CA ASP A 154 7.94 -8.44 5.14
C ASP A 154 7.91 -7.41 6.31
N GLU A 155 8.17 -6.14 5.99
CA GLU A 155 8.16 -5.09 7.00
C GLU A 155 6.80 -4.80 7.55
N HIS A 156 5.85 -4.53 6.68
CA HIS A 156 4.51 -4.17 7.15
C HIS A 156 3.44 -5.07 6.59
N ILE A 157 3.83 -6.08 5.84
CA ILE A 157 2.87 -7.00 5.28
C ILE A 157 2.91 -8.32 6.03
N GLY A 158 1.84 -8.62 6.74
CA GLY A 158 1.78 -9.85 7.49
C GLY A 158 0.66 -10.75 7.04
N ASN A 159 0.57 -11.92 7.67
CA ASN A 159 -0.45 -12.89 7.34
C ASN A 159 -1.47 -12.97 8.47
N ARG A 160 -2.73 -12.79 8.14
CA ARG A 160 -3.78 -12.86 9.14
C ARG A 160 -4.62 -14.10 8.90
N ASN A 161 -4.15 -15.21 9.46
CA ASN A 161 -4.82 -16.51 9.36
C ASN A 161 -5.14 -16.89 7.90
N GLY A 162 -4.15 -16.78 7.04
CA GLY A 162 -4.34 -17.16 5.64
C GLY A 162 -4.73 -16.01 4.74
N GLU A 163 -4.80 -14.81 5.29
CA GLU A 163 -5.14 -13.63 4.50
C GLU A 163 -4.04 -12.59 4.61
N LEU A 164 -3.55 -12.16 3.47
CA LEU A 164 -2.47 -11.19 3.39
C LEU A 164 -2.97 -9.80 3.78
N ILE A 165 -2.27 -9.14 4.71
CA ILE A 165 -2.67 -7.81 5.16
C ILE A 165 -1.47 -7.11 5.81
N HIS A 166 -1.69 -5.94 6.39
CA HIS A 166 -0.62 -5.20 7.04
C HIS A 166 -0.40 -5.73 8.45
N CYS A 167 0.86 -6.12 8.74
CA CYS A 167 1.24 -6.66 10.04
C CYS A 167 0.28 -7.78 10.50
N GLY A 1 15.11 -10.01 8.06
CA GLY A 1 14.93 -8.59 8.48
C GLY A 1 13.48 -8.18 8.41
N ASN A 2 12.71 -8.54 9.42
CA ASN A 2 11.29 -8.22 9.45
C ASN A 2 11.07 -6.93 10.23
N TYR A 3 9.88 -6.39 10.10
CA TYR A 3 9.51 -5.17 10.79
C TYR A 3 8.22 -5.35 11.55
N ALA A 4 7.14 -5.50 10.81
CA ALA A 4 5.82 -5.69 11.39
C ALA A 4 5.03 -6.75 10.65
N GLY A 5 5.32 -6.96 9.36
CA GLY A 5 4.58 -7.93 8.61
C GLY A 5 4.91 -9.36 8.99
N ASN A 6 6.13 -9.77 8.62
CA ASN A 6 6.61 -11.13 8.89
C ASN A 6 5.83 -12.14 8.04
N PHE A 7 5.14 -11.65 7.01
CA PHE A 7 4.35 -12.53 6.16
C PHE A 7 5.21 -13.55 5.43
N SER A 8 6.45 -13.22 5.11
CA SER A 8 7.30 -14.16 4.39
C SER A 8 7.68 -15.32 5.31
N GLY A 9 7.41 -15.13 6.60
CA GLY A 9 7.70 -16.15 7.58
C GLY A 9 6.66 -17.26 7.59
N SER A 10 5.44 -16.96 7.16
CA SER A 10 4.38 -17.96 7.16
C SER A 10 3.73 -18.10 5.79
N SER A 11 3.80 -17.04 4.97
CA SER A 11 3.23 -17.05 3.65
C SER A 11 4.26 -17.56 2.66
N ARG A 12 3.82 -18.43 1.79
CA ARG A 12 4.68 -19.01 0.79
C ARG A 12 4.29 -18.49 -0.59
N ASP A 13 5.10 -18.80 -1.58
CA ASP A 13 4.85 -18.41 -2.98
C ASP A 13 4.42 -16.95 -3.09
N ILE A 14 5.16 -16.06 -2.45
CA ILE A 14 4.84 -14.66 -2.48
C ILE A 14 5.31 -14.03 -3.79
N CYS A 15 4.36 -13.75 -4.68
CA CYS A 15 4.64 -13.13 -5.98
C CYS A 15 3.47 -12.24 -6.39
N LEU A 16 3.77 -10.98 -6.71
CA LEU A 16 2.73 -10.03 -7.10
C LEU A 16 2.58 -9.89 -8.60
N ASP A 17 1.40 -9.45 -8.98
CA ASP A 17 1.07 -9.19 -10.37
C ASP A 17 1.26 -7.70 -10.61
N GLY A 18 2.52 -7.30 -10.69
CA GLY A 18 2.85 -5.91 -10.93
C GLY A 18 2.78 -5.09 -9.66
N ALA A 19 1.65 -5.17 -8.99
CA ALA A 19 1.43 -4.45 -7.75
C ALA A 19 0.50 -5.23 -6.84
N ARG A 20 -0.14 -6.24 -7.41
CA ARG A 20 -1.07 -7.06 -6.66
C ARG A 20 -0.35 -8.26 -6.04
N LEU A 21 0.11 -8.07 -4.80
CA LEU A 21 0.84 -9.08 -4.06
C LEU A 21 0.02 -10.31 -3.77
N ARG A 22 0.59 -11.47 -4.07
CA ARG A 22 -0.12 -12.72 -3.83
C ARG A 22 0.81 -13.71 -3.16
N ALA A 23 0.37 -14.26 -2.04
CA ALA A 23 1.15 -15.21 -1.27
C ALA A 23 0.27 -16.25 -0.59
N GLU A 24 0.81 -17.44 -0.48
CA GLU A 24 0.15 -18.55 0.17
C GLU A 24 0.26 -18.40 1.69
N CYS A 25 -0.51 -17.48 2.25
CA CYS A 25 -0.50 -17.22 3.67
C CYS A 25 -0.90 -18.47 4.45
N ARG A 26 -0.06 -18.84 5.40
CA ARG A 26 -0.32 -20.02 6.22
C ARG A 26 -1.51 -19.79 7.14
N ARG A 27 -2.50 -20.65 7.03
CA ARG A 27 -3.68 -20.57 7.88
C ARG A 27 -3.49 -21.53 9.04
N GLY A 28 -4.09 -21.16 10.18
CA GLY A 28 -4.00 -21.93 11.42
C GLY A 28 -4.43 -23.37 11.27
N ASP A 29 -5.05 -23.69 10.13
CA ASP A 29 -5.49 -25.05 9.85
C ASP A 29 -4.28 -25.92 9.56
N GLY A 30 -3.15 -25.27 9.31
CA GLY A 30 -1.93 -25.97 9.01
C GLY A 30 -1.65 -26.00 7.54
N GLY A 31 -2.48 -25.29 6.79
CA GLY A 31 -2.32 -25.26 5.35
C GLY A 31 -2.01 -23.89 4.81
N TYR A 32 -1.69 -23.82 3.51
CA TYR A 32 -1.40 -22.55 2.85
C TYR A 32 -2.60 -22.09 2.04
N SER A 33 -3.01 -20.85 2.24
CA SER A 33 -4.14 -20.30 1.50
C SER A 33 -3.68 -19.17 0.60
N THR A 34 -4.09 -19.20 -0.66
CA THR A 34 -3.69 -18.17 -1.60
C THR A 34 -4.33 -16.84 -1.24
N SER A 35 -3.51 -15.92 -0.79
CA SER A 35 -3.97 -14.60 -0.42
C SER A 35 -3.36 -13.56 -1.34
N VAL A 36 -4.05 -12.45 -1.54
CA VAL A 36 -3.57 -11.41 -2.45
C VAL A 36 -3.97 -10.01 -1.94
N ILE A 37 -3.00 -9.09 -1.96
CA ILE A 37 -3.19 -7.72 -1.50
C ILE A 37 -2.57 -6.72 -2.48
N ASP A 38 -3.23 -5.60 -2.70
CA ASP A 38 -2.69 -4.58 -3.61
C ASP A 38 -1.65 -3.73 -2.92
N LEU A 39 -0.40 -3.91 -3.31
CA LEU A 39 0.71 -3.16 -2.74
C LEU A 39 0.81 -1.80 -3.40
N ASN A 40 0.02 -1.58 -4.42
CA ASN A 40 -0.01 -0.30 -5.12
C ASN A 40 -0.62 0.76 -4.20
N ARG A 41 -1.15 0.28 -3.09
CA ARG A 41 -1.78 1.14 -2.10
C ARG A 41 -0.88 1.30 -0.88
N TYR A 42 0.28 0.66 -0.92
CA TYR A 42 1.21 0.72 0.19
C TYR A 42 2.60 1.17 -0.25
N LEU A 43 2.94 0.90 -1.49
CA LEU A 43 4.25 1.25 -2.02
C LEU A 43 4.19 2.42 -2.98
N SER A 44 5.22 3.26 -2.91
CA SER A 44 5.32 4.43 -3.75
C SER A 44 6.74 4.57 -4.31
N ASN A 45 6.83 4.95 -5.57
CA ASN A 45 8.11 5.15 -6.23
C ASN A 45 8.65 6.54 -5.91
N ASP A 46 9.48 6.63 -4.89
CA ASP A 46 10.04 7.91 -4.49
C ASP A 46 11.46 8.06 -5.02
N ASN A 47 11.56 8.70 -6.17
CA ASN A 47 12.84 8.97 -6.84
C ASN A 47 13.66 7.68 -7.01
N GLY A 48 13.00 6.65 -7.52
CA GLY A 48 13.67 5.38 -7.76
C GLY A 48 13.98 4.64 -6.49
N HIS A 49 13.06 4.70 -5.55
CA HIS A 49 13.19 4.01 -4.28
C HIS A 49 11.81 3.79 -3.70
N PHE A 50 11.48 2.54 -3.43
CA PHE A 50 10.17 2.20 -2.86
C PHE A 50 9.98 2.84 -1.50
N ARG A 51 8.75 3.24 -1.22
CA ARG A 51 8.40 3.86 0.04
C ARG A 51 6.98 3.53 0.46
N TRP A 52 6.83 3.14 1.72
CA TRP A 52 5.53 2.82 2.29
C TRP A 52 4.73 4.08 2.54
N VAL A 53 3.46 4.05 2.17
CA VAL A 53 2.57 5.18 2.34
C VAL A 53 2.47 5.57 3.81
N SER A 54 3.11 6.68 4.17
CA SER A 54 3.09 7.15 5.53
C SER A 54 1.91 8.08 5.78
N GLY A 55 1.30 8.54 4.68
CA GLY A 55 0.17 9.43 4.79
C GLY A 55 -1.16 8.69 4.72
N GLY A 56 -1.38 8.01 3.60
CA GLY A 56 -2.62 7.27 3.42
C GLY A 56 -3.14 7.36 2.01
N GLY A 57 -4.46 7.34 1.86
CA GLY A 57 -5.06 7.42 0.55
C GLY A 57 -6.48 7.96 0.59
N GLY A 58 -7.38 7.31 -0.13
CA GLY A 58 -8.76 7.75 -0.15
C GLY A 58 -8.94 9.07 -0.89
N GLY A 59 -8.26 9.20 -2.02
CA GLY A 59 -8.36 10.41 -2.81
C GLY A 59 -9.72 10.57 -3.45
N GLY A 60 -10.41 11.67 -3.15
CA GLY A 60 -11.72 11.91 -3.69
C GLY A 60 -11.73 13.09 -4.65
N GLY A 61 -12.91 13.41 -5.17
CA GLY A 61 -13.04 14.52 -6.09
C GLY A 61 -13.12 14.06 -7.52
N THR A 62 -12.03 13.51 -7.98
CA THR A 62 -11.93 12.99 -9.34
C THR A 62 -11.16 11.67 -9.36
N ALA A 63 -11.86 10.60 -9.71
CA ALA A 63 -11.26 9.28 -9.78
C ALA A 63 -11.67 8.59 -11.07
N THR A 64 -11.14 7.40 -11.30
CA THR A 64 -11.43 6.64 -12.51
C THR A 64 -11.87 5.23 -12.18
N VAL A 65 -13.09 4.88 -12.55
CA VAL A 65 -13.61 3.53 -12.28
C VAL A 65 -13.64 2.68 -13.55
N THR A 66 -13.32 1.41 -13.40
CA THR A 66 -13.32 0.48 -14.51
C THR A 66 -14.68 -0.23 -14.58
N VAL A 67 -15.30 -0.16 -15.73
CA VAL A 67 -16.59 -0.76 -15.96
C VAL A 67 -16.46 -2.26 -16.21
N GLN A 68 -17.34 -3.03 -15.58
CA GLN A 68 -17.37 -4.47 -15.71
C GLN A 68 -18.48 -4.90 -16.67
N GLN A 69 -18.47 -6.16 -17.04
CA GLN A 69 -19.43 -6.71 -18.00
C GLN A 69 -20.85 -6.70 -17.43
N GLY A 70 -21.72 -5.94 -18.09
CA GLY A 70 -23.11 -5.87 -17.65
C GLY A 70 -23.44 -4.60 -16.90
N ASP A 71 -22.44 -3.75 -16.67
CA ASP A 71 -22.65 -2.51 -15.94
C ASP A 71 -22.76 -1.34 -16.90
N THR A 72 -23.69 -0.43 -16.61
CA THR A 72 -23.89 0.77 -17.41
C THR A 72 -23.68 2.00 -16.55
N LEU A 73 -23.82 3.19 -17.13
CA LEU A 73 -23.65 4.43 -16.36
C LEU A 73 -24.50 4.40 -15.10
N ARG A 74 -25.72 3.88 -15.27
CA ARG A 74 -26.68 3.79 -14.17
C ARG A 74 -26.17 2.91 -13.04
N ASP A 75 -25.50 1.83 -13.40
CA ASP A 75 -24.96 0.89 -12.42
C ASP A 75 -23.78 1.50 -11.70
N ILE A 76 -22.94 2.20 -12.44
CA ILE A 76 -21.76 2.83 -11.87
C ILE A 76 -22.18 3.91 -10.88
N GLY A 77 -23.12 4.75 -11.31
CA GLY A 77 -23.60 5.82 -10.47
C GLY A 77 -24.25 5.31 -9.19
N ARG A 78 -25.07 4.30 -9.32
CA ARG A 78 -25.76 3.71 -8.17
C ARG A 78 -24.77 3.07 -7.19
N ARG A 79 -23.74 2.46 -7.75
CA ARG A 79 -22.74 1.75 -6.95
C ARG A 79 -21.76 2.68 -6.22
N PHE A 80 -21.27 3.71 -6.90
CA PHE A 80 -20.28 4.61 -6.29
C PHE A 80 -20.88 5.93 -5.81
N ASP A 81 -22.21 5.96 -5.68
CA ASP A 81 -22.94 7.15 -5.21
C ASP A 81 -22.61 8.38 -6.05
N CYS A 82 -22.55 8.17 -7.35
CA CYS A 82 -22.29 9.24 -8.30
C CYS A 82 -23.44 9.30 -9.30
N ASP A 83 -23.55 10.36 -10.08
CA ASP A 83 -24.64 10.45 -11.04
C ASP A 83 -24.18 9.92 -12.38
N PHE A 84 -24.92 8.94 -12.89
CA PHE A 84 -24.65 8.31 -14.18
C PHE A 84 -24.50 9.35 -15.29
N HIS A 85 -25.22 10.44 -15.12
CA HIS A 85 -25.21 11.56 -16.06
C HIS A 85 -23.85 12.24 -16.04
N GLU A 86 -23.33 12.43 -14.84
CA GLU A 86 -22.03 13.07 -14.63
C GLU A 86 -20.92 12.17 -15.15
N ILE A 87 -20.98 10.89 -14.78
CA ILE A 87 -20.00 9.90 -15.22
C ILE A 87 -19.85 9.97 -16.73
N ALA A 88 -21.00 10.04 -17.40
CA ALA A 88 -21.03 10.15 -18.84
C ALA A 88 -20.37 11.44 -19.30
N ARG A 89 -20.78 12.57 -18.71
CA ARG A 89 -20.24 13.88 -19.08
C ARG A 89 -18.72 13.94 -18.90
N ARG A 90 -18.22 13.36 -17.81
CA ARG A 90 -16.78 13.36 -17.53
C ARG A 90 -16.03 12.45 -18.47
N ASN A 91 -16.74 11.50 -19.07
CA ASN A 91 -16.12 10.56 -20.00
C ASN A 91 -16.41 10.95 -21.45
N ASN A 92 -17.25 11.98 -21.61
CA ASN A 92 -17.65 12.51 -22.92
C ASN A 92 -18.71 11.63 -23.57
N ILE A 93 -19.31 10.75 -22.76
CA ILE A 93 -20.38 9.88 -23.23
C ILE A 93 -21.71 10.37 -22.69
N GLN A 94 -22.77 9.61 -22.92
CA GLN A 94 -24.08 10.00 -22.42
C GLN A 94 -24.54 8.99 -21.38
N ASN A 95 -25.42 9.40 -20.49
CA ASN A 95 -25.95 8.49 -19.46
C ASN A 95 -26.52 7.24 -20.15
N GLU A 96 -27.49 7.47 -21.01
CA GLU A 96 -28.17 6.42 -21.76
C GLU A 96 -27.31 5.90 -22.90
N ASP A 97 -26.03 6.25 -22.90
CA ASP A 97 -25.10 5.80 -23.92
C ASP A 97 -24.85 4.32 -23.77
N LEU A 98 -24.85 3.87 -22.50
CA LEU A 98 -24.56 2.47 -22.19
C LEU A 98 -23.08 2.21 -22.44
N ILE A 99 -22.37 1.88 -21.39
CA ILE A 99 -20.93 1.64 -21.44
C ILE A 99 -20.60 0.17 -21.64
N TYR A 100 -19.32 -0.13 -21.77
CA TYR A 100 -18.86 -1.50 -22.02
C TYR A 100 -17.87 -1.96 -20.96
N PRO A 101 -17.77 -3.29 -20.78
CA PRO A 101 -16.85 -3.89 -19.81
C PRO A 101 -15.38 -3.72 -20.19
N GLY A 102 -14.59 -3.27 -19.22
CA GLY A 102 -13.18 -3.07 -19.45
C GLY A 102 -12.90 -1.62 -19.77
N GLN A 103 -13.90 -0.79 -19.56
CA GLN A 103 -13.77 0.63 -19.86
C GLN A 103 -13.50 1.41 -18.58
N VAL A 104 -12.95 2.60 -18.69
CA VAL A 104 -12.68 3.41 -17.52
C VAL A 104 -13.44 4.73 -17.61
N LEU A 105 -14.28 4.97 -16.62
CA LEU A 105 -15.09 6.19 -16.56
C LEU A 105 -14.63 7.07 -15.40
N GLN A 106 -14.82 8.37 -15.54
CA GLN A 106 -14.42 9.28 -14.48
C GLN A 106 -15.55 9.51 -13.50
N VAL A 107 -15.31 9.09 -12.29
CA VAL A 107 -16.26 9.23 -11.20
C VAL A 107 -15.61 9.96 -10.05
N PRO A 108 -16.41 10.68 -9.26
CA PRO A 108 -15.93 11.49 -8.13
C PRO A 108 -15.26 10.68 -7.00
N THR A 109 -15.48 9.39 -6.97
CA THR A 109 -14.88 8.57 -5.92
C THR A 109 -14.80 7.10 -6.34
N LYS A 110 -13.84 6.37 -5.76
CA LYS A 110 -13.67 4.95 -6.06
C LYS A 110 -14.26 4.10 -4.96
N GLY A 111 -14.25 2.79 -5.17
CA GLY A 111 -14.79 1.88 -4.19
C GLY A 111 -14.59 0.43 -4.58
N GLY A 112 -13.50 -0.16 -4.11
CA GLY A 112 -13.21 -1.55 -4.41
C GLY A 112 -12.52 -1.69 -5.76
N SER A 113 -11.28 -1.22 -5.83
CA SER A 113 -10.50 -1.31 -7.06
C SER A 113 -9.01 -1.38 -6.74
N GLY A 114 -8.66 -2.23 -5.80
CA GLY A 114 -7.27 -2.39 -5.41
C GLY A 114 -6.84 -1.32 -4.42
N GLY A 115 -7.13 -0.08 -4.76
CA GLY A 115 -6.76 1.03 -3.90
C GLY A 115 -6.21 2.20 -4.68
N GLY A 116 -4.88 2.29 -4.73
CA GLY A 116 -4.24 3.38 -5.43
C GLY A 116 -3.85 4.50 -4.48
N ALA A 117 -2.88 4.23 -3.63
CA ALA A 117 -2.41 5.21 -2.67
C ALA A 117 -0.94 5.54 -2.90
N GLY A 118 -0.16 4.52 -3.21
CA GLY A 118 1.25 4.71 -3.46
C GLY A 118 1.52 5.00 -4.91
N ASN A 119 1.03 4.10 -5.77
CA ASN A 119 1.15 4.23 -7.22
C ASN A 119 2.56 3.94 -7.72
N PHE A 120 3.31 3.12 -6.99
CA PHE A 120 4.66 2.77 -7.42
C PHE A 120 4.61 2.13 -8.81
N TRP A 121 3.56 1.34 -9.02
CA TRP A 121 3.35 0.60 -10.27
C TRP A 121 3.15 1.54 -11.46
N ASP A 122 2.51 2.68 -11.21
CA ASP A 122 2.25 3.67 -12.25
C ASP A 122 3.55 4.11 -12.91
N SER A 123 4.65 3.89 -12.22
CA SER A 123 5.95 4.23 -12.72
C SER A 123 6.97 3.13 -12.39
N ALA A 124 6.50 1.88 -12.29
CA ALA A 124 7.39 0.76 -12.00
C ALA A 124 7.43 -0.24 -13.15
N ARG A 125 8.60 -0.83 -13.35
CA ARG A 125 8.80 -1.84 -14.39
C ARG A 125 9.56 -3.04 -13.84
N ASP A 126 9.35 -4.20 -14.45
CA ASP A 126 9.99 -5.46 -14.06
C ASP A 126 9.81 -5.75 -12.58
N VAL A 127 8.63 -5.48 -12.07
CA VAL A 127 8.32 -5.71 -10.67
C VAL A 127 8.32 -7.20 -10.37
N ARG A 128 9.17 -7.62 -9.45
CA ARG A 128 9.29 -9.01 -9.09
C ARG A 128 9.58 -9.16 -7.60
N LEU A 129 8.97 -10.16 -6.99
CA LEU A 129 9.20 -10.40 -5.57
C LEU A 129 10.41 -11.29 -5.39
N VAL A 130 11.37 -10.80 -4.65
CA VAL A 130 12.60 -11.52 -4.41
C VAL A 130 12.73 -11.87 -2.93
N ASP A 131 13.55 -12.87 -2.65
CA ASP A 131 13.81 -13.32 -1.29
C ASP A 131 12.60 -14.04 -0.71
N GLY A 132 11.55 -14.12 -1.50
CA GLY A 132 10.34 -14.79 -1.07
C GLY A 132 9.28 -13.83 -0.56
N GLY A 133 9.28 -12.60 -1.06
CA GLY A 133 8.25 -11.63 -0.63
C GLY A 133 8.77 -10.65 0.43
N LYS A 134 9.81 -11.08 1.13
CA LYS A 134 10.41 -10.23 2.13
C LYS A 134 11.04 -9.01 1.45
N VAL A 135 11.28 -9.12 0.15
CA VAL A 135 11.82 -8.03 -0.64
C VAL A 135 11.12 -7.95 -2.00
N LEU A 136 10.87 -6.73 -2.45
CA LEU A 136 10.23 -6.49 -3.73
C LEU A 136 11.15 -5.64 -4.58
N GLU A 137 11.51 -6.16 -5.74
CA GLU A 137 12.43 -5.48 -6.64
C GLU A 137 11.73 -5.02 -7.90
N ALA A 138 11.95 -3.77 -8.28
CA ALA A 138 11.36 -3.19 -9.48
C ALA A 138 12.10 -1.93 -9.89
N GLU A 139 11.90 -1.53 -11.13
CA GLU A 139 12.53 -0.31 -11.64
C GLU A 139 11.56 0.84 -11.49
N LEU A 140 11.82 1.70 -10.52
CA LEU A 140 10.99 2.85 -10.25
C LEU A 140 11.45 4.04 -11.06
N ARG A 141 10.50 4.65 -11.76
CA ARG A 141 10.76 5.81 -12.59
C ARG A 141 11.04 7.01 -11.71
N TYR A 142 11.98 7.82 -12.11
CA TYR A 142 12.34 9.00 -11.35
C TYR A 142 13.01 10.04 -12.24
N SER A 143 13.52 11.09 -11.64
CA SER A 143 14.19 12.16 -12.37
C SER A 143 15.33 11.63 -13.23
N GLY A 144 15.95 10.54 -12.79
CA GLY A 144 17.06 9.96 -13.53
C GLY A 144 16.65 8.78 -14.40
N GLY A 145 15.39 8.75 -14.82
CA GLY A 145 14.92 7.67 -15.66
C GLY A 145 14.28 6.55 -14.86
N TRP A 146 14.94 5.41 -14.82
CA TRP A 146 14.43 4.24 -14.09
C TRP A 146 15.54 3.68 -13.19
N ASN A 147 15.20 3.40 -11.95
CA ASN A 147 16.19 2.89 -10.99
C ASN A 147 15.73 1.57 -10.39
N ARG A 148 16.67 0.63 -10.28
CA ARG A 148 16.38 -0.67 -9.71
C ARG A 148 16.31 -0.56 -8.19
N SER A 149 15.11 -0.37 -7.69
CA SER A 149 14.90 -0.21 -6.26
C SER A 149 14.17 -1.42 -5.69
N ARG A 150 14.21 -1.59 -4.37
CA ARG A 150 13.56 -2.71 -3.74
C ARG A 150 12.98 -2.31 -2.39
N ILE A 151 11.92 -3.00 -1.97
CA ILE A 151 11.26 -2.72 -0.70
C ILE A 151 10.89 -4.02 0.01
N TYR A 152 11.01 -4.04 1.31
CA TYR A 152 10.69 -5.23 2.07
C TYR A 152 9.20 -5.32 2.36
N LEU A 153 8.46 -6.14 1.62
CA LEU A 153 7.03 -6.27 1.88
C LEU A 153 6.83 -6.81 3.26
N ASP A 154 7.74 -7.68 3.67
CA ASP A 154 7.72 -8.28 5.02
C ASP A 154 7.70 -7.21 6.12
N GLU A 155 8.00 -5.96 5.76
CA GLU A 155 8.03 -4.85 6.73
C GLU A 155 6.66 -4.57 7.30
N HIS A 156 5.70 -4.32 6.45
CA HIS A 156 4.37 -4.00 6.92
C HIS A 156 3.32 -4.96 6.42
N ILE A 157 3.75 -5.96 5.67
CA ILE A 157 2.80 -6.94 5.16
C ILE A 157 2.89 -8.23 5.94
N GLY A 158 1.83 -8.56 6.68
CA GLY A 158 1.82 -9.79 7.45
C GLY A 158 0.68 -10.72 7.08
N ASN A 159 0.79 -11.97 7.50
CA ASN A 159 -0.24 -12.98 7.25
C ASN A 159 -1.12 -13.14 8.48
N ARG A 160 -2.42 -13.10 8.29
CA ARG A 160 -3.37 -13.24 9.37
C ARG A 160 -4.32 -14.40 9.11
N ASN A 161 -3.89 -15.60 9.51
CA ASN A 161 -4.67 -16.83 9.36
C ASN A 161 -5.13 -17.05 7.91
N GLY A 162 -4.24 -16.85 6.95
CA GLY A 162 -4.58 -17.09 5.57
C GLY A 162 -4.84 -15.84 4.75
N GLU A 163 -4.87 -14.69 5.38
CA GLU A 163 -5.11 -13.44 4.65
C GLU A 163 -3.92 -12.50 4.79
N LEU A 164 -3.57 -11.87 3.69
CA LEU A 164 -2.46 -10.96 3.63
C LEU A 164 -2.94 -9.53 3.92
N ILE A 165 -2.41 -8.95 4.98
CA ILE A 165 -2.79 -7.61 5.38
C ILE A 165 -1.62 -6.90 6.05
N HIS A 166 -1.73 -5.59 6.24
CA HIS A 166 -0.68 -4.84 6.89
C HIS A 166 -0.51 -5.35 8.32
N CYS A 167 0.72 -5.77 8.65
CA CYS A 167 1.04 -6.31 9.96
C CYS A 167 0.20 -7.56 10.29
N GLY A 1 15.74 -8.16 7.99
CA GLY A 1 14.80 -9.10 8.65
C GLY A 1 13.38 -8.60 8.55
N ASN A 2 12.43 -9.40 8.99
CA ASN A 2 11.02 -9.01 8.94
C ASN A 2 10.74 -8.01 10.05
N TYR A 3 9.98 -6.98 9.72
CA TYR A 3 9.66 -5.94 10.69
C TYR A 3 8.36 -6.25 11.44
N ALA A 4 7.26 -5.77 10.89
CA ALA A 4 5.96 -5.99 11.53
C ALA A 4 5.15 -7.04 10.78
N GLY A 5 5.36 -7.16 9.47
CA GLY A 5 4.60 -8.11 8.70
C GLY A 5 4.99 -9.54 9.01
N ASN A 6 6.20 -9.92 8.60
CA ASN A 6 6.72 -11.28 8.80
C ASN A 6 5.96 -12.29 7.93
N PHE A 7 5.17 -11.79 6.98
CA PHE A 7 4.40 -12.69 6.10
C PHE A 7 5.31 -13.63 5.33
N SER A 8 6.48 -13.17 4.94
CA SER A 8 7.42 -13.99 4.17
C SER A 8 7.92 -15.17 4.99
N GLY A 9 7.67 -15.13 6.29
CA GLY A 9 8.09 -16.20 7.17
C GLY A 9 7.03 -17.29 7.31
N SER A 10 5.81 -17.01 6.86
CA SER A 10 4.72 -17.97 6.95
C SER A 10 4.08 -18.19 5.58
N SER A 11 4.05 -17.14 4.80
CA SER A 11 3.47 -17.16 3.48
C SER A 11 4.54 -17.47 2.47
N ARG A 12 4.22 -18.37 1.56
CA ARG A 12 5.14 -18.74 0.53
C ARG A 12 4.58 -18.26 -0.80
N ASP A 13 5.23 -18.62 -1.88
CA ASP A 13 4.82 -18.24 -3.24
C ASP A 13 4.43 -16.77 -3.33
N ILE A 14 5.18 -15.90 -2.65
CA ILE A 14 4.88 -14.49 -2.64
C ILE A 14 5.36 -13.85 -3.93
N CYS A 15 4.43 -13.56 -4.83
CA CYS A 15 4.71 -12.91 -6.10
C CYS A 15 3.52 -12.04 -6.50
N LEU A 16 3.78 -10.77 -6.78
CA LEU A 16 2.71 -9.86 -7.15
C LEU A 16 2.62 -9.63 -8.64
N ASP A 17 1.44 -9.26 -9.07
CA ASP A 17 1.18 -8.93 -10.44
C ASP A 17 1.20 -7.42 -10.56
N GLY A 18 2.41 -6.87 -10.56
CA GLY A 18 2.60 -5.45 -10.68
C GLY A 18 2.49 -4.75 -9.35
N ALA A 19 1.36 -4.94 -8.68
CA ALA A 19 1.10 -4.35 -7.38
C ALA A 19 0.21 -5.27 -6.57
N ARG A 20 -0.36 -6.27 -7.22
CA ARG A 20 -1.25 -7.22 -6.56
C ARG A 20 -0.43 -8.30 -5.85
N LEU A 21 -0.02 -8.01 -4.62
CA LEU A 21 0.78 -8.93 -3.81
C LEU A 21 0.05 -10.22 -3.54
N ARG A 22 0.59 -11.31 -4.06
CA ARG A 22 -0.05 -12.60 -3.86
C ARG A 22 0.91 -13.57 -3.19
N ALA A 23 0.46 -14.17 -2.12
CA ALA A 23 1.26 -15.12 -1.36
C ALA A 23 0.40 -16.18 -0.72
N GLU A 24 0.96 -17.36 -0.64
CA GLU A 24 0.30 -18.50 -0.03
C GLU A 24 0.56 -18.46 1.46
N CYS A 25 -0.22 -17.63 2.14
CA CYS A 25 -0.10 -17.44 3.58
C CYS A 25 -0.47 -18.70 4.35
N ARG A 26 0.43 -19.11 5.23
CA ARG A 26 0.21 -20.27 6.05
C ARG A 26 -0.94 -20.02 7.03
N ARG A 27 -1.95 -20.88 6.99
CA ARG A 27 -3.09 -20.73 7.88
C ARG A 27 -2.99 -21.76 8.98
N GLY A 28 -3.57 -21.40 10.13
CA GLY A 28 -3.56 -22.25 11.32
C GLY A 28 -4.25 -23.59 11.14
N ASP A 29 -4.71 -23.84 9.93
CA ASP A 29 -5.36 -25.09 9.59
C ASP A 29 -4.30 -26.12 9.24
N GLY A 30 -3.08 -25.64 9.12
CA GLY A 30 -1.96 -26.50 8.78
C GLY A 30 -1.72 -26.49 7.29
N GLY A 31 -2.38 -25.57 6.62
CA GLY A 31 -2.22 -25.47 5.18
C GLY A 31 -2.00 -24.05 4.70
N TYR A 32 -1.51 -23.91 3.48
CA TYR A 32 -1.26 -22.61 2.90
C TYR A 32 -2.51 -22.11 2.20
N SER A 33 -2.72 -20.81 2.23
CA SER A 33 -3.86 -20.23 1.56
C SER A 33 -3.42 -19.10 0.64
N THR A 34 -3.81 -19.16 -0.63
CA THR A 34 -3.45 -18.14 -1.59
C THR A 34 -4.15 -16.83 -1.23
N SER A 35 -3.36 -15.82 -0.92
CA SER A 35 -3.87 -14.51 -0.55
C SER A 35 -3.29 -13.45 -1.46
N VAL A 36 -4.03 -12.35 -1.65
CA VAL A 36 -3.56 -11.26 -2.50
C VAL A 36 -4.02 -9.90 -1.95
N ILE A 37 -3.09 -8.95 -1.93
CA ILE A 37 -3.36 -7.61 -1.41
C ILE A 37 -2.78 -6.53 -2.33
N ASP A 38 -3.36 -5.34 -2.32
CA ASP A 38 -2.88 -4.25 -3.17
C ASP A 38 -1.72 -3.54 -2.49
N LEU A 39 -0.54 -3.66 -3.07
CA LEU A 39 0.62 -2.99 -2.53
C LEU A 39 0.78 -1.64 -3.20
N ASN A 40 -0.14 -1.35 -4.10
CA ASN A 40 -0.10 -0.08 -4.82
C ASN A 40 -0.60 1.03 -3.91
N ARG A 41 -1.30 0.63 -2.87
CA ARG A 41 -1.81 1.58 -1.89
C ARG A 41 -0.91 1.65 -0.66
N TYR A 42 0.23 0.97 -0.73
CA TYR A 42 1.15 0.99 0.39
C TYR A 42 2.56 1.34 -0.06
N LEU A 43 2.88 1.01 -1.30
CA LEU A 43 4.20 1.29 -1.83
C LEU A 43 4.16 2.45 -2.82
N SER A 44 5.14 3.30 -2.72
CA SER A 44 5.25 4.47 -3.57
C SER A 44 6.65 4.57 -4.15
N ASN A 45 6.73 5.02 -5.39
CA ASN A 45 8.02 5.21 -6.05
C ASN A 45 8.48 6.64 -5.78
N ASP A 46 9.53 6.78 -5.00
CA ASP A 46 10.07 8.08 -4.69
C ASP A 46 11.48 8.21 -5.24
N ASN A 47 11.57 8.74 -6.46
CA ASN A 47 12.85 8.96 -7.15
C ASN A 47 13.61 7.64 -7.30
N GLY A 48 12.90 6.59 -7.72
CA GLY A 48 13.54 5.31 -7.91
C GLY A 48 13.87 4.64 -6.60
N HIS A 49 12.97 4.78 -5.63
CA HIS A 49 13.16 4.19 -4.32
C HIS A 49 11.79 3.90 -3.73
N PHE A 50 11.54 2.65 -3.40
CA PHE A 50 10.27 2.23 -2.83
C PHE A 50 10.07 2.85 -1.44
N ARG A 51 8.86 3.28 -1.17
CA ARG A 51 8.53 3.90 0.11
C ARG A 51 7.10 3.60 0.54
N TRP A 52 6.94 3.20 1.79
CA TRP A 52 5.63 2.92 2.36
C TRP A 52 4.89 4.22 2.65
N VAL A 53 3.63 4.28 2.24
CA VAL A 53 2.82 5.45 2.46
C VAL A 53 1.93 5.23 3.68
N SER A 54 1.95 6.19 4.60
CA SER A 54 1.18 6.09 5.83
C SER A 54 -0.28 6.49 5.64
N GLY A 55 -0.56 7.21 4.56
CA GLY A 55 -1.92 7.65 4.29
C GLY A 55 -2.31 7.49 2.85
N GLY A 56 -1.89 8.43 2.02
CA GLY A 56 -2.22 8.38 0.61
C GLY A 56 -1.80 9.65 -0.11
N GLY A 57 -1.87 9.63 -1.42
CA GLY A 57 -1.50 10.78 -2.22
C GLY A 57 -1.32 10.42 -3.67
N GLY A 58 -0.43 11.12 -4.35
CA GLY A 58 -0.19 10.85 -5.75
C GLY A 58 -0.89 11.83 -6.66
N GLY A 59 -2.15 11.55 -6.96
CA GLY A 59 -2.92 12.43 -7.81
C GLY A 59 -4.37 11.99 -7.90
N GLY A 60 -4.60 10.89 -8.59
CA GLY A 60 -5.94 10.37 -8.76
C GLY A 60 -6.34 10.32 -10.21
N GLY A 61 -6.62 11.48 -10.79
CA GLY A 61 -7.02 11.54 -12.18
C GLY A 61 -8.45 11.15 -12.38
N THR A 62 -8.67 10.08 -13.13
CA THR A 62 -10.01 9.58 -13.38
C THR A 62 -10.04 8.06 -13.23
N ALA A 63 -10.79 7.60 -12.24
CA ALA A 63 -10.92 6.19 -11.95
C ALA A 63 -12.37 5.75 -12.10
N THR A 64 -12.63 4.46 -11.93
CA THR A 64 -13.98 3.94 -12.07
C THR A 64 -14.39 3.11 -10.86
N VAL A 65 -15.45 3.54 -10.18
CA VAL A 65 -15.94 2.82 -9.01
C VAL A 65 -17.23 2.06 -9.33
N THR A 66 -17.37 0.86 -8.78
CA THR A 66 -18.55 0.04 -8.98
C THR A 66 -19.59 0.35 -7.91
N VAL A 67 -20.80 0.63 -8.37
CA VAL A 67 -21.92 0.96 -7.52
C VAL A 67 -22.51 -0.30 -6.93
N GLN A 68 -22.86 -0.24 -5.65
CA GLN A 68 -23.43 -1.38 -4.96
C GLN A 68 -24.91 -1.16 -4.67
N GLN A 69 -25.56 -2.21 -4.20
CA GLN A 69 -26.99 -2.22 -3.89
C GLN A 69 -27.38 -1.10 -2.92
N GLY A 70 -28.19 -0.15 -3.41
CA GLY A 70 -28.66 0.94 -2.58
C GLY A 70 -27.80 2.19 -2.68
N ASP A 71 -26.79 2.17 -3.53
CA ASP A 71 -25.90 3.32 -3.68
C ASP A 71 -26.40 4.26 -4.78
N THR A 72 -26.21 5.56 -4.56
CA THR A 72 -26.60 6.58 -5.52
C THR A 72 -25.44 7.54 -5.72
N LEU A 73 -25.51 8.42 -6.73
CA LEU A 73 -24.43 9.38 -7.00
C LEU A 73 -24.01 10.10 -5.73
N ARG A 74 -25.00 10.53 -4.95
CA ARG A 74 -24.74 11.29 -3.73
C ARG A 74 -24.01 10.46 -2.69
N ASP A 75 -24.33 9.17 -2.63
CA ASP A 75 -23.68 8.28 -1.67
C ASP A 75 -22.26 7.98 -2.12
N ILE A 76 -22.08 7.84 -3.43
CA ILE A 76 -20.76 7.57 -3.98
C ILE A 76 -19.86 8.78 -3.79
N GLY A 77 -20.39 9.96 -4.14
CA GLY A 77 -19.66 11.19 -3.99
C GLY A 77 -19.21 11.44 -2.57
N ARG A 78 -20.12 11.31 -1.63
CA ARG A 78 -19.80 11.55 -0.23
C ARG A 78 -18.80 10.52 0.30
N ARG A 79 -18.90 9.30 -0.20
CA ARG A 79 -18.02 8.22 0.22
C ARG A 79 -16.59 8.37 -0.28
N PHE A 80 -16.43 8.66 -1.56
CA PHE A 80 -15.09 8.78 -2.15
C PHE A 80 -14.62 10.22 -2.30
N ASP A 81 -15.24 11.12 -1.55
CA ASP A 81 -14.89 12.54 -1.55
C ASP A 81 -14.90 13.12 -2.97
N CYS A 82 -15.94 12.80 -3.71
CA CYS A 82 -16.10 13.28 -5.07
C CYS A 82 -17.47 13.96 -5.21
N ASP A 83 -17.70 14.66 -6.30
CA ASP A 83 -18.99 15.31 -6.49
C ASP A 83 -19.90 14.40 -7.29
N PHE A 84 -21.06 14.12 -6.70
CA PHE A 84 -22.07 13.27 -7.31
C PHE A 84 -22.43 13.71 -8.73
N HIS A 85 -22.26 15.01 -9.01
CA HIS A 85 -22.54 15.56 -10.33
C HIS A 85 -21.42 15.21 -11.28
N GLU A 86 -20.19 15.23 -10.78
CA GLU A 86 -19.03 14.89 -11.59
C GLU A 86 -19.14 13.44 -12.00
N ILE A 87 -19.43 12.60 -11.01
CA ILE A 87 -19.61 11.17 -11.22
C ILE A 87 -20.63 10.96 -12.32
N ALA A 88 -21.72 11.70 -12.20
CA ALA A 88 -22.79 11.66 -13.17
C ALA A 88 -22.32 12.11 -14.56
N ARG A 89 -21.70 13.28 -14.64
CA ARG A 89 -21.25 13.81 -15.93
C ARG A 89 -20.23 12.89 -16.60
N ARG A 90 -19.46 12.17 -15.79
CA ARG A 90 -18.45 11.26 -16.32
C ARG A 90 -19.11 10.03 -16.91
N ASN A 91 -20.24 9.65 -16.34
CA ASN A 91 -21.01 8.50 -16.80
C ASN A 91 -22.08 8.92 -17.80
N ASN A 92 -22.22 10.24 -17.96
CA ASN A 92 -23.21 10.85 -18.87
C ASN A 92 -24.59 10.87 -18.25
N ILE A 93 -24.64 10.68 -16.93
CA ILE A 93 -25.89 10.69 -16.19
C ILE A 93 -25.98 11.97 -15.36
N GLN A 94 -27.00 12.05 -14.53
CA GLN A 94 -27.18 13.21 -13.67
C GLN A 94 -26.97 12.80 -12.22
N ASN A 95 -26.72 13.75 -11.35
CA ASN A 95 -26.53 13.43 -9.94
C ASN A 95 -27.82 12.80 -9.40
N GLU A 96 -28.90 13.53 -9.63
CA GLU A 96 -30.24 13.13 -9.22
C GLU A 96 -30.77 11.99 -10.10
N ASP A 97 -29.92 11.51 -11.01
CA ASP A 97 -30.30 10.42 -11.90
C ASP A 97 -30.56 9.17 -11.10
N LEU A 98 -29.76 8.98 -10.05
CA LEU A 98 -29.86 7.79 -9.21
C LEU A 98 -29.37 6.57 -9.98
N ILE A 99 -28.30 6.00 -9.48
CA ILE A 99 -27.65 4.85 -10.10
C ILE A 99 -28.16 3.53 -9.52
N TYR A 100 -27.69 2.42 -10.09
CA TYR A 100 -28.10 1.09 -9.65
C TYR A 100 -26.88 0.23 -9.31
N PRO A 101 -27.10 -0.82 -8.51
CA PRO A 101 -26.03 -1.74 -8.08
C PRO A 101 -25.42 -2.53 -9.23
N GLY A 102 -24.10 -2.62 -9.25
CA GLY A 102 -23.41 -3.37 -10.29
C GLY A 102 -23.06 -2.47 -11.45
N GLN A 103 -23.12 -1.17 -11.22
CA GLN A 103 -22.82 -0.20 -12.26
C GLN A 103 -21.44 0.38 -12.02
N VAL A 104 -20.77 0.84 -13.06
CA VAL A 104 -19.45 1.42 -12.90
C VAL A 104 -19.46 2.89 -13.29
N LEU A 105 -19.13 3.75 -12.34
CA LEU A 105 -19.10 5.19 -12.53
C LEU A 105 -17.68 5.72 -12.45
N GLN A 106 -17.42 6.82 -13.14
CA GLN A 106 -16.08 7.40 -13.11
C GLN A 106 -15.97 8.42 -11.99
N VAL A 107 -15.01 8.17 -11.13
CA VAL A 107 -14.74 9.03 -9.99
C VAL A 107 -13.25 9.36 -9.94
N PRO A 108 -12.91 10.53 -9.39
CA PRO A 108 -11.52 11.03 -9.32
C PRO A 108 -10.58 10.16 -8.48
N THR A 109 -11.12 9.35 -7.59
CA THR A 109 -10.29 8.49 -6.75
C THR A 109 -11.00 7.19 -6.44
N LYS A 110 -10.23 6.13 -6.19
CA LYS A 110 -10.80 4.84 -5.88
C LYS A 110 -10.81 4.58 -4.39
N GLY A 111 -11.57 3.59 -3.98
CA GLY A 111 -11.66 3.24 -2.59
C GLY A 111 -11.96 1.77 -2.42
N GLY A 112 -11.53 1.22 -1.29
CA GLY A 112 -11.77 -0.18 -1.01
C GLY A 112 -11.00 -1.09 -1.94
N SER A 113 -11.70 -1.63 -2.93
CA SER A 113 -11.08 -2.52 -3.91
C SER A 113 -10.27 -1.73 -4.94
N GLY A 114 -10.23 -0.42 -4.76
CA GLY A 114 -9.48 0.42 -5.68
C GLY A 114 -8.11 0.75 -5.14
N GLY A 115 -8.02 1.82 -4.37
CA GLY A 115 -6.75 2.23 -3.80
C GLY A 115 -6.22 3.49 -4.43
N GLY A 116 -4.90 3.64 -4.41
CA GLY A 116 -4.28 4.82 -4.98
C GLY A 116 -3.67 5.70 -3.91
N ALA A 117 -2.73 5.13 -3.18
CA ALA A 117 -2.05 5.84 -2.11
C ALA A 117 -0.57 5.96 -2.41
N GLY A 118 0.01 4.87 -2.92
CA GLY A 118 1.42 4.86 -3.26
C GLY A 118 1.65 5.08 -4.73
N ASN A 119 1.06 4.19 -5.54
CA ASN A 119 1.14 4.27 -7.00
C ASN A 119 2.54 3.98 -7.51
N PHE A 120 3.27 3.12 -6.81
CA PHE A 120 4.61 2.76 -7.24
C PHE A 120 4.53 2.12 -8.64
N TRP A 121 3.45 1.37 -8.85
CA TRP A 121 3.19 0.65 -10.09
C TRP A 121 3.03 1.60 -11.27
N ASP A 122 2.48 2.78 -11.01
CA ASP A 122 2.27 3.78 -12.06
C ASP A 122 3.59 4.13 -12.73
N SER A 123 4.69 3.91 -12.02
CA SER A 123 6.00 4.20 -12.57
C SER A 123 6.96 3.05 -12.32
N ALA A 124 6.41 1.84 -12.16
CA ALA A 124 7.24 0.67 -11.94
C ALA A 124 7.24 -0.26 -13.15
N ARG A 125 8.36 -0.91 -13.38
CA ARG A 125 8.51 -1.84 -14.49
C ARG A 125 9.44 -2.97 -14.08
N ASP A 126 9.17 -4.18 -14.59
CA ASP A 126 9.98 -5.36 -14.27
C ASP A 126 9.93 -5.65 -12.78
N VAL A 127 8.85 -5.22 -12.16
CA VAL A 127 8.61 -5.40 -10.74
C VAL A 127 8.21 -6.83 -10.44
N ARG A 128 8.95 -7.44 -9.53
CA ARG A 128 8.71 -8.81 -9.12
C ARG A 128 9.14 -8.99 -7.68
N LEU A 129 8.56 -9.97 -7.01
CA LEU A 129 8.91 -10.24 -5.63
C LEU A 129 10.11 -11.15 -5.57
N VAL A 130 11.07 -10.77 -4.75
CA VAL A 130 12.29 -11.54 -4.60
C VAL A 130 12.54 -11.88 -3.14
N ASP A 131 13.34 -12.91 -2.92
CA ASP A 131 13.72 -13.35 -1.59
C ASP A 131 12.54 -13.96 -0.84
N GLY A 132 11.43 -14.11 -1.55
CA GLY A 132 10.26 -14.69 -0.93
C GLY A 132 9.26 -13.67 -0.44
N GLY A 133 9.16 -12.53 -1.11
CA GLY A 133 8.18 -11.52 -0.70
C GLY A 133 8.71 -10.56 0.37
N LYS A 134 9.81 -10.97 0.98
CA LYS A 134 10.45 -10.15 1.98
C LYS A 134 11.00 -8.91 1.29
N VAL A 135 11.26 -9.03 -0.01
CA VAL A 135 11.78 -7.92 -0.80
C VAL A 135 11.06 -7.83 -2.15
N LEU A 136 10.72 -6.62 -2.53
CA LEU A 136 10.07 -6.35 -3.80
C LEU A 136 11.03 -5.58 -4.67
N GLU A 137 11.44 -6.20 -5.76
CA GLU A 137 12.40 -5.62 -6.67
C GLU A 137 11.71 -5.12 -7.92
N ALA A 138 11.94 -3.86 -8.24
CA ALA A 138 11.33 -3.25 -9.40
C ALA A 138 12.15 -2.10 -9.92
N GLU A 139 11.91 -1.73 -11.15
CA GLU A 139 12.59 -0.60 -11.72
C GLU A 139 11.64 0.57 -11.73
N LEU A 140 11.90 1.50 -10.84
CA LEU A 140 11.07 2.67 -10.67
C LEU A 140 11.62 3.83 -11.49
N ARG A 141 10.71 4.52 -12.17
CA ARG A 141 11.05 5.66 -12.99
C ARG A 141 11.47 6.84 -12.12
N TYR A 142 12.49 7.58 -12.56
CA TYR A 142 12.96 8.71 -11.79
C TYR A 142 13.71 9.70 -12.67
N SER A 143 14.41 10.65 -12.05
CA SER A 143 15.15 11.68 -12.76
C SER A 143 16.16 11.09 -13.75
N GLY A 144 16.65 9.88 -13.49
CA GLY A 144 17.62 9.27 -14.37
C GLY A 144 17.04 8.15 -15.21
N GLY A 145 15.75 8.21 -15.49
CA GLY A 145 15.11 7.19 -16.29
C GLY A 145 14.48 6.11 -15.43
N TRP A 146 15.09 4.95 -15.38
CA TRP A 146 14.57 3.84 -14.59
C TRP A 146 15.65 3.29 -13.67
N ASN A 147 15.33 3.15 -12.39
CA ASN A 147 16.29 2.65 -11.41
C ASN A 147 15.77 1.42 -10.69
N ARG A 148 16.64 0.44 -10.52
CA ARG A 148 16.31 -0.79 -9.82
C ARG A 148 16.26 -0.54 -8.31
N SER A 149 15.07 -0.50 -7.76
CA SER A 149 14.89 -0.27 -6.34
C SER A 149 14.13 -1.44 -5.73
N ARG A 150 14.14 -1.56 -4.41
CA ARG A 150 13.44 -2.65 -3.75
C ARG A 150 12.87 -2.21 -2.41
N ILE A 151 11.87 -2.95 -1.94
CA ILE A 151 11.22 -2.67 -0.67
C ILE A 151 10.88 -3.97 0.06
N TYR A 152 10.95 -3.96 1.37
CA TYR A 152 10.65 -5.15 2.14
C TYR A 152 9.16 -5.23 2.45
N LEU A 153 8.42 -6.11 1.75
CA LEU A 153 7.00 -6.24 2.05
C LEU A 153 6.83 -6.84 3.42
N ASP A 154 7.77 -7.69 3.81
CA ASP A 154 7.74 -8.31 5.15
C ASP A 154 7.67 -7.26 6.27
N GLU A 155 8.00 -6.00 5.95
CA GLU A 155 7.98 -4.93 6.95
C GLU A 155 6.60 -4.67 7.50
N HIS A 156 5.65 -4.45 6.62
CA HIS A 156 4.31 -4.14 7.08
C HIS A 156 3.27 -5.10 6.54
N ILE A 157 3.70 -6.12 5.84
CA ILE A 157 2.75 -7.09 5.32
C ILE A 157 2.82 -8.39 6.10
N GLY A 158 1.78 -8.69 6.87
CA GLY A 158 1.75 -9.91 7.64
C GLY A 158 0.63 -10.84 7.19
N ASN A 159 0.62 -12.06 7.74
CA ASN A 159 -0.40 -13.04 7.40
C ASN A 159 -1.31 -13.31 8.60
N ARG A 160 -2.61 -13.26 8.36
CA ARG A 160 -3.60 -13.51 9.38
C ARG A 160 -4.56 -14.60 8.93
N ASN A 161 -4.26 -15.83 9.31
CA ASN A 161 -5.08 -17.00 8.99
C ASN A 161 -5.16 -17.23 7.49
N GLY A 162 -4.05 -17.04 6.80
CA GLY A 162 -4.02 -17.25 5.36
C GLY A 162 -4.41 -16.03 4.57
N GLU A 163 -4.44 -14.88 5.24
CA GLU A 163 -4.80 -13.63 4.58
C GLU A 163 -3.70 -12.59 4.74
N LEU A 164 -3.39 -11.89 3.65
CA LEU A 164 -2.37 -10.85 3.65
C LEU A 164 -2.96 -9.55 4.17
N ILE A 165 -2.38 -9.03 5.24
CA ILE A 165 -2.86 -7.80 5.84
C ILE A 165 -1.69 -7.06 6.49
N HIS A 166 -1.83 -5.73 6.63
CA HIS A 166 -0.80 -4.92 7.25
C HIS A 166 -0.48 -5.43 8.65
N CYS A 167 0.76 -5.88 8.84
CA CYS A 167 1.22 -6.40 10.13
C CYS A 167 0.37 -7.60 10.58
N GLY A 1 13.45 -13.11 12.70
CA GLY A 1 12.10 -13.00 12.11
C GLY A 1 12.04 -11.91 11.07
N ASN A 2 10.97 -11.13 11.11
CA ASN A 2 10.78 -10.03 10.16
C ASN A 2 10.56 -8.73 10.93
N TYR A 3 9.86 -7.77 10.33
CA TYR A 3 9.63 -6.50 10.98
C TYR A 3 8.33 -6.55 11.76
N ALA A 4 7.24 -6.20 11.10
CA ALA A 4 5.93 -6.24 11.74
C ALA A 4 5.05 -7.24 11.01
N GLY A 5 5.23 -7.37 9.70
CA GLY A 5 4.41 -8.29 8.95
C GLY A 5 4.73 -9.74 9.25
N ASN A 6 5.97 -10.13 8.95
CA ASN A 6 6.42 -11.50 9.16
C ASN A 6 5.67 -12.48 8.28
N PHE A 7 4.99 -11.98 7.24
CA PHE A 7 4.23 -12.84 6.36
C PHE A 7 5.13 -13.83 5.61
N SER A 8 6.34 -13.40 5.26
CA SER A 8 7.25 -14.28 4.53
C SER A 8 7.65 -15.49 5.37
N GLY A 9 7.44 -15.37 6.68
CA GLY A 9 7.76 -16.44 7.59
C GLY A 9 6.77 -17.61 7.53
N SER A 10 5.52 -17.33 7.12
CA SER A 10 4.51 -18.37 7.04
C SER A 10 3.85 -18.42 5.67
N SER A 11 3.94 -17.34 4.93
CA SER A 11 3.36 -17.25 3.61
C SER A 11 4.43 -17.56 2.58
N ARG A 12 4.10 -18.43 1.64
CA ARG A 12 5.05 -18.80 0.60
C ARG A 12 4.57 -18.29 -0.74
N ASP A 13 5.32 -18.62 -1.77
CA ASP A 13 5.02 -18.22 -3.15
C ASP A 13 4.58 -16.76 -3.23
N ILE A 14 5.31 -15.89 -2.55
CA ILE A 14 5.00 -14.49 -2.53
C ILE A 14 5.46 -13.83 -3.82
N CYS A 15 4.52 -13.58 -4.71
CA CYS A 15 4.78 -12.93 -5.99
C CYS A 15 3.60 -12.05 -6.35
N LEU A 16 3.88 -10.80 -6.67
CA LEU A 16 2.80 -9.87 -7.01
C LEU A 16 2.60 -9.74 -8.50
N ASP A 17 1.39 -9.31 -8.84
CA ASP A 17 1.01 -9.05 -10.20
C ASP A 17 1.13 -7.56 -10.46
N GLY A 18 2.37 -7.10 -10.58
CA GLY A 18 2.62 -5.69 -10.84
C GLY A 18 2.56 -4.86 -9.56
N ALA A 19 1.47 -5.00 -8.84
CA ALA A 19 1.27 -4.27 -7.60
C ALA A 19 0.41 -5.08 -6.66
N ARG A 20 -0.23 -6.12 -7.18
CA ARG A 20 -1.06 -6.99 -6.35
C ARG A 20 -0.22 -8.08 -5.69
N LEU A 21 0.23 -7.80 -4.47
CA LEU A 21 1.06 -8.72 -3.68
C LEU A 21 0.31 -10.00 -3.36
N ARG A 22 0.79 -11.10 -3.90
CA ARG A 22 0.15 -12.39 -3.70
C ARG A 22 1.10 -13.36 -3.01
N ALA A 23 0.58 -14.04 -2.00
CA ALA A 23 1.36 -15.00 -1.25
C ALA A 23 0.44 -16.06 -0.66
N GLU A 24 0.97 -17.25 -0.54
CA GLU A 24 0.27 -18.40 0.01
C GLU A 24 0.37 -18.39 1.53
N CYS A 25 -0.45 -17.57 2.16
CA CYS A 25 -0.48 -17.44 3.60
C CYS A 25 -0.83 -18.75 4.28
N ARG A 26 0.05 -19.21 5.14
CA ARG A 26 -0.17 -20.43 5.89
C ARG A 26 -1.26 -20.22 6.94
N ARG A 27 -2.31 -21.01 6.86
CA ARG A 27 -3.41 -20.92 7.82
C ARG A 27 -3.16 -21.90 8.95
N GLY A 28 -3.74 -21.59 10.10
CA GLY A 28 -3.59 -22.39 11.31
C GLY A 28 -3.97 -23.85 11.14
N ASP A 29 -4.67 -24.15 10.06
CA ASP A 29 -5.07 -25.53 9.77
C ASP A 29 -3.90 -26.29 9.18
N GLY A 30 -2.80 -25.58 8.98
CA GLY A 30 -1.61 -26.18 8.42
C GLY A 30 -1.65 -26.14 6.91
N GLY A 31 -2.61 -25.41 6.37
CA GLY A 31 -2.75 -25.32 4.93
C GLY A 31 -2.41 -23.94 4.39
N TYR A 32 -1.80 -23.89 3.22
CA TYR A 32 -1.44 -22.63 2.60
C TYR A 32 -2.57 -22.13 1.71
N SER A 33 -3.00 -20.91 1.95
CA SER A 33 -4.08 -20.31 1.18
C SER A 33 -3.57 -19.11 0.40
N THR A 34 -3.88 -19.08 -0.89
CA THR A 34 -3.46 -18.00 -1.76
C THR A 34 -4.13 -16.69 -1.35
N SER A 35 -3.32 -15.69 -1.09
CA SER A 35 -3.81 -14.37 -0.69
C SER A 35 -3.16 -13.30 -1.56
N VAL A 36 -3.88 -12.22 -1.84
CA VAL A 36 -3.35 -11.14 -2.67
C VAL A 36 -3.87 -9.78 -2.19
N ILE A 37 -2.98 -8.78 -2.14
CA ILE A 37 -3.32 -7.45 -1.67
C ILE A 37 -2.76 -6.36 -2.59
N ASP A 38 -3.47 -5.24 -2.72
CA ASP A 38 -3.02 -4.13 -3.56
C ASP A 38 -1.91 -3.34 -2.88
N LEU A 39 -0.66 -3.61 -3.26
CA LEU A 39 0.47 -2.91 -2.68
C LEU A 39 0.68 -1.57 -3.37
N ASN A 40 -0.10 -1.31 -4.40
CA ASN A 40 -0.02 -0.04 -5.11
C ASN A 40 -0.54 1.08 -4.21
N ARG A 41 -1.15 0.68 -3.10
CA ARG A 41 -1.70 1.62 -2.13
C ARG A 41 -0.78 1.74 -0.92
N TYR A 42 0.37 1.10 -0.99
CA TYR A 42 1.32 1.13 0.12
C TYR A 42 2.75 1.40 -0.34
N LEU A 43 3.04 1.07 -1.58
CA LEU A 43 4.37 1.29 -2.12
C LEU A 43 4.37 2.46 -3.08
N SER A 44 5.28 3.39 -2.86
CA SER A 44 5.39 4.57 -3.69
C SER A 44 6.80 4.70 -4.24
N ASN A 45 6.91 5.02 -5.51
CA ASN A 45 8.18 5.21 -6.16
C ASN A 45 8.74 6.60 -5.82
N ASP A 46 9.53 6.67 -4.77
CA ASP A 46 10.13 7.93 -4.34
C ASP A 46 11.43 8.18 -5.09
N ASN A 47 11.30 8.78 -6.27
CA ASN A 47 12.42 9.12 -7.14
C ASN A 47 13.32 7.90 -7.37
N GLY A 48 12.70 6.75 -7.62
CA GLY A 48 13.46 5.54 -7.88
C GLY A 48 13.83 4.80 -6.62
N HIS A 49 12.95 4.84 -5.64
CA HIS A 49 13.14 4.17 -4.34
C HIS A 49 11.77 3.79 -3.81
N PHE A 50 11.61 2.55 -3.37
CA PHE A 50 10.34 2.12 -2.83
C PHE A 50 10.09 2.74 -1.46
N ARG A 51 8.86 3.15 -1.21
CA ARG A 51 8.50 3.77 0.05
C ARG A 51 7.10 3.38 0.51
N TRP A 52 6.99 3.03 1.78
CA TRP A 52 5.71 2.67 2.38
C TRP A 52 4.87 3.93 2.64
N VAL A 53 3.88 4.13 1.79
CA VAL A 53 2.96 5.26 1.88
C VAL A 53 3.64 6.60 1.56
N SER A 54 4.64 6.96 2.37
CA SER A 54 5.39 8.21 2.23
C SER A 54 4.42 9.38 2.08
N GLY A 55 3.63 9.58 3.12
CA GLY A 55 2.64 10.64 3.12
C GLY A 55 1.30 10.16 2.59
N GLY A 56 1.33 9.48 1.46
CA GLY A 56 0.10 8.97 0.86
C GLY A 56 -0.47 9.90 -0.18
N GLY A 57 0.41 10.69 -0.80
CA GLY A 57 -0.04 11.61 -1.83
C GLY A 57 -0.65 12.86 -1.24
N GLY A 58 0.11 13.55 -0.40
CA GLY A 58 -0.37 14.77 0.21
C GLY A 58 -0.82 14.55 1.65
N GLY A 59 -0.38 13.46 2.25
CA GLY A 59 -0.76 13.16 3.61
C GLY A 59 0.14 13.86 4.61
N GLY A 60 -0.47 14.61 5.52
CA GLY A 60 0.29 15.34 6.51
C GLY A 60 -0.47 16.54 7.02
N GLY A 61 -0.02 17.12 8.11
CA GLY A 61 -0.70 18.27 8.67
C GLY A 61 -1.22 18.00 10.06
N THR A 62 -2.52 18.16 10.26
CA THR A 62 -3.12 17.94 11.56
C THR A 62 -4.41 17.12 11.46
N ALA A 63 -4.40 15.95 12.06
CA ALA A 63 -5.54 15.05 12.09
C ALA A 63 -5.76 14.56 13.52
N THR A 64 -6.81 13.77 13.74
CA THR A 64 -7.09 13.29 15.09
C THR A 64 -7.31 11.77 15.11
N VAL A 65 -6.52 11.06 15.90
CA VAL A 65 -6.65 9.62 16.01
C VAL A 65 -7.13 9.21 17.41
N THR A 66 -7.89 8.13 17.48
CA THR A 66 -8.41 7.62 18.74
C THR A 66 -7.43 6.61 19.34
N VAL A 67 -7.11 6.80 20.60
CA VAL A 67 -6.21 5.93 21.31
C VAL A 67 -6.94 4.67 21.72
N GLN A 68 -6.31 3.53 21.49
CA GLN A 68 -6.89 2.24 21.82
C GLN A 68 -6.23 1.67 23.07
N GLN A 69 -6.82 0.60 23.59
CA GLN A 69 -6.32 -0.04 24.80
C GLN A 69 -4.98 -0.73 24.54
N GLY A 70 -3.96 -0.30 25.28
CA GLY A 70 -2.64 -0.88 25.13
C GLY A 70 -1.75 -0.06 24.23
N ASP A 71 -2.19 1.13 23.86
CA ASP A 71 -1.39 1.99 22.99
C ASP A 71 -1.00 3.28 23.70
N THR A 72 0.29 3.58 23.66
CA THR A 72 0.82 4.80 24.26
C THR A 72 1.20 5.76 23.14
N LEU A 73 1.72 6.95 23.47
CA LEU A 73 2.12 7.90 22.43
C LEU A 73 3.03 7.20 21.44
N ARG A 74 3.95 6.41 21.99
CA ARG A 74 4.93 5.66 21.22
C ARG A 74 4.26 4.70 20.25
N ASP A 75 3.22 4.05 20.72
CA ASP A 75 2.51 3.07 19.90
C ASP A 75 1.68 3.77 18.84
N ILE A 76 1.09 4.89 19.20
CA ILE A 76 0.30 5.67 18.24
C ILE A 76 1.20 6.17 17.13
N GLY A 77 2.33 6.76 17.53
CA GLY A 77 3.29 7.27 16.57
C GLY A 77 3.81 6.18 15.64
N ARG A 78 4.19 5.06 16.22
CA ARG A 78 4.73 3.94 15.45
C ARG A 78 3.66 3.29 14.56
N ARG A 79 2.40 3.41 14.97
CA ARG A 79 1.30 2.81 14.23
C ARG A 79 0.86 3.70 13.05
N PHE A 80 0.92 5.01 13.22
CA PHE A 80 0.48 5.92 12.16
C PHE A 80 1.64 6.69 11.51
N ASP A 81 2.85 6.16 11.67
CA ASP A 81 4.05 6.76 11.08
C ASP A 81 4.23 8.22 11.50
N CYS A 82 3.98 8.49 12.76
CA CYS A 82 4.11 9.83 13.32
C CYS A 82 5.04 9.78 14.53
N ASP A 83 5.42 10.93 15.06
CA ASP A 83 6.30 10.95 16.22
C ASP A 83 5.48 11.16 17.47
N PHE A 84 5.63 10.20 18.38
CA PHE A 84 4.93 10.21 19.67
C PHE A 84 5.10 11.54 20.41
N HIS A 85 6.23 12.20 20.16
CA HIS A 85 6.53 13.49 20.78
C HIS A 85 5.59 14.55 20.25
N GLU A 86 5.37 14.55 18.93
CA GLU A 86 4.47 15.52 18.31
C GLU A 86 3.06 15.31 18.81
N ILE A 87 2.62 14.06 18.78
CA ILE A 87 1.30 13.68 19.24
C ILE A 87 1.04 14.26 20.61
N ALA A 88 2.01 14.03 21.49
CA ALA A 88 1.96 14.56 22.83
C ALA A 88 1.98 16.07 22.85
N ARG A 89 2.93 16.66 22.14
CA ARG A 89 3.10 18.11 22.07
C ARG A 89 1.82 18.82 21.58
N ARG A 90 1.13 18.21 20.63
CA ARG A 90 -0.08 18.79 20.07
C ARG A 90 -1.25 18.68 21.05
N ASN A 91 -1.21 17.64 21.89
CA ASN A 91 -2.26 17.42 22.86
C ASN A 91 -1.89 18.04 24.21
N ASN A 92 -0.68 18.57 24.29
CA ASN A 92 -0.15 19.22 25.50
C ASN A 92 0.33 18.19 26.52
N ILE A 93 0.44 16.95 26.09
CA ILE A 93 0.92 15.87 26.94
C ILE A 93 2.37 15.55 26.59
N GLN A 94 2.97 14.60 27.27
CA GLN A 94 4.35 14.22 26.98
C GLN A 94 4.36 12.87 26.27
N ASN A 95 5.40 12.60 25.50
CA ASN A 95 5.50 11.31 24.80
C ASN A 95 5.40 10.18 25.82
N GLU A 96 6.29 10.23 26.80
CA GLU A 96 6.34 9.23 27.86
C GLU A 96 5.25 9.46 28.91
N ASP A 97 4.30 10.34 28.59
CA ASP A 97 3.19 10.63 29.48
C ASP A 97 2.35 9.39 29.62
N LEU A 98 2.26 8.64 28.52
CA LEU A 98 1.45 7.43 28.47
C LEU A 98 -0.03 7.79 28.47
N ILE A 99 -0.68 7.46 27.39
CA ILE A 99 -2.10 7.75 27.18
C ILE A 99 -2.96 6.55 27.54
N TYR A 100 -4.27 6.71 27.42
CA TYR A 100 -5.23 5.64 27.74
C TYR A 100 -6.23 5.45 26.61
N PRO A 101 -6.85 4.26 26.54
CA PRO A 101 -7.81 3.92 25.48
C PRO A 101 -9.08 4.75 25.49
N GLY A 102 -9.54 5.13 24.30
CA GLY A 102 -10.75 5.88 24.17
C GLY A 102 -10.50 7.37 24.14
N GLN A 103 -9.27 7.73 23.81
CA GLN A 103 -8.91 9.15 23.73
C GLN A 103 -8.68 9.57 22.30
N VAL A 104 -8.59 10.86 22.06
CA VAL A 104 -8.35 11.36 20.73
C VAL A 104 -7.15 12.29 20.74
N LEU A 105 -6.09 11.86 20.09
CA LEU A 105 -4.85 12.63 20.01
C LEU A 105 -4.68 13.21 18.61
N GLN A 106 -4.00 14.34 18.52
CA GLN A 106 -3.78 14.97 17.24
C GLN A 106 -2.48 14.50 16.61
N VAL A 107 -2.65 13.77 15.53
CA VAL A 107 -1.54 13.23 14.77
C VAL A 107 -1.52 13.86 13.38
N PRO A 108 -0.34 13.94 12.77
CA PRO A 108 -0.18 14.56 11.45
C PRO A 108 -0.88 13.82 10.31
N THR A 109 -1.14 12.54 10.50
CA THR A 109 -1.80 11.75 9.46
C THR A 109 -2.67 10.67 10.07
N LYS A 110 -3.73 10.29 9.37
CA LYS A 110 -4.61 9.24 9.82
C LYS A 110 -4.22 7.91 9.21
N GLY A 111 -4.81 6.84 9.70
CA GLY A 111 -4.49 5.52 9.20
C GLY A 111 -5.55 4.99 8.26
N GLY A 112 -5.72 5.65 7.12
CA GLY A 112 -6.70 5.21 6.15
C GLY A 112 -6.96 6.27 5.09
N SER A 113 -7.10 5.84 3.85
CA SER A 113 -7.35 6.76 2.75
C SER A 113 -8.38 6.17 1.79
N GLY A 114 -7.96 5.17 1.02
CA GLY A 114 -8.85 4.54 0.08
C GLY A 114 -8.11 4.00 -1.13
N GLY A 115 -7.67 4.90 -2.00
CA GLY A 115 -6.94 4.50 -3.19
C GLY A 115 -5.95 5.54 -3.64
N GLY A 116 -4.82 5.09 -4.12
CA GLY A 116 -3.79 6.01 -4.59
C GLY A 116 -2.98 6.58 -3.46
N ALA A 117 -2.29 5.72 -2.73
CA ALA A 117 -1.46 6.16 -1.64
C ALA A 117 0.01 5.99 -2.01
N GLY A 118 0.28 5.00 -2.82
CA GLY A 118 1.63 4.75 -3.26
C GLY A 118 1.82 5.09 -4.72
N ASN A 119 1.21 4.27 -5.58
CA ASN A 119 1.27 4.46 -7.03
C ASN A 119 2.64 4.15 -7.59
N PHE A 120 3.39 3.28 -6.93
CA PHE A 120 4.71 2.91 -7.42
C PHE A 120 4.57 2.28 -8.81
N TRP A 121 3.53 1.47 -8.96
CA TRP A 121 3.24 0.74 -10.20
C TRP A 121 2.99 1.67 -11.37
N ASP A 122 2.46 2.86 -11.09
CA ASP A 122 2.17 3.83 -12.13
C ASP A 122 3.42 4.13 -12.95
N SER A 123 4.59 4.00 -12.32
CA SER A 123 5.84 4.24 -13.01
C SER A 123 6.84 3.15 -12.68
N ALA A 124 6.34 1.95 -12.38
CA ALA A 124 7.21 0.83 -12.08
C ALA A 124 7.17 -0.21 -13.18
N ARG A 125 8.29 -0.84 -13.44
CA ARG A 125 8.38 -1.87 -14.47
C ARG A 125 9.20 -3.04 -13.94
N ASP A 126 8.87 -4.24 -14.42
CA ASP A 126 9.58 -5.46 -14.03
C ASP A 126 9.49 -5.69 -12.53
N VAL A 127 8.29 -5.52 -11.98
CA VAL A 127 8.06 -5.70 -10.56
C VAL A 127 8.06 -7.18 -10.22
N ARG A 128 8.95 -7.57 -9.33
CA ARG A 128 9.05 -8.96 -8.91
C ARG A 128 9.43 -9.08 -7.44
N LEU A 129 8.83 -10.03 -6.76
CA LEU A 129 9.13 -10.24 -5.35
C LEU A 129 10.33 -11.17 -5.22
N VAL A 130 11.31 -10.73 -4.46
CA VAL A 130 12.52 -11.48 -4.27
C VAL A 130 12.73 -11.81 -2.80
N ASP A 131 13.60 -12.77 -2.55
CA ASP A 131 13.96 -13.20 -1.19
C ASP A 131 12.78 -13.85 -0.48
N GLY A 132 11.71 -14.09 -1.24
CA GLY A 132 10.54 -14.72 -0.66
C GLY A 132 9.49 -13.72 -0.21
N GLY A 133 9.40 -12.58 -0.90
CA GLY A 133 8.37 -11.59 -0.54
C GLY A 133 8.83 -10.63 0.55
N LYS A 134 9.92 -10.98 1.20
CA LYS A 134 10.46 -10.13 2.22
C LYS A 134 11.12 -8.92 1.57
N VAL A 135 11.31 -9.02 0.25
CA VAL A 135 11.88 -7.93 -0.54
C VAL A 135 11.17 -7.87 -1.91
N LEU A 136 10.88 -6.67 -2.37
CA LEU A 136 10.22 -6.45 -3.64
C LEU A 136 11.13 -5.60 -4.51
N GLU A 137 11.42 -6.10 -5.69
CA GLU A 137 12.32 -5.42 -6.61
C GLU A 137 11.58 -4.97 -7.86
N ALA A 138 11.78 -3.72 -8.25
CA ALA A 138 11.15 -3.17 -9.43
C ALA A 138 11.89 -1.94 -9.89
N GLU A 139 11.71 -1.58 -11.16
CA GLU A 139 12.36 -0.40 -11.69
C GLU A 139 11.39 0.77 -11.61
N LEU A 140 11.67 1.65 -10.67
CA LEU A 140 10.86 2.83 -10.45
C LEU A 140 11.35 3.99 -11.31
N ARG A 141 10.46 4.53 -12.12
CA ARG A 141 10.78 5.65 -12.98
C ARG A 141 10.99 6.88 -12.13
N TYR A 142 11.98 7.68 -12.50
CA TYR A 142 12.29 8.88 -11.76
C TYR A 142 12.97 9.92 -12.63
N SER A 143 13.48 10.96 -12.01
CA SER A 143 14.16 12.04 -12.71
C SER A 143 15.35 11.53 -13.54
N GLY A 144 15.93 10.43 -13.10
CA GLY A 144 17.08 9.87 -13.81
C GLY A 144 16.72 8.71 -14.71
N GLY A 145 15.44 8.59 -15.03
CA GLY A 145 15.01 7.51 -15.89
C GLY A 145 14.35 6.39 -15.12
N TRP A 146 15.03 5.26 -15.00
CA TRP A 146 14.49 4.11 -14.28
C TRP A 146 15.50 3.59 -13.26
N ASN A 147 15.07 3.45 -12.02
CA ASN A 147 15.96 2.97 -10.96
C ASN A 147 15.39 1.69 -10.35
N ARG A 148 16.13 0.60 -10.48
CA ARG A 148 15.72 -0.68 -9.91
C ARG A 148 15.94 -0.66 -8.40
N SER A 149 14.89 -0.33 -7.67
CA SER A 149 14.95 -0.28 -6.22
C SER A 149 14.11 -1.38 -5.62
N ARG A 150 14.17 -1.53 -4.30
CA ARG A 150 13.44 -2.60 -3.63
C ARG A 150 12.87 -2.14 -2.29
N ILE A 151 11.95 -2.95 -1.76
CA ILE A 151 11.32 -2.69 -0.48
C ILE A 151 11.05 -4.00 0.24
N TYR A 152 10.82 -3.97 1.53
CA TYR A 152 10.58 -5.19 2.29
C TYR A 152 9.09 -5.35 2.64
N LEU A 153 8.39 -6.24 1.93
CA LEU A 153 6.98 -6.47 2.23
C LEU A 153 6.81 -7.06 3.61
N ASP A 154 7.74 -7.93 3.99
CA ASP A 154 7.71 -8.57 5.31
C ASP A 154 7.70 -7.54 6.46
N GLU A 155 7.97 -6.27 6.15
CA GLU A 155 7.99 -5.22 7.16
C GLU A 155 6.62 -4.95 7.72
N HIS A 156 5.68 -4.67 6.86
CA HIS A 156 4.34 -4.34 7.33
C HIS A 156 3.29 -5.27 6.76
N ILE A 157 3.70 -6.27 6.02
CA ILE A 157 2.74 -7.22 5.47
C ILE A 157 2.79 -8.53 6.24
N GLY A 158 1.70 -8.84 6.94
CA GLY A 158 1.63 -10.08 7.70
C GLY A 158 0.59 -11.05 7.18
N ASN A 159 0.54 -12.24 7.77
CA ASN A 159 -0.41 -13.28 7.38
C ASN A 159 -1.35 -13.59 8.55
N ARG A 160 -2.65 -13.56 8.27
CA ARG A 160 -3.65 -13.84 9.29
C ARG A 160 -4.58 -14.98 8.84
N ASN A 161 -4.18 -16.20 9.13
CA ASN A 161 -4.96 -17.39 8.80
C ASN A 161 -5.38 -17.45 7.32
N GLY A 162 -4.44 -17.18 6.43
CA GLY A 162 -4.74 -17.27 5.01
C GLY A 162 -4.93 -15.94 4.31
N GLU A 163 -4.99 -14.85 5.05
CA GLU A 163 -5.15 -13.54 4.44
C GLU A 163 -3.92 -12.68 4.66
N LEU A 164 -3.63 -11.84 3.68
CA LEU A 164 -2.48 -10.96 3.73
C LEU A 164 -2.87 -9.62 4.36
N ILE A 165 -2.45 -9.41 5.59
CA ILE A 165 -2.78 -8.20 6.31
C ILE A 165 -1.64 -7.19 6.30
N HIS A 166 -1.93 -6.01 6.82
CA HIS A 166 -0.95 -4.93 6.89
C HIS A 166 -0.84 -4.42 8.32
N CYS A 167 0.37 -4.32 8.80
CA CYS A 167 0.63 -3.85 10.15
C CYS A 167 2.02 -3.22 10.21
N GLY A 1 12.37 -13.32 12.61
CA GLY A 1 12.27 -11.91 13.03
C GLY A 1 12.52 -10.96 11.89
N ASN A 2 11.44 -10.50 11.26
CA ASN A 2 11.56 -9.58 10.12
C ASN A 2 11.43 -8.14 10.62
N TYR A 3 10.23 -7.58 10.55
CA TYR A 3 9.98 -6.23 11.01
C TYR A 3 8.65 -6.18 11.75
N ALA A 4 7.59 -5.89 11.00
CA ALA A 4 6.26 -5.83 11.55
C ALA A 4 5.36 -6.83 10.84
N GLY A 5 5.62 -7.07 9.55
CA GLY A 5 4.80 -8.00 8.82
C GLY A 5 5.15 -9.44 9.14
N ASN A 6 6.36 -9.83 8.73
CA ASN A 6 6.85 -11.19 8.95
C ASN A 6 6.03 -12.20 8.16
N PHE A 7 5.25 -11.73 7.19
CA PHE A 7 4.41 -12.63 6.39
C PHE A 7 5.24 -13.69 5.68
N SER A 8 6.43 -13.32 5.21
CA SER A 8 7.31 -14.26 4.51
C SER A 8 7.68 -15.44 5.41
N GLY A 9 7.49 -15.26 6.70
CA GLY A 9 7.78 -16.31 7.67
C GLY A 9 6.76 -17.45 7.64
N SER A 10 5.50 -17.15 7.35
CA SER A 10 4.46 -18.17 7.31
C SER A 10 3.80 -18.25 5.93
N SER A 11 3.95 -17.20 5.15
CA SER A 11 3.38 -17.15 3.83
C SER A 11 4.43 -17.51 2.80
N ARG A 12 4.08 -18.41 1.91
CA ARG A 12 4.99 -18.83 0.87
C ARG A 12 4.45 -18.37 -0.47
N ASP A 13 5.12 -18.76 -1.53
CA ASP A 13 4.72 -18.43 -2.89
C ASP A 13 4.35 -16.95 -3.02
N ILE A 14 5.14 -16.08 -2.40
CA ILE A 14 4.86 -14.67 -2.45
C ILE A 14 5.33 -14.09 -3.78
N CYS A 15 4.35 -13.80 -4.64
CA CYS A 15 4.59 -13.22 -5.95
C CYS A 15 3.41 -12.31 -6.32
N LEU A 16 3.71 -11.09 -6.71
CA LEU A 16 2.65 -10.13 -7.05
C LEU A 16 2.38 -10.04 -8.54
N ASP A 17 1.20 -9.54 -8.86
CA ASP A 17 0.78 -9.31 -10.22
C ASP A 17 0.99 -7.84 -10.54
N GLY A 18 2.24 -7.46 -10.72
CA GLY A 18 2.57 -6.09 -11.03
C GLY A 18 2.59 -5.22 -9.80
N ALA A 19 1.46 -5.16 -9.13
CA ALA A 19 1.32 -4.37 -7.92
C ALA A 19 0.34 -5.04 -6.98
N ARG A 20 -0.03 -6.27 -7.29
CA ARG A 20 -0.96 -7.02 -6.46
C ARG A 20 -0.22 -8.16 -5.76
N LEU A 21 0.26 -7.87 -4.56
CA LEU A 21 1.03 -8.83 -3.75
C LEU A 21 0.23 -10.06 -3.41
N ARG A 22 0.75 -11.21 -3.80
CA ARG A 22 0.06 -12.47 -3.55
C ARG A 22 0.98 -13.44 -2.85
N ALA A 23 0.49 -14.06 -1.79
CA ALA A 23 1.25 -15.03 -1.03
C ALA A 23 0.34 -16.07 -0.41
N GLU A 24 0.86 -17.27 -0.34
CA GLU A 24 0.16 -18.39 0.24
C GLU A 24 0.31 -18.32 1.75
N CYS A 25 -0.33 -17.33 2.35
CA CYS A 25 -0.30 -17.12 3.78
C CYS A 25 -0.81 -18.35 4.52
N ARG A 26 0.02 -18.86 5.42
CA ARG A 26 -0.34 -20.02 6.20
C ARG A 26 -1.51 -19.70 7.13
N ARG A 27 -2.56 -20.49 7.04
CA ARG A 27 -3.75 -20.30 7.86
C ARG A 27 -3.70 -21.23 9.06
N GLY A 28 -4.42 -20.82 10.11
CA GLY A 28 -4.49 -21.57 11.36
C GLY A 28 -4.96 -23.00 11.19
N ASP A 29 -5.48 -23.31 10.01
CA ASP A 29 -5.94 -24.66 9.71
C ASP A 29 -4.73 -25.57 9.55
N GLY A 30 -3.56 -24.95 9.46
CA GLY A 30 -2.33 -25.69 9.31
C GLY A 30 -1.95 -25.82 7.87
N GLY A 31 -2.68 -25.11 7.02
CA GLY A 31 -2.41 -25.15 5.60
C GLY A 31 -2.14 -23.79 5.02
N TYR A 32 -1.85 -23.73 3.73
CA TYR A 32 -1.58 -22.47 3.06
C TYR A 32 -2.79 -22.01 2.26
N SER A 33 -3.04 -20.72 2.28
CA SER A 33 -4.15 -20.14 1.55
C SER A 33 -3.65 -18.97 0.69
N THR A 34 -4.08 -18.93 -0.56
CA THR A 34 -3.65 -17.89 -1.49
C THR A 34 -4.28 -16.55 -1.14
N SER A 35 -3.46 -15.63 -0.67
CA SER A 35 -3.90 -14.30 -0.31
C SER A 35 -3.25 -13.26 -1.22
N VAL A 36 -3.96 -12.18 -1.51
CA VAL A 36 -3.43 -11.13 -2.37
C VAL A 36 -3.87 -9.74 -1.89
N ILE A 37 -2.94 -8.78 -1.90
CA ILE A 37 -3.20 -7.43 -1.42
C ILE A 37 -2.69 -6.38 -2.42
N ASP A 38 -3.29 -5.21 -2.40
CA ASP A 38 -2.90 -4.12 -3.30
C ASP A 38 -1.67 -3.37 -2.79
N LEU A 39 -0.50 -3.77 -3.27
CA LEU A 39 0.73 -3.11 -2.89
C LEU A 39 0.84 -1.78 -3.62
N ASN A 40 0.00 -1.63 -4.63
CA ASN A 40 -0.06 -0.41 -5.42
C ASN A 40 -0.57 0.74 -4.57
N ARG A 41 -1.17 0.39 -3.43
CA ARG A 41 -1.69 1.37 -2.49
C ARG A 41 -0.90 1.33 -1.20
N TYR A 42 0.37 0.98 -1.31
CA TYR A 42 1.26 0.89 -0.14
C TYR A 42 2.70 1.19 -0.53
N LEU A 43 3.07 0.87 -1.75
CA LEU A 43 4.41 1.12 -2.23
C LEU A 43 4.42 2.29 -3.20
N SER A 44 5.27 3.25 -2.93
CA SER A 44 5.39 4.43 -3.77
C SER A 44 6.83 4.59 -4.25
N ASN A 45 6.97 4.94 -5.52
CA ASN A 45 8.29 5.15 -6.11
C ASN A 45 8.83 6.53 -5.71
N ASP A 46 9.59 6.57 -4.62
CA ASP A 46 10.17 7.82 -4.15
C ASP A 46 11.51 8.08 -4.82
N ASN A 47 11.43 8.71 -5.99
CA ASN A 47 12.62 9.07 -6.78
C ASN A 47 13.53 7.85 -7.00
N GLY A 48 12.92 6.72 -7.32
CA GLY A 48 13.68 5.51 -7.55
C GLY A 48 14.00 4.79 -6.26
N HIS A 49 13.04 4.76 -5.36
CA HIS A 49 13.18 4.10 -4.07
C HIS A 49 11.79 3.78 -3.54
N PHE A 50 11.53 2.51 -3.33
CA PHE A 50 10.23 2.07 -2.83
C PHE A 50 9.95 2.63 -1.44
N ARG A 51 8.71 3.02 -1.20
CA ARG A 51 8.31 3.57 0.09
C ARG A 51 6.93 3.07 0.49
N TRP A 52 6.80 2.75 1.77
CA TRP A 52 5.54 2.26 2.34
C TRP A 52 4.50 3.35 2.59
N VAL A 53 3.25 2.90 2.56
CA VAL A 53 2.06 3.73 2.81
C VAL A 53 1.86 4.81 1.77
N SER A 54 2.38 6.01 2.03
CA SER A 54 2.22 7.13 1.12
C SER A 54 3.57 7.77 0.83
N GLY A 55 4.59 6.94 0.76
CA GLY A 55 5.92 7.45 0.49
C GLY A 55 6.50 8.21 1.67
N GLY A 56 6.11 7.78 2.87
CA GLY A 56 6.60 8.43 4.07
C GLY A 56 8.10 8.34 4.20
N GLY A 57 8.75 9.48 4.42
CA GLY A 57 10.19 9.51 4.55
C GLY A 57 10.87 9.75 3.21
N GLY A 58 10.17 10.46 2.33
CA GLY A 58 10.71 10.76 1.03
C GLY A 58 10.80 12.25 0.79
N GLY A 59 10.22 12.72 -0.30
CA GLY A 59 10.24 14.13 -0.62
C GLY A 59 8.91 14.62 -1.16
N GLY A 60 8.50 14.04 -2.29
CA GLY A 60 7.24 14.43 -2.90
C GLY A 60 7.44 14.97 -4.29
N GLY A 61 6.34 15.28 -4.97
CA GLY A 61 6.43 15.81 -6.32
C GLY A 61 5.07 16.18 -6.86
N THR A 62 4.66 15.48 -7.91
CA THR A 62 3.38 15.73 -8.53
C THR A 62 2.60 14.42 -8.69
N ALA A 63 1.47 14.34 -8.02
CA ALA A 63 0.60 13.18 -8.06
C ALA A 63 -0.79 13.60 -8.56
N THR A 64 -1.69 12.65 -8.73
CA THR A 64 -3.03 12.95 -9.21
C THR A 64 -4.11 12.40 -8.30
N VAL A 65 -4.96 13.28 -7.78
CA VAL A 65 -6.06 12.88 -6.91
C VAL A 65 -7.40 13.08 -7.61
N THR A 66 -8.34 12.18 -7.33
CA THR A 66 -9.68 12.26 -7.91
C THR A 66 -10.59 13.10 -7.02
N VAL A 67 -11.23 14.09 -7.62
CA VAL A 67 -12.13 14.96 -6.90
C VAL A 67 -13.41 14.21 -6.59
N GLN A 68 -13.84 14.31 -5.34
CA GLN A 68 -15.03 13.63 -4.86
C GLN A 68 -16.21 14.59 -4.77
N GLN A 69 -17.39 14.03 -4.55
CA GLN A 69 -18.63 14.79 -4.46
C GLN A 69 -18.60 15.84 -3.35
N GLY A 70 -18.74 17.11 -3.74
CA GLY A 70 -18.77 18.19 -2.78
C GLY A 70 -17.41 18.73 -2.43
N ASP A 71 -16.36 18.11 -2.93
CA ASP A 71 -15.00 18.56 -2.65
C ASP A 71 -14.54 19.58 -3.69
N THR A 72 -14.07 20.71 -3.21
CA THR A 72 -13.56 21.78 -4.07
C THR A 72 -12.04 21.83 -3.94
N LEU A 73 -11.38 22.75 -4.64
CA LEU A 73 -9.93 22.87 -4.53
C LEU A 73 -9.55 23.01 -3.06
N ARG A 74 -10.34 23.83 -2.36
CA ARG A 74 -10.13 24.12 -0.95
C ARG A 74 -10.28 22.85 -0.11
N ASP A 75 -11.18 21.99 -0.51
CA ASP A 75 -11.41 20.74 0.19
C ASP A 75 -10.28 19.78 -0.07
N ILE A 76 -9.91 19.67 -1.35
CA ILE A 76 -8.84 18.77 -1.75
C ILE A 76 -7.54 19.15 -1.04
N GLY A 77 -7.22 20.44 -1.07
CA GLY A 77 -6.03 20.92 -0.41
C GLY A 77 -5.99 20.62 1.07
N ARG A 78 -7.02 21.05 1.78
CA ARG A 78 -7.10 20.85 3.23
C ARG A 78 -7.14 19.35 3.57
N ARG A 79 -7.78 18.58 2.70
CA ARG A 79 -7.94 17.14 2.91
C ARG A 79 -6.66 16.35 2.69
N PHE A 80 -5.87 16.70 1.67
CA PHE A 80 -4.64 15.97 1.38
C PHE A 80 -3.38 16.75 1.76
N ASP A 81 -3.55 17.79 2.56
CA ASP A 81 -2.44 18.62 3.04
C ASP A 81 -1.68 19.27 1.89
N CYS A 82 -2.44 19.91 1.00
CA CYS A 82 -1.88 20.61 -0.15
C CYS A 82 -2.56 21.96 -0.26
N ASP A 83 -2.02 22.87 -1.04
CA ASP A 83 -2.65 24.16 -1.21
C ASP A 83 -3.51 24.15 -2.46
N PHE A 84 -4.79 24.43 -2.23
CA PHE A 84 -5.81 24.47 -3.28
C PHE A 84 -5.37 25.29 -4.49
N HIS A 85 -4.55 26.29 -4.21
CA HIS A 85 -4.01 27.18 -5.23
C HIS A 85 -3.18 26.40 -6.25
N GLU A 86 -2.26 25.58 -5.76
CA GLU A 86 -1.40 24.78 -6.62
C GLU A 86 -2.24 23.76 -7.38
N ILE A 87 -3.14 23.10 -6.67
CA ILE A 87 -4.01 22.10 -7.28
C ILE A 87 -4.70 22.69 -8.49
N ALA A 88 -5.20 23.90 -8.29
CA ALA A 88 -5.86 24.64 -9.34
C ALA A 88 -4.90 24.94 -10.48
N ARG A 89 -3.74 25.50 -10.14
CA ARG A 89 -2.73 25.86 -11.15
C ARG A 89 -2.28 24.63 -11.96
N ARG A 90 -2.17 23.49 -11.30
CA ARG A 90 -1.75 22.26 -11.95
C ARG A 90 -2.78 21.81 -12.98
N ASN A 91 -4.04 22.10 -12.71
CA ASN A 91 -5.12 21.74 -13.62
C ASN A 91 -5.48 22.91 -14.54
N ASN A 92 -4.85 24.06 -14.29
CA ASN A 92 -5.08 25.29 -15.06
C ASN A 92 -6.37 25.96 -14.64
N ILE A 93 -6.86 25.60 -13.46
CA ILE A 93 -8.08 26.16 -12.90
C ILE A 93 -7.73 27.12 -11.77
N GLN A 94 -8.74 27.72 -11.17
CA GLN A 94 -8.54 28.64 -10.07
C GLN A 94 -8.87 27.95 -8.75
N ASN A 95 -8.29 28.40 -7.65
CA ASN A 95 -8.59 27.80 -6.36
C ASN A 95 -10.10 27.85 -6.09
N GLU A 96 -10.62 29.05 -6.05
CA GLU A 96 -12.03 29.26 -5.79
C GLU A 96 -12.87 29.00 -7.05
N ASP A 97 -12.24 28.40 -8.06
CA ASP A 97 -12.93 28.06 -9.31
C ASP A 97 -14.03 27.08 -8.99
N LEU A 98 -13.76 26.25 -7.97
CA LEU A 98 -14.70 25.23 -7.54
C LEU A 98 -14.76 24.10 -8.56
N ILE A 99 -14.29 22.94 -8.14
CA ILE A 99 -14.25 21.76 -8.98
C ILE A 99 -15.48 20.88 -8.78
N TYR A 100 -15.57 19.82 -9.56
CA TYR A 100 -16.70 18.91 -9.50
C TYR A 100 -16.21 17.48 -9.27
N PRO A 101 -17.08 16.61 -8.73
CA PRO A 101 -16.74 15.22 -8.43
C PRO A 101 -16.49 14.37 -9.66
N GLY A 102 -15.47 13.53 -9.58
CA GLY A 102 -15.13 12.66 -10.68
C GLY A 102 -14.01 13.23 -11.51
N GLN A 103 -13.35 14.24 -10.98
CA GLN A 103 -12.25 14.87 -11.70
C GLN A 103 -10.93 14.36 -11.18
N VAL A 104 -9.86 14.66 -11.88
CA VAL A 104 -8.52 14.27 -11.47
C VAL A 104 -7.61 15.48 -11.47
N LEU A 105 -7.24 15.92 -10.29
CA LEU A 105 -6.38 17.09 -10.13
C LEU A 105 -4.98 16.69 -9.70
N GLN A 106 -4.00 17.49 -10.07
CA GLN A 106 -2.63 17.21 -9.71
C GLN A 106 -2.28 17.84 -8.39
N VAL A 107 -1.98 16.98 -7.43
CA VAL A 107 -1.62 17.40 -6.10
C VAL A 107 -0.23 16.86 -5.76
N PRO A 108 0.50 17.57 -4.90
CA PRO A 108 1.87 17.21 -4.51
C PRO A 108 1.98 15.89 -3.73
N THR A 109 0.87 15.44 -3.18
CA THR A 109 0.87 14.20 -2.41
C THR A 109 -0.47 13.48 -2.54
N LYS A 110 -0.44 12.17 -2.40
CA LYS A 110 -1.63 11.35 -2.48
C LYS A 110 -2.24 11.10 -1.10
N GLY A 111 -3.16 10.15 -1.01
CA GLY A 111 -3.81 9.86 0.25
C GLY A 111 -3.28 8.60 0.90
N GLY A 112 -4.15 7.61 1.03
CA GLY A 112 -3.74 6.36 1.65
C GLY A 112 -4.86 5.70 2.41
N SER A 113 -5.88 6.49 2.71
CA SER A 113 -7.04 6.01 3.45
C SER A 113 -7.85 5.00 2.61
N GLY A 114 -7.74 5.09 1.30
CA GLY A 114 -8.46 4.18 0.43
C GLY A 114 -7.67 3.83 -0.81
N GLY A 115 -7.74 4.69 -1.82
CA GLY A 115 -7.03 4.45 -3.06
C GLY A 115 -6.09 5.59 -3.39
N GLY A 116 -5.00 5.28 -4.08
CA GLY A 116 -4.05 6.29 -4.44
C GLY A 116 -3.16 6.63 -3.27
N ALA A 117 -2.33 5.67 -2.88
CA ALA A 117 -1.43 5.87 -1.75
C ALA A 117 0.00 5.65 -2.20
N GLY A 118 0.22 4.55 -2.91
CA GLY A 118 1.55 4.24 -3.37
C GLY A 118 1.78 4.68 -4.80
N ASN A 119 1.18 3.95 -5.73
CA ASN A 119 1.27 4.24 -7.16
C ASN A 119 2.65 3.97 -7.73
N PHE A 120 3.44 3.13 -7.06
CA PHE A 120 4.77 2.80 -7.55
C PHE A 120 4.67 2.19 -8.95
N TRP A 121 3.62 1.39 -9.15
CA TRP A 121 3.36 0.69 -10.40
C TRP A 121 3.19 1.65 -11.57
N ASP A 122 2.64 2.84 -11.29
CA ASP A 122 2.42 3.84 -12.33
C ASP A 122 3.73 4.16 -13.04
N SER A 123 4.84 3.99 -12.32
CA SER A 123 6.14 4.23 -12.90
C SER A 123 7.11 3.09 -12.57
N ALA A 124 6.58 1.87 -12.41
CA ALA A 124 7.43 0.73 -12.13
C ALA A 124 7.40 -0.30 -13.26
N ARG A 125 8.57 -0.82 -13.61
CA ARG A 125 8.71 -1.82 -14.66
C ARG A 125 9.51 -3.00 -14.16
N ASP A 126 9.25 -4.18 -14.70
CA ASP A 126 9.96 -5.41 -14.32
C ASP A 126 9.84 -5.65 -12.81
N VAL A 127 8.61 -5.61 -12.32
CA VAL A 127 8.33 -5.81 -10.91
C VAL A 127 8.23 -7.30 -10.59
N ARG A 128 8.99 -7.74 -9.59
CA ARG A 128 8.96 -9.14 -9.20
C ARG A 128 9.36 -9.29 -7.74
N LEU A 129 8.77 -10.27 -7.07
CA LEU A 129 9.09 -10.52 -5.68
C LEU A 129 10.29 -11.42 -5.55
N VAL A 130 11.22 -11.00 -4.71
CA VAL A 130 12.44 -11.74 -4.50
C VAL A 130 12.64 -12.07 -3.02
N ASP A 131 13.41 -13.11 -2.77
CA ASP A 131 13.73 -13.57 -1.42
C ASP A 131 12.51 -14.10 -0.69
N GLY A 132 11.46 -14.39 -1.44
CA GLY A 132 10.26 -14.93 -0.84
C GLY A 132 9.29 -13.88 -0.37
N GLY A 133 9.26 -12.73 -1.03
CA GLY A 133 8.29 -11.70 -0.65
C GLY A 133 8.82 -10.73 0.42
N LYS A 134 9.92 -11.13 1.03
CA LYS A 134 10.54 -10.27 2.02
C LYS A 134 11.14 -9.07 1.32
N VAL A 135 11.32 -9.19 0.00
CA VAL A 135 11.84 -8.12 -0.83
C VAL A 135 11.09 -8.07 -2.17
N LEU A 136 10.90 -6.86 -2.68
CA LEU A 136 10.23 -6.64 -3.94
C LEU A 136 11.14 -5.79 -4.82
N GLU A 137 11.48 -6.29 -5.99
CA GLU A 137 12.39 -5.58 -6.88
C GLU A 137 11.67 -5.13 -8.14
N ALA A 138 11.90 -3.87 -8.50
CA ALA A 138 11.29 -3.28 -9.69
C ALA A 138 12.05 -2.02 -10.10
N GLU A 139 11.83 -1.58 -11.32
CA GLU A 139 12.47 -0.38 -11.81
C GLU A 139 11.54 0.81 -11.64
N LEU A 140 11.85 1.64 -10.66
CA LEU A 140 11.06 2.82 -10.35
C LEU A 140 11.56 4.02 -11.14
N ARG A 141 10.64 4.62 -11.87
CA ARG A 141 10.91 5.80 -12.66
C ARG A 141 11.14 7.00 -11.76
N TYR A 142 12.09 7.82 -12.13
CA TYR A 142 12.41 9.00 -11.36
C TYR A 142 13.06 10.05 -12.25
N SER A 143 13.49 11.15 -11.68
CA SER A 143 14.11 12.23 -12.44
C SER A 143 15.33 11.73 -13.23
N GLY A 144 16.03 10.73 -12.68
CA GLY A 144 17.21 10.20 -13.33
C GLY A 144 16.91 9.07 -14.32
N GLY A 145 15.63 8.83 -14.59
CA GLY A 145 15.25 7.78 -15.52
C GLY A 145 14.61 6.60 -14.82
N TRP A 146 15.19 5.42 -14.98
CA TRP A 146 14.69 4.21 -14.36
C TRP A 146 15.77 3.57 -13.49
N ASN A 147 15.46 3.34 -12.22
CA ASN A 147 16.43 2.75 -11.31
C ASN A 147 15.89 1.47 -10.67
N ARG A 148 16.77 0.48 -10.53
CA ARG A 148 16.40 -0.78 -9.92
C ARG A 148 16.23 -0.56 -8.42
N SER A 149 14.99 -0.48 -7.99
CA SER A 149 14.66 -0.23 -6.60
C SER A 149 13.99 -1.46 -5.98
N ARG A 150 14.07 -1.60 -4.66
CA ARG A 150 13.46 -2.73 -3.98
C ARG A 150 12.92 -2.33 -2.61
N ILE A 151 11.91 -3.06 -2.15
CA ILE A 151 11.30 -2.80 -0.86
C ILE A 151 11.07 -4.12 -0.13
N TYR A 152 11.08 -4.08 1.19
CA TYR A 152 10.87 -5.27 1.98
C TYR A 152 9.42 -5.39 2.42
N LEU A 153 8.66 -6.28 1.78
CA LEU A 153 7.26 -6.45 2.16
C LEU A 153 7.15 -7.06 3.53
N ASP A 154 8.10 -7.92 3.86
CA ASP A 154 8.12 -8.55 5.19
C ASP A 154 8.16 -7.51 6.32
N GLU A 155 8.44 -6.25 5.97
CA GLU A 155 8.50 -5.17 6.95
C GLU A 155 7.14 -4.83 7.50
N HIS A 156 6.22 -4.52 6.62
CA HIS A 156 4.90 -4.09 7.09
C HIS A 156 3.77 -4.95 6.54
N ILE A 157 4.11 -6.06 5.94
CA ILE A 157 3.10 -6.96 5.42
C ILE A 157 3.10 -8.27 6.20
N GLY A 158 2.04 -8.52 6.96
CA GLY A 158 1.95 -9.74 7.72
C GLY A 158 0.82 -10.65 7.26
N ASN A 159 0.75 -11.83 7.86
CA ASN A 159 -0.28 -12.81 7.55
C ASN A 159 -1.19 -13.04 8.76
N ARG A 160 -2.50 -12.96 8.53
CA ARG A 160 -3.47 -13.16 9.59
C ARG A 160 -4.48 -14.23 9.18
N ASN A 161 -4.25 -15.45 9.65
CA ASN A 161 -5.14 -16.58 9.35
C ASN A 161 -5.21 -16.89 7.86
N GLY A 162 -4.13 -16.65 7.15
CA GLY A 162 -4.09 -16.93 5.73
C GLY A 162 -4.45 -15.72 4.88
N GLU A 163 -4.48 -14.55 5.50
CA GLU A 163 -4.80 -13.33 4.80
C GLU A 163 -3.67 -12.31 4.94
N LEU A 164 -3.31 -11.71 3.83
CA LEU A 164 -2.26 -10.72 3.79
C LEU A 164 -2.78 -9.38 4.30
N ILE A 165 -2.17 -8.89 5.39
CA ILE A 165 -2.59 -7.64 5.98
C ILE A 165 -1.38 -6.88 6.54
N HIS A 166 -1.46 -5.57 6.59
CA HIS A 166 -0.37 -4.76 7.10
C HIS A 166 -0.05 -5.13 8.55
N CYS A 167 1.21 -5.46 8.79
CA CYS A 167 1.69 -5.84 10.12
C CYS A 167 1.02 -7.13 10.59
N GLY A 1 12.07 -12.61 11.03
CA GLY A 1 11.47 -11.85 9.93
C GLY A 1 12.10 -10.47 9.76
N ASN A 2 11.40 -9.58 9.08
CA ASN A 2 11.88 -8.23 8.84
C ASN A 2 11.49 -7.29 9.97
N TYR A 3 10.20 -6.96 10.06
CA TYR A 3 9.73 -6.05 11.10
C TYR A 3 8.40 -6.50 11.70
N ALA A 4 7.31 -5.92 11.22
CA ALA A 4 5.98 -6.21 11.73
C ALA A 4 5.25 -7.25 10.90
N GLY A 5 5.52 -7.29 9.60
CA GLY A 5 4.85 -8.24 8.76
C GLY A 5 5.19 -9.68 9.09
N ASN A 6 6.40 -10.09 8.69
CA ASN A 6 6.88 -11.45 8.91
C ASN A 6 6.02 -12.45 8.13
N PHE A 7 5.26 -11.94 7.15
CA PHE A 7 4.39 -12.79 6.35
C PHE A 7 5.19 -13.84 5.60
N SER A 8 6.40 -13.51 5.15
CA SER A 8 7.22 -14.44 4.40
C SER A 8 7.60 -15.63 5.28
N GLY A 9 7.47 -15.43 6.58
CA GLY A 9 7.78 -16.50 7.53
C GLY A 9 6.83 -17.68 7.41
N SER A 10 5.55 -17.40 7.16
CA SER A 10 4.55 -18.46 7.04
C SER A 10 3.93 -18.48 5.64
N SER A 11 3.91 -17.34 4.99
CA SER A 11 3.34 -17.22 3.68
C SER A 11 4.42 -17.50 2.65
N ARG A 12 4.12 -18.39 1.72
CA ARG A 12 5.07 -18.74 0.69
C ARG A 12 4.52 -18.30 -0.65
N ASP A 13 5.26 -18.61 -1.71
CA ASP A 13 4.88 -18.25 -3.08
C ASP A 13 4.43 -16.80 -3.17
N ILE A 14 5.16 -15.91 -2.51
CA ILE A 14 4.82 -14.51 -2.52
C ILE A 14 5.27 -13.87 -3.83
N CYS A 15 4.31 -13.65 -4.72
CA CYS A 15 4.57 -13.03 -6.02
C CYS A 15 3.41 -12.11 -6.39
N LEU A 16 3.71 -10.87 -6.74
CA LEU A 16 2.66 -9.93 -7.10
C LEU A 16 2.52 -9.74 -8.59
N ASP A 17 1.32 -9.31 -8.97
CA ASP A 17 1.00 -9.01 -10.35
C ASP A 17 1.12 -7.51 -10.53
N GLY A 18 2.36 -7.04 -10.58
CA GLY A 18 2.62 -5.63 -10.76
C GLY A 18 2.48 -4.87 -9.46
N ALA A 19 1.33 -5.02 -8.82
CA ALA A 19 1.05 -4.37 -7.56
C ALA A 19 0.15 -5.26 -6.70
N ARG A 20 -0.43 -6.29 -7.31
CA ARG A 20 -1.30 -7.21 -6.59
C ARG A 20 -0.46 -8.27 -5.87
N LEU A 21 -0.03 -7.95 -4.65
CA LEU A 21 0.79 -8.85 -3.83
C LEU A 21 0.05 -10.12 -3.49
N ARG A 22 0.61 -11.24 -3.91
CA ARG A 22 -0.02 -12.53 -3.67
C ARG A 22 0.94 -13.46 -2.93
N ALA A 23 0.43 -14.15 -1.93
CA ALA A 23 1.23 -15.07 -1.15
C ALA A 23 0.37 -16.14 -0.50
N GLU A 24 0.89 -17.34 -0.51
CA GLU A 24 0.27 -18.51 0.09
C GLU A 24 0.47 -18.46 1.60
N CYS A 25 -0.38 -17.70 2.27
CA CYS A 25 -0.28 -17.53 3.70
C CYS A 25 -0.65 -18.79 4.46
N ARG A 26 0.29 -19.30 5.25
CA ARG A 26 0.06 -20.49 6.04
C ARG A 26 -0.88 -20.17 7.19
N ARG A 27 -2.06 -20.76 7.16
CA ARG A 27 -3.03 -20.55 8.21
C ARG A 27 -2.87 -21.59 9.30
N GLY A 28 -3.41 -21.25 10.48
CA GLY A 28 -3.34 -22.11 11.65
C GLY A 28 -3.87 -23.52 11.43
N ASP A 29 -4.57 -23.71 10.33
CA ASP A 29 -5.10 -25.01 9.96
C ASP A 29 -3.98 -25.93 9.53
N GLY A 30 -2.82 -25.33 9.32
CA GLY A 30 -1.65 -26.07 8.91
C GLY A 30 -1.52 -26.08 7.41
N GLY A 31 -2.32 -25.27 6.76
CA GLY A 31 -2.28 -25.22 5.30
C GLY A 31 -1.98 -23.85 4.75
N TYR A 32 -1.67 -23.80 3.46
CA TYR A 32 -1.36 -22.55 2.78
C TYR A 32 -2.58 -22.06 2.01
N SER A 33 -2.97 -20.81 2.25
CA SER A 33 -4.10 -20.23 1.57
C SER A 33 -3.62 -19.09 0.67
N THR A 34 -4.00 -19.14 -0.60
CA THR A 34 -3.58 -18.12 -1.56
C THR A 34 -4.22 -16.78 -1.22
N SER A 35 -3.41 -15.82 -0.85
CA SER A 35 -3.89 -14.50 -0.50
C SER A 35 -3.30 -13.46 -1.44
N VAL A 36 -4.03 -12.39 -1.71
CA VAL A 36 -3.57 -11.32 -2.58
C VAL A 36 -4.09 -9.96 -2.10
N ILE A 37 -3.23 -8.95 -2.13
CA ILE A 37 -3.58 -7.61 -1.66
C ILE A 37 -3.09 -6.53 -2.64
N ASP A 38 -3.77 -5.39 -2.65
CA ASP A 38 -3.39 -4.27 -3.50
C ASP A 38 -2.24 -3.50 -2.85
N LEU A 39 -1.02 -3.87 -3.19
CA LEU A 39 0.15 -3.27 -2.62
C LEU A 39 0.46 -1.91 -3.23
N ASN A 40 -0.25 -1.58 -4.30
CA ASN A 40 -0.05 -0.30 -4.96
C ASN A 40 -0.60 0.82 -4.08
N ARG A 41 -1.35 0.43 -3.07
CA ARG A 41 -1.94 1.38 -2.15
C ARG A 41 -1.12 1.44 -0.86
N TYR A 42 0.02 0.76 -0.87
CA TYR A 42 0.91 0.74 0.28
C TYR A 42 2.34 1.09 -0.12
N LEU A 43 2.69 0.82 -1.36
CA LEU A 43 4.02 1.11 -1.86
C LEU A 43 4.00 2.30 -2.80
N SER A 44 5.00 3.14 -2.70
CA SER A 44 5.14 4.32 -3.52
C SER A 44 6.50 4.37 -4.19
N ASN A 45 6.51 4.96 -5.36
CA ASN A 45 7.72 5.15 -6.15
C ASN A 45 8.30 6.50 -5.80
N ASP A 46 9.24 6.52 -4.86
CA ASP A 46 9.83 7.77 -4.41
C ASP A 46 11.23 7.99 -4.99
N ASN A 47 11.25 8.67 -6.13
CA ASN A 47 12.49 9.02 -6.85
C ASN A 47 13.43 7.82 -6.99
N GLY A 48 12.87 6.68 -7.35
CA GLY A 48 13.69 5.49 -7.54
C GLY A 48 13.96 4.79 -6.23
N HIS A 49 12.92 4.68 -5.42
CA HIS A 49 13.00 4.01 -4.13
C HIS A 49 11.60 3.80 -3.61
N PHE A 50 11.24 2.55 -3.32
CA PHE A 50 9.91 2.24 -2.82
C PHE A 50 9.66 2.92 -1.49
N ARG A 51 8.41 3.17 -1.17
CA ARG A 51 8.06 3.81 0.08
C ARG A 51 6.72 3.32 0.59
N TRP A 52 6.66 2.99 1.86
CA TRP A 52 5.42 2.58 2.50
C TRP A 52 4.54 3.81 2.72
N VAL A 53 3.45 3.87 1.96
CA VAL A 53 2.49 4.98 1.99
C VAL A 53 3.17 6.34 2.09
N SER A 54 3.24 6.91 3.29
CA SER A 54 3.87 8.20 3.48
C SER A 54 4.66 8.20 4.79
N GLY A 55 5.00 7.01 5.27
CA GLY A 55 5.74 6.89 6.52
C GLY A 55 4.81 6.70 7.70
N GLY A 56 3.60 7.21 7.58
CA GLY A 56 2.63 7.09 8.63
C GLY A 56 1.22 6.98 8.09
N GLY A 57 0.25 7.35 8.90
CA GLY A 57 -1.13 7.28 8.49
C GLY A 57 -1.60 8.55 7.82
N GLY A 58 -2.78 8.50 7.22
CA GLY A 58 -3.31 9.64 6.54
C GLY A 58 -4.61 10.12 7.15
N GLY A 59 -4.68 11.40 7.47
CA GLY A 59 -5.89 11.97 8.06
C GLY A 59 -6.68 12.78 7.06
N GLY A 60 -6.91 14.04 7.39
CA GLY A 60 -7.66 14.93 6.52
C GLY A 60 -7.72 16.34 7.08
N GLY A 61 -7.64 17.32 6.20
CA GLY A 61 -7.70 18.70 6.63
C GLY A 61 -8.09 19.63 5.52
N THR A 62 -7.11 20.37 5.02
CA THR A 62 -7.34 21.31 3.94
C THR A 62 -6.59 20.88 2.68
N ALA A 63 -7.32 20.78 1.59
CA ALA A 63 -6.75 20.42 0.30
C ALA A 63 -7.10 21.48 -0.72
N THR A 64 -6.57 21.36 -1.92
CA THR A 64 -6.83 22.35 -2.95
C THR A 64 -7.26 21.68 -4.25
N VAL A 65 -8.51 21.91 -4.66
CA VAL A 65 -9.02 21.32 -5.88
C VAL A 65 -8.99 22.34 -7.02
N THR A 66 -8.53 21.91 -8.19
CA THR A 66 -8.48 22.77 -9.36
C THR A 66 -9.81 22.68 -10.11
N VAL A 67 -10.44 23.83 -10.27
CA VAL A 67 -11.72 23.93 -10.94
C VAL A 67 -11.53 23.75 -12.43
N GLN A 68 -12.33 22.87 -13.03
CA GLN A 68 -12.29 22.61 -14.44
C GLN A 68 -13.39 23.36 -15.17
N GLN A 69 -13.30 23.37 -16.49
CA GLN A 69 -14.29 24.05 -17.33
C GLN A 69 -15.69 23.49 -17.12
N GLY A 70 -16.55 24.28 -16.47
CA GLY A 70 -17.91 23.85 -16.24
C GLY A 70 -18.24 23.66 -14.76
N ASP A 71 -17.22 23.67 -13.92
CA ASP A 71 -17.43 23.47 -12.49
C ASP A 71 -17.77 24.77 -11.78
N THR A 72 -18.57 24.66 -10.72
CA THR A 72 -18.98 25.80 -9.91
C THR A 72 -18.83 25.46 -8.43
N LEU A 73 -18.72 26.46 -7.57
CA LEU A 73 -18.57 26.24 -6.14
C LEU A 73 -19.60 25.23 -5.62
N ARG A 74 -20.83 25.41 -6.05
CA ARG A 74 -21.95 24.55 -5.65
C ARG A 74 -21.69 23.10 -6.07
N ASP A 75 -21.17 22.92 -7.27
CA ASP A 75 -20.90 21.60 -7.80
C ASP A 75 -19.70 20.98 -7.12
N ILE A 76 -18.67 21.81 -6.90
CA ILE A 76 -17.45 21.36 -6.24
C ILE A 76 -17.79 20.85 -4.84
N GLY A 77 -18.59 21.64 -4.13
CA GLY A 77 -19.01 21.26 -2.80
C GLY A 77 -19.67 19.90 -2.77
N ARG A 78 -20.75 19.75 -3.52
CA ARG A 78 -21.50 18.50 -3.55
C ARG A 78 -20.64 17.33 -4.03
N ARG A 79 -19.70 17.60 -4.93
CA ARG A 79 -18.82 16.58 -5.47
C ARG A 79 -17.88 16.00 -4.41
N PHE A 80 -17.21 16.86 -3.67
CA PHE A 80 -16.26 16.41 -2.65
C PHE A 80 -16.87 16.38 -1.26
N ASP A 81 -18.19 16.48 -1.19
CA ASP A 81 -18.92 16.47 0.08
C ASP A 81 -18.48 17.63 0.98
N CYS A 82 -18.20 18.75 0.35
CA CYS A 82 -17.78 19.96 1.03
C CYS A 82 -18.86 21.02 0.85
N ASP A 83 -18.74 22.14 1.53
CA ASP A 83 -19.75 23.19 1.40
C ASP A 83 -19.26 24.26 0.46
N PHE A 84 -20.05 24.55 -0.57
CA PHE A 84 -19.72 25.59 -1.55
C PHE A 84 -19.44 26.92 -0.84
N HIS A 85 -20.10 27.07 0.30
CA HIS A 85 -19.97 28.24 1.16
C HIS A 85 -18.59 28.24 1.80
N GLU A 86 -18.17 27.06 2.22
CA GLU A 86 -16.88 26.87 2.86
C GLU A 86 -15.77 27.07 1.84
N ILE A 87 -15.91 26.41 0.69
CA ILE A 87 -14.94 26.54 -0.40
C ILE A 87 -14.71 28.01 -0.69
N ALA A 88 -15.82 28.75 -0.73
CA ALA A 88 -15.79 30.17 -0.95
C ALA A 88 -15.02 30.90 0.15
N ARG A 89 -15.38 30.64 1.41
CA ARG A 89 -14.72 31.30 2.54
C ARG A 89 -13.23 30.99 2.60
N ARG A 90 -12.86 29.79 2.20
CA ARG A 90 -11.45 29.38 2.23
C ARG A 90 -10.65 30.06 1.12
N ASN A 91 -11.30 30.27 -0.02
CA ASN A 91 -10.65 30.92 -1.16
C ASN A 91 -10.80 32.44 -1.07
N ASN A 92 -11.56 32.90 -0.08
CA ASN A 92 -11.82 34.33 0.15
C ASN A 92 -12.89 34.86 -0.80
N ILE A 93 -13.56 33.94 -1.49
CA ILE A 93 -14.61 34.28 -2.43
C ILE A 93 -15.97 34.04 -1.78
N GLN A 94 -17.02 34.20 -2.56
CA GLN A 94 -18.37 33.97 -2.07
C GLN A 94 -18.93 32.72 -2.74
N ASN A 95 -19.98 32.15 -2.17
CA ASN A 95 -20.59 30.96 -2.72
C ASN A 95 -20.99 31.21 -4.20
N GLU A 96 -22.00 32.05 -4.38
CA GLU A 96 -22.51 32.40 -5.69
C GLU A 96 -21.54 33.32 -6.44
N ASP A 97 -20.32 33.45 -5.91
CA ASP A 97 -19.29 34.28 -6.54
C ASP A 97 -19.06 33.78 -7.95
N LEU A 98 -19.22 32.47 -8.11
CA LEU A 98 -19.03 31.80 -9.39
C LEU A 98 -17.54 31.77 -9.73
N ILE A 99 -17.02 30.56 -9.78
CA ILE A 99 -15.62 30.33 -10.06
C ILE A 99 -15.39 30.08 -11.54
N TYR A 100 -14.13 29.97 -11.94
CA TYR A 100 -13.78 29.75 -13.34
C TYR A 100 -12.83 28.58 -13.48
N PRO A 101 -12.75 27.97 -14.68
CA PRO A 101 -11.88 26.84 -14.96
C PRO A 101 -10.40 27.21 -14.90
N GLY A 102 -9.63 26.41 -14.17
CA GLY A 102 -8.22 26.67 -14.03
C GLY A 102 -7.95 27.38 -12.73
N GLN A 103 -8.95 27.33 -11.86
CA GLN A 103 -8.84 27.99 -10.56
C GLN A 103 -8.58 26.94 -9.49
N VAL A 104 -7.99 27.32 -8.39
CA VAL A 104 -7.72 26.39 -7.32
C VAL A 104 -8.47 26.81 -6.06
N LEU A 105 -9.33 25.93 -5.58
CA LEU A 105 -10.13 26.19 -4.40
C LEU A 105 -9.72 25.31 -3.23
N GLN A 106 -9.91 25.81 -2.03
CA GLN A 106 -9.58 25.06 -0.84
C GLN A 106 -10.76 24.25 -0.37
N VAL A 107 -10.60 22.94 -0.48
CA VAL A 107 -11.62 22.00 -0.08
C VAL A 107 -11.01 20.99 0.89
N PRO A 108 -11.83 20.46 1.80
CA PRO A 108 -11.38 19.52 2.84
C PRO A 108 -10.81 18.20 2.33
N THR A 109 -11.10 17.84 1.09
CA THR A 109 -10.59 16.58 0.55
C THR A 109 -10.48 16.65 -0.98
N LYS A 110 -9.60 15.81 -1.52
CA LYS A 110 -9.38 15.74 -2.96
C LYS A 110 -10.16 14.55 -3.55
N GLY A 111 -9.97 14.29 -4.83
CA GLY A 111 -10.65 13.19 -5.47
C GLY A 111 -9.83 11.91 -5.39
N GLY A 112 -8.59 12.01 -5.81
CA GLY A 112 -7.69 10.87 -5.79
C GLY A 112 -6.33 11.22 -6.36
N SER A 113 -5.37 10.31 -6.18
CA SER A 113 -4.03 10.53 -6.69
C SER A 113 -3.82 9.76 -8.00
N GLY A 114 -4.04 8.45 -7.96
CA GLY A 114 -3.88 7.62 -9.13
C GLY A 114 -4.59 6.29 -8.97
N GLY A 115 -3.91 5.34 -8.33
CA GLY A 115 -4.48 4.03 -8.12
C GLY A 115 -5.05 3.87 -6.72
N GLY A 116 -4.26 4.22 -5.72
CA GLY A 116 -4.72 4.10 -4.35
C GLY A 116 -4.08 5.13 -3.44
N ALA A 117 -2.91 4.79 -2.93
CA ALA A 117 -2.19 5.68 -2.03
C ALA A 117 -0.75 5.86 -2.46
N GLY A 118 -0.08 4.74 -2.69
CA GLY A 118 1.32 4.78 -3.10
C GLY A 118 1.46 5.07 -4.58
N ASN A 119 0.89 4.18 -5.40
CA ASN A 119 0.91 4.33 -6.86
C ASN A 119 2.29 4.05 -7.43
N PHE A 120 3.06 3.20 -6.77
CA PHE A 120 4.40 2.86 -7.24
C PHE A 120 4.32 2.24 -8.64
N TRP A 121 3.26 1.46 -8.83
CA TRP A 121 3.01 0.74 -10.08
C TRP A 121 2.74 1.69 -11.25
N ASP A 122 2.28 2.90 -10.93
CA ASP A 122 1.99 3.89 -11.97
C ASP A 122 3.26 4.33 -12.67
N SER A 123 4.40 4.00 -12.09
CA SER A 123 5.69 4.34 -12.67
C SER A 123 6.71 3.25 -12.40
N ALA A 124 6.24 2.03 -12.14
CA ALA A 124 7.12 0.90 -11.90
C ALA A 124 7.18 -0.02 -13.10
N ARG A 125 8.31 -0.71 -13.27
CA ARG A 125 8.48 -1.64 -14.38
C ARG A 125 9.26 -2.86 -13.90
N ASP A 126 8.91 -4.04 -14.43
CA ASP A 126 9.58 -5.29 -14.07
C ASP A 126 9.48 -5.55 -12.58
N VAL A 127 8.26 -5.50 -12.07
CA VAL A 127 8.00 -5.71 -10.65
C VAL A 127 7.96 -7.20 -10.34
N ARG A 128 8.85 -7.63 -9.48
CA ARG A 128 8.94 -9.03 -9.08
C ARG A 128 9.31 -9.15 -7.62
N LEU A 129 8.72 -10.12 -6.94
CA LEU A 129 9.01 -10.34 -5.54
C LEU A 129 10.22 -11.23 -5.41
N VAL A 130 11.17 -10.80 -4.59
CA VAL A 130 12.39 -11.55 -4.39
C VAL A 130 12.59 -11.92 -2.93
N ASP A 131 13.33 -12.98 -2.71
CA ASP A 131 13.65 -13.49 -1.38
C ASP A 131 12.43 -14.10 -0.72
N GLY A 132 11.33 -14.16 -1.46
CA GLY A 132 10.13 -14.74 -0.94
C GLY A 132 9.14 -13.72 -0.41
N GLY A 133 9.11 -12.53 -0.99
CA GLY A 133 8.14 -11.53 -0.55
C GLY A 133 8.69 -10.57 0.53
N LYS A 134 9.75 -11.01 1.18
CA LYS A 134 10.38 -10.19 2.18
C LYS A 134 11.00 -8.96 1.50
N VAL A 135 11.19 -9.06 0.20
CA VAL A 135 11.72 -7.97 -0.62
C VAL A 135 10.98 -7.92 -1.97
N LEU A 136 10.72 -6.72 -2.43
CA LEU A 136 10.03 -6.49 -3.70
C LEU A 136 10.94 -5.67 -4.60
N GLU A 137 11.25 -6.20 -5.75
CA GLU A 137 12.15 -5.54 -6.68
C GLU A 137 11.42 -5.05 -7.92
N ALA A 138 11.68 -3.82 -8.30
CA ALA A 138 11.08 -3.22 -9.47
C ALA A 138 11.86 -2.00 -9.88
N GLU A 139 11.77 -1.64 -11.14
CA GLU A 139 12.47 -0.48 -11.62
C GLU A 139 11.51 0.69 -11.57
N LEU A 140 11.75 1.57 -10.61
CA LEU A 140 10.91 2.73 -10.42
C LEU A 140 11.43 3.91 -11.22
N ARG A 141 10.54 4.56 -11.94
CA ARG A 141 10.87 5.70 -12.75
C ARG A 141 11.13 6.91 -11.87
N TYR A 142 12.12 7.70 -12.24
CA TYR A 142 12.43 8.89 -11.48
C TYR A 142 13.03 9.97 -12.37
N SER A 143 13.64 10.97 -11.77
CA SER A 143 14.22 12.08 -12.53
C SER A 143 15.47 11.66 -13.31
N GLY A 144 15.82 10.38 -13.23
CA GLY A 144 17.00 9.90 -13.93
C GLY A 144 16.75 8.58 -14.65
N GLY A 145 15.53 8.38 -15.11
CA GLY A 145 15.21 7.16 -15.82
C GLY A 145 14.54 6.13 -14.94
N TRP A 146 15.00 4.89 -15.05
CA TRP A 146 14.44 3.80 -14.26
C TRP A 146 15.49 3.21 -13.34
N ASN A 147 15.20 3.16 -12.05
CA ASN A 147 16.13 2.60 -11.07
C ASN A 147 15.55 1.35 -10.45
N ARG A 148 16.33 0.28 -10.40
CA ARG A 148 15.87 -0.95 -9.80
C ARG A 148 15.89 -0.83 -8.29
N SER A 149 14.75 -0.47 -7.74
CA SER A 149 14.60 -0.28 -6.31
C SER A 149 13.89 -1.48 -5.70
N ARG A 150 13.94 -1.61 -4.39
CA ARG A 150 13.29 -2.74 -3.74
C ARG A 150 12.74 -2.33 -2.37
N ILE A 151 11.66 -2.97 -1.96
CA ILE A 151 11.03 -2.69 -0.68
C ILE A 151 10.75 -3.98 0.07
N TYR A 152 10.81 -3.94 1.37
CA TYR A 152 10.59 -5.11 2.18
C TYR A 152 9.13 -5.24 2.58
N LEU A 153 8.39 -6.12 1.93
CA LEU A 153 6.99 -6.31 2.28
C LEU A 153 6.87 -6.92 3.65
N ASP A 154 7.79 -7.82 3.97
CA ASP A 154 7.82 -8.49 5.28
C ASP A 154 7.88 -7.48 6.45
N GLU A 155 8.11 -6.19 6.14
CA GLU A 155 8.18 -5.16 7.18
C GLU A 155 6.83 -4.83 7.76
N HIS A 156 5.87 -4.59 6.89
CA HIS A 156 4.54 -4.21 7.35
C HIS A 156 3.45 -5.12 6.81
N ILE A 157 3.83 -6.15 6.09
CA ILE A 157 2.87 -7.09 5.55
C ILE A 157 2.97 -8.41 6.26
N GLY A 158 1.96 -8.76 7.03
CA GLY A 158 1.96 -10.02 7.73
C GLY A 158 0.83 -10.94 7.28
N ASN A 159 0.92 -12.20 7.67
CA ASN A 159 -0.09 -13.18 7.32
C ASN A 159 -1.05 -13.35 8.48
N ARG A 160 -2.32 -13.17 8.20
CA ARG A 160 -3.36 -13.30 9.21
C ARG A 160 -4.23 -14.51 8.92
N ASN A 161 -3.78 -15.67 9.40
CA ASN A 161 -4.49 -16.93 9.24
C ASN A 161 -4.85 -17.22 7.77
N GLY A 162 -3.91 -16.97 6.87
CA GLY A 162 -4.16 -17.24 5.46
C GLY A 162 -4.50 -16.00 4.64
N GLU A 163 -4.60 -14.87 5.29
CA GLU A 163 -4.92 -13.62 4.60
C GLU A 163 -3.84 -12.58 4.81
N LEU A 164 -3.35 -12.01 3.72
CA LEU A 164 -2.31 -10.99 3.74
C LEU A 164 -2.86 -9.69 4.31
N ILE A 165 -2.18 -9.12 5.29
CA ILE A 165 -2.64 -7.89 5.91
C ILE A 165 -1.47 -7.08 6.48
N HIS A 166 -1.77 -5.86 6.89
CA HIS A 166 -0.77 -4.98 7.49
C HIS A 166 -0.39 -5.53 8.85
N CYS A 167 0.84 -6.03 8.96
CA CYS A 167 1.33 -6.62 10.21
C CYS A 167 0.47 -7.83 10.65
N GLY A 1 15.28 -10.10 7.71
CA GLY A 1 14.47 -10.22 8.95
C GLY A 1 13.19 -9.42 8.84
N ASN A 2 12.06 -10.07 9.14
CA ASN A 2 10.76 -9.42 9.05
C ASN A 2 10.60 -8.40 10.16
N TYR A 3 9.73 -7.42 9.95
CA TYR A 3 9.49 -6.39 10.94
C TYR A 3 8.14 -6.61 11.63
N ALA A 4 7.10 -6.01 11.08
CA ALA A 4 5.77 -6.12 11.66
C ALA A 4 4.94 -7.16 10.92
N GLY A 5 5.14 -7.27 9.61
CA GLY A 5 4.36 -8.23 8.86
C GLY A 5 4.72 -9.65 9.17
N ASN A 6 5.95 -10.02 8.83
CA ASN A 6 6.45 -11.38 9.06
C ASN A 6 5.73 -12.38 8.17
N PHE A 7 5.04 -11.89 7.13
CA PHE A 7 4.30 -12.77 6.24
C PHE A 7 5.24 -13.69 5.47
N SER A 8 6.43 -13.21 5.15
CA SER A 8 7.40 -14.01 4.42
C SER A 8 7.89 -15.18 5.28
N GLY A 9 7.51 -15.17 6.54
CA GLY A 9 7.89 -16.25 7.44
C GLY A 9 6.81 -17.32 7.57
N SER A 10 5.64 -17.07 6.98
CA SER A 10 4.54 -18.03 7.04
C SER A 10 3.88 -18.19 5.67
N SER A 11 3.94 -17.15 4.86
CA SER A 11 3.36 -17.18 3.54
C SER A 11 4.33 -17.80 2.56
N ARG A 12 3.79 -18.51 1.60
CA ARG A 12 4.56 -19.19 0.60
C ARG A 12 4.26 -18.61 -0.77
N ASP A 13 5.15 -18.84 -1.71
CA ASP A 13 5.00 -18.38 -3.10
C ASP A 13 4.54 -16.91 -3.18
N ILE A 14 5.27 -16.02 -2.55
CA ILE A 14 4.92 -14.62 -2.57
C ILE A 14 5.38 -13.97 -3.88
N CYS A 15 4.41 -13.75 -4.77
CA CYS A 15 4.66 -13.10 -6.06
C CYS A 15 3.43 -12.26 -6.41
N LEU A 16 3.65 -11.00 -6.75
CA LEU A 16 2.55 -10.09 -7.07
C LEU A 16 2.22 -10.05 -8.54
N ASP A 17 1.00 -9.64 -8.80
CA ASP A 17 0.52 -9.47 -10.15
C ASP A 17 0.59 -8.00 -10.49
N GLY A 18 1.82 -7.55 -10.76
CA GLY A 18 2.06 -6.18 -11.13
C GLY A 18 2.19 -5.30 -9.91
N ALA A 19 1.13 -5.24 -9.13
CA ALA A 19 1.10 -4.44 -7.93
C ALA A 19 0.25 -5.14 -6.86
N ARG A 20 -0.33 -6.27 -7.23
CA ARG A 20 -1.15 -7.04 -6.29
C ARG A 20 -0.33 -8.17 -5.67
N LEU A 21 0.22 -7.92 -4.49
CA LEU A 21 1.05 -8.88 -3.76
C LEU A 21 0.27 -10.14 -3.44
N ARG A 22 0.72 -11.25 -3.98
CA ARG A 22 0.03 -12.52 -3.77
C ARG A 22 0.96 -13.53 -3.10
N ALA A 23 0.48 -14.09 -2.00
CA ALA A 23 1.23 -15.06 -1.25
C ALA A 23 0.32 -16.08 -0.59
N GLU A 24 0.81 -17.31 -0.58
CA GLU A 24 0.14 -18.43 0.02
C GLU A 24 0.32 -18.37 1.54
N CYS A 25 -0.43 -17.48 2.17
CA CYS A 25 -0.35 -17.28 3.61
C CYS A 25 -0.73 -18.53 4.39
N ARG A 26 0.13 -18.93 5.30
CA ARG A 26 -0.12 -20.10 6.12
C ARG A 26 -1.19 -19.82 7.18
N ARG A 27 -2.30 -20.55 7.07
CA ARG A 27 -3.39 -20.41 8.02
C ARG A 27 -3.13 -21.33 9.21
N GLY A 28 -3.74 -20.99 10.35
CA GLY A 28 -3.56 -21.72 11.59
C GLY A 28 -3.86 -23.20 11.49
N ASP A 29 -4.51 -23.62 10.41
CA ASP A 29 -4.80 -25.03 10.18
C ASP A 29 -3.52 -25.76 9.80
N GLY A 30 -2.50 -24.97 9.48
CA GLY A 30 -1.24 -25.52 9.08
C GLY A 30 -1.13 -25.60 7.58
N GLY A 31 -2.13 -25.04 6.91
CA GLY A 31 -2.16 -25.06 5.47
C GLY A 31 -1.92 -23.71 4.85
N TYR A 32 -1.62 -23.67 3.57
CA TYR A 32 -1.36 -22.42 2.89
C TYR A 32 -2.58 -21.97 2.09
N SER A 33 -2.88 -20.69 2.14
CA SER A 33 -4.02 -20.14 1.42
C SER A 33 -3.56 -18.97 0.56
N THR A 34 -3.88 -19.01 -0.74
CA THR A 34 -3.49 -17.95 -1.65
C THR A 34 -4.18 -16.63 -1.29
N SER A 35 -3.37 -15.65 -0.91
CA SER A 35 -3.87 -14.34 -0.54
C SER A 35 -3.23 -13.28 -1.42
N VAL A 36 -3.92 -12.17 -1.62
CA VAL A 36 -3.39 -11.10 -2.46
C VAL A 36 -3.81 -9.72 -1.92
N ILE A 37 -2.87 -8.77 -1.94
CA ILE A 37 -3.14 -7.42 -1.43
C ILE A 37 -2.65 -6.36 -2.41
N ASP A 38 -3.33 -5.22 -2.43
CA ASP A 38 -2.99 -4.12 -3.33
C ASP A 38 -1.80 -3.31 -2.81
N LEU A 39 -0.60 -3.64 -3.28
CA LEU A 39 0.61 -2.94 -2.89
C LEU A 39 0.70 -1.59 -3.57
N ASN A 40 -0.07 -1.42 -4.64
CA ASN A 40 -0.07 -0.16 -5.37
C ASN A 40 -0.69 0.95 -4.52
N ARG A 41 -1.23 0.58 -3.38
CA ARG A 41 -1.84 1.54 -2.47
C ARG A 41 -1.04 1.62 -1.18
N TYR A 42 0.17 1.08 -1.21
CA TYR A 42 1.02 1.07 -0.02
C TYR A 42 2.49 1.31 -0.37
N LEU A 43 2.88 1.02 -1.60
CA LEU A 43 4.23 1.24 -2.05
C LEU A 43 4.26 2.38 -3.05
N SER A 44 5.17 3.30 -2.84
CA SER A 44 5.29 4.47 -3.70
C SER A 44 6.71 4.65 -4.21
N ASN A 45 6.83 5.05 -5.47
CA ASN A 45 8.12 5.31 -6.06
C ASN A 45 8.63 6.70 -5.67
N ASP A 46 9.35 6.78 -4.58
CA ASP A 46 9.91 8.05 -4.14
C ASP A 46 11.24 8.31 -4.84
N ASN A 47 11.14 8.92 -6.02
CA ASN A 47 12.30 9.27 -6.84
C ASN A 47 13.23 8.07 -7.03
N GLY A 48 12.65 6.92 -7.33
CA GLY A 48 13.43 5.72 -7.56
C GLY A 48 13.78 5.01 -6.27
N HIS A 49 12.82 4.99 -5.36
CA HIS A 49 12.96 4.32 -4.06
C HIS A 49 11.58 3.92 -3.56
N PHE A 50 11.37 2.64 -3.32
CA PHE A 50 10.08 2.18 -2.82
C PHE A 50 9.82 2.72 -1.42
N ARG A 51 8.61 3.21 -1.18
CA ARG A 51 8.25 3.77 0.11
C ARG A 51 6.87 3.30 0.54
N TRP A 52 6.74 3.03 1.83
CA TRP A 52 5.47 2.60 2.42
C TRP A 52 4.52 3.78 2.57
N VAL A 53 3.23 3.49 2.35
CA VAL A 53 2.16 4.47 2.43
C VAL A 53 2.32 5.55 1.36
N SER A 54 3.07 6.60 1.70
CA SER A 54 3.31 7.70 0.79
C SER A 54 4.58 8.43 1.21
N GLY A 55 5.44 7.73 1.95
CA GLY A 55 6.66 8.32 2.43
C GLY A 55 6.46 9.04 3.75
N GLY A 56 5.52 9.98 3.76
CA GLY A 56 5.22 10.73 4.97
C GLY A 56 3.86 11.38 4.90
N GLY A 57 3.22 11.54 6.05
CA GLY A 57 1.91 12.16 6.10
C GLY A 57 2.00 13.66 6.22
N GLY A 58 3.03 14.15 6.88
CA GLY A 58 3.21 15.58 7.06
C GLY A 58 2.42 16.11 8.23
N GLY A 59 1.30 16.75 7.95
CA GLY A 59 0.47 17.30 8.98
C GLY A 59 -0.85 17.81 8.43
N GLY A 60 -1.35 18.88 9.01
CA GLY A 60 -2.60 19.45 8.54
C GLY A 60 -3.43 19.99 9.68
N GLY A 61 -3.34 19.34 10.83
CA GLY A 61 -4.09 19.77 11.99
C GLY A 61 -3.75 18.95 13.20
N THR A 62 -4.78 18.49 13.91
CA THR A 62 -4.58 17.69 15.10
C THR A 62 -5.43 16.43 15.04
N ALA A 63 -4.77 15.29 14.95
CA ALA A 63 -5.44 14.01 14.87
C ALA A 63 -5.04 13.13 16.05
N THR A 64 -5.63 11.96 16.16
CA THR A 64 -5.34 11.06 17.27
C THR A 64 -5.00 9.65 16.77
N VAL A 65 -3.77 9.22 17.03
CA VAL A 65 -3.33 7.89 16.61
C VAL A 65 -3.28 6.94 17.80
N THR A 66 -3.70 5.71 17.58
CA THR A 66 -3.68 4.69 18.62
C THR A 66 -2.34 3.97 18.60
N VAL A 67 -1.68 3.92 19.76
CA VAL A 67 -0.41 3.26 19.91
C VAL A 67 -0.57 1.76 19.92
N GLN A 68 0.27 1.08 19.14
CA GLN A 68 0.25 -0.36 19.03
C GLN A 68 1.31 -0.99 19.92
N GLN A 69 1.25 -2.31 20.04
CA GLN A 69 2.17 -3.09 20.87
C GLN A 69 3.62 -2.94 20.41
N GLY A 70 4.42 -2.27 21.22
CA GLY A 70 5.83 -2.10 20.92
C GLY A 70 6.16 -0.74 20.34
N ASP A 71 5.14 0.01 19.96
CA ASP A 71 5.36 1.33 19.39
C ASP A 71 5.58 2.38 20.46
N THR A 72 6.65 3.15 20.31
CA THR A 72 6.97 4.22 21.24
C THR A 72 6.73 5.56 20.54
N LEU A 73 6.93 6.68 21.24
CA LEU A 73 6.74 7.98 20.60
C LEU A 73 7.55 8.06 19.32
N ARG A 74 8.77 7.54 19.41
CA ARG A 74 9.70 7.53 18.29
C ARG A 74 9.14 6.72 17.12
N ASP A 75 8.54 5.58 17.44
CA ASP A 75 7.98 4.72 16.41
C ASP A 75 6.79 5.40 15.76
N ILE A 76 5.95 6.02 16.58
CA ILE A 76 4.77 6.72 16.08
C ILE A 76 5.20 7.86 15.17
N GLY A 77 6.16 8.65 15.64
CA GLY A 77 6.66 9.77 14.87
C GLY A 77 7.21 9.36 13.51
N ARG A 78 8.03 8.33 13.50
CA ARG A 78 8.63 7.86 12.26
C ARG A 78 7.59 7.17 11.36
N ARG A 79 6.59 6.56 11.99
CA ARG A 79 5.55 5.81 11.28
C ARG A 79 4.55 6.74 10.59
N PHE A 80 4.17 7.83 11.25
CA PHE A 80 3.18 8.75 10.67
C PHE A 80 3.79 10.09 10.26
N ASP A 81 5.13 10.12 10.17
CA ASP A 81 5.86 11.32 9.77
C ASP A 81 5.54 12.53 10.66
N CYS A 82 5.70 12.32 11.95
CA CYS A 82 5.48 13.35 12.94
C CYS A 82 6.65 13.33 13.93
N ASP A 83 6.73 14.31 14.81
CA ASP A 83 7.82 14.32 15.76
C ASP A 83 7.38 13.74 17.08
N PHE A 84 8.10 12.70 17.50
CA PHE A 84 7.85 12.00 18.76
C PHE A 84 7.72 12.98 19.92
N HIS A 85 8.44 14.08 19.82
CA HIS A 85 8.44 15.14 20.82
C HIS A 85 7.06 15.77 20.94
N GLU A 86 6.49 16.11 19.79
CA GLU A 86 5.18 16.75 19.76
C GLU A 86 4.12 15.78 20.21
N ILE A 87 4.20 14.54 19.72
CA ILE A 87 3.24 13.50 20.09
C ILE A 87 3.18 13.41 21.60
N ALA A 88 4.36 13.38 22.19
CA ALA A 88 4.50 13.31 23.63
C ALA A 88 3.93 14.56 24.28
N ARG A 89 4.34 15.73 23.83
CA ARG A 89 3.89 16.98 24.42
C ARG A 89 2.37 17.16 24.30
N ARG A 90 1.78 16.66 23.22
CA ARG A 90 0.33 16.77 23.02
C ARG A 90 -0.39 15.89 24.05
N ASN A 91 0.24 14.79 24.41
CA ASN A 91 -0.32 13.86 25.40
C ASN A 91 0.14 14.22 26.80
N ASN A 92 1.02 15.22 26.88
CA ASN A 92 1.59 15.70 28.15
C ASN A 92 2.68 14.75 28.65
N ILE A 93 3.15 13.90 27.75
CA ILE A 93 4.20 12.93 28.06
C ILE A 93 5.51 13.39 27.44
N GLN A 94 6.54 12.55 27.52
CA GLN A 94 7.83 12.88 26.93
C GLN A 94 8.16 11.93 25.80
N ASN A 95 8.98 12.37 24.87
CA ASN A 95 9.39 11.52 23.75
C ASN A 95 9.90 10.17 24.25
N GLU A 96 11.00 10.21 25.00
CA GLU A 96 11.60 9.01 25.55
C GLU A 96 10.84 8.47 26.75
N ASP A 97 9.61 8.95 26.95
CA ASP A 97 8.78 8.48 28.05
C ASP A 97 8.40 7.05 27.81
N LEU A 98 8.28 6.70 26.53
CA LEU A 98 7.87 5.35 26.12
C LEU A 98 6.40 5.12 26.47
N ILE A 99 5.61 4.97 25.43
CA ILE A 99 4.18 4.78 25.54
C ILE A 99 3.81 3.30 25.52
N TYR A 100 2.53 3.01 25.71
CA TYR A 100 2.03 1.64 25.75
C TYR A 100 0.99 1.40 24.66
N PRO A 101 0.78 0.12 24.31
CA PRO A 101 -0.17 -0.27 23.27
C PRO A 101 -1.62 -0.12 23.72
N GLY A 102 -2.44 0.43 22.85
CA GLY A 102 -3.83 0.63 23.16
C GLY A 102 -4.08 2.01 23.69
N GLN A 103 -3.12 2.90 23.44
CA GLN A 103 -3.24 4.28 23.91
C GLN A 103 -3.46 5.19 22.72
N VAL A 104 -3.99 6.36 22.96
CA VAL A 104 -4.19 7.31 21.88
C VAL A 104 -3.34 8.56 22.09
N LEU A 105 -2.65 8.95 21.04
CA LEU A 105 -1.79 10.11 21.07
C LEU A 105 -2.21 11.12 20.02
N GLN A 106 -1.96 12.39 20.28
CA GLN A 106 -2.32 13.43 19.35
C GLN A 106 -1.18 13.71 18.39
N VAL A 107 -1.42 13.36 17.14
CA VAL A 107 -0.46 13.55 16.08
C VAL A 107 -1.06 14.45 15.00
N PRO A 108 -0.21 15.19 14.29
CA PRO A 108 -0.65 16.13 13.26
C PRO A 108 -1.32 15.49 12.05
N THR A 109 -1.13 14.19 11.86
CA THR A 109 -1.74 13.50 10.73
C THR A 109 -1.94 12.01 11.04
N LYS A 110 -2.94 11.41 10.40
CA LYS A 110 -3.24 10.00 10.59
C LYS A 110 -2.59 9.17 9.48
N GLY A 111 -3.02 7.92 9.34
CA GLY A 111 -2.47 7.07 8.31
C GLY A 111 -2.95 7.44 6.92
N GLY A 112 -4.25 7.64 6.80
CA GLY A 112 -4.84 7.98 5.52
C GLY A 112 -5.98 7.06 5.16
N SER A 113 -6.22 6.88 3.87
CA SER A 113 -7.28 6.00 3.42
C SER A 113 -6.68 4.79 2.70
N GLY A 114 -5.63 5.02 1.92
CA GLY A 114 -4.99 3.94 1.21
C GLY A 114 -5.18 4.02 -0.28
N GLY A 115 -6.42 4.24 -0.70
CA GLY A 115 -6.73 4.34 -2.12
C GLY A 115 -5.94 5.42 -2.84
N GLY A 116 -4.93 5.01 -3.60
CA GLY A 116 -4.11 5.97 -4.31
C GLY A 116 -3.10 6.61 -3.41
N ALA A 117 -2.40 5.79 -2.66
CA ALA A 117 -1.40 6.28 -1.72
C ALA A 117 0.00 6.07 -2.28
N GLY A 118 0.28 4.84 -2.68
CA GLY A 118 1.58 4.51 -3.21
C GLY A 118 1.72 4.86 -4.68
N ASN A 119 1.10 4.05 -5.52
CA ASN A 119 1.12 4.25 -6.97
C ASN A 119 2.49 3.96 -7.55
N PHE A 120 3.24 3.09 -6.88
CA PHE A 120 4.57 2.72 -7.34
C PHE A 120 4.50 2.15 -8.76
N TRP A 121 3.42 1.42 -9.02
CA TRP A 121 3.20 0.76 -10.30
C TRP A 121 3.17 1.74 -11.48
N ASP A 122 2.63 2.93 -11.27
CA ASP A 122 2.54 3.92 -12.34
C ASP A 122 3.92 4.42 -12.76
N SER A 123 4.91 4.11 -11.94
CA SER A 123 6.27 4.51 -12.22
C SER A 123 7.22 3.32 -12.11
N ALA A 124 6.66 2.12 -11.97
CA ALA A 124 7.47 0.91 -11.84
C ALA A 124 7.47 0.10 -13.13
N ARG A 125 8.58 -0.59 -13.37
CA ARG A 125 8.73 -1.42 -14.54
C ARG A 125 9.35 -2.76 -14.12
N ASP A 126 8.77 -3.86 -14.60
CA ASP A 126 9.25 -5.21 -14.26
C ASP A 126 9.31 -5.41 -12.76
N VAL A 127 8.14 -5.43 -12.15
CA VAL A 127 8.03 -5.61 -10.70
C VAL A 127 8.04 -7.09 -10.38
N ARG A 128 8.93 -7.48 -9.48
CA ARG A 128 9.06 -8.87 -9.09
C ARG A 128 9.39 -8.99 -7.61
N LEU A 129 8.80 -9.99 -6.95
CA LEU A 129 9.05 -10.22 -5.54
C LEU A 129 10.27 -11.10 -5.38
N VAL A 130 11.22 -10.64 -4.62
CA VAL A 130 12.45 -11.36 -4.40
C VAL A 130 12.62 -11.69 -2.92
N ASP A 131 13.47 -12.68 -2.67
CA ASP A 131 13.78 -13.12 -1.31
C ASP A 131 12.58 -13.76 -0.64
N GLY A 132 11.57 -14.05 -1.42
CA GLY A 132 10.39 -14.69 -0.87
C GLY A 132 9.34 -13.72 -0.39
N GLY A 133 9.28 -12.54 -0.99
CA GLY A 133 8.24 -11.57 -0.61
C GLY A 133 8.71 -10.59 0.47
N LYS A 134 9.80 -10.94 1.12
CA LYS A 134 10.33 -10.06 2.13
C LYS A 134 10.96 -8.85 1.44
N VAL A 135 11.13 -8.95 0.13
CA VAL A 135 11.67 -7.85 -0.67
C VAL A 135 10.95 -7.79 -2.02
N LEU A 136 10.66 -6.58 -2.47
CA LEU A 136 10.01 -6.34 -3.75
C LEU A 136 10.96 -5.52 -4.59
N GLU A 137 11.31 -6.02 -5.76
CA GLU A 137 12.28 -5.34 -6.61
C GLU A 137 11.64 -4.97 -7.94
N ALA A 138 11.83 -3.71 -8.34
CA ALA A 138 11.27 -3.20 -9.58
C ALA A 138 12.08 -2.00 -10.05
N GLU A 139 11.88 -1.60 -11.29
CA GLU A 139 12.58 -0.45 -11.83
C GLU A 139 11.69 0.76 -11.67
N LEU A 140 12.09 1.66 -10.81
CA LEU A 140 11.31 2.85 -10.52
C LEU A 140 11.82 4.05 -11.30
N ARG A 141 10.90 4.75 -11.94
CA ARG A 141 11.20 5.92 -12.71
C ARG A 141 11.53 7.10 -11.81
N TYR A 142 12.51 7.88 -12.23
CA TYR A 142 12.92 9.03 -11.46
C TYR A 142 13.63 10.05 -12.35
N SER A 143 14.19 11.09 -11.74
CA SER A 143 14.88 12.14 -12.48
C SER A 143 15.98 11.57 -13.36
N GLY A 144 16.60 10.48 -12.92
CA GLY A 144 17.69 9.88 -13.68
C GLY A 144 17.23 8.78 -14.62
N GLY A 145 15.93 8.71 -14.87
CA GLY A 145 15.40 7.69 -15.76
C GLY A 145 14.74 6.56 -15.01
N TRP A 146 15.35 5.39 -15.04
CA TRP A 146 14.80 4.23 -14.36
C TRP A 146 15.87 3.54 -13.52
N ASN A 147 15.58 3.30 -12.24
CA ASN A 147 16.52 2.63 -11.35
C ASN A 147 15.85 1.46 -10.65
N ARG A 148 16.53 0.34 -10.60
CA ARG A 148 15.98 -0.84 -9.93
C ARG A 148 16.04 -0.63 -8.43
N SER A 149 14.89 -0.38 -7.84
CA SER A 149 14.79 -0.14 -6.41
C SER A 149 13.96 -1.24 -5.75
N ARG A 150 14.01 -1.34 -4.44
CA ARG A 150 13.27 -2.38 -3.75
C ARG A 150 12.75 -1.97 -2.37
N ILE A 151 11.81 -2.76 -1.87
CA ILE A 151 11.19 -2.54 -0.56
C ILE A 151 10.98 -3.89 0.13
N TYR A 152 10.79 -3.88 1.44
CA TYR A 152 10.59 -5.12 2.19
C TYR A 152 9.11 -5.28 2.57
N LEU A 153 8.39 -6.16 1.87
CA LEU A 153 6.97 -6.37 2.18
C LEU A 153 6.80 -6.98 3.56
N ASP A 154 7.71 -7.86 3.92
CA ASP A 154 7.67 -8.51 5.24
C ASP A 154 7.69 -7.49 6.41
N GLU A 155 7.94 -6.22 6.12
CA GLU A 155 7.97 -5.19 7.15
C GLU A 155 6.61 -4.85 7.68
N HIS A 156 5.67 -4.59 6.79
CA HIS A 156 4.34 -4.21 7.23
C HIS A 156 3.27 -5.15 6.70
N ILE A 157 3.67 -6.16 5.95
CA ILE A 157 2.72 -7.11 5.43
C ILE A 157 2.83 -8.43 6.16
N GLY A 158 1.76 -8.83 6.85
CA GLY A 158 1.78 -10.07 7.58
C GLY A 158 0.67 -11.01 7.16
N ASN A 159 0.70 -12.21 7.71
CA ASN A 159 -0.32 -13.22 7.41
C ASN A 159 -1.26 -13.38 8.59
N ARG A 160 -2.55 -13.25 8.32
CA ARG A 160 -3.55 -13.38 9.35
C ARG A 160 -4.47 -14.56 9.03
N ASN A 161 -4.05 -15.74 9.46
CA ASN A 161 -4.82 -16.97 9.25
C ASN A 161 -5.15 -17.22 7.76
N GLY A 162 -4.19 -16.95 6.89
CA GLY A 162 -4.40 -17.21 5.47
C GLY A 162 -4.62 -15.97 4.63
N GLU A 163 -4.75 -14.81 5.24
CA GLU A 163 -4.97 -13.59 4.49
C GLU A 163 -3.89 -12.56 4.78
N LEU A 164 -3.48 -11.84 3.74
CA LEU A 164 -2.45 -10.83 3.84
C LEU A 164 -3.00 -9.56 4.50
N ILE A 165 -2.37 -9.17 5.60
CA ILE A 165 -2.79 -7.98 6.35
C ILE A 165 -1.66 -6.98 6.46
N HIS A 166 -1.99 -5.70 6.34
CA HIS A 166 -1.00 -4.65 6.45
C HIS A 166 -0.99 -4.08 7.86
N CYS A 167 0.18 -4.00 8.47
CA CYS A 167 0.30 -3.50 9.82
C CYS A 167 1.52 -2.58 9.92
#